data_8F92
#
_entry.id   8F92
#
_cell.length_a   1.00
_cell.length_b   1.00
_cell.length_c   1.00
_cell.angle_alpha   90.00
_cell.angle_beta   90.00
_cell.angle_gamma   90.00
#
_symmetry.space_group_name_H-M   'P 1'
#
loop_
_entity.id
_entity.type
_entity.pdbx_description
1 polymer 'BG505_MD39_B11 gp120'
2 polymer 'RM20A3 Fab heavy chain'
3 polymer 'RM20A3 Fab light chain'
4 polymer 'BG505_MD39_B11 gp41'
5 polymer 'B11_d77.7 Fab heavy chain'
6 polymer 'B11_d77.7 Fab kappa light chain'
7 branched alpha-D-mannopyranose-(1-2)-alpha-D-mannopyranose-(1-3)-[alpha-D-mannopyranose-(1-6)]beta-D-mannopyranose-(1-4)-2-acetamido-2-deoxy-beta-D-glucopyranose-(1-4)-2-acetamido-2-deoxy-beta-D-glucopyranose
8 branched alpha-D-mannopyranose-(1-3)-beta-D-mannopyranose-(1-4)-2-acetamido-2-deoxy-beta-D-glucopyranose-(1-4)-2-acetamido-2-deoxy-beta-D-glucopyranose
9 branched 2-acetamido-2-deoxy-beta-D-glucopyranose-(1-4)-2-acetamido-2-deoxy-beta-D-glucopyranose
10 non-polymer 2-acetamido-2-deoxy-beta-D-glucopyranose
#
loop_
_entity_poly.entity_id
_entity_poly.type
_entity_poly.pdbx_seq_one_letter_code
_entity_poly.pdbx_strand_id
1 'polypeptide(L)'
;AENLWVTVYYGVPVWKDAETTLFCASDAKAYETEKHNVWATHACVPTDPNPQEIHLENVTEEFNMWKNNMVEQMHEDIIS
LWDQSLKPCVKLTPLCVTLQCTNYTPNLTSMMRGELKNCSFNMTTELRDKKQKVYSLFYRLDVVQINENQGNRSNNSNKE
YRLINCNTSAITQACPKVSFEPIPIHYCAPAGFAILKCKDKKFNGTGPCPSVSTVQCTHGIKPVVSTQLLLNGSLAEEEV
IIRSENITNNAKNILVQLNTPVQINCTRPNNNTVKSIRIGPGQAFYYTGDIIGDIRMAHCNVSKATWNETLGKVVKQLRK
HFGNNTIIRFAQSSGGDLEVTTHSFNCGGEFFYCNTSGLFNSTWISNTSVQGSNSTGSNDSITLPCRIKQIINMWQRIGQ
AMYAPPIQGVIRCVSNITGLILTRDGGSTNSTTETFRPGGGDMRDNWRSELYKYKVVKIEPLGVAPTRCKRRVVGRRRRR
R
;
A,E,F
2 'polypeptide(L)'
;EVQLVETGGGLVQPGGSLKLSCRASGYTFSSFAMSWVRQAPGKGLEWVSLINDRGGLTFYVDSVKGRFTISRDNSKNTLS
LQMHSLRDGDTAVYYCATGGMSSALQSSKYYFDFWGQGALVTVSS
;
C,J,K
3 'polypeptide(L)'
;ALTQPPSVSGSPGQSVTISCTGTSSDIGSYNYVSWYQQHPGKAPKLMIYDVTQRPSGVSDRFSGSKSGNTASLTISGLQA
DDEADYYCSAYAGRQTFYIFGGGTRLTVLGQPKASPTVTLFPPSSEEL
;
D,M,N
4 'polypeptide(L)'
;AVGIGAVSLGFLGAAGSTMGAASMTLTVQARNLLSGIVQQQSNLLRAPEPQQHLLKDTHWGIKQLQARVLAVEHYLRDQQ
LLGIWGCSGKLICCTNVPWNSSWSNRNLSEIWDNMTWLQWDKEISNYTQIIYGLLEESQNQQEKNEQDLLALDGTKHHHH
HH
;
B,G,I
5 'polypeptide(L)'
;QVQLQESGPGLVQPSGTLSLTCAVSGDSISSNNWWTWVRQPPGKGLEWIGEIYQSGITKYNPSLKSRVSTSVDKSKNQFS
LRLSSVTAADTAVYYCARSAISIFGVVVLGEYYYNGMDVWGQGTTVTVSS
;
H,O,P
6 'polypeptide(L)'
;DIQMTQSPASQSVSVGETVTITCRVSENIYSHLAWYQQKQGKSPQLLVYGATNLADGVPSRFSGSGSGTQYSLKINNLQS
EDFGSYYCQHFWDAPYTFGGGTKLEIK
;
L,Q,R
#
# COMPACT_ATOMS: atom_id res chain seq x y z
N ASN A 3 -8.89 -48.16 -16.50
CA ASN A 3 -7.49 -48.51 -16.37
C ASN A 3 -6.65 -47.36 -15.85
N LEU A 4 -6.95 -46.15 -16.32
CA LEU A 4 -6.19 -44.95 -15.96
C LEU A 4 -6.98 -44.09 -14.98
N TRP A 5 -6.24 -43.42 -14.11
CA TRP A 5 -6.75 -42.58 -13.04
C TRP A 5 -6.14 -41.19 -13.15
N VAL A 6 -6.88 -40.19 -12.68
CA VAL A 6 -6.38 -38.81 -12.69
C VAL A 6 -5.32 -38.64 -11.60
N THR A 7 -4.14 -38.15 -11.98
CA THR A 7 -3.06 -37.83 -11.05
C THR A 7 -2.77 -36.34 -11.16
N VAL A 8 -2.68 -35.67 -10.01
CA VAL A 8 -2.50 -34.23 -9.94
C VAL A 8 -1.03 -33.93 -9.69
N TYR A 9 -0.47 -33.02 -10.48
CA TYR A 9 0.91 -32.58 -10.40
C TYR A 9 0.94 -31.09 -10.13
N TYR A 10 1.82 -30.67 -9.23
CA TYR A 10 2.02 -29.26 -8.90
C TYR A 10 3.48 -28.96 -9.15
N GLY A 11 3.75 -27.90 -9.90
CA GLY A 11 5.08 -27.54 -10.31
C GLY A 11 5.27 -27.84 -11.78
N VAL A 12 4.19 -27.93 -12.54
CA VAL A 12 4.19 -28.26 -13.97
C VAL A 12 4.80 -27.10 -14.79
N PRO A 13 5.77 -27.38 -15.72
CA PRO A 13 6.44 -26.32 -16.49
C PRO A 13 5.59 -25.75 -17.62
N VAL A 14 4.46 -25.12 -17.28
CA VAL A 14 3.60 -24.49 -18.27
C VAL A 14 3.31 -23.06 -17.85
N TRP A 15 2.89 -22.26 -18.82
CA TRP A 15 2.59 -20.86 -18.58
C TRP A 15 1.54 -20.38 -19.56
N LYS A 16 0.95 -19.23 -19.24
CA LYS A 16 -0.03 -18.57 -20.10
C LYS A 16 0.32 -17.08 -20.21
N ASP A 17 -0.09 -16.48 -21.33
CA ASP A 17 0.16 -15.06 -21.52
C ASP A 17 -0.51 -14.28 -20.41
N ALA A 18 0.18 -13.27 -19.88
CA ALA A 18 -0.41 -12.48 -18.80
C ALA A 18 0.19 -11.08 -18.78
N GLU A 19 -0.58 -10.16 -18.20
CA GLU A 19 -0.18 -8.77 -17.98
C GLU A 19 -0.09 -8.55 -16.47
N THR A 20 1.10 -8.19 -15.98
CA THR A 20 1.28 -7.91 -14.57
C THR A 20 2.16 -6.68 -14.40
N THR A 21 2.30 -6.25 -13.15
CA THR A 21 3.15 -5.12 -12.82
C THR A 21 4.58 -5.61 -12.63
N LEU A 22 5.51 -4.98 -13.33
CA LEU A 22 6.93 -5.28 -13.22
C LEU A 22 7.56 -4.26 -12.28
N PHE A 23 8.71 -4.62 -11.70
CA PHE A 23 9.45 -3.70 -10.85
C PHE A 23 10.80 -3.46 -11.50
N CYS A 24 11.44 -2.34 -11.14
CA CYS A 24 12.74 -2.02 -11.69
C CYS A 24 13.89 -2.31 -10.73
N ALA A 25 15.03 -2.60 -11.34
CA ALA A 25 16.32 -2.72 -10.68
C ALA A 25 17.30 -1.82 -11.41
N SER A 26 18.24 -1.24 -10.67
CA SER A 26 19.25 -0.40 -11.30
C SER A 26 20.46 -0.31 -10.40
N ASP A 27 21.55 0.19 -10.97
CA ASP A 27 22.79 0.37 -10.23
C ASP A 27 23.63 1.47 -10.89
N HIS A 36 22.74 14.43 -8.55
CA HIS A 36 21.58 13.56 -8.76
C HIS A 36 21.31 13.39 -10.25
N ASN A 37 20.29 12.59 -10.55
CA ASN A 37 19.88 12.27 -11.91
C ASN A 37 18.36 12.22 -11.97
N VAL A 38 17.79 12.61 -13.11
CA VAL A 38 16.33 12.65 -13.28
C VAL A 38 15.76 11.25 -13.13
N TRP A 39 16.52 10.22 -13.50
CA TRP A 39 16.16 8.84 -13.27
C TRP A 39 17.05 8.45 -12.09
N ALA A 40 16.57 7.56 -11.22
CA ALA A 40 17.36 7.29 -10.02
C ALA A 40 17.19 5.86 -9.53
N THR A 41 18.18 5.45 -8.73
CA THR A 41 18.25 4.12 -8.17
C THR A 41 17.43 3.96 -6.89
N HIS A 42 17.07 5.07 -6.22
CA HIS A 42 16.30 4.90 -5.00
C HIS A 42 14.87 4.43 -5.29
N ALA A 43 14.41 4.59 -6.53
CA ALA A 43 13.08 4.15 -6.94
C ALA A 43 13.08 2.67 -7.30
N CYS A 44 14.26 2.03 -7.38
CA CYS A 44 14.42 0.66 -7.83
C CYS A 44 15.17 -0.11 -6.77
N VAL A 45 15.30 -1.42 -6.99
CA VAL A 45 16.05 -2.30 -6.09
C VAL A 45 17.46 -2.52 -6.65
N PRO A 46 18.39 -3.06 -5.87
CA PRO A 46 19.70 -3.41 -6.44
C PRO A 46 19.56 -4.51 -7.49
N THR A 47 20.47 -4.50 -8.45
CA THR A 47 20.48 -5.52 -9.48
C THR A 47 21.19 -6.77 -8.97
N ASP A 48 20.98 -7.88 -9.69
CA ASP A 48 21.68 -9.12 -9.40
C ASP A 48 23.02 -9.09 -10.13
N PRO A 49 24.16 -9.12 -9.43
CA PRO A 49 25.45 -9.12 -10.13
C PRO A 49 25.66 -10.31 -11.07
N ASN A 50 24.95 -11.42 -10.87
CA ASN A 50 25.10 -12.62 -11.69
C ASN A 50 23.74 -13.18 -12.08
N PRO A 51 23.02 -12.48 -12.96
CA PRO A 51 21.68 -12.94 -13.31
C PRO A 51 21.78 -14.21 -14.16
N GLN A 52 20.74 -15.03 -14.11
CA GLN A 52 20.73 -16.26 -14.88
C GLN A 52 19.82 -16.16 -16.09
N GLU A 53 20.13 -16.99 -17.09
CA GLU A 53 19.33 -17.18 -18.28
C GLU A 53 19.31 -18.68 -18.54
N ILE A 54 18.12 -19.25 -18.69
CA ILE A 54 17.98 -20.69 -18.89
C ILE A 54 17.42 -20.93 -20.29
N HIS A 55 18.23 -21.56 -21.15
CA HIS A 55 17.81 -21.83 -22.51
C HIS A 55 16.77 -22.95 -22.52
N LEU A 56 15.69 -22.78 -23.29
CA LEU A 56 14.66 -23.80 -23.41
C LEU A 56 14.90 -24.53 -24.72
N GLU A 57 15.49 -25.73 -24.63
CA GLU A 57 16.01 -26.41 -25.81
C GLU A 57 14.95 -26.71 -26.88
N ASN A 58 13.73 -27.06 -26.47
CA ASN A 58 12.66 -27.42 -27.40
C ASN A 58 11.39 -26.58 -27.23
N VAL A 59 11.51 -25.31 -26.86
CA VAL A 59 10.34 -24.44 -26.67
C VAL A 59 10.34 -23.38 -27.76
N THR A 60 9.22 -23.32 -28.49
CA THR A 60 8.98 -22.33 -29.52
C THR A 60 7.76 -21.53 -29.09
N GLU A 61 7.91 -20.21 -28.94
CA GLU A 61 6.80 -19.37 -28.46
C GLU A 61 6.49 -18.27 -29.47
N GLU A 62 5.24 -17.84 -29.50
CA GLU A 62 4.83 -16.75 -30.37
C GLU A 62 4.95 -15.42 -29.65
N PHE A 63 5.67 -14.48 -30.28
CA PHE A 63 5.93 -13.15 -29.78
C PHE A 63 5.21 -12.13 -30.67
N ASN A 64 4.84 -11.00 -30.06
CA ASN A 64 4.25 -9.90 -30.82
C ASN A 64 4.65 -8.60 -30.13
N MET A 65 5.65 -7.91 -30.69
CA MET A 65 6.18 -6.71 -30.05
C MET A 65 5.17 -5.57 -30.05
N TRP A 66 4.14 -5.64 -30.88
CA TRP A 66 3.17 -4.56 -31.03
C TRP A 66 2.03 -4.66 -30.01
N LYS A 67 1.96 -5.77 -29.27
CA LYS A 67 0.93 -6.02 -28.26
C LYS A 67 1.59 -6.32 -26.91
N ASN A 68 2.85 -5.91 -26.76
CA ASN A 68 3.67 -6.18 -25.58
C ASN A 68 3.38 -5.10 -24.55
N ASN A 69 2.77 -5.50 -23.43
CA ASN A 69 2.34 -4.55 -22.42
C ASN A 69 3.51 -4.02 -21.59
N MET A 70 4.73 -4.50 -21.82
CA MET A 70 5.89 -3.99 -21.10
C MET A 70 6.19 -2.56 -21.55
N VAL A 71 5.81 -2.21 -22.78
CA VAL A 71 6.08 -0.90 -23.32
C VAL A 71 5.21 0.15 -22.63
N GLU A 72 3.93 -0.19 -22.41
CA GLU A 72 3.03 0.75 -21.75
C GLU A 72 3.47 1.01 -20.33
N GLN A 73 3.95 -0.02 -19.64
CA GLN A 73 4.44 0.18 -18.28
C GLN A 73 5.72 0.99 -18.28
N MET A 74 6.61 0.73 -19.23
CA MET A 74 7.86 1.50 -19.28
C MET A 74 7.56 2.97 -19.53
N HIS A 75 6.59 3.23 -20.40
CA HIS A 75 6.19 4.60 -20.71
C HIS A 75 5.64 5.30 -19.49
N GLU A 76 4.71 4.64 -18.78
CA GLU A 76 4.13 5.23 -17.59
C GLU A 76 5.18 5.47 -16.52
N ASP A 77 6.09 4.50 -16.33
CA ASP A 77 7.11 4.65 -15.30
C ASP A 77 8.07 5.78 -15.61
N ILE A 78 8.45 5.93 -16.88
CA ILE A 78 9.36 7.00 -17.25
C ILE A 78 8.70 8.36 -17.05
N ILE A 79 7.44 8.49 -17.45
CA ILE A 79 6.76 9.78 -17.26
C ILE A 79 6.63 10.07 -15.78
N SER A 80 6.27 9.07 -14.97
CA SER A 80 6.13 9.29 -13.54
C SER A 80 7.46 9.71 -12.91
N LEU A 81 8.56 9.09 -13.32
CA LEU A 81 9.85 9.49 -12.77
C LEU A 81 10.19 10.91 -13.19
N TRP A 82 9.90 11.25 -14.45
CA TRP A 82 10.17 12.59 -14.95
C TRP A 82 9.43 13.64 -14.12
N ASP A 83 8.13 13.40 -13.90
CA ASP A 83 7.34 14.37 -13.15
C ASP A 83 7.77 14.44 -11.69
N GLN A 84 8.11 13.29 -11.09
CA GLN A 84 8.53 13.31 -9.70
C GLN A 84 9.82 14.10 -9.54
N SER A 85 10.72 14.00 -10.51
CA SER A 85 11.99 14.71 -10.44
C SER A 85 11.84 16.22 -10.57
N LEU A 86 10.68 16.73 -11.01
CA LEU A 86 10.44 18.16 -11.13
C LEU A 86 9.60 18.71 -9.99
N LYS A 87 9.23 17.90 -9.00
CA LYS A 87 8.40 18.42 -7.91
C LYS A 87 9.20 19.32 -6.98
N PRO A 88 10.37 18.92 -6.44
CA PRO A 88 11.10 19.81 -5.52
C PRO A 88 11.99 20.82 -6.25
N CYS A 89 11.36 21.64 -7.11
CA CYS A 89 12.10 22.56 -7.98
C CYS A 89 11.33 23.88 -8.02
N VAL A 90 11.85 24.85 -8.77
CA VAL A 90 11.35 26.22 -8.73
C VAL A 90 10.30 26.44 -9.82
N LYS A 91 9.14 26.97 -9.41
CA LYS A 91 8.04 27.30 -10.30
C LYS A 91 8.25 28.70 -10.85
N LEU A 92 8.41 28.84 -12.16
CA LEU A 92 8.73 30.15 -12.74
C LEU A 92 7.48 30.95 -13.13
N THR A 93 6.56 31.14 -12.19
CA THR A 93 5.39 31.97 -12.46
C THR A 93 5.75 33.46 -12.53
N PRO A 94 6.76 33.96 -11.80
CA PRO A 94 7.15 35.37 -11.98
C PRO A 94 7.68 35.73 -13.36
N LEU A 95 7.98 34.76 -14.23
CA LEU A 95 8.51 35.04 -15.55
C LEU A 95 7.46 35.25 -16.64
N CYS A 96 6.18 35.09 -16.36
CA CYS A 96 5.19 35.33 -17.41
C CYS A 96 4.86 36.82 -17.35
N VAL A 97 5.81 37.60 -17.86
CA VAL A 97 5.79 39.06 -17.85
C VAL A 97 6.07 39.55 -19.26
N THR A 98 5.85 40.84 -19.48
CA THR A 98 6.17 41.43 -20.77
C THR A 98 7.69 41.62 -20.82
N LEU A 99 8.29 41.18 -21.92
CA LEU A 99 9.71 41.30 -22.16
C LEU A 99 9.93 42.37 -23.21
N GLN A 100 11.01 43.15 -23.06
CA GLN A 100 11.39 44.16 -24.06
C GLN A 100 12.71 43.70 -24.68
N CYS A 101 12.63 43.19 -25.91
CA CYS A 101 13.74 42.49 -26.54
C CYS A 101 14.29 43.27 -27.73
N THR A 102 15.59 43.07 -27.95
CA THR A 102 16.32 43.52 -29.13
C THR A 102 17.18 42.35 -29.63
N ASN A 103 17.80 42.52 -30.79
CA ASN A 103 18.67 41.47 -31.34
C ASN A 103 20.03 41.53 -30.67
N TYR A 104 20.48 40.37 -30.16
CA TYR A 104 21.75 40.32 -29.44
C TYR A 104 22.94 40.69 -30.31
N THR A 105 23.07 40.08 -31.49
CA THR A 105 24.15 40.38 -32.44
C THR A 105 23.57 40.61 -33.82
N PRO A 106 23.01 41.80 -34.08
CA PRO A 106 22.26 42.01 -35.32
C PRO A 106 23.11 41.99 -36.58
N ASN A 107 24.44 42.07 -36.45
CA ASN A 107 25.34 42.14 -37.59
C ASN A 107 25.88 40.80 -38.06
N LEU A 108 25.32 39.68 -37.58
CA LEU A 108 25.75 38.39 -38.06
C LEU A 108 25.18 38.13 -39.44
N THR A 109 25.93 37.38 -40.25
CA THR A 109 25.48 36.91 -41.55
C THR A 109 25.31 35.39 -41.58
N SER A 110 25.49 34.73 -40.43
CA SER A 110 25.38 33.29 -40.34
C SER A 110 23.92 32.90 -40.16
N MET A 111 23.67 31.59 -40.09
CA MET A 111 22.32 31.07 -39.90
C MET A 111 21.69 31.44 -38.56
N MET A 112 22.42 32.06 -37.64
CA MET A 112 21.85 32.53 -36.38
C MET A 112 21.39 33.98 -36.42
N ARG A 113 21.36 34.63 -37.58
CA ARG A 113 20.82 35.98 -37.60
C ARG A 113 19.34 35.89 -37.23
N GLY A 114 18.94 36.69 -36.26
CA GLY A 114 17.58 36.72 -35.79
C GLY A 114 17.34 35.84 -34.59
N GLU A 115 18.31 34.98 -34.26
CA GLU A 115 18.26 34.07 -33.12
C GLU A 115 19.15 34.61 -32.02
N LEU A 116 18.69 34.46 -30.77
CA LEU A 116 19.31 34.99 -29.55
C LEU A 116 18.94 36.46 -29.42
N LYS A 117 17.93 36.73 -28.62
CA LYS A 117 17.45 38.08 -28.36
C LYS A 117 17.84 38.48 -26.95
N ASN A 118 18.20 39.75 -26.80
CA ASN A 118 18.57 40.37 -25.53
C ASN A 118 17.33 41.03 -24.98
N CYS A 119 16.70 40.36 -24.01
CA CYS A 119 15.40 40.71 -23.47
C CYS A 119 15.55 41.23 -22.05
N SER A 120 14.90 42.35 -21.76
CA SER A 120 14.87 42.93 -20.43
C SER A 120 13.47 42.75 -19.83
N PHE A 121 13.43 42.62 -18.50
CA PHE A 121 12.16 42.49 -17.81
C PHE A 121 12.30 42.87 -16.33
N ASN A 122 11.16 43.16 -15.72
CA ASN A 122 11.07 43.47 -14.29
C ASN A 122 10.72 42.19 -13.53
N MET A 123 11.73 41.59 -12.91
CA MET A 123 11.60 40.33 -12.19
C MET A 123 11.38 40.59 -10.70
N THR A 124 10.73 39.62 -10.05
CA THR A 124 10.52 39.71 -8.61
C THR A 124 11.82 39.39 -7.89
N THR A 125 11.85 39.67 -6.59
CA THR A 125 13.02 39.38 -5.78
C THR A 125 12.58 38.83 -4.44
N GLU A 126 13.53 38.76 -3.51
CA GLU A 126 13.26 38.14 -2.21
C GLU A 126 12.15 38.87 -1.46
N LEU A 127 12.13 40.20 -1.51
CA LEU A 127 11.11 40.98 -0.84
C LEU A 127 10.00 41.35 -1.81
N ARG A 128 8.76 41.30 -1.31
CA ARG A 128 7.60 41.58 -2.15
C ARG A 128 7.46 43.05 -2.54
N ASP A 129 8.21 43.95 -1.89
CA ASP A 129 8.10 45.38 -2.18
C ASP A 129 9.01 45.83 -3.32
N LYS A 130 10.04 45.06 -3.64
CA LYS A 130 11.08 45.47 -4.58
C LYS A 130 10.98 44.71 -5.89
N LYS A 131 11.54 45.32 -6.93
CA LYS A 131 11.66 44.71 -8.25
C LYS A 131 13.10 44.82 -8.71
N GLN A 132 13.51 43.86 -9.54
CA GLN A 132 14.86 43.78 -10.08
C GLN A 132 14.81 43.82 -11.60
N LYS A 133 15.57 44.73 -12.22
CA LYS A 133 15.60 44.75 -13.67
C LYS A 133 16.62 43.71 -14.09
N VAL A 134 16.20 42.81 -14.97
CA VAL A 134 17.01 41.69 -15.42
C VAL A 134 17.14 41.72 -16.94
N TYR A 135 18.35 41.48 -17.42
CA TYR A 135 18.62 41.32 -18.85
C TYR A 135 19.09 39.89 -19.04
N SER A 136 18.56 39.22 -20.06
CA SER A 136 18.97 37.85 -20.33
C SER A 136 18.83 37.58 -21.82
N LEU A 137 19.48 36.51 -22.27
CA LEU A 137 19.37 36.09 -23.66
C LEU A 137 18.40 34.92 -23.77
N PHE A 138 17.50 35.00 -24.76
CA PHE A 138 16.54 33.93 -25.03
C PHE A 138 16.65 33.53 -26.49
N TYR A 139 16.37 32.27 -26.78
CA TYR A 139 16.34 31.82 -28.16
C TYR A 139 15.05 32.30 -28.81
N ARG A 140 15.11 32.51 -30.13
CA ARG A 140 13.92 33.00 -30.83
C ARG A 140 12.74 32.04 -30.67
N LEU A 141 13.02 30.73 -30.64
CA LEU A 141 11.93 29.75 -30.58
C LEU A 141 11.20 29.75 -29.25
N ASP A 142 11.76 30.36 -28.21
CA ASP A 142 11.15 30.41 -26.89
C ASP A 142 10.38 31.69 -26.62
N VAL A 143 10.43 32.67 -27.52
CA VAL A 143 9.87 34.00 -27.28
C VAL A 143 8.89 34.30 -28.42
N VAL A 144 7.66 34.68 -28.05
CA VAL A 144 6.58 34.99 -28.98
C VAL A 144 6.30 36.49 -28.97
N GLN A 145 6.25 37.10 -30.16
CA GLN A 145 5.97 38.53 -30.25
C GLN A 145 4.48 38.80 -30.00
N ILE A 146 4.19 39.78 -29.16
CA ILE A 146 2.83 40.15 -28.83
C ILE A 146 2.43 41.52 -29.38
N ASN A 147 3.35 42.48 -29.46
CA ASN A 147 3.06 43.84 -29.90
C ASN A 147 2.14 44.54 -28.90
N ASN A 158 13.06 48.72 -28.72
CA ASN A 158 12.80 47.36 -28.27
C ASN A 158 11.36 46.99 -28.59
N LYS A 159 11.09 45.70 -28.80
CA LYS A 159 9.73 45.22 -29.06
C LYS A 159 9.25 44.36 -27.90
N GLU A 160 7.92 44.34 -27.71
CA GLU A 160 7.31 43.57 -26.64
C GLU A 160 7.05 42.11 -27.02
N TYR A 161 7.54 41.20 -26.19
CA TYR A 161 7.44 39.76 -26.36
C TYR A 161 6.96 39.11 -25.06
N ARG A 162 6.49 37.87 -25.17
CA ARG A 162 6.12 37.05 -24.02
C ARG A 162 6.78 35.69 -24.18
N LEU A 163 6.90 34.96 -23.08
CA LEU A 163 7.38 33.59 -23.21
C LEU A 163 6.31 32.73 -23.87
N ILE A 164 6.75 31.78 -24.69
CA ILE A 164 5.84 30.94 -25.46
C ILE A 164 4.86 30.16 -24.57
N ASN A 165 5.23 29.87 -23.31
CA ASN A 165 4.31 29.11 -22.46
C ASN A 165 3.14 29.91 -21.92
N CYS A 166 3.19 31.24 -21.95
CA CYS A 166 2.13 32.02 -21.30
C CYS A 166 0.78 31.77 -21.95
N ASN A 167 0.79 31.35 -23.21
CA ASN A 167 -0.41 31.08 -23.97
C ASN A 167 -1.14 29.81 -23.52
N THR A 168 -0.40 28.80 -23.05
CA THR A 168 -1.00 27.50 -22.70
C THR A 168 -0.60 26.89 -21.36
N SER A 169 0.56 27.20 -20.78
CA SER A 169 0.99 26.42 -19.62
C SER A 169 1.95 27.17 -18.73
N ALA A 170 2.08 26.66 -17.50
CA ALA A 170 3.07 27.11 -16.54
C ALA A 170 4.38 26.36 -16.75
N ILE A 171 5.47 27.01 -16.35
CA ILE A 171 6.82 26.46 -16.41
C ILE A 171 7.38 26.16 -15.03
N THR A 172 7.97 24.98 -14.90
CA THR A 172 8.72 24.56 -13.73
C THR A 172 10.19 24.58 -14.17
N GLN A 173 11.05 25.22 -13.39
CA GLN A 173 12.48 25.23 -13.70
C GLN A 173 13.11 23.94 -13.20
N ALA A 174 13.70 23.17 -14.10
CA ALA A 174 14.31 21.91 -13.70
C ALA A 174 15.45 22.20 -12.72
N CYS A 175 15.60 21.34 -11.73
CA CYS A 175 16.65 21.54 -10.75
C CYS A 175 18.03 21.39 -11.42
N PRO A 176 18.93 22.38 -11.28
CA PRO A 176 20.22 22.33 -12.00
C PRO A 176 21.15 21.22 -11.55
N LYS A 177 20.88 20.59 -10.40
CA LYS A 177 21.72 19.53 -9.86
C LYS A 177 21.22 18.14 -10.19
N VAL A 178 20.18 18.01 -11.01
CA VAL A 178 19.60 16.73 -11.38
C VAL A 178 19.98 16.48 -12.84
N SER A 179 20.78 15.45 -13.06
CA SER A 179 21.27 15.07 -14.38
C SER A 179 20.17 14.47 -15.24
N PHE A 180 20.29 14.69 -16.56
CA PHE A 180 19.39 14.11 -17.55
C PHE A 180 20.04 12.97 -18.32
N GLU A 181 21.15 12.41 -17.83
CA GLU A 181 21.83 11.33 -18.52
C GLU A 181 21.09 10.01 -18.30
N PRO A 182 20.68 9.30 -19.36
CA PRO A 182 19.99 8.01 -19.17
C PRO A 182 20.79 7.00 -18.35
N ILE A 183 20.10 6.37 -17.41
CA ILE A 183 20.66 5.31 -16.56
C ILE A 183 19.98 4.01 -16.93
N PRO A 184 20.70 2.94 -17.27
CA PRO A 184 20.02 1.68 -17.64
C PRO A 184 19.09 1.18 -16.56
N ILE A 185 17.88 0.82 -16.96
CA ILE A 185 16.85 0.30 -16.06
C ILE A 185 16.58 -1.15 -16.45
N HIS A 186 16.62 -2.04 -15.46
CA HIS A 186 16.36 -3.46 -15.67
C HIS A 186 14.95 -3.76 -15.18
N TYR A 187 14.10 -4.29 -16.03
CA TYR A 187 12.74 -4.64 -15.61
C TYR A 187 12.68 -6.11 -15.20
N CYS A 188 12.15 -6.34 -14.00
CA CYS A 188 12.11 -7.65 -13.36
C CYS A 188 10.67 -8.04 -13.10
N ALA A 189 10.36 -9.32 -13.32
CA ALA A 189 9.04 -9.87 -13.08
C ALA A 189 8.83 -10.21 -11.60
N PRO A 190 7.59 -10.08 -11.10
CA PRO A 190 7.31 -10.54 -9.74
C PRO A 190 7.28 -12.06 -9.68
N ALA A 191 7.42 -12.59 -8.46
CA ALA A 191 7.37 -14.04 -8.29
C ALA A 191 6.06 -14.60 -8.83
N GLY A 192 6.17 -15.73 -9.51
CA GLY A 192 5.04 -16.38 -10.14
C GLY A 192 4.96 -16.12 -11.63
N PHE A 193 5.78 -15.17 -12.12
CA PHE A 193 5.87 -14.77 -13.51
C PHE A 193 7.31 -14.95 -13.98
N ALA A 194 7.48 -15.02 -15.29
CA ALA A 194 8.81 -15.16 -15.88
C ALA A 194 8.86 -14.35 -17.16
N ILE A 195 10.07 -13.95 -17.57
CA ILE A 195 10.24 -13.20 -18.81
C ILE A 195 10.95 -14.13 -19.79
N LEU A 196 10.35 -14.28 -20.97
CA LEU A 196 10.91 -15.13 -22.02
C LEU A 196 11.62 -14.23 -23.03
N LYS A 197 12.82 -14.64 -23.44
CA LYS A 197 13.64 -13.92 -24.41
C LYS A 197 13.72 -14.72 -25.70
N CYS A 198 13.46 -14.05 -26.83
CA CYS A 198 13.44 -14.70 -28.14
C CYS A 198 14.78 -15.34 -28.49
N LYS A 199 15.87 -14.59 -28.37
CA LYS A 199 17.24 -14.98 -28.72
C LYS A 199 17.45 -15.33 -30.19
N ASP A 200 16.47 -15.06 -31.06
CA ASP A 200 16.69 -15.28 -32.47
C ASP A 200 17.45 -14.08 -33.04
N LYS A 201 18.11 -14.28 -34.18
CA LYS A 201 18.88 -13.23 -34.82
C LYS A 201 18.16 -12.53 -35.97
N LYS A 202 17.14 -13.17 -36.56
CA LYS A 202 16.38 -12.61 -37.68
C LYS A 202 14.93 -12.32 -37.31
N PHE A 203 14.63 -12.25 -36.01
CA PHE A 203 13.27 -12.03 -35.55
C PHE A 203 12.81 -10.63 -35.89
N ASN A 204 11.66 -10.52 -36.55
CA ASN A 204 11.12 -9.26 -37.05
C ASN A 204 10.12 -8.61 -36.09
N GLY A 205 10.00 -9.10 -34.86
CA GLY A 205 9.10 -8.55 -33.87
C GLY A 205 7.79 -9.29 -33.70
N THR A 206 7.42 -10.15 -34.65
CA THR A 206 6.19 -10.93 -34.57
C THR A 206 6.49 -12.37 -34.94
N GLY A 207 5.55 -13.25 -34.62
CA GLY A 207 5.67 -14.65 -34.97
C GLY A 207 6.47 -15.49 -33.99
N PRO A 208 6.66 -16.77 -34.33
CA PRO A 208 7.36 -17.68 -33.41
C PRO A 208 8.86 -17.43 -33.31
N CYS A 209 9.37 -17.72 -32.12
CA CYS A 209 10.80 -17.75 -31.80
C CYS A 209 11.14 -19.17 -31.37
N PRO A 210 11.92 -19.93 -32.13
CA PRO A 210 12.24 -21.32 -31.75
C PRO A 210 13.38 -21.47 -30.76
N SER A 211 13.95 -20.38 -30.23
CA SER A 211 15.10 -20.41 -29.33
C SER A 211 14.84 -19.64 -28.05
N VAL A 212 13.67 -19.86 -27.45
CA VAL A 212 13.25 -19.08 -26.29
C VAL A 212 14.05 -19.47 -25.07
N SER A 213 14.47 -18.47 -24.29
CA SER A 213 15.13 -18.67 -23.00
C SER A 213 14.33 -17.95 -21.93
N THR A 214 14.50 -18.38 -20.67
CA THR A 214 13.82 -17.76 -19.54
C THR A 214 14.79 -16.92 -18.73
N VAL A 215 14.39 -15.67 -18.44
CA VAL A 215 15.16 -14.75 -17.62
C VAL A 215 14.24 -14.20 -16.53
N GLN A 216 14.89 -13.69 -15.48
CA GLN A 216 14.22 -13.02 -14.38
C GLN A 216 14.05 -11.53 -14.64
N CYS A 217 15.09 -10.91 -15.22
CA CYS A 217 15.12 -9.49 -15.50
C CYS A 217 15.63 -9.24 -16.91
N THR A 218 15.19 -8.13 -17.50
CA THR A 218 15.68 -7.72 -18.81
C THR A 218 17.07 -7.10 -18.68
N HIS A 219 17.70 -6.85 -19.82
CA HIS A 219 19.00 -6.18 -19.80
C HIS A 219 18.77 -4.71 -19.47
N GLY A 220 19.86 -3.96 -19.29
CA GLY A 220 19.66 -2.57 -18.96
C GLY A 220 19.32 -1.80 -20.20
N ILE A 221 18.17 -1.14 -20.18
CA ILE A 221 17.67 -0.35 -21.30
C ILE A 221 17.81 1.11 -20.91
N LYS A 222 18.53 1.86 -21.71
CA LYS A 222 18.73 3.27 -21.39
C LYS A 222 17.48 4.06 -21.79
N PRO A 223 16.92 4.89 -20.90
CA PRO A 223 15.74 5.68 -21.31
C PRO A 223 16.14 6.87 -22.18
N VAL A 224 16.63 6.59 -23.37
CA VAL A 224 17.05 7.64 -24.30
C VAL A 224 15.81 8.19 -24.98
N VAL A 225 15.65 9.51 -24.95
CA VAL A 225 14.52 10.20 -25.53
C VAL A 225 14.98 10.87 -26.83
N SER A 226 14.40 10.47 -27.95
CA SER A 226 14.79 11.05 -29.23
C SER A 226 13.68 10.80 -30.24
N THR A 227 13.74 11.51 -31.37
CA THR A 227 12.84 11.31 -32.49
C THR A 227 13.62 11.04 -33.77
N GLN A 228 12.93 10.42 -34.74
CA GLN A 228 13.48 10.13 -36.06
C GLN A 228 14.65 9.15 -36.03
N LEU A 229 15.73 9.53 -35.37
CA LEU A 229 16.91 8.71 -35.20
C LEU A 229 16.99 8.22 -33.77
N LEU A 230 17.21 6.93 -33.59
CA LEU A 230 17.35 6.32 -32.29
C LEU A 230 18.84 6.30 -31.95
N LEU A 231 19.20 6.97 -30.85
CA LEU A 231 20.59 7.08 -30.45
C LEU A 231 20.86 6.08 -29.33
N ASN A 232 22.06 5.49 -29.36
CA ASN A 232 22.49 4.52 -28.36
C ASN A 232 21.54 3.32 -28.34
N GLY A 233 21.80 2.35 -27.48
CA GLY A 233 21.02 1.12 -27.42
C GLY A 233 21.64 0.00 -28.23
N SER A 234 20.89 -1.09 -28.36
CA SER A 234 21.44 -2.29 -28.98
C SER A 234 21.35 -2.23 -30.50
N LEU A 235 22.19 -3.05 -31.13
CA LEU A 235 22.28 -3.23 -32.58
C LEU A 235 21.88 -4.63 -33.01
N ALA A 236 21.45 -4.73 -34.27
CA ALA A 236 21.16 -6.02 -34.85
C ALA A 236 22.48 -6.79 -34.99
N GLU A 237 22.42 -8.11 -34.88
CA GLU A 237 23.66 -8.88 -34.94
C GLU A 237 24.08 -9.32 -36.34
N GLU A 238 23.15 -9.59 -37.25
CA GLU A 238 23.52 -10.09 -38.58
C GLU A 238 23.18 -9.14 -39.73
N GLU A 239 22.04 -8.45 -39.67
CA GLU A 239 21.62 -7.61 -40.79
C GLU A 239 20.68 -6.54 -40.26
N VAL A 240 20.41 -5.55 -41.10
CA VAL A 240 19.44 -4.52 -40.74
C VAL A 240 18.07 -5.20 -40.72
N ILE A 241 17.31 -4.97 -39.65
CA ILE A 241 15.99 -5.58 -39.49
C ILE A 241 14.91 -4.52 -39.62
N ILE A 242 13.97 -4.75 -40.53
CA ILE A 242 12.85 -3.85 -40.79
C ILE A 242 11.64 -4.41 -40.03
N ARG A 243 11.13 -3.68 -39.04
CA ARG A 243 10.03 -4.13 -38.22
C ARG A 243 8.85 -3.18 -38.38
N SER A 244 7.67 -3.73 -38.64
CA SER A 244 6.47 -2.91 -38.79
C SER A 244 5.26 -3.73 -38.38
N GLU A 245 4.27 -3.04 -37.82
CA GLU A 245 3.02 -3.70 -37.48
C GLU A 245 2.33 -4.29 -38.71
N ASN A 246 2.41 -3.60 -39.87
CA ASN A 246 1.72 -4.05 -41.07
C ASN A 246 2.55 -4.06 -42.36
N ILE A 247 3.52 -3.13 -42.51
CA ILE A 247 4.27 -2.90 -43.76
C ILE A 247 3.38 -2.29 -44.84
N THR A 248 2.28 -2.96 -45.19
CA THR A 248 1.43 -2.46 -46.27
C THR A 248 0.53 -1.30 -45.84
N ASN A 249 0.31 -1.12 -44.54
CA ASN A 249 -0.47 0.00 -44.04
C ASN A 249 0.47 1.18 -43.85
N ASN A 250 0.30 2.22 -44.65
CA ASN A 250 1.22 3.35 -44.63
C ASN A 250 1.01 4.26 -43.42
N ALA A 251 0.00 3.99 -42.58
CA ALA A 251 -0.24 4.77 -41.38
C ALA A 251 0.59 4.30 -40.19
N LYS A 252 1.33 3.21 -40.32
CA LYS A 252 2.14 2.63 -39.26
C LYS A 252 3.58 3.07 -39.44
N ASN A 253 4.32 3.09 -38.33
CA ASN A 253 5.74 3.41 -38.38
C ASN A 253 6.55 2.15 -38.68
N ILE A 254 7.69 2.35 -39.31
CA ILE A 254 8.66 1.30 -39.61
C ILE A 254 9.89 1.57 -38.75
N LEU A 255 10.27 0.58 -37.95
CA LEU A 255 11.43 0.68 -37.07
C LEU A 255 12.56 -0.11 -37.72
N VAL A 256 13.64 0.57 -38.06
CA VAL A 256 14.78 -0.01 -38.75
C VAL A 256 15.89 -0.16 -37.72
N GLN A 257 16.30 -1.39 -37.44
CA GLN A 257 17.38 -1.65 -36.50
C GLN A 257 18.65 -1.93 -37.29
N LEU A 258 19.68 -1.13 -37.06
CA LEU A 258 20.92 -1.23 -37.82
C LEU A 258 21.81 -2.28 -37.19
N ASN A 259 22.68 -2.88 -38.00
CA ASN A 259 23.66 -3.85 -37.51
C ASN A 259 25.02 -3.24 -37.25
N THR A 260 25.20 -1.94 -37.51
CA THR A 260 26.42 -1.22 -37.25
C THR A 260 25.99 0.14 -36.72
N PRO A 261 26.73 0.73 -35.78
CA PRO A 261 26.36 2.08 -35.34
C PRO A 261 26.84 3.09 -36.37
N VAL A 262 26.16 4.23 -36.43
CA VAL A 262 26.68 5.37 -37.18
C VAL A 262 26.97 6.45 -36.15
N GLN A 263 28.21 6.93 -36.10
CA GLN A 263 28.56 7.90 -35.07
C GLN A 263 28.09 9.28 -35.49
N ILE A 264 27.50 10.00 -34.53
CA ILE A 264 27.05 11.38 -34.73
C ILE A 264 27.71 12.24 -33.65
N ASN A 265 28.41 13.29 -34.09
CA ASN A 265 29.13 14.21 -33.19
C ASN A 265 28.39 15.53 -33.13
N CYS A 266 27.79 15.86 -31.98
CA CYS A 266 26.98 17.05 -31.82
C CYS A 266 27.67 18.02 -30.89
N THR A 267 27.55 19.32 -31.20
CA THR A 267 28.17 20.36 -30.40
C THR A 267 27.30 21.62 -30.29
N ARG A 268 27.53 22.33 -29.18
CA ARG A 268 26.95 23.63 -28.85
C ARG A 268 28.16 24.52 -28.60
N PRO A 269 28.71 25.11 -29.68
CA PRO A 269 30.02 25.80 -29.60
C PRO A 269 30.06 27.08 -28.76
N ASN A 270 28.92 27.67 -28.41
CA ASN A 270 28.94 28.95 -27.70
C ASN A 270 29.33 28.80 -26.24
N ASN A 271 30.29 29.62 -25.81
CA ASN A 271 30.80 29.66 -24.45
C ASN A 271 29.90 30.56 -23.62
N ASN A 272 28.76 30.00 -23.20
CA ASN A 272 27.75 30.76 -22.49
C ASN A 272 28.16 31.03 -21.05
N THR A 273 27.97 32.27 -20.61
CA THR A 273 28.22 32.69 -19.24
C THR A 273 26.84 32.77 -18.60
N VAL A 274 26.65 31.96 -17.56
CA VAL A 274 25.38 31.79 -16.86
C VAL A 274 25.38 32.59 -15.56
N LYS A 275 24.32 33.36 -15.35
CA LYS A 275 24.11 34.18 -14.18
C LYS A 275 22.92 33.62 -13.42
N SER A 276 22.84 33.93 -12.13
CA SER A 276 21.76 33.45 -11.28
C SER A 276 21.27 34.59 -10.39
N ILE A 277 19.94 34.77 -10.36
CA ILE A 277 19.29 35.77 -9.55
C ILE A 277 18.24 35.12 -8.66
N ARG A 278 18.08 35.68 -7.46
CA ARG A 278 17.07 35.17 -6.53
C ARG A 278 15.73 35.82 -6.85
N ILE A 279 14.70 35.00 -6.99
CA ILE A 279 13.36 35.45 -7.37
C ILE A 279 12.35 35.27 -6.25
N GLY A 280 12.77 34.81 -5.08
CA GLY A 280 11.87 34.60 -3.98
C GLY A 280 12.59 34.08 -2.75
N PRO A 281 11.85 33.86 -1.67
CA PRO A 281 12.47 33.42 -0.41
C PRO A 281 12.94 31.99 -0.47
N GLY A 282 14.14 31.76 -0.99
CA GLY A 282 14.68 30.42 -1.15
C GLY A 282 14.61 29.85 -2.55
N GLN A 283 14.32 30.68 -3.56
CA GLN A 283 14.22 30.26 -4.94
C GLN A 283 15.14 31.14 -5.78
N ALA A 284 15.72 30.55 -6.82
CA ALA A 284 16.60 31.29 -7.73
C ALA A 284 16.37 30.85 -9.16
N PHE A 285 16.53 31.81 -10.07
CA PHE A 285 16.38 31.62 -11.50
C PHE A 285 17.72 31.69 -12.20
N TYR A 286 17.97 30.74 -13.11
CA TYR A 286 19.21 30.67 -13.87
C TYR A 286 18.93 31.09 -15.31
N TYR A 287 19.84 31.89 -15.87
CA TYR A 287 19.70 32.38 -17.23
C TYR A 287 21.07 32.61 -17.84
N THR A 288 21.10 32.68 -19.15
CA THR A 288 22.34 32.97 -19.85
C THR A 288 22.59 34.47 -19.71
N GLY A 289 23.75 34.81 -19.19
CA GLY A 289 24.11 36.18 -18.96
C GLY A 289 24.69 36.79 -20.20
N ASP A 290 25.70 36.12 -20.74
CA ASP A 290 26.37 36.60 -21.95
C ASP A 290 27.01 35.42 -22.65
N ILE A 291 27.62 35.69 -23.80
CA ILE A 291 28.35 34.65 -24.55
C ILE A 291 29.75 35.20 -24.78
N ILE A 292 30.75 34.41 -24.41
CA ILE A 292 32.15 34.81 -24.57
C ILE A 292 32.62 34.36 -25.94
N GLY A 293 33.21 35.29 -26.70
CA GLY A 293 33.71 34.96 -28.02
C GLY A 293 32.65 35.08 -29.10
N ASP A 294 32.95 34.42 -30.22
CA ASP A 294 32.08 34.48 -31.39
C ASP A 294 30.81 33.68 -31.14
N ILE A 295 29.76 34.04 -31.87
CA ILE A 295 28.48 33.34 -31.79
C ILE A 295 28.42 32.35 -32.93
N ARG A 296 28.29 31.07 -32.60
CA ARG A 296 28.29 29.98 -33.56
C ARG A 296 27.04 29.13 -33.35
N MET A 297 26.64 28.44 -34.41
CA MET A 297 25.45 27.59 -34.39
C MET A 297 25.76 26.17 -33.93
N ALA A 298 24.85 25.61 -33.14
CA ALA A 298 24.97 24.22 -32.71
C ALA A 298 24.74 23.33 -33.92
N HIS A 299 25.45 22.21 -33.98
CA HIS A 299 25.29 21.33 -35.15
C HIS A 299 25.75 19.91 -34.83
N CYS A 300 25.38 18.98 -35.72
CA CYS A 300 25.82 17.59 -35.62
C CYS A 300 26.47 17.13 -36.91
N ASN A 301 27.52 16.32 -36.79
CA ASN A 301 28.24 15.77 -37.94
C ASN A 301 28.03 14.27 -38.05
N VAL A 302 27.67 13.82 -39.25
CA VAL A 302 27.56 12.41 -39.64
C VAL A 302 28.40 12.23 -40.89
N SER A 303 29.24 11.21 -40.97
CA SER A 303 30.06 11.10 -42.17
C SER A 303 29.22 10.63 -43.36
N LYS A 304 29.63 11.05 -44.57
CA LYS A 304 28.93 10.66 -45.78
C LYS A 304 29.08 9.19 -46.13
N ALA A 305 30.29 8.62 -45.99
CA ALA A 305 30.47 7.24 -46.39
C ALA A 305 29.69 6.28 -45.51
N THR A 306 29.68 6.53 -44.21
CA THR A 306 29.00 5.61 -43.31
C THR A 306 27.49 5.70 -43.52
N TRP A 307 26.97 6.93 -43.64
CA TRP A 307 25.54 7.11 -43.84
C TRP A 307 25.10 6.52 -45.17
N ASN A 308 25.90 6.72 -46.23
CA ASN A 308 25.54 6.18 -47.53
C ASN A 308 25.52 4.65 -47.51
N GLU A 309 26.47 4.03 -46.79
CA GLU A 309 26.44 2.58 -46.65
C GLU A 309 25.22 2.13 -45.85
N THR A 310 24.88 2.89 -44.81
CA THR A 310 23.73 2.57 -43.98
C THR A 310 22.46 2.62 -44.80
N LEU A 311 22.29 3.66 -45.61
CA LEU A 311 21.10 3.74 -46.42
C LEU A 311 21.08 2.64 -47.47
N GLY A 312 22.24 2.31 -48.04
CA GLY A 312 22.25 1.24 -49.02
C GLY A 312 21.75 -0.06 -48.42
N LYS A 313 22.16 -0.35 -47.19
CA LYS A 313 21.68 -1.55 -46.50
C LYS A 313 20.19 -1.48 -46.20
N VAL A 314 19.71 -0.30 -45.81
CA VAL A 314 18.29 -0.14 -45.50
C VAL A 314 17.46 -0.36 -46.77
N VAL A 315 17.92 0.19 -47.89
CA VAL A 315 17.19 0.02 -49.14
C VAL A 315 17.20 -1.45 -49.54
N LYS A 316 18.35 -2.11 -49.41
CA LYS A 316 18.43 -3.53 -49.73
C LYS A 316 17.40 -4.33 -48.94
N GLN A 317 17.20 -3.97 -47.67
CA GLN A 317 16.21 -4.70 -46.88
C GLN A 317 14.78 -4.27 -47.21
N LEU A 318 14.55 -3.00 -47.52
CA LEU A 318 13.21 -2.55 -47.89
C LEU A 318 12.74 -3.22 -49.17
N ARG A 319 13.65 -3.48 -50.10
CA ARG A 319 13.29 -4.14 -51.36
C ARG A 319 12.80 -5.57 -51.16
N LYS A 320 12.95 -6.15 -49.98
CA LYS A 320 12.46 -7.49 -49.70
C LYS A 320 10.98 -7.51 -49.33
N HIS A 321 10.37 -6.34 -49.07
CA HIS A 321 8.97 -6.22 -48.69
C HIS A 321 8.15 -5.59 -49.79
N PHE A 322 8.73 -4.66 -50.53
CA PHE A 322 8.08 -3.92 -51.60
C PHE A 322 8.53 -4.41 -52.97
N GLY A 323 9.36 -5.46 -53.01
CA GLY A 323 9.85 -6.05 -54.23
C GLY A 323 11.09 -5.36 -54.78
N ASN A 324 11.72 -6.07 -55.70
CA ASN A 324 12.89 -5.56 -56.43
C ASN A 324 12.43 -4.84 -57.69
N ASN A 325 13.33 -4.00 -58.22
CA ASN A 325 13.04 -3.12 -59.35
C ASN A 325 11.99 -2.08 -58.96
N THR A 326 11.93 -1.77 -57.67
CA THR A 326 11.09 -0.72 -57.10
C THR A 326 12.05 0.36 -56.63
N ILE A 327 11.74 1.60 -56.97
CA ILE A 327 12.62 2.71 -56.62
C ILE A 327 12.30 3.13 -55.19
N ILE A 328 13.33 3.23 -54.35
CA ILE A 328 13.18 3.64 -52.96
C ILE A 328 13.73 5.05 -52.82
N ARG A 329 12.87 5.99 -52.45
CA ARG A 329 13.24 7.39 -52.32
C ARG A 329 13.17 7.82 -50.86
N PHE A 330 14.21 8.49 -50.38
CA PHE A 330 14.16 9.09 -49.06
C PHE A 330 13.95 10.59 -49.24
N ALA A 331 13.22 11.17 -48.31
CA ALA A 331 12.91 12.59 -48.34
C ALA A 331 12.81 13.12 -46.92
N GLN A 332 12.95 14.44 -46.78
CA GLN A 332 12.82 15.07 -45.50
C GLN A 332 11.39 15.01 -44.98
N SER A 333 11.24 15.20 -43.68
CA SER A 333 9.92 15.22 -43.06
C SER A 333 9.14 16.42 -43.58
N SER A 334 7.83 16.40 -43.37
CA SER A 334 6.99 17.47 -43.91
C SER A 334 6.52 18.46 -42.85
N GLY A 335 5.26 18.36 -42.37
CA GLY A 335 4.73 19.31 -41.43
C GLY A 335 4.75 18.82 -39.99
N GLY A 336 4.17 19.64 -39.12
CA GLY A 336 4.09 19.37 -37.70
C GLY A 336 5.06 20.21 -36.89
N ASP A 337 5.02 19.97 -35.59
CA ASP A 337 5.85 20.67 -34.62
C ASP A 337 7.30 20.23 -34.77
N LEU A 338 8.23 21.04 -34.24
CA LEU A 338 9.64 20.69 -34.31
C LEU A 338 9.93 19.35 -33.66
N GLU A 339 9.11 18.95 -32.68
CA GLU A 339 9.32 17.68 -32.01
C GLU A 339 9.26 16.51 -33.00
N VAL A 340 8.50 16.64 -34.09
CA VAL A 340 8.35 15.56 -35.07
C VAL A 340 9.01 15.87 -36.41
N THR A 341 9.25 17.15 -36.74
CA THR A 341 9.87 17.50 -38.01
C THR A 341 11.38 17.48 -37.95
N THR A 342 11.96 17.57 -36.75
CA THR A 342 13.41 17.55 -36.54
C THR A 342 13.80 16.36 -35.66
N HIS A 343 15.11 16.16 -35.56
CA HIS A 343 15.70 15.14 -34.70
C HIS A 343 15.90 15.78 -33.34
N SER A 344 15.04 15.43 -32.39
CA SER A 344 15.06 15.99 -31.05
C SER A 344 15.91 15.09 -30.16
N PHE A 345 16.80 15.68 -29.36
CA PHE A 345 17.53 14.88 -28.39
C PHE A 345 18.14 15.76 -27.31
N ASN A 346 18.49 15.13 -26.19
CA ASN A 346 19.19 15.79 -25.09
C ASN A 346 20.69 15.51 -25.16
N CYS A 347 21.47 16.56 -25.42
CA CYS A 347 22.93 16.53 -25.54
C CYS A 347 23.55 17.30 -24.38
N GLY A 348 23.96 16.57 -23.34
CA GLY A 348 24.61 17.24 -22.23
C GLY A 348 23.72 18.14 -21.43
N GLY A 349 22.41 17.92 -21.47
CA GLY A 349 21.45 18.76 -20.80
C GLY A 349 20.77 19.77 -21.69
N GLU A 350 21.27 20.01 -22.90
CA GLU A 350 20.63 20.94 -23.83
C GLU A 350 19.75 20.13 -24.78
N PHE A 351 18.67 20.75 -25.25
CA PHE A 351 17.74 20.10 -26.16
C PHE A 351 17.96 20.56 -27.59
N PHE A 352 18.49 19.67 -28.42
CA PHE A 352 18.82 19.94 -29.80
C PHE A 352 17.67 19.50 -30.68
N TYR A 353 17.42 20.29 -31.73
CA TYR A 353 16.42 20.01 -32.77
C TYR A 353 17.10 20.13 -34.12
N CYS A 354 17.68 19.02 -34.58
CA CYS A 354 18.53 18.99 -35.76
C CYS A 354 17.70 18.78 -37.02
N ASN A 355 18.00 19.57 -38.06
CA ASN A 355 17.20 19.59 -39.28
C ASN A 355 17.05 18.22 -39.93
N THR A 356 18.16 17.51 -40.13
CA THR A 356 18.24 16.19 -40.78
C THR A 356 17.90 16.16 -42.27
N SER A 357 17.53 17.28 -42.90
CA SER A 357 17.15 17.18 -44.31
C SER A 357 18.33 16.92 -45.22
N GLY A 358 19.56 16.94 -44.70
CA GLY A 358 20.73 16.50 -45.43
C GLY A 358 20.98 15.02 -45.34
N LEU A 359 20.29 14.33 -44.42
CA LEU A 359 20.44 12.90 -44.22
C LEU A 359 19.43 12.09 -45.00
N PHE A 360 18.27 12.69 -45.34
CA PHE A 360 17.16 11.97 -45.96
C PHE A 360 16.74 12.74 -47.20
N ASN A 361 17.53 12.59 -48.27
CA ASN A 361 17.18 13.07 -49.60
C ASN A 361 17.97 12.23 -50.59
N SER A 362 17.28 11.42 -51.38
CA SER A 362 17.97 10.52 -52.30
C SER A 362 16.94 9.68 -53.02
N THR A 363 17.32 9.17 -54.20
CA THR A 363 16.49 8.19 -54.88
C THR A 363 17.39 7.02 -55.26
N TRP A 364 16.98 5.82 -54.84
CA TRP A 364 17.69 4.57 -55.07
C TRP A 364 16.98 3.80 -56.17
N ILE A 365 17.63 3.67 -57.33
CA ILE A 365 17.07 3.01 -58.50
C ILE A 365 17.90 1.77 -58.75
N SER A 366 17.22 0.61 -58.84
CA SER A 366 17.82 -0.71 -59.09
C SER A 366 19.08 -0.73 -59.94
N ASN A 379 36.38 14.75 -42.76
CA ASN A 379 36.44 13.82 -43.87
C ASN A 379 35.09 13.69 -44.56
N ASP A 380 34.74 14.71 -45.34
CA ASP A 380 33.49 14.74 -46.11
C ASP A 380 32.28 14.45 -45.23
N SER A 381 32.19 15.20 -44.13
CA SER A 381 31.07 15.07 -43.21
C SER A 381 29.83 15.79 -43.73
N ILE A 382 28.69 15.42 -43.15
CA ILE A 382 27.39 16.05 -43.36
C ILE A 382 27.10 16.79 -42.07
N THR A 383 26.94 18.11 -42.15
CA THR A 383 26.67 18.94 -40.99
C THR A 383 25.19 19.26 -40.99
N LEU A 384 24.53 18.95 -39.86
CA LEU A 384 23.12 19.19 -39.67
C LEU A 384 22.93 20.40 -38.76
N PRO A 385 22.31 21.48 -39.22
CA PRO A 385 22.03 22.60 -38.31
C PRO A 385 21.09 22.13 -37.22
N CYS A 386 21.30 22.63 -35.99
CA CYS A 386 20.43 22.29 -34.88
C CYS A 386 20.00 23.54 -34.15
N ARG A 387 18.72 23.60 -33.79
CA ARG A 387 18.16 24.68 -33.00
C ARG A 387 18.08 24.23 -31.55
N ILE A 388 18.17 25.18 -30.62
CA ILE A 388 18.09 24.88 -29.20
C ILE A 388 16.93 25.66 -28.59
N LYS A 389 16.18 24.97 -27.73
CA LYS A 389 15.05 25.54 -27.01
C LYS A 389 15.28 25.34 -25.52
N GLN A 390 14.82 26.31 -24.73
CA GLN A 390 14.84 26.21 -23.27
C GLN A 390 13.51 25.81 -22.67
N ILE A 391 12.39 26.06 -23.36
CA ILE A 391 11.06 25.72 -22.86
C ILE A 391 10.63 24.43 -23.56
N ILE A 392 10.54 23.36 -22.78
CA ILE A 392 10.31 22.00 -23.27
C ILE A 392 8.93 21.55 -22.85
N ASN A 393 8.17 21.00 -23.80
CA ASN A 393 6.84 20.44 -23.55
C ASN A 393 6.99 18.97 -23.95
N MET A 394 7.40 18.17 -22.99
CA MET A 394 7.81 16.79 -23.24
C MET A 394 6.66 15.80 -23.04
N TRP A 395 6.75 14.69 -23.76
CA TRP A 395 5.80 13.56 -23.73
C TRP A 395 4.46 13.92 -24.35
N GLN A 396 4.45 14.82 -25.33
CA GLN A 396 3.23 15.20 -26.06
C GLN A 396 2.12 15.61 -25.10
N ARG A 397 2.43 16.55 -24.20
CA ARG A 397 1.47 17.03 -23.21
C ARG A 397 1.35 18.54 -23.28
N ILE A 398 0.20 19.03 -22.82
CA ILE A 398 -0.10 20.46 -22.73
C ILE A 398 -0.44 20.79 -21.28
N GLY A 399 0.15 21.86 -20.77
CA GLY A 399 -0.10 22.33 -19.41
C GLY A 399 1.03 22.15 -18.43
N GLN A 400 2.05 21.35 -18.76
CA GLN A 400 3.21 21.10 -17.90
C GLN A 400 4.49 21.41 -18.65
N ALA A 401 5.01 22.64 -18.57
CA ALA A 401 6.21 23.01 -19.31
C ALA A 401 7.40 23.00 -18.37
N MET A 402 8.58 22.72 -18.93
CA MET A 402 9.84 22.73 -18.22
C MET A 402 10.78 23.77 -18.82
N TYR A 403 11.54 24.43 -17.96
CA TYR A 403 12.61 25.33 -18.38
C TYR A 403 13.94 24.64 -18.11
N ALA A 404 14.77 24.54 -19.14
CA ALA A 404 16.07 23.90 -18.99
C ALA A 404 17.10 24.99 -18.69
N PRO A 405 17.72 25.00 -17.51
CA PRO A 405 18.71 26.05 -17.23
C PRO A 405 19.85 25.96 -18.21
N PRO A 406 20.49 27.09 -18.54
CA PRO A 406 21.65 27.01 -19.43
C PRO A 406 22.81 26.38 -18.68
N ILE A 407 23.68 25.73 -19.45
CA ILE A 407 24.89 25.09 -18.94
C ILE A 407 26.12 25.89 -19.35
N GLN A 408 26.93 26.23 -18.35
CA GLN A 408 28.14 27.02 -18.53
C GLN A 408 29.13 26.34 -19.49
N GLY A 409 29.64 27.10 -20.44
CA GLY A 409 30.63 26.60 -21.38
C GLY A 409 30.09 25.93 -22.63
N VAL A 410 31.00 25.20 -23.28
CA VAL A 410 30.78 24.58 -24.59
C VAL A 410 30.39 23.12 -24.37
N ILE A 411 29.37 22.66 -25.09
CA ILE A 411 28.85 21.31 -24.95
C ILE A 411 29.21 20.47 -26.17
N ARG A 412 29.70 19.27 -25.93
CA ARG A 412 29.98 18.31 -26.99
C ARG A 412 29.52 16.93 -26.53
N CYS A 413 28.91 16.18 -27.45
CA CYS A 413 28.50 14.81 -27.16
C CYS A 413 28.69 13.99 -28.44
N VAL A 414 29.01 12.71 -28.26
CA VAL A 414 29.16 11.76 -29.35
C VAL A 414 28.24 10.59 -29.06
N SER A 415 27.35 10.28 -30.01
CA SER A 415 26.37 9.22 -29.84
C SER A 415 26.47 8.24 -31.00
N ASN A 416 25.90 7.05 -30.77
CA ASN A 416 25.75 6.04 -31.82
C ASN A 416 24.31 6.09 -32.31
N ILE A 417 24.14 6.06 -33.62
CA ILE A 417 22.82 5.90 -34.24
C ILE A 417 22.64 4.41 -34.43
N THR A 418 21.62 3.86 -33.77
CA THR A 418 21.37 2.43 -33.74
C THR A 418 20.12 2.03 -34.53
N GLY A 419 19.24 2.98 -34.82
CA GLY A 419 18.05 2.66 -35.60
C GLY A 419 17.34 3.92 -36.05
N LEU A 420 16.41 3.72 -36.97
CA LEU A 420 15.63 4.80 -37.58
C LEU A 420 14.14 4.54 -37.43
N ILE A 421 13.36 5.61 -37.37
CA ILE A 421 11.90 5.54 -37.46
C ILE A 421 11.52 6.17 -38.79
N LEU A 422 10.93 5.38 -39.68
CA LEU A 422 10.52 5.84 -41.00
C LEU A 422 9.01 5.69 -41.16
N THR A 423 8.44 6.53 -42.01
CA THR A 423 7.05 6.40 -42.43
C THR A 423 7.04 6.36 -43.94
N ARG A 424 6.07 5.65 -44.51
CA ARG A 424 5.93 5.55 -45.96
C ARG A 424 4.89 6.54 -46.44
N ASP A 425 5.21 7.26 -47.52
CA ASP A 425 4.30 8.26 -48.09
C ASP A 425 3.13 7.57 -48.78
N SER A 431 2.22 3.00 -57.78
CA SER A 431 3.19 3.51 -58.76
C SER A 431 4.47 2.68 -58.70
N THR A 432 5.58 3.26 -59.14
CA THR A 432 6.87 2.56 -59.18
C THR A 432 7.85 3.02 -58.11
N THR A 433 7.61 4.17 -57.47
CA THR A 433 8.53 4.74 -56.49
C THR A 433 7.81 4.92 -55.16
N GLU A 434 8.43 4.40 -54.10
CA GLU A 434 7.96 4.56 -52.73
C GLU A 434 8.83 5.62 -52.07
N THR A 435 8.20 6.53 -51.32
CA THR A 435 8.94 7.59 -50.62
C THR A 435 8.82 7.41 -49.12
N PHE A 436 9.97 7.40 -48.45
CA PHE A 436 10.08 7.22 -47.00
C PHE A 436 10.55 8.53 -46.37
N ARG A 437 9.93 8.92 -45.26
CA ARG A 437 10.25 10.15 -44.56
C ARG A 437 10.51 9.87 -43.08
N PRO A 438 11.32 10.69 -42.42
CA PRO A 438 11.45 10.54 -40.96
C PRO A 438 10.13 10.75 -40.24
N GLY A 439 9.93 9.97 -39.19
CA GLY A 439 8.74 10.08 -38.34
C GLY A 439 9.16 10.07 -36.89
N GLY A 440 8.22 9.93 -35.96
CA GLY A 440 8.52 9.88 -34.56
C GLY A 440 7.61 10.80 -33.77
N GLY A 441 7.98 10.99 -32.50
CA GLY A 441 7.25 11.81 -31.56
C GLY A 441 6.48 11.01 -30.53
N ASP A 442 6.16 9.76 -30.83
CA ASP A 442 5.49 8.87 -29.89
C ASP A 442 6.62 8.07 -29.23
N MET A 443 6.92 8.41 -27.98
CA MET A 443 8.09 7.81 -27.34
C MET A 443 7.97 6.32 -27.15
N ARG A 444 6.75 5.77 -27.23
CA ARG A 444 6.61 4.33 -27.06
C ARG A 444 7.32 3.58 -28.17
N ASP A 445 7.52 4.21 -29.33
CA ASP A 445 8.22 3.54 -30.41
C ASP A 445 9.73 3.59 -30.22
N ASN A 446 10.22 4.32 -29.20
CA ASN A 446 11.65 4.34 -28.90
C ASN A 446 11.99 3.27 -27.88
N TRP A 447 10.97 2.64 -27.30
CA TRP A 447 11.06 1.62 -26.28
C TRP A 447 10.58 0.30 -26.82
N ARG A 448 9.64 0.34 -27.78
CA ARG A 448 9.21 -0.86 -28.49
C ARG A 448 10.19 -1.07 -29.66
N SER A 449 11.44 -1.26 -29.26
CA SER A 449 12.62 -1.41 -30.10
C SER A 449 13.76 -2.12 -29.34
N GLU A 450 13.63 -2.19 -28.01
CA GLU A 450 14.48 -2.92 -27.09
C GLU A 450 13.61 -3.98 -26.44
N LEU A 451 12.42 -3.59 -25.99
CA LEU A 451 11.45 -4.50 -25.38
C LEU A 451 10.60 -5.12 -26.49
N TYR A 452 11.28 -5.86 -27.37
CA TYR A 452 10.64 -6.55 -28.48
C TYR A 452 10.96 -8.02 -28.45
N LYS A 453 12.02 -8.40 -27.75
CA LYS A 453 12.49 -9.77 -27.62
C LYS A 453 12.00 -10.39 -26.33
N TYR A 454 11.30 -9.63 -25.49
CA TYR A 454 10.85 -10.07 -24.19
C TYR A 454 9.34 -10.17 -24.13
N LYS A 455 8.87 -11.23 -23.47
CA LYS A 455 7.45 -11.48 -23.23
C LYS A 455 7.29 -11.85 -21.77
N VAL A 456 6.20 -11.42 -21.14
CA VAL A 456 5.92 -11.77 -19.74
C VAL A 456 4.86 -12.86 -19.73
N VAL A 457 5.13 -13.96 -19.02
CA VAL A 457 4.19 -15.06 -18.91
C VAL A 457 3.95 -15.42 -17.45
N LYS A 458 2.73 -15.88 -17.15
CA LYS A 458 2.33 -16.33 -15.83
C LYS A 458 2.52 -17.83 -15.76
N ILE A 459 3.08 -18.29 -14.65
CA ILE A 459 3.33 -19.71 -14.43
C ILE A 459 2.06 -20.35 -13.86
N GLU A 460 1.69 -21.51 -14.42
CA GLU A 460 0.50 -22.26 -14.03
C GLU A 460 0.98 -23.63 -13.54
N PRO A 461 1.46 -23.71 -12.29
CA PRO A 461 2.16 -24.93 -11.84
C PRO A 461 1.26 -26.14 -11.61
N LEU A 462 -0.05 -25.97 -11.61
CA LEU A 462 -0.99 -27.05 -11.29
C LEU A 462 -1.58 -27.64 -12.56
N GLY A 463 -1.62 -28.97 -12.64
CA GLY A 463 -2.20 -29.66 -13.77
C GLY A 463 -2.45 -31.10 -13.43
N VAL A 464 -3.13 -31.79 -14.34
CA VAL A 464 -3.51 -33.19 -14.15
C VAL A 464 -3.10 -34.01 -15.37
N ALA A 465 -2.99 -35.31 -15.16
CA ALA A 465 -2.69 -36.21 -16.27
C ALA A 465 -3.08 -37.63 -15.90
N PRO A 466 -3.44 -38.47 -16.88
CA PRO A 466 -3.73 -39.88 -16.55
C PRO A 466 -2.48 -40.68 -16.24
N THR A 467 -2.59 -41.54 -15.23
CA THR A 467 -1.54 -42.50 -14.87
C THR A 467 -2.26 -43.76 -14.43
N ARG A 468 -1.51 -44.82 -14.12
CA ARG A 468 -2.13 -46.02 -13.57
C ARG A 468 -2.14 -46.02 -12.04
N CYS A 469 -1.82 -44.89 -11.42
CA CYS A 469 -1.71 -44.80 -9.97
C CYS A 469 -3.08 -44.53 -9.34
N LYS A 470 -3.52 -45.44 -8.49
CA LYS A 470 -4.81 -45.34 -7.80
C LYS A 470 -4.59 -45.08 -6.31
N ARG A 471 -5.36 -44.15 -5.76
CA ARG A 471 -5.29 -43.87 -4.33
C ARG A 471 -5.73 -45.13 -3.56
N ARG A 472 -4.95 -45.49 -2.54
CA ARG A 472 -5.19 -46.71 -1.77
C ARG A 472 -6.62 -46.84 -1.24
N VAL A 473 -7.15 -45.78 -0.63
CA VAL A 473 -8.49 -45.79 -0.02
C VAL A 473 -8.70 -47.04 0.82
N GLU B 1 17.77 -58.54 -30.59
CA GLU B 1 19.02 -57.76 -30.29
C GLU B 1 19.30 -57.64 -28.79
N VAL B 2 18.33 -58.02 -27.96
CA VAL B 2 18.49 -57.94 -26.52
C VAL B 2 19.29 -59.14 -26.04
N GLN B 3 20.39 -58.88 -25.33
CA GLN B 3 21.27 -59.91 -24.82
C GLN B 3 21.38 -59.75 -23.30
N LEU B 4 21.04 -60.81 -22.57
CA LEU B 4 21.13 -60.88 -21.12
C LEU B 4 22.03 -62.05 -20.81
N VAL B 5 23.21 -61.80 -20.24
CA VAL B 5 24.19 -62.85 -19.98
C VAL B 5 24.50 -62.92 -18.49
N GLU B 6 24.15 -64.05 -17.88
CA GLU B 6 24.38 -64.32 -16.47
C GLU B 6 25.81 -64.80 -16.23
N THR B 7 26.41 -64.33 -15.14
CA THR B 7 27.71 -64.81 -14.68
C THR B 7 27.62 -65.06 -13.18
N GLY B 8 28.59 -65.79 -12.67
CA GLY B 8 28.65 -66.07 -11.24
C GLY B 8 29.26 -67.44 -11.02
N GLY B 9 29.32 -67.83 -9.75
CA GLY B 9 29.91 -69.09 -9.37
C GLY B 9 28.96 -70.26 -9.53
N GLY B 10 29.50 -71.46 -9.29
CA GLY B 10 28.75 -72.70 -9.41
C GLY B 10 28.42 -73.41 -8.11
N LEU B 11 29.26 -74.37 -7.73
CA LEU B 11 29.01 -75.20 -6.54
C LEU B 11 29.64 -74.59 -5.30
N VAL B 12 28.84 -74.46 -4.25
CA VAL B 12 29.30 -74.02 -2.93
C VAL B 12 28.78 -75.02 -1.90
N GLN B 13 29.37 -74.94 -0.71
CA GLN B 13 28.94 -75.77 0.40
C GLN B 13 27.79 -75.10 1.15
N PRO B 14 26.94 -75.87 1.84
CA PRO B 14 25.88 -75.27 2.66
C PRO B 14 26.43 -74.25 3.65
N GLY B 15 25.75 -73.11 3.75
CA GLY B 15 26.15 -72.03 4.64
C GLY B 15 27.00 -70.96 4.00
N GLY B 16 27.38 -71.12 2.73
CA GLY B 16 28.19 -70.15 2.04
C GLY B 16 27.35 -69.06 1.40
N SER B 17 27.96 -68.37 0.43
CA SER B 17 27.28 -67.27 -0.25
C SER B 17 27.79 -67.17 -1.67
N LEU B 18 26.95 -66.59 -2.53
CA LEU B 18 27.30 -66.36 -3.93
C LEU B 18 26.71 -65.06 -4.43
N LYS B 19 27.48 -64.34 -5.25
CA LYS B 19 26.99 -63.16 -5.93
C LYS B 19 26.94 -63.45 -7.43
N LEU B 20 25.74 -63.42 -7.98
CA LEU B 20 25.47 -63.66 -9.39
C LEU B 20 25.29 -62.28 -10.00
N SER B 21 25.54 -62.17 -11.31
CA SER B 21 25.30 -60.90 -11.97
C SER B 21 24.79 -61.14 -13.39
N CYS B 22 24.24 -60.08 -13.97
CA CYS B 22 23.69 -60.14 -15.32
C CYS B 22 24.09 -58.89 -16.09
N ARG B 23 24.73 -59.11 -17.25
CA ARG B 23 25.10 -58.05 -18.16
C ARG B 23 24.00 -57.93 -19.21
N ALA B 24 23.47 -56.72 -19.40
CA ALA B 24 22.40 -56.47 -20.35
C ALA B 24 22.88 -55.58 -21.48
N SER B 25 22.38 -55.84 -22.69
CA SER B 25 22.65 -54.98 -23.83
C SER B 25 21.51 -55.10 -24.84
N GLY B 26 21.45 -54.15 -25.76
CA GLY B 26 20.48 -54.16 -26.83
C GLY B 26 19.21 -53.37 -26.56
N TYR B 27 19.09 -52.74 -25.39
CA TYR B 27 17.92 -51.97 -25.02
C TYR B 27 18.38 -50.99 -23.95
N THR B 28 17.52 -50.03 -23.63
CA THR B 28 17.87 -49.11 -22.55
C THR B 28 17.58 -49.83 -21.23
N PHE B 29 18.65 -50.07 -20.48
CA PHE B 29 18.55 -50.85 -19.24
C PHE B 29 17.64 -50.16 -18.23
N SER B 30 17.83 -48.85 -18.04
CA SER B 30 17.08 -48.07 -17.07
C SER B 30 15.60 -47.92 -17.40
N SER B 31 15.14 -48.34 -18.59
CA SER B 31 13.73 -48.20 -18.95
C SER B 31 12.86 -49.39 -18.57
N PHE B 32 13.45 -50.50 -18.11
CA PHE B 32 12.69 -51.72 -17.82
C PHE B 32 12.98 -52.22 -16.41
N ALA B 33 11.95 -52.83 -15.82
CA ALA B 33 12.12 -53.56 -14.57
C ALA B 33 12.83 -54.87 -14.86
N MET B 34 13.55 -55.38 -13.87
CA MET B 34 14.28 -56.63 -14.03
C MET B 34 13.95 -57.59 -12.90
N SER B 35 14.10 -58.87 -13.17
CA SER B 35 13.79 -59.90 -12.19
C SER B 35 14.67 -61.13 -12.38
N TRP B 36 14.68 -61.98 -11.35
CA TRP B 36 15.34 -63.28 -11.39
C TRP B 36 14.31 -64.36 -11.18
N VAL B 37 14.41 -65.41 -12.00
CA VAL B 37 13.54 -66.59 -11.97
C VAL B 37 14.44 -67.83 -11.91
N ARG B 38 14.06 -68.85 -11.14
CA ARG B 38 14.89 -70.05 -11.06
C ARG B 38 14.08 -71.29 -11.41
N GLN B 39 14.80 -72.30 -11.92
CA GLN B 39 14.24 -73.61 -12.27
C GLN B 39 15.08 -74.73 -11.67
N ALA B 40 14.52 -75.49 -10.74
CA ALA B 40 15.28 -76.60 -10.19
C ALA B 40 15.50 -77.60 -11.33
N PRO B 41 16.60 -78.37 -11.31
CA PRO B 41 16.85 -79.32 -12.42
C PRO B 41 15.68 -80.22 -12.81
N GLY B 42 14.85 -80.65 -11.86
CA GLY B 42 13.71 -81.50 -12.15
C GLY B 42 12.35 -80.86 -12.04
N LYS B 43 12.25 -79.54 -11.90
CA LYS B 43 11.00 -78.82 -11.66
C LYS B 43 10.75 -77.80 -12.77
N GLY B 44 9.67 -77.04 -12.59
CA GLY B 44 9.28 -75.97 -13.49
C GLY B 44 9.92 -74.68 -13.05
N LEU B 45 9.35 -73.57 -13.51
CA LEU B 45 9.94 -72.27 -13.23
C LEU B 45 9.37 -71.70 -11.93
N GLU B 46 10.22 -71.02 -11.17
CA GLU B 46 9.81 -70.32 -9.95
C GLU B 46 10.37 -68.91 -9.96
N TRP B 47 9.51 -67.93 -9.68
CA TRP B 47 9.98 -66.55 -9.57
C TRP B 47 10.72 -66.40 -8.25
N VAL B 48 11.84 -65.69 -8.26
CA VAL B 48 12.65 -65.49 -7.07
C VAL B 48 12.64 -64.03 -6.61
N SER B 49 12.91 -63.09 -7.50
CA SER B 49 13.01 -61.70 -7.06
C SER B 49 12.67 -60.74 -8.17
N LEU B 50 12.29 -59.52 -7.79
CA LEU B 50 11.93 -58.46 -8.73
C LEU B 50 12.47 -57.13 -8.23
N ILE B 51 13.08 -56.36 -9.13
CA ILE B 51 13.58 -55.02 -8.85
C ILE B 51 13.02 -54.09 -9.93
N ASN B 52 12.62 -52.88 -9.53
CA ASN B 52 12.06 -51.95 -10.50
C ASN B 52 13.16 -51.27 -11.31
N ASP B 53 12.74 -50.44 -12.27
CA ASP B 53 13.68 -49.83 -13.19
C ASP B 53 14.66 -48.88 -12.51
N ARG B 54 14.29 -48.27 -11.38
CA ARG B 54 15.18 -47.36 -10.68
C ARG B 54 15.95 -48.01 -9.53
N GLY B 55 15.69 -49.27 -9.23
CA GLY B 55 16.40 -49.95 -8.16
C GLY B 55 15.92 -49.66 -6.76
N GLY B 56 14.91 -48.80 -6.60
CA GLY B 56 14.46 -48.44 -5.26
C GLY B 56 13.56 -49.44 -4.58
N LEU B 57 12.82 -50.23 -5.34
CA LEU B 57 11.84 -51.16 -4.80
C LEU B 57 12.22 -52.59 -5.18
N THR B 58 12.31 -53.47 -4.18
CA THR B 58 12.64 -54.87 -4.39
C THR B 58 11.57 -55.74 -3.73
N PHE B 59 11.30 -56.88 -4.37
CA PHE B 59 10.33 -57.84 -3.87
C PHE B 59 10.94 -59.23 -3.96
N TYR B 60 10.58 -60.09 -3.01
CA TYR B 60 11.10 -61.46 -2.96
C TYR B 60 9.99 -62.44 -2.62
N VAL B 61 10.20 -63.71 -2.98
CA VAL B 61 9.35 -64.78 -2.45
C VAL B 61 9.73 -64.99 -1.00
N ASP B 62 8.73 -65.33 -0.18
CA ASP B 62 8.95 -65.52 1.25
C ASP B 62 10.09 -66.49 1.54
N SER B 63 10.26 -67.53 0.72
CA SER B 63 11.29 -68.52 0.99
C SER B 63 12.71 -67.96 0.90
N VAL B 64 12.91 -66.78 0.30
CA VAL B 64 14.22 -66.16 0.21
C VAL B 64 14.23 -64.73 0.76
N LYS B 65 13.12 -64.27 1.35
CA LYS B 65 12.96 -62.85 1.65
C LYS B 65 14.06 -62.33 2.57
N GLY B 66 14.49 -63.14 3.53
CA GLY B 66 15.53 -62.74 4.46
C GLY B 66 16.92 -63.21 4.10
N ARG B 67 17.12 -63.79 2.91
CA ARG B 67 18.40 -64.38 2.53
C ARG B 67 19.00 -63.80 1.25
N PHE B 68 18.20 -63.36 0.29
CA PHE B 68 18.68 -62.86 -0.99
C PHE B 68 18.56 -61.35 -1.06
N THR B 69 19.56 -60.70 -1.66
CA THR B 69 19.55 -59.27 -1.94
C THR B 69 19.68 -59.04 -3.44
N ILE B 70 18.78 -58.24 -4.01
CA ILE B 70 18.79 -57.91 -5.43
C ILE B 70 19.16 -56.44 -5.57
N SER B 71 20.06 -56.14 -6.51
CA SER B 71 20.46 -54.76 -6.74
C SER B 71 20.77 -54.59 -8.21
N ARG B 72 20.81 -53.33 -8.65
CA ARG B 72 21.13 -53.02 -10.03
C ARG B 72 21.91 -51.72 -10.10
N ASP B 73 22.72 -51.59 -11.15
CA ASP B 73 23.49 -50.39 -11.44
C ASP B 73 23.14 -50.02 -12.88
N ASN B 74 22.39 -48.91 -13.03
CA ASN B 74 21.89 -48.49 -14.32
C ASN B 74 22.95 -47.80 -15.17
N SER B 75 24.11 -47.46 -14.59
CA SER B 75 25.17 -46.84 -15.37
C SER B 75 26.06 -47.90 -15.98
N LYS B 76 26.16 -49.05 -15.31
CA LYS B 76 26.96 -50.18 -15.74
C LYS B 76 26.12 -51.20 -16.50
N ASN B 77 24.81 -50.98 -16.60
CA ASN B 77 23.88 -51.92 -17.23
C ASN B 77 24.07 -53.30 -16.61
N THR B 78 24.21 -53.34 -15.28
CA THR B 78 24.48 -54.61 -14.59
C THR B 78 23.53 -54.85 -13.43
N LEU B 79 23.04 -56.08 -13.34
CA LEU B 79 22.27 -56.56 -12.20
C LEU B 79 23.15 -57.44 -11.34
N SER B 80 22.80 -57.54 -10.06
CA SER B 80 23.42 -58.55 -9.22
C SER B 80 22.42 -59.07 -8.21
N LEU B 81 22.63 -60.33 -7.83
CA LEU B 81 21.84 -61.03 -6.81
C LEU B 81 22.81 -61.70 -5.87
N GLN B 82 22.80 -61.31 -4.60
CA GLN B 82 23.69 -61.88 -3.59
C GLN B 82 22.87 -62.80 -2.70
N MET B 83 23.21 -64.07 -2.70
CA MET B 83 22.51 -65.10 -1.95
C MET B 83 23.36 -65.50 -0.76
N HIS B 84 22.73 -65.51 0.42
CA HIS B 84 23.35 -65.96 1.66
C HIS B 84 22.72 -67.27 2.11
N SER B 85 23.45 -67.97 2.97
CA SER B 85 23.07 -69.25 3.59
C SER B 85 23.18 -70.42 2.61
N LEU B 86 22.57 -70.28 1.42
CA LEU B 86 22.68 -71.29 0.38
C LEU B 86 22.20 -72.65 0.87
N ARG B 87 20.90 -72.89 0.80
CA ARG B 87 20.29 -74.13 1.27
C ARG B 87 20.25 -75.14 0.13
N ASP B 88 20.06 -76.42 0.51
CA ASP B 88 19.98 -77.48 -0.49
C ASP B 88 18.84 -77.23 -1.47
N GLY B 89 17.75 -76.63 -1.01
CA GLY B 89 16.61 -76.37 -1.87
C GLY B 89 16.82 -75.25 -2.87
N ASP B 90 17.95 -74.55 -2.82
CA ASP B 90 18.26 -73.45 -3.72
C ASP B 90 19.00 -73.90 -4.97
N THR B 91 19.26 -75.19 -5.16
CA THR B 91 19.93 -75.65 -6.37
C THR B 91 18.98 -75.44 -7.55
N ALA B 92 19.43 -74.68 -8.55
CA ALA B 92 18.57 -74.38 -9.67
C ALA B 92 19.38 -73.63 -10.73
N VAL B 93 18.84 -73.57 -11.93
CA VAL B 93 19.34 -72.67 -12.95
C VAL B 93 18.63 -71.34 -12.74
N TYR B 94 19.39 -70.28 -12.57
CA TYR B 94 18.88 -68.93 -12.36
C TYR B 94 18.92 -68.18 -13.69
N TYR B 95 17.81 -67.51 -14.02
CA TYR B 95 17.69 -66.75 -15.23
C TYR B 95 17.45 -65.28 -14.90
N CYS B 96 18.10 -64.44 -15.70
CA CYS B 96 17.96 -62.99 -15.70
C CYS B 96 16.83 -62.66 -16.67
N ALA B 97 15.84 -61.88 -16.24
CA ALA B 97 14.76 -61.52 -17.14
C ALA B 97 14.36 -60.07 -17.04
N THR B 98 13.96 -59.53 -18.19
CA THR B 98 13.48 -58.17 -18.34
C THR B 98 11.96 -58.22 -18.45
N GLY B 99 11.28 -57.51 -17.55
CA GLY B 99 9.84 -57.44 -17.42
C GLY B 99 9.42 -57.66 -15.98
N GLY B 100 8.12 -57.90 -15.80
CA GLY B 100 7.55 -58.13 -14.49
C GLY B 100 7.01 -56.92 -13.75
N MET B 101 7.27 -55.70 -14.22
CA MET B 101 6.78 -54.53 -13.50
C MET B 101 6.89 -53.32 -14.42
N SER B 102 6.16 -52.27 -14.07
CA SER B 102 6.22 -51.01 -14.79
C SER B 102 6.23 -49.89 -13.75
N SER B 103 6.15 -48.63 -14.19
CA SER B 103 6.38 -47.48 -13.29
C SER B 103 5.26 -46.46 -13.32
N ALA B 104 4.00 -46.88 -13.37
CA ALA B 104 2.82 -45.99 -13.34
C ALA B 104 2.61 -45.14 -14.59
N LEU B 105 3.69 -44.58 -15.15
CA LEU B 105 3.62 -43.70 -16.32
C LEU B 105 3.85 -44.47 -17.62
N GLN B 106 4.10 -45.77 -17.52
CA GLN B 106 4.33 -46.70 -18.60
C GLN B 106 3.19 -47.69 -18.60
N SER B 107 2.97 -48.38 -19.72
CA SER B 107 1.91 -49.36 -19.72
C SER B 107 2.28 -50.56 -18.85
N SER B 108 1.26 -51.32 -18.46
CA SER B 108 1.44 -52.46 -17.58
C SER B 108 2.24 -53.57 -18.25
N LYS B 109 3.02 -54.27 -17.41
CA LYS B 109 3.71 -55.47 -17.84
C LYS B 109 3.04 -56.65 -17.16
N TYR B 110 3.46 -57.05 -15.96
CA TYR B 110 2.91 -58.21 -15.25
C TYR B 110 3.21 -59.48 -16.02
N TYR B 111 4.30 -59.46 -16.79
CA TYR B 111 4.81 -60.63 -17.51
C TYR B 111 6.31 -60.44 -17.64
N PHE B 112 7.00 -61.54 -17.87
CA PHE B 112 8.43 -61.52 -18.11
C PHE B 112 8.58 -61.48 -19.62
N ASP B 113 9.46 -60.61 -20.13
CA ASP B 113 9.60 -60.43 -21.57
C ASP B 113 10.86 -61.09 -22.11
N PHE B 114 12.05 -60.55 -21.81
CA PHE B 114 13.30 -61.09 -22.33
C PHE B 114 13.93 -61.99 -21.29
N TRP B 115 14.44 -63.15 -21.72
CA TRP B 115 15.09 -64.11 -20.85
C TRP B 115 16.56 -64.27 -21.23
N GLY B 116 17.42 -64.45 -20.22
CA GLY B 116 18.83 -64.68 -20.45
C GLY B 116 19.17 -66.14 -20.70
N GLN B 117 20.48 -66.39 -20.84
CA GLN B 117 20.98 -67.73 -21.13
C GLN B 117 20.76 -68.69 -19.97
N GLY B 118 20.93 -68.20 -18.75
CA GLY B 118 20.77 -68.96 -17.52
C GLY B 118 22.11 -69.45 -17.00
N ALA B 119 22.20 -69.61 -15.68
CA ALA B 119 23.40 -70.12 -15.02
C ALA B 119 23.01 -71.07 -13.91
N LEU B 120 23.71 -72.20 -13.81
CA LEU B 120 23.37 -73.22 -12.82
C LEU B 120 24.12 -73.02 -11.51
N VAL B 121 23.37 -72.94 -10.42
CA VAL B 121 23.90 -72.81 -9.07
C VAL B 121 23.54 -74.09 -8.32
N THR B 122 24.54 -74.70 -7.68
CA THR B 122 24.36 -75.93 -6.92
C THR B 122 24.88 -75.75 -5.50
N VAL B 123 24.36 -76.58 -4.61
CA VAL B 123 24.77 -76.59 -3.21
C VAL B 123 25.01 -78.04 -2.80
N ALA C 1 0.83 -72.96 -6.34
CA ALA C 1 1.17 -73.23 -7.72
C ALA C 1 -0.09 -73.42 -8.56
N LEU C 2 0.06 -73.29 -9.87
CA LEU C 2 -1.02 -73.53 -10.81
C LEU C 2 -0.94 -74.96 -11.32
N THR C 3 -2.09 -75.51 -11.69
CA THR C 3 -2.18 -76.89 -12.19
C THR C 3 -2.32 -76.90 -13.71
N GLN C 4 -1.49 -77.70 -14.35
CA GLN C 4 -1.45 -77.92 -15.79
C GLN C 4 -1.39 -79.42 -16.04
N PRO C 5 -1.88 -79.92 -17.18
CA PRO C 5 -1.66 -81.33 -17.48
C PRO C 5 -0.18 -81.61 -17.59
N PRO C 6 0.27 -82.82 -17.22
CA PRO C 6 1.69 -83.15 -17.42
C PRO C 6 2.06 -83.40 -18.86
N SER C 7 1.11 -83.68 -19.75
CA SER C 7 1.44 -84.02 -21.13
C SER C 7 0.26 -83.73 -22.04
N VAL C 8 0.56 -83.23 -23.23
CA VAL C 8 -0.41 -82.94 -24.28
C VAL C 8 0.17 -83.54 -25.55
N SER C 9 -0.71 -84.00 -26.45
CA SER C 9 -0.22 -84.56 -27.70
C SER C 9 -1.24 -84.43 -28.81
N GLY C 10 -0.75 -84.61 -30.03
CA GLY C 10 -1.58 -84.62 -31.22
C GLY C 10 -0.70 -84.81 -32.44
N SER C 11 -1.38 -84.98 -33.61
CA SER C 11 -0.68 -85.19 -34.88
C SER C 11 -0.43 -83.87 -35.60
N PRO C 12 0.61 -83.77 -36.43
CA PRO C 12 0.85 -82.55 -37.19
C PRO C 12 -0.37 -82.14 -38.02
N GLY C 13 -0.69 -80.85 -37.99
CA GLY C 13 -1.81 -80.29 -38.69
C GLY C 13 -3.05 -80.13 -37.83
N GLN C 14 -3.08 -80.78 -36.66
CA GLN C 14 -4.17 -80.72 -35.71
C GLN C 14 -3.90 -79.59 -34.73
N SER C 15 -4.97 -79.15 -34.06
CA SER C 15 -4.82 -78.18 -32.99
C SER C 15 -4.80 -78.91 -31.66
N VAL C 16 -4.11 -78.32 -30.69
CA VAL C 16 -4.08 -78.82 -29.32
C VAL C 16 -4.31 -77.67 -28.36
N THR C 17 -4.74 -78.00 -27.14
CA THR C 17 -4.85 -77.01 -26.08
C THR C 17 -4.14 -77.49 -24.83
N ILE C 18 -3.60 -76.53 -24.09
CA ILE C 18 -2.95 -76.73 -22.80
C ILE C 18 -3.73 -75.92 -21.78
N SER C 19 -4.26 -76.57 -20.76
CA SER C 19 -5.03 -75.85 -19.75
C SER C 19 -4.11 -75.37 -18.62
N CYS C 20 -4.63 -74.41 -17.86
CA CYS C 20 -4.00 -73.84 -16.68
C CYS C 20 -5.12 -73.50 -15.72
N THR C 21 -5.05 -74.00 -14.49
CA THR C 21 -6.09 -73.71 -13.50
C THR C 21 -5.47 -73.21 -12.20
N GLY C 22 -6.25 -72.42 -11.49
CA GLY C 22 -5.85 -71.86 -10.21
C GLY C 22 -7.08 -71.60 -9.38
N THR C 23 -7.09 -70.49 -8.65
CA THR C 23 -8.22 -70.13 -7.81
C THR C 23 -8.70 -68.72 -8.13
N SER C 24 -9.79 -68.33 -7.47
CA SER C 24 -10.43 -67.03 -7.69
C SER C 24 -9.62 -65.85 -7.20
N SER C 25 -8.62 -66.06 -6.34
CA SER C 25 -7.79 -64.98 -5.84
C SER C 25 -6.58 -64.65 -6.70
N ASP C 26 -6.25 -65.47 -7.70
CA ASP C 26 -5.04 -65.24 -8.51
C ASP C 26 -5.33 -65.28 -10.02
N ILE C 27 -5.54 -66.45 -10.63
CA ILE C 27 -5.77 -66.48 -12.06
C ILE C 27 -7.13 -65.88 -12.42
N GLY C 28 -8.12 -66.05 -11.56
CA GLY C 28 -9.44 -65.47 -11.78
C GLY C 28 -9.57 -64.01 -11.45
N SER C 29 -8.72 -63.49 -10.56
CA SER C 29 -8.84 -62.11 -10.10
C SER C 29 -8.14 -61.09 -11.00
N TYR C 30 -7.05 -61.46 -11.68
CA TYR C 30 -6.34 -60.52 -12.55
C TYR C 30 -6.20 -61.14 -13.94
N ASN C 31 -6.39 -60.32 -14.96
CA ASN C 31 -6.25 -60.77 -16.35
C ASN C 31 -4.81 -60.62 -16.86
N TYR C 32 -3.87 -61.29 -16.18
CA TYR C 32 -2.46 -61.27 -16.58
C TYR C 32 -1.95 -62.71 -16.56
N VAL C 33 -2.37 -63.51 -17.53
CA VAL C 33 -2.00 -64.93 -17.59
C VAL C 33 -1.12 -65.12 -18.82
N SER C 34 0.19 -65.24 -18.60
CA SER C 34 1.14 -65.37 -19.70
C SER C 34 1.52 -66.84 -19.90
N TRP C 35 2.05 -67.15 -21.08
CA TRP C 35 2.54 -68.48 -21.41
C TRP C 35 3.95 -68.42 -22.00
N TYR C 36 4.78 -69.41 -21.62
CA TYR C 36 6.16 -69.52 -22.09
C TYR C 36 6.44 -70.89 -22.69
N GLN C 37 7.26 -70.92 -23.74
CA GLN C 37 7.69 -72.15 -24.42
C GLN C 37 9.16 -72.36 -24.10
N GLN C 38 9.48 -73.45 -23.39
CA GLN C 38 10.86 -73.77 -23.02
C GLN C 38 11.33 -75.00 -23.79
N HIS C 39 12.14 -74.78 -24.83
CA HIS C 39 12.66 -75.89 -25.59
C HIS C 39 13.70 -76.59 -24.73
N PRO C 40 13.84 -77.92 -24.81
CA PRO C 40 14.87 -78.59 -24.00
C PRO C 40 16.24 -77.98 -24.23
N GLY C 41 16.93 -77.69 -23.13
CA GLY C 41 18.26 -77.13 -23.18
C GLY C 41 18.32 -75.64 -23.38
N LYS C 42 17.17 -74.96 -23.53
CA LYS C 42 17.10 -73.53 -23.78
C LYS C 42 16.36 -72.81 -22.66
N ALA C 43 16.64 -71.52 -22.55
CA ALA C 43 15.89 -70.67 -21.63
C ALA C 43 14.45 -70.48 -22.15
N PRO C 44 13.47 -70.30 -21.26
CA PRO C 44 12.11 -70.02 -21.73
C PRO C 44 12.05 -68.72 -22.51
N LYS C 45 11.16 -68.68 -23.50
CA LYS C 45 10.88 -67.46 -24.25
C LYS C 45 9.39 -67.16 -24.15
N LEU C 46 9.06 -65.88 -24.24
CA LEU C 46 7.67 -65.46 -24.13
C LEU C 46 6.88 -65.81 -25.38
N MET C 47 5.74 -66.48 -25.19
CA MET C 47 4.84 -66.84 -26.27
C MET C 47 3.55 -66.06 -26.21
N ILE C 48 2.98 -65.90 -25.01
CA ILE C 48 1.74 -65.16 -24.83
C ILE C 48 1.91 -64.27 -23.61
N TYR C 49 1.42 -63.04 -23.70
CA TYR C 49 1.41 -62.12 -22.57
C TYR C 49 0.00 -61.56 -22.54
N ASP C 50 -0.41 -61.05 -21.37
CA ASP C 50 -1.80 -60.62 -21.19
C ASP C 50 -2.64 -61.88 -21.34
N VAL C 51 -3.97 -61.80 -21.29
CA VAL C 51 -4.71 -63.05 -21.47
C VAL C 51 -4.70 -63.47 -22.93
N THR C 52 -4.94 -62.52 -23.84
CA THR C 52 -5.10 -62.82 -25.26
C THR C 52 -4.04 -62.22 -26.18
N GLN C 53 -3.01 -61.52 -25.66
CA GLN C 53 -2.07 -60.84 -26.55
C GLN C 53 -0.86 -61.71 -26.86
N ARG C 54 -0.31 -61.53 -28.07
CA ARG C 54 0.88 -62.21 -28.55
C ARG C 54 2.06 -61.25 -28.72
N PRO C 55 3.30 -61.63 -28.34
CA PRO C 55 4.43 -60.75 -28.63
C PRO C 55 4.69 -60.65 -30.12
N SER C 56 5.29 -59.53 -30.53
CA SER C 56 5.69 -59.38 -31.92
C SER C 56 6.77 -60.41 -32.23
N GLY C 57 6.70 -61.00 -33.42
CA GLY C 57 7.68 -61.97 -33.85
C GLY C 57 7.25 -63.40 -33.62
N VAL C 58 6.19 -63.62 -32.85
CA VAL C 58 5.67 -64.95 -32.55
C VAL C 58 4.56 -65.25 -33.56
N SER C 59 4.59 -66.47 -34.10
CA SER C 59 3.62 -66.89 -35.10
C SER C 59 2.21 -66.85 -34.53
N ASP C 60 1.25 -66.60 -35.43
CA ASP C 60 -0.17 -66.46 -35.07
C ASP C 60 -0.85 -67.80 -34.83
N ARG C 61 -0.10 -68.90 -34.80
CA ARG C 61 -0.65 -70.20 -34.46
C ARG C 61 -0.92 -70.32 -32.96
N PHE C 62 -0.31 -69.45 -32.14
CA PHE C 62 -0.45 -69.50 -30.69
C PHE C 62 -1.46 -68.45 -30.25
N SER C 63 -2.48 -68.88 -29.51
CA SER C 63 -3.53 -67.99 -29.04
C SER C 63 -3.98 -68.51 -27.68
N GLY C 64 -4.87 -67.77 -27.03
CA GLY C 64 -5.33 -68.23 -25.73
C GLY C 64 -6.48 -67.41 -25.21
N SER C 65 -7.01 -67.86 -24.08
CA SER C 65 -8.17 -67.19 -23.48
C SER C 65 -8.31 -67.65 -22.03
N LYS C 66 -9.23 -67.01 -21.31
CA LYS C 66 -9.55 -67.44 -19.96
C LYS C 66 -11.06 -67.38 -19.75
N SER C 67 -11.52 -68.17 -18.79
CA SER C 67 -12.91 -68.18 -18.36
C SER C 67 -12.94 -68.62 -16.92
N GLY C 68 -13.76 -67.95 -16.11
CA GLY C 68 -13.89 -68.34 -14.72
C GLY C 68 -12.55 -68.23 -14.04
N ASN C 69 -12.12 -69.34 -13.44
CA ASN C 69 -10.86 -69.42 -12.71
C ASN C 69 -9.84 -70.26 -13.48
N THR C 70 -10.03 -70.44 -14.79
CA THR C 70 -9.11 -71.21 -15.62
C THR C 70 -8.74 -70.42 -16.87
N ALA C 71 -7.71 -70.91 -17.55
CA ALA C 71 -7.23 -70.32 -18.79
C ALA C 71 -6.62 -71.41 -19.64
N SER C 72 -6.49 -71.14 -20.93
CA SER C 72 -5.86 -72.12 -21.81
C SER C 72 -5.12 -71.45 -22.96
N LEU C 73 -4.14 -72.20 -23.46
CA LEU C 73 -3.33 -71.88 -24.63
C LEU C 73 -3.75 -72.83 -25.73
N THR C 74 -4.02 -72.29 -26.92
CA THR C 74 -4.40 -73.09 -28.07
C THR C 74 -3.30 -72.94 -29.12
N ILE C 75 -2.84 -74.08 -29.62
CA ILE C 75 -1.82 -74.14 -30.66
C ILE C 75 -2.49 -74.75 -31.89
N SER C 76 -2.75 -73.91 -32.89
CA SER C 76 -3.41 -74.35 -34.12
C SER C 76 -2.33 -74.72 -35.13
N GLY C 77 -2.63 -75.70 -35.98
CA GLY C 77 -1.66 -76.00 -37.01
C GLY C 77 -0.38 -76.59 -36.45
N LEU C 78 -0.50 -77.50 -35.48
CA LEU C 78 0.65 -78.08 -34.79
C LEU C 78 1.70 -78.60 -35.76
N GLN C 79 2.94 -78.22 -35.51
CA GLN C 79 4.09 -78.61 -36.33
C GLN C 79 4.96 -79.61 -35.58
N ALA C 80 5.74 -80.37 -36.36
CA ALA C 80 6.68 -81.34 -35.80
C ALA C 80 7.77 -80.68 -34.95
N ASP C 81 8.04 -79.40 -35.16
CA ASP C 81 9.12 -78.71 -34.45
C ASP C 81 8.70 -78.12 -33.11
N ASP C 82 7.43 -78.26 -32.71
CA ASP C 82 6.96 -77.68 -31.46
C ASP C 82 7.25 -78.65 -30.30
N GLU C 83 8.54 -78.87 -30.07
CA GLU C 83 9.02 -79.78 -29.02
C GLU C 83 9.48 -78.90 -27.86
N ALA C 84 8.63 -78.75 -26.85
CA ALA C 84 8.95 -77.86 -25.75
C ALA C 84 8.04 -78.14 -24.57
N ASP C 85 8.48 -77.69 -23.40
CA ASP C 85 7.66 -77.66 -22.20
C ASP C 85 6.99 -76.30 -22.08
N TYR C 86 5.67 -76.28 -22.08
CA TYR C 86 4.92 -75.03 -21.98
C TYR C 86 4.50 -74.77 -20.55
N TYR C 87 4.68 -73.54 -20.11
CA TYR C 87 4.33 -73.12 -18.76
C TYR C 87 3.36 -71.96 -18.79
N CYS C 88 2.44 -71.93 -17.83
CA CYS C 88 1.56 -70.80 -17.61
C CYS C 88 2.06 -70.07 -16.37
N SER C 89 1.80 -68.77 -16.32
CA SER C 89 2.08 -68.01 -15.11
C SER C 89 1.07 -66.90 -14.99
N ALA C 90 0.86 -66.45 -13.75
CA ALA C 90 -0.07 -65.35 -13.56
C ALA C 90 0.34 -64.48 -12.38
N TYR C 91 -0.04 -63.20 -12.48
CA TYR C 91 0.11 -62.24 -11.40
C TYR C 91 -0.88 -62.60 -10.30
N ALA C 92 -0.41 -62.63 -9.05
CA ALA C 92 -1.26 -62.98 -7.91
C ALA C 92 -1.62 -61.80 -7.02
N GLY C 93 -0.69 -60.90 -6.74
CA GLY C 93 -0.99 -59.79 -5.87
C GLY C 93 0.26 -58.99 -5.55
N ARG C 94 0.13 -58.11 -4.56
CA ARG C 94 1.23 -57.25 -4.15
C ARG C 94 2.10 -57.90 -3.09
N GLN C 95 1.69 -59.06 -2.57
CA GLN C 95 2.45 -59.82 -1.57
C GLN C 95 3.17 -60.97 -2.28
N THR C 96 2.42 -61.75 -3.04
CA THR C 96 2.94 -62.81 -3.89
C THR C 96 2.76 -62.26 -5.29
N PHE C 97 3.86 -62.09 -6.01
CA PHE C 97 3.76 -61.47 -7.33
C PHE C 97 3.41 -62.43 -8.45
N TYR C 98 4.17 -63.52 -8.64
CA TYR C 98 3.90 -64.42 -9.76
C TYR C 98 3.82 -65.85 -9.27
N ILE C 99 2.89 -66.59 -9.86
CA ILE C 99 2.72 -68.01 -9.60
C ILE C 99 2.85 -68.73 -10.93
N PHE C 100 3.70 -69.76 -10.97
CA PHE C 100 3.87 -70.61 -12.15
C PHE C 100 3.25 -71.97 -11.92
N GLY C 101 2.81 -72.59 -13.02
CA GLY C 101 2.36 -73.95 -13.00
C GLY C 101 3.48 -74.90 -13.38
N GLY C 102 3.14 -76.18 -13.47
CA GLY C 102 4.11 -77.17 -13.88
C GLY C 102 4.23 -77.16 -15.39
N GLY C 103 5.29 -77.73 -15.94
CA GLY C 103 5.40 -77.77 -17.39
C GLY C 103 4.55 -78.86 -18.00
N THR C 104 4.02 -78.57 -19.18
CA THR C 104 3.26 -79.52 -19.98
C THR C 104 4.14 -79.95 -21.15
N ARG C 105 4.41 -81.25 -21.25
CA ARG C 105 5.28 -81.75 -22.31
C ARG C 105 4.43 -81.94 -23.57
N LEU C 106 4.77 -81.25 -24.65
CA LEU C 106 4.04 -81.37 -25.91
C LEU C 106 4.74 -82.38 -26.81
N THR C 107 4.02 -83.46 -27.13
CA THR C 107 4.50 -84.54 -27.98
C THR C 107 3.77 -84.43 -29.30
N VAL C 108 4.50 -84.33 -30.41
CA VAL C 108 3.90 -84.21 -31.73
C VAL C 108 4.13 -85.53 -32.45
N LEU C 109 3.04 -86.15 -32.89
CA LEU C 109 3.08 -87.49 -33.46
C LEU C 109 3.53 -87.45 -34.90
N LEU D 9 18.59 -28.46 -14.59
CA LEU D 9 18.35 -27.62 -15.75
C LEU D 9 17.96 -26.19 -15.34
N GLY D 10 17.33 -26.07 -14.17
CA GLY D 10 16.89 -24.78 -13.67
C GLY D 10 15.42 -24.54 -13.96
N PHE D 11 14.97 -23.37 -13.50
CA PHE D 11 13.56 -22.98 -13.62
C PHE D 11 13.12 -23.00 -15.07
N LEU D 12 12.04 -23.75 -15.34
CA LEU D 12 11.47 -23.96 -16.67
C LEU D 12 12.42 -24.67 -17.63
N GLY D 13 13.54 -25.21 -17.14
CA GLY D 13 14.48 -25.88 -18.02
C GLY D 13 13.87 -27.09 -18.71
N ALA D 14 12.94 -27.76 -18.05
CA ALA D 14 12.28 -28.95 -18.56
C ALA D 14 11.05 -28.63 -19.41
N ALA D 15 10.77 -27.34 -19.66
CA ALA D 15 9.57 -26.96 -20.40
C ALA D 15 9.50 -27.61 -21.76
N GLY D 16 10.64 -27.83 -22.41
CA GLY D 16 10.65 -28.47 -23.71
C GLY D 16 10.81 -29.97 -23.66
N SER D 17 10.94 -30.55 -22.47
CA SER D 17 11.15 -31.98 -22.30
C SER D 17 9.80 -32.69 -22.25
N THR D 18 9.84 -34.01 -22.29
CA THR D 18 8.59 -34.75 -22.28
C THR D 18 7.97 -34.72 -20.88
N MET D 19 6.68 -35.06 -20.82
CA MET D 19 5.97 -35.03 -19.55
C MET D 19 6.63 -35.94 -18.52
N GLY D 20 7.14 -37.09 -18.96
CA GLY D 20 7.74 -38.02 -18.02
C GLY D 20 9.13 -37.65 -17.59
N ALA D 21 9.71 -36.62 -18.21
CA ALA D 21 11.01 -36.11 -17.86
C ALA D 21 10.84 -34.88 -16.99
N ALA D 22 9.88 -34.04 -17.38
CA ALA D 22 9.60 -32.80 -16.68
C ALA D 22 8.96 -33.06 -15.32
N SER D 23 8.38 -34.25 -15.12
CA SER D 23 7.74 -34.57 -13.85
C SER D 23 8.74 -34.73 -12.71
N MET D 24 10.04 -34.83 -13.00
CA MET D 24 11.08 -34.97 -12.00
C MET D 24 11.68 -33.63 -11.55
N THR D 25 11.18 -32.50 -12.05
CA THR D 25 11.70 -31.17 -11.72
C THR D 25 10.67 -30.30 -11.01
N LEU D 26 9.68 -30.92 -10.35
CA LEU D 26 8.60 -30.18 -9.74
C LEU D 26 9.07 -29.29 -8.60
N THR D 27 10.09 -29.69 -7.85
CA THR D 27 10.57 -28.86 -6.74
C THR D 27 11.29 -27.62 -7.23
N VAL D 28 11.94 -27.71 -8.40
CA VAL D 28 12.72 -26.59 -8.93
C VAL D 28 11.78 -25.42 -9.20
N GLN D 29 10.62 -25.70 -9.76
CA GLN D 29 9.67 -24.66 -10.10
C GLN D 29 8.78 -24.31 -8.92
N ALA D 30 8.48 -25.29 -8.06
CA ALA D 30 7.65 -24.98 -6.90
C ALA D 30 8.34 -23.95 -6.02
N ARG D 31 9.68 -24.05 -5.91
CA ARG D 31 10.42 -23.10 -5.09
C ARG D 31 10.49 -21.70 -5.69
N ASN D 32 10.13 -21.53 -6.95
CA ASN D 32 10.17 -20.24 -7.63
C ASN D 32 8.80 -19.57 -7.72
N LEU D 33 7.79 -20.08 -7.03
CA LEU D 33 6.48 -19.45 -7.03
C LEU D 33 6.38 -18.36 -5.98
N LEU D 34 7.18 -18.45 -4.92
CA LEU D 34 7.24 -17.45 -3.87
C LEU D 34 8.45 -16.53 -4.00
N SER D 35 9.54 -17.03 -4.58
CA SER D 35 10.78 -16.26 -4.70
C SER D 35 10.77 -15.47 -6.02
N GLY D 61 5.35 2.80 -4.50
CA GLY D 61 5.33 1.45 -5.05
C GLY D 61 4.10 0.68 -4.67
N ILE D 62 2.94 1.33 -4.76
CA ILE D 62 1.68 0.67 -4.42
C ILE D 62 1.36 -0.43 -5.42
N LYS D 63 1.71 -0.23 -6.70
CA LYS D 63 1.41 -1.25 -7.71
C LYS D 63 2.24 -2.50 -7.49
N GLN D 64 3.49 -2.35 -7.02
CA GLN D 64 4.31 -3.53 -6.81
C GLN D 64 3.85 -4.27 -5.57
N LEU D 65 3.38 -3.55 -4.56
CA LEU D 65 2.87 -4.20 -3.38
C LEU D 65 1.59 -4.96 -3.73
N GLN D 66 0.76 -4.36 -4.59
CA GLN D 66 -0.45 -5.06 -5.02
C GLN D 66 -0.09 -6.32 -5.79
N ALA D 67 0.96 -6.25 -6.62
CA ALA D 67 1.39 -7.42 -7.36
C ALA D 67 1.86 -8.51 -6.41
N ARG D 68 2.52 -8.14 -5.32
CA ARG D 68 3.00 -9.13 -4.36
C ARG D 68 1.83 -9.77 -3.62
N VAL D 69 0.84 -8.96 -3.27
CA VAL D 69 -0.33 -9.50 -2.57
C VAL D 69 -1.09 -10.43 -3.51
N LEU D 70 -1.22 -10.06 -4.78
CA LEU D 70 -1.92 -10.91 -5.73
C LEU D 70 -1.18 -12.23 -5.92
N ALA D 71 0.15 -12.18 -6.00
CA ALA D 71 0.92 -13.41 -6.14
C ALA D 71 0.69 -14.33 -4.96
N VAL D 72 0.61 -13.75 -3.75
CA VAL D 72 0.33 -14.55 -2.56
C VAL D 72 -1.06 -15.16 -2.65
N GLU D 73 -2.05 -14.36 -3.07
CA GLU D 73 -3.40 -14.87 -3.18
C GLU D 73 -3.49 -16.02 -4.19
N HIS D 74 -2.76 -15.92 -5.30
CA HIS D 74 -2.80 -16.99 -6.29
C HIS D 74 -2.16 -18.25 -5.71
N TYR D 75 -1.04 -18.09 -5.00
CA TYR D 75 -0.40 -19.24 -4.38
C TYR D 75 -1.35 -19.94 -3.42
N LEU D 76 -2.01 -19.15 -2.56
CA LEU D 76 -2.90 -19.73 -1.57
C LEU D 76 -4.12 -20.38 -2.24
N ARG D 77 -4.62 -19.81 -3.34
CA ARG D 77 -5.75 -20.44 -4.01
C ARG D 77 -5.36 -21.79 -4.60
N ASP D 78 -4.14 -21.91 -5.13
CA ASP D 78 -3.72 -23.20 -5.66
C ASP D 78 -3.50 -24.20 -4.52
N GLN D 79 -2.99 -23.72 -3.38
CA GLN D 79 -2.80 -24.62 -2.25
C GLN D 79 -4.14 -25.05 -1.69
N GLN D 80 -5.14 -24.16 -1.72
CA GLN D 80 -6.47 -24.52 -1.25
C GLN D 80 -7.07 -25.58 -2.15
N LEU D 81 -6.88 -25.45 -3.47
CA LEU D 81 -7.42 -26.48 -4.36
C LEU D 81 -6.75 -27.81 -4.09
N LEU D 82 -5.44 -27.80 -3.85
CA LEU D 82 -4.76 -29.06 -3.56
C LEU D 82 -5.28 -29.66 -2.25
N GLY D 83 -5.50 -28.82 -1.24
CA GLY D 83 -6.01 -29.31 0.03
C GLY D 83 -7.40 -29.91 -0.08
N ILE D 84 -8.28 -29.27 -0.85
CA ILE D 84 -9.65 -29.75 -1.02
C ILE D 84 -9.64 -31.14 -1.64
N TRP D 85 -8.75 -31.38 -2.59
CA TRP D 85 -8.65 -32.66 -3.28
C TRP D 85 -7.98 -33.73 -2.45
N GLY D 86 -7.53 -33.41 -1.23
CA GLY D 86 -6.86 -34.37 -0.38
C GLY D 86 -5.37 -34.47 -0.59
N CYS D 87 -4.75 -33.47 -1.21
CA CYS D 87 -3.32 -33.45 -1.52
C CYS D 87 -2.70 -32.29 -0.75
N SER D 88 -2.13 -32.56 0.43
CA SER D 88 -1.61 -31.47 1.23
C SER D 88 -0.12 -31.25 0.95
N GLY D 89 0.76 -31.91 1.70
CA GLY D 89 2.18 -31.75 1.47
C GLY D 89 2.68 -32.65 0.36
N LYS D 90 2.09 -32.55 -0.83
CA LYS D 90 2.44 -33.42 -1.94
C LYS D 90 2.58 -32.63 -3.24
N LEU D 91 3.54 -33.04 -4.06
CA LEU D 91 3.71 -32.52 -5.41
C LEU D 91 3.10 -33.46 -6.43
N ILE D 92 3.08 -34.76 -6.12
CA ILE D 92 2.46 -35.77 -6.95
C ILE D 92 1.50 -36.51 -6.03
N CYS D 93 0.21 -36.51 -6.37
CA CYS D 93 -0.77 -37.23 -5.57
C CYS D 93 -1.73 -37.95 -6.50
N CYS D 94 -2.11 -39.15 -6.11
CA CYS D 94 -2.98 -40.01 -6.90
C CYS D 94 -4.39 -39.89 -6.35
N THR D 95 -5.38 -40.05 -7.23
CA THR D 95 -6.78 -39.88 -6.87
C THR D 95 -7.59 -41.11 -7.26
N ASN D 96 -8.89 -41.05 -6.98
CA ASN D 96 -9.84 -42.12 -7.30
C ASN D 96 -10.79 -41.74 -8.42
N VAL D 97 -10.48 -40.73 -9.22
CA VAL D 97 -11.32 -40.34 -10.34
C VAL D 97 -10.79 -41.05 -11.59
N PRO D 98 -11.58 -41.90 -12.25
CA PRO D 98 -11.07 -42.58 -13.44
C PRO D 98 -10.98 -41.60 -14.61
N TRP D 99 -10.08 -41.90 -15.54
CA TRP D 99 -9.99 -41.08 -16.74
C TRP D 99 -11.16 -41.49 -17.64
N ASN D 100 -11.88 -40.52 -18.17
CA ASN D 100 -13.11 -40.78 -18.92
C ASN D 100 -12.88 -40.95 -20.42
N SER D 101 -11.63 -41.02 -20.88
CA SER D 101 -11.27 -41.24 -22.28
C SER D 101 -11.65 -40.07 -23.19
N SER D 102 -12.88 -39.55 -23.10
CA SER D 102 -13.26 -38.44 -23.96
C SER D 102 -12.37 -37.22 -23.71
N TRP D 103 -11.84 -37.10 -22.49
CA TRP D 103 -10.93 -36.01 -22.18
C TRP D 103 -9.68 -36.09 -23.04
N SER D 104 -9.18 -37.31 -23.24
CA SER D 104 -8.04 -37.62 -24.08
C SER D 104 -7.95 -39.13 -24.21
N ASN D 105 -7.99 -39.66 -25.43
CA ASN D 105 -8.01 -41.10 -25.66
C ASN D 105 -6.66 -41.62 -26.11
N ARG D 106 -5.59 -40.95 -25.72
CA ARG D 106 -4.23 -41.31 -26.07
C ARG D 106 -3.69 -42.41 -25.16
N ASN D 107 -2.69 -43.13 -25.68
CA ASN D 107 -1.96 -44.13 -24.90
C ASN D 107 -1.01 -43.44 -23.93
N LEU D 108 -0.67 -44.15 -22.85
CA LEU D 108 0.32 -43.60 -21.93
C LEU D 108 1.66 -43.42 -22.62
N SER D 109 1.98 -44.32 -23.56
CA SER D 109 3.25 -44.28 -24.29
C SER D 109 3.39 -43.07 -25.22
N GLU D 110 2.29 -42.35 -25.50
CA GLU D 110 2.34 -41.18 -26.36
C GLU D 110 2.05 -39.89 -25.60
N ILE D 111 1.87 -39.96 -24.27
CA ILE D 111 1.63 -38.80 -23.43
C ILE D 111 2.88 -38.50 -22.60
N TRP D 112 3.37 -39.50 -21.88
CA TRP D 112 4.50 -39.29 -20.99
C TRP D 112 5.83 -39.35 -21.73
N ASP D 113 5.89 -40.09 -22.83
CA ASP D 113 7.13 -40.24 -23.61
C ASP D 113 7.20 -39.36 -24.85
N ASN D 114 6.06 -38.95 -25.44
CA ASN D 114 6.08 -38.20 -26.70
C ASN D 114 5.28 -36.90 -26.64
N MET D 115 5.15 -36.28 -25.47
CA MET D 115 4.40 -35.03 -25.39
C MET D 115 4.99 -34.16 -24.27
N THR D 116 4.86 -32.85 -24.42
CA THR D 116 5.26 -31.90 -23.39
C THR D 116 4.06 -31.48 -22.56
N TRP D 117 4.32 -30.82 -21.43
CA TRP D 117 3.21 -30.36 -20.59
C TRP D 117 2.45 -29.21 -21.23
N LEU D 118 3.09 -28.39 -22.07
CA LEU D 118 2.37 -27.31 -22.72
C LEU D 118 1.36 -27.85 -23.72
N GLN D 119 1.75 -28.90 -24.46
CA GLN D 119 0.85 -29.50 -25.44
C GLN D 119 -0.29 -30.19 -24.72
N TRP D 120 0.00 -30.87 -23.62
CA TRP D 120 -1.05 -31.53 -22.86
C TRP D 120 -2.02 -30.50 -22.30
N ASP D 121 -1.49 -29.42 -21.72
CA ASP D 121 -2.35 -28.38 -21.16
C ASP D 121 -3.28 -27.82 -22.21
N LYS D 122 -2.78 -27.61 -23.42
CA LYS D 122 -3.65 -27.13 -24.49
C LYS D 122 -4.70 -28.17 -24.86
N GLU D 123 -4.28 -29.44 -24.96
CA GLU D 123 -5.17 -30.52 -25.38
C GLU D 123 -6.40 -30.68 -24.49
N ILE D 124 -6.25 -30.53 -23.17
CA ILE D 124 -7.37 -30.71 -22.24
C ILE D 124 -7.81 -29.41 -21.58
N SER D 125 -7.50 -28.26 -22.17
CA SER D 125 -7.88 -26.99 -21.55
C SER D 125 -9.39 -26.85 -21.40
N ASN D 126 -10.19 -27.55 -22.22
CA ASN D 126 -11.64 -27.48 -22.14
C ASN D 126 -12.24 -28.34 -21.04
N TYR D 127 -11.46 -29.20 -20.38
CA TYR D 127 -11.97 -30.15 -19.39
C TYR D 127 -11.47 -29.90 -17.98
N THR D 128 -10.64 -28.87 -17.76
CA THR D 128 -10.05 -28.71 -16.45
C THR D 128 -11.06 -28.33 -15.39
N GLN D 129 -12.19 -27.73 -15.77
CA GLN D 129 -13.20 -27.37 -14.79
C GLN D 129 -14.15 -28.53 -14.50
N ILE D 130 -14.06 -29.62 -15.24
CA ILE D 130 -14.88 -30.80 -14.99
C ILE D 130 -14.16 -31.76 -14.06
N ILE D 131 -12.88 -31.97 -14.37
CA ILE D 131 -12.04 -32.90 -13.61
C ILE D 131 -11.92 -32.41 -12.18
N TYR D 132 -11.69 -31.10 -12.02
CA TYR D 132 -11.53 -30.55 -10.67
C TYR D 132 -12.80 -30.76 -9.87
N GLY D 133 -13.96 -30.58 -10.51
CA GLY D 133 -15.20 -30.78 -9.78
C GLY D 133 -15.33 -32.21 -9.31
N LEU D 134 -14.96 -33.16 -10.17
CA LEU D 134 -15.04 -34.56 -9.79
C LEU D 134 -14.09 -34.84 -8.65
N LEU D 135 -12.92 -34.20 -8.67
CA LEU D 135 -11.95 -34.43 -7.62
C LEU D 135 -12.49 -33.95 -6.29
N GLU D 136 -13.19 -32.81 -6.29
CA GLU D 136 -13.70 -32.32 -5.02
C GLU D 136 -14.75 -33.26 -4.49
N GLU D 137 -15.59 -33.78 -5.39
CA GLU D 137 -16.65 -34.66 -4.93
C GLU D 137 -16.05 -35.95 -4.40
N SER D 138 -15.00 -36.45 -5.06
CA SER D 138 -14.41 -37.69 -4.61
C SER D 138 -13.85 -37.53 -3.20
N GLN D 139 -13.18 -36.42 -2.92
CA GLN D 139 -12.64 -36.26 -1.58
C GLN D 139 -13.76 -36.14 -0.57
N ASN D 140 -14.85 -35.47 -0.94
CA ASN D 140 -15.94 -35.30 0.01
C ASN D 140 -16.49 -36.66 0.40
N GLN D 141 -16.58 -37.59 -0.55
CA GLN D 141 -17.09 -38.89 -0.17
C GLN D 141 -16.08 -39.64 0.70
N GLN D 142 -14.80 -39.56 0.34
CA GLN D 142 -13.79 -40.30 1.10
C GLN D 142 -13.64 -39.77 2.50
N GLU D 143 -13.71 -38.46 2.65
CA GLU D 143 -13.55 -37.88 3.98
C GLU D 143 -14.67 -38.33 4.88
N LYS D 144 -15.90 -38.35 4.35
CA LYS D 144 -17.02 -38.81 5.18
C LYS D 144 -16.86 -40.28 5.49
N ASN D 145 -16.39 -41.06 4.52
CA ASN D 145 -16.21 -42.48 4.75
C ASN D 145 -15.18 -42.71 5.85
N GLU D 146 -14.14 -41.89 5.88
CA GLU D 146 -13.12 -42.05 6.91
C GLU D 146 -13.74 -41.81 8.28
N GLN D 147 -14.62 -40.81 8.39
CA GLN D 147 -15.25 -40.52 9.66
C GLN D 147 -16.05 -41.73 10.10
N ASP D 148 -16.79 -42.34 9.17
CA ASP D 148 -17.62 -43.47 9.55
C ASP D 148 -16.75 -44.65 9.96
N LEU D 149 -15.59 -44.83 9.33
CA LEU D 149 -14.75 -45.95 9.72
C LEU D 149 -14.13 -45.74 11.10
N LEU D 150 -14.11 -44.50 11.60
CA LEU D 150 -13.54 -44.20 12.90
C LEU D 150 -14.58 -44.22 14.01
N ALA D 151 -15.85 -44.48 13.67
CA ALA D 151 -16.94 -44.57 14.63
C ALA D 151 -17.33 -46.01 14.93
N LEU D 152 -16.58 -46.98 14.42
CA LEU D 152 -16.83 -48.39 14.71
C LEU D 152 -15.95 -48.80 15.88
N ASP D 153 -16.58 -49.19 16.97
CA ASP D 153 -15.87 -49.54 18.19
C ASP D 153 -15.01 -50.79 17.99
N GLN E 1 50.58 34.89 -53.71
CA GLN E 1 50.55 35.87 -54.83
C GLN E 1 49.72 35.34 -55.99
N VAL E 2 48.39 35.42 -55.83
CA VAL E 2 47.47 34.86 -56.81
C VAL E 2 47.49 35.74 -58.05
N GLN E 3 47.64 35.12 -59.21
CA GLN E 3 47.66 35.80 -60.51
C GLN E 3 46.58 35.18 -61.39
N LEU E 4 45.37 35.73 -61.34
CA LEU E 4 44.26 35.15 -62.07
C LEU E 4 44.30 35.58 -63.53
N GLN E 5 43.91 34.68 -64.43
CA GLN E 5 43.84 34.99 -65.85
C GLN E 5 42.66 34.26 -66.48
N GLU E 6 41.75 35.01 -67.09
CA GLU E 6 40.60 34.44 -67.79
C GLU E 6 40.97 34.08 -69.21
N SER E 7 40.27 33.07 -69.75
CA SER E 7 40.33 32.77 -71.18
C SER E 7 38.92 32.97 -71.73
N GLY E 8 38.19 31.90 -72.04
CA GLY E 8 36.81 32.04 -72.43
C GLY E 8 36.63 32.77 -73.76
N PRO E 9 36.95 32.10 -74.87
CA PRO E 9 36.82 32.75 -76.18
C PRO E 9 35.39 33.25 -76.41
N GLY E 10 35.28 34.39 -77.07
CA GLY E 10 34.01 35.02 -77.37
C GLY E 10 33.49 34.68 -78.75
N LEU E 11 32.66 35.58 -79.28
CA LEU E 11 31.98 35.41 -80.57
C LEU E 11 30.99 34.25 -80.51
N VAL E 12 30.31 34.12 -79.38
CA VAL E 12 29.31 33.08 -79.17
C VAL E 12 28.03 33.49 -79.88
N GLN E 13 27.38 32.54 -80.54
CA GLN E 13 26.18 32.87 -81.29
C GLN E 13 24.95 32.90 -80.37
N PRO E 14 23.92 33.69 -80.71
CA PRO E 14 22.69 33.70 -79.91
C PRO E 14 22.10 32.31 -79.73
N SER E 15 21.57 32.07 -78.52
CA SER E 15 21.00 30.81 -78.06
C SER E 15 22.06 29.77 -77.73
N GLY E 16 23.35 30.14 -77.75
CA GLY E 16 24.42 29.24 -77.38
C GLY E 16 24.71 29.33 -75.89
N THR E 17 25.86 28.75 -75.52
CA THR E 17 26.30 28.71 -74.13
C THR E 17 27.73 29.22 -74.02
N LEU E 18 27.99 30.04 -73.01
CA LEU E 18 29.33 30.53 -72.75
C LEU E 18 30.09 29.49 -71.94
N SER E 19 31.42 29.46 -72.12
CA SER E 19 32.28 28.67 -71.26
C SER E 19 33.50 29.52 -70.94
N LEU E 20 33.54 30.06 -69.71
CA LEU E 20 34.61 30.99 -69.32
C LEU E 20 35.36 30.36 -68.16
N THR E 21 36.66 30.13 -68.36
CA THR E 21 37.50 29.49 -67.35
C THR E 21 38.55 30.47 -66.83
N CYS E 22 38.65 30.55 -65.51
CA CYS E 22 39.63 31.37 -64.80
C CYS E 22 40.66 30.43 -64.22
N ALA E 23 41.93 30.68 -64.57
CA ALA E 23 43.05 29.93 -64.04
C ALA E 23 43.54 30.60 -62.77
N VAL E 24 43.99 29.79 -61.83
CA VAL E 24 44.57 30.27 -60.57
C VAL E 24 46.01 29.82 -60.52
N SER E 25 46.91 30.76 -60.23
CA SER E 25 48.33 30.45 -60.13
C SER E 25 48.94 31.33 -59.04
N GLY E 26 49.78 30.71 -58.23
CA GLY E 26 50.43 31.35 -57.10
C GLY E 26 49.84 30.90 -55.78
N ASP E 27 48.77 30.11 -55.82
CA ASP E 27 48.10 29.56 -54.65
C ASP E 27 47.26 28.40 -55.13
N SER E 28 46.60 27.72 -54.20
CA SER E 28 45.64 26.67 -54.50
C SER E 28 44.24 27.27 -54.43
N ILE E 29 43.23 26.46 -54.74
CA ILE E 29 41.84 26.88 -54.62
C ILE E 29 41.20 26.30 -53.37
N SER E 30 42.00 25.76 -52.45
CA SER E 30 41.52 25.19 -51.20
C SER E 30 41.70 26.16 -50.03
N SER E 31 42.10 27.40 -50.31
CA SER E 31 42.28 28.42 -49.30
C SER E 31 40.94 29.00 -48.89
N ASN E 32 40.97 29.83 -47.84
CA ASN E 32 39.75 30.39 -47.26
C ASN E 32 39.24 31.55 -48.11
N ASN E 33 38.79 31.21 -49.32
CA ASN E 33 38.34 32.21 -50.27
C ASN E 33 37.21 31.64 -51.11
N TRP E 34 36.31 32.51 -51.56
CA TRP E 34 35.31 32.16 -52.56
C TRP E 34 35.80 32.63 -53.92
N TRP E 35 35.63 31.80 -54.93
CA TRP E 35 36.04 32.18 -56.27
C TRP E 35 34.80 32.81 -56.91
N THR E 36 34.93 34.05 -57.39
CA THR E 36 33.77 34.81 -57.83
C THR E 36 33.92 35.30 -59.25
N TRP E 37 32.77 35.44 -59.92
CA TRP E 37 32.67 36.02 -61.24
C TRP E 37 31.73 37.23 -61.21
N VAL E 38 32.10 38.25 -61.98
CA VAL E 38 31.32 39.46 -62.18
C VAL E 38 31.26 39.78 -63.67
N ARG E 39 30.33 40.66 -64.03
CA ARG E 39 30.09 41.09 -65.41
C ARG E 39 30.00 42.62 -65.48
N GLN E 40 30.62 43.20 -66.51
CA GLN E 40 30.53 44.64 -66.76
C GLN E 40 30.19 44.94 -68.21
N PRO E 41 28.92 45.17 -68.55
CA PRO E 41 28.56 45.44 -69.96
C PRO E 41 29.30 46.65 -70.50
N PRO E 42 29.47 46.78 -71.83
CA PRO E 42 30.25 47.88 -72.38
C PRO E 42 29.58 49.24 -72.21
N GLY E 43 29.78 49.88 -71.06
CA GLY E 43 29.19 51.18 -70.74
C GLY E 43 28.15 51.19 -69.65
N LYS E 44 27.95 50.08 -68.96
CA LYS E 44 27.01 49.92 -67.86
C LYS E 44 27.79 49.71 -66.58
N GLY E 45 27.08 49.61 -65.46
CA GLY E 45 27.74 49.39 -64.19
C GLY E 45 28.17 47.95 -64.08
N LEU E 46 28.75 47.62 -62.92
CA LEU E 46 29.34 46.32 -62.68
C LEU E 46 28.35 45.40 -61.99
N GLU E 47 28.10 44.23 -62.61
CA GLU E 47 27.16 43.25 -62.10
C GLU E 47 27.90 42.07 -61.48
N TRP E 48 27.30 41.48 -60.45
CA TRP E 48 27.79 40.25 -59.84
C TRP E 48 27.17 39.04 -60.52
N ILE E 49 27.99 38.04 -60.82
CA ILE E 49 27.49 36.80 -61.46
C ILE E 49 27.31 35.70 -60.44
N GLY E 50 28.32 35.43 -59.62
CA GLY E 50 28.17 34.32 -58.70
C GLY E 50 29.48 33.94 -58.04
N GLU E 51 29.37 33.02 -57.08
CA GLU E 51 30.53 32.56 -56.32
C GLU E 51 30.45 31.05 -56.16
N ILE E 52 31.63 30.41 -56.12
CA ILE E 52 31.77 28.98 -55.81
C ILE E 52 32.88 28.81 -54.79
N TYR E 53 32.65 27.93 -53.80
CA TYR E 53 33.66 27.65 -52.79
C TYR E 53 34.45 26.41 -53.21
N GLN E 54 35.46 26.02 -52.42
CA GLN E 54 36.29 24.87 -52.78
C GLN E 54 35.54 23.55 -52.71
N SER E 55 34.43 23.50 -51.95
CA SER E 55 33.64 22.31 -51.75
C SER E 55 32.57 22.11 -52.81
N GLY E 56 32.39 23.06 -53.72
CA GLY E 56 31.36 23.03 -54.73
C GLY E 56 30.09 23.75 -54.34
N ILE E 57 30.08 24.42 -53.19
CA ILE E 57 28.92 25.21 -52.77
C ILE E 57 28.90 26.44 -53.66
N THR E 58 27.73 26.74 -54.24
CA THR E 58 27.60 27.90 -55.10
C THR E 58 26.49 28.85 -54.67
N LYS E 59 26.65 30.09 -55.13
CA LYS E 59 25.69 31.18 -55.00
C LYS E 59 25.58 31.84 -56.36
N TYR E 60 24.36 32.19 -56.78
CA TYR E 60 24.16 32.84 -58.07
C TYR E 60 23.25 34.05 -57.92
N ASN E 61 23.40 34.97 -58.86
CA ASN E 61 22.53 36.13 -58.96
C ASN E 61 21.17 35.67 -59.47
N PRO E 62 20.07 35.84 -58.71
CA PRO E 62 18.77 35.34 -59.19
C PRO E 62 18.33 35.83 -60.56
N SER E 63 18.90 36.93 -61.08
CA SER E 63 18.48 37.39 -62.40
C SER E 63 18.86 36.38 -63.49
N LEU E 64 19.91 35.59 -63.27
CA LEU E 64 20.32 34.57 -64.23
C LEU E 64 19.65 33.24 -63.86
N LYS E 65 18.31 33.26 -63.92
CA LYS E 65 17.52 32.13 -63.44
C LYS E 65 17.70 30.92 -64.35
N SER E 66 18.25 29.83 -63.78
CA SER E 66 18.51 28.59 -64.51
C SER E 66 19.35 28.79 -65.78
N ARG E 67 20.16 29.86 -65.82
CA ARG E 67 21.02 30.14 -66.96
C ARG E 67 22.49 29.94 -66.70
N VAL E 68 22.93 30.00 -65.44
CA VAL E 68 24.35 29.99 -65.09
C VAL E 68 24.64 28.85 -64.12
N SER E 69 25.81 28.24 -64.31
CA SER E 69 26.33 27.21 -63.42
C SER E 69 27.83 27.47 -63.29
N THR E 70 28.39 27.07 -62.14
CA THR E 70 29.81 27.26 -61.87
C THR E 70 30.40 25.94 -61.40
N SER E 71 31.68 25.73 -61.72
CA SER E 71 32.41 24.54 -61.28
C SER E 71 33.85 24.89 -60.95
N VAL E 72 34.49 24.00 -60.18
CA VAL E 72 35.91 24.10 -59.83
C VAL E 72 36.58 22.77 -60.18
N ASP E 73 37.90 22.83 -60.37
CA ASP E 73 38.71 21.64 -60.61
C ASP E 73 40.01 21.80 -59.83
N LYS E 74 40.09 21.07 -58.71
CA LYS E 74 41.21 21.13 -57.77
C LYS E 74 42.51 20.59 -58.37
N SER E 75 42.43 19.76 -59.41
CA SER E 75 43.63 19.18 -60.01
C SER E 75 44.29 20.13 -60.99
N LYS E 76 43.60 21.20 -61.36
CA LYS E 76 44.04 22.19 -62.31
C LYS E 76 44.17 23.56 -61.67
N ASN E 77 43.57 23.76 -60.49
CA ASN E 77 43.44 25.07 -59.86
C ASN E 77 42.70 25.99 -60.81
N GLN E 78 41.59 25.47 -61.36
CA GLN E 78 40.78 26.24 -62.30
C GLN E 78 39.33 26.24 -61.85
N PHE E 79 38.61 27.29 -62.26
CA PHE E 79 37.17 27.33 -62.04
C PHE E 79 36.53 27.98 -63.26
N SER E 80 35.25 27.69 -63.51
CA SER E 80 34.62 28.22 -64.71
C SER E 80 33.11 28.39 -64.58
N LEU E 81 32.59 29.25 -65.47
CA LEU E 81 31.17 29.51 -65.69
C LEU E 81 30.69 28.86 -66.97
N ARG E 82 29.43 28.39 -66.93
CA ARG E 82 28.73 27.87 -68.11
C ARG E 82 27.39 28.58 -68.22
N LEU E 83 27.35 29.74 -68.89
CA LEU E 83 26.15 30.56 -68.98
C LEU E 83 25.40 30.19 -70.26
N SER E 84 24.20 29.62 -70.10
CA SER E 84 23.40 29.14 -71.21
C SER E 84 22.46 30.22 -71.78
N SER E 85 21.92 29.90 -72.97
CA SER E 85 20.90 30.70 -73.65
C SER E 85 21.25 32.19 -73.81
N VAL E 86 22.45 32.47 -74.31
CA VAL E 86 22.82 33.87 -74.49
C VAL E 86 21.97 34.47 -75.61
N THR E 87 21.61 35.75 -75.45
CA THR E 87 20.81 36.46 -76.43
C THR E 87 21.66 37.58 -77.02
N ALA E 88 21.71 38.75 -76.41
CA ALA E 88 22.48 39.90 -76.89
C ALA E 88 22.89 40.83 -75.74
N ALA E 89 22.16 40.80 -74.63
CA ALA E 89 22.37 41.66 -73.48
C ALA E 89 23.55 41.20 -72.63
N ASP E 90 24.14 40.05 -72.96
CA ASP E 90 25.24 39.46 -72.21
C ASP E 90 26.61 39.90 -72.74
N THR E 91 26.67 40.77 -73.75
CA THR E 91 27.97 41.24 -74.20
C THR E 91 28.54 42.08 -73.07
N ALA E 92 29.74 41.72 -72.63
CA ALA E 92 30.32 42.39 -71.48
C ALA E 92 31.76 41.93 -71.31
N VAL E 93 32.51 42.65 -70.48
CA VAL E 93 33.78 42.14 -70.02
C VAL E 93 33.48 41.35 -68.75
N TYR E 94 33.92 40.10 -68.73
CA TYR E 94 33.74 39.19 -67.60
C TYR E 94 35.02 39.14 -66.79
N TYR E 95 34.89 39.15 -65.46
CA TYR E 95 36.07 39.11 -64.62
C TYR E 95 35.90 38.03 -63.56
N CYS E 96 37.02 37.40 -63.19
CA CYS E 96 37.10 36.51 -62.05
C CYS E 96 37.90 37.20 -60.95
N ALA E 97 37.60 36.85 -59.70
CA ALA E 97 38.30 37.43 -58.58
C ALA E 97 38.29 36.47 -57.40
N ARG E 98 39.21 36.72 -56.47
CA ARG E 98 39.33 35.94 -55.24
C ARG E 98 38.66 36.74 -54.12
N SER E 99 37.49 36.30 -53.69
CA SER E 99 36.73 37.01 -52.67
C SER E 99 37.17 36.45 -51.33
N ALA E 100 37.90 37.24 -50.56
CA ALA E 100 38.48 36.74 -49.34
C ALA E 100 37.44 36.74 -48.24
N ILE E 101 37.51 35.74 -47.37
CA ILE E 101 36.63 35.67 -46.21
C ILE E 101 37.44 35.38 -44.95
N SER E 102 36.84 35.76 -43.83
CA SER E 102 37.32 35.44 -42.50
C SER E 102 36.37 34.38 -41.97
N ILE E 103 36.91 33.22 -41.59
CA ILE E 103 36.12 32.09 -41.14
C ILE E 103 36.32 31.93 -39.64
N PHE E 104 35.21 31.90 -38.90
CA PHE E 104 35.22 31.72 -37.46
C PHE E 104 34.51 30.45 -37.02
N GLY E 105 33.67 29.85 -37.87
CA GLY E 105 32.96 28.64 -37.56
C GLY E 105 32.89 27.70 -38.74
N VAL E 106 31.74 27.06 -38.93
CA VAL E 106 31.54 26.09 -40.01
C VAL E 106 31.05 26.85 -41.25
N VAL E 107 31.74 26.63 -42.37
CA VAL E 107 31.42 27.32 -43.62
C VAL E 107 30.01 26.99 -44.12
N VAL E 108 29.58 25.72 -44.01
CA VAL E 108 28.25 25.39 -44.52
C VAL E 108 27.12 26.01 -43.71
N LEU E 109 27.42 26.56 -42.53
CA LEU E 109 26.42 27.21 -41.69
C LEU E 109 26.49 28.73 -41.84
N GLY E 110 27.32 29.23 -42.75
CA GLY E 110 27.45 30.66 -42.98
C GLY E 110 28.26 31.38 -41.94
N GLU E 111 29.13 30.68 -41.23
CA GLU E 111 29.90 31.26 -40.13
C GLU E 111 31.20 31.86 -40.68
N TYR E 112 31.03 32.90 -41.50
CA TYR E 112 32.15 33.60 -42.11
C TYR E 112 31.67 34.99 -42.52
N TYR E 113 32.61 35.88 -42.81
CA TYR E 113 32.27 37.20 -43.35
C TYR E 113 33.28 37.56 -44.43
N TYR E 114 32.86 38.46 -45.33
CA TYR E 114 33.67 38.83 -46.49
C TYR E 114 34.63 40.00 -46.22
N ASN E 115 35.83 39.89 -46.79
CA ASN E 115 36.86 40.93 -46.70
C ASN E 115 37.14 41.60 -48.05
N GLY E 116 36.22 41.52 -49.00
CA GLY E 116 36.37 42.18 -50.28
C GLY E 116 37.00 41.27 -51.34
N MET E 117 36.71 41.62 -52.61
CA MET E 117 37.21 40.88 -53.77
C MET E 117 38.63 41.28 -54.12
N ASP E 118 39.59 40.77 -53.36
CA ASP E 118 40.99 41.08 -53.64
C ASP E 118 41.48 40.33 -54.88
N VAL E 119 42.58 40.82 -55.46
CA VAL E 119 43.29 40.20 -56.58
C VAL E 119 42.42 39.93 -57.80
N TRP E 120 41.79 40.96 -58.36
CA TRP E 120 41.04 40.80 -59.59
C TRP E 120 41.95 40.37 -60.74
N GLY E 121 41.39 39.62 -61.68
CA GLY E 121 42.08 39.27 -62.90
C GLY E 121 41.99 40.42 -63.88
N GLN E 122 42.47 40.19 -65.11
CA GLN E 122 42.49 41.25 -66.10
C GLN E 122 41.19 41.37 -66.88
N GLY E 123 40.40 40.31 -66.97
CA GLY E 123 39.13 40.33 -67.65
C GLY E 123 39.19 39.78 -69.06
N THR E 124 38.08 39.19 -69.50
CA THR E 124 37.94 38.63 -70.84
C THR E 124 36.72 39.26 -71.49
N THR E 125 36.88 39.79 -72.70
CA THR E 125 35.76 40.43 -73.38
C THR E 125 34.96 39.36 -74.11
N VAL E 126 33.67 39.27 -73.82
CA VAL E 126 32.78 38.29 -74.43
C VAL E 126 31.68 39.03 -75.17
N THR E 127 31.56 38.76 -76.46
CA THR E 127 30.51 39.33 -77.30
C THR E 127 29.57 38.23 -77.76
N VAL E 128 28.36 38.63 -78.14
CA VAL E 128 27.34 37.70 -78.58
C VAL E 128 26.76 38.20 -79.91
N ASP F 1 15.30 42.20 -52.96
CA ASP F 1 16.76 42.48 -53.03
C ASP F 1 17.07 43.86 -52.48
N ILE F 2 18.29 44.03 -51.98
CA ILE F 2 18.73 45.31 -51.46
C ILE F 2 19.11 46.21 -52.63
N GLN F 3 18.77 47.49 -52.54
CA GLN F 3 19.10 48.48 -53.56
C GLN F 3 20.23 49.38 -53.05
N MET F 4 21.27 49.51 -53.87
CA MET F 4 22.43 50.34 -53.57
C MET F 4 22.43 51.56 -54.47
N THR F 5 22.51 52.75 -53.87
CA THR F 5 22.48 54.01 -54.61
C THR F 5 23.77 54.74 -54.30
N GLN F 6 24.46 55.23 -55.32
CA GLN F 6 25.69 55.98 -55.18
C GLN F 6 25.52 57.40 -55.71
N SER F 7 25.94 58.40 -54.93
CA SER F 7 25.73 59.77 -55.37
C SER F 7 26.66 60.75 -54.68
N PRO F 8 27.25 61.74 -55.40
CA PRO F 8 26.82 62.39 -56.66
C PRO F 8 27.04 61.51 -57.89
N ALA F 9 26.31 61.70 -59.00
CA ALA F 9 26.57 60.90 -60.18
C ALA F 9 27.97 61.11 -60.72
N SER F 10 28.49 62.33 -60.63
CA SER F 10 29.83 62.65 -61.10
C SER F 10 30.35 63.86 -60.35
N GLN F 11 31.68 64.04 -60.36
CA GLN F 11 32.33 65.19 -59.77
C GLN F 11 33.38 65.73 -60.74
N SER F 12 33.62 67.04 -60.66
CA SER F 12 34.67 67.72 -61.40
C SER F 12 35.46 68.54 -60.38
N VAL F 13 36.65 68.07 -60.03
CA VAL F 13 37.44 68.64 -58.94
C VAL F 13 38.89 68.82 -59.40
N SER F 14 39.62 69.61 -58.63
CA SER F 14 41.04 69.88 -58.85
C SER F 14 41.92 68.96 -58.01
N VAL F 15 43.19 68.90 -58.38
CA VAL F 15 44.18 68.14 -57.63
C VAL F 15 44.46 68.85 -56.31
N GLY F 16 44.44 68.09 -55.21
CA GLY F 16 44.67 68.59 -53.88
C GLY F 16 43.43 68.80 -53.05
N GLU F 17 42.24 68.74 -53.66
CA GLU F 17 40.99 68.90 -52.94
C GLU F 17 40.57 67.58 -52.31
N THR F 18 39.74 67.68 -51.27
CA THR F 18 39.18 66.52 -50.59
C THR F 18 37.77 66.29 -51.12
N VAL F 19 37.45 65.04 -51.47
CA VAL F 19 36.13 64.68 -51.98
C VAL F 19 35.54 63.56 -51.15
N THR F 20 34.20 63.47 -51.18
CA THR F 20 33.48 62.40 -50.51
C THR F 20 32.50 61.77 -51.49
N ILE F 21 32.46 60.44 -51.51
CA ILE F 21 31.54 59.65 -52.32
C ILE F 21 30.64 58.93 -51.33
N THR F 22 29.31 58.98 -51.53
CA THR F 22 28.38 58.41 -50.57
C THR F 22 27.47 57.35 -51.17
N CYS F 23 27.41 56.20 -50.48
CA CYS F 23 26.60 55.03 -50.82
C CYS F 23 25.46 54.90 -49.81
N ARG F 24 24.24 54.82 -50.32
CA ARG F 24 23.04 54.72 -49.50
C ARG F 24 22.39 53.39 -49.81
N VAL F 25 21.97 52.67 -48.76
CA VAL F 25 21.46 51.32 -48.87
C VAL F 25 20.06 51.28 -48.28
N SER F 26 19.16 50.52 -48.91
CA SER F 26 17.78 50.43 -48.43
C SER F 26 17.62 49.69 -47.11
N GLU F 27 18.64 48.94 -46.67
CA GLU F 27 18.58 48.19 -45.42
C GLU F 27 19.88 48.40 -44.66
N ASN F 28 19.80 48.27 -43.34
CA ASN F 28 21.00 48.37 -42.52
C ASN F 28 21.86 47.14 -42.76
N ILE F 29 23.08 47.34 -43.25
CA ILE F 29 23.98 46.25 -43.61
C ILE F 29 25.13 46.08 -42.63
N TYR F 30 25.10 46.79 -41.49
CA TYR F 30 26.06 46.63 -40.39
C TYR F 30 27.52 46.66 -40.85
N SER F 31 27.84 47.61 -41.72
CA SER F 31 29.19 47.83 -42.24
C SER F 31 29.74 46.67 -43.07
N HIS F 32 28.89 45.78 -43.58
CA HIS F 32 29.35 44.73 -44.50
C HIS F 32 29.38 45.29 -45.92
N LEU F 33 30.22 46.31 -46.13
CA LEU F 33 30.31 47.00 -47.40
C LEU F 33 31.78 47.17 -47.81
N ALA F 34 32.01 47.22 -49.13
CA ALA F 34 33.37 47.36 -49.66
C ALA F 34 33.41 48.38 -50.79
N TRP F 35 34.53 49.10 -50.87
CA TRP F 35 34.73 50.25 -51.77
C TRP F 35 35.86 49.93 -52.75
N TYR F 36 35.49 49.80 -54.03
CA TYR F 36 36.37 49.45 -55.14
C TYR F 36 36.69 50.67 -56.00
N GLN F 37 37.88 50.68 -56.59
CA GLN F 37 38.32 51.71 -57.54
C GLN F 37 38.64 51.09 -58.90
N GLN F 38 37.96 51.57 -59.95
CA GLN F 38 38.15 51.11 -61.32
C GLN F 38 38.87 52.22 -62.09
N LYS F 39 40.16 52.00 -62.38
CA LYS F 39 41.03 53.03 -62.95
C LYS F 39 40.91 53.13 -64.47
N GLN F 40 39.74 53.60 -64.93
CA GLN F 40 39.50 53.94 -66.33
C GLN F 40 39.84 52.81 -67.32
N GLY F 41 39.24 51.63 -67.12
CA GLY F 41 39.46 50.49 -67.99
C GLY F 41 40.23 49.33 -67.37
N LYS F 42 40.86 49.55 -66.21
CA LYS F 42 41.58 48.51 -65.50
C LYS F 42 40.59 47.77 -64.61
N SER F 43 40.98 46.57 -64.19
CA SER F 43 40.10 45.82 -63.30
C SER F 43 39.92 46.60 -61.99
N PRO F 44 38.72 46.59 -61.40
CA PRO F 44 38.54 47.25 -60.10
C PRO F 44 39.48 46.71 -59.04
N GLN F 45 39.98 47.63 -58.21
CA GLN F 45 40.85 47.30 -57.10
C GLN F 45 40.15 47.68 -55.81
N LEU F 46 40.47 46.95 -54.75
CA LEU F 46 39.77 47.06 -53.46
C LEU F 46 40.42 48.17 -52.64
N LEU F 47 39.65 49.20 -52.29
CA LEU F 47 40.20 50.23 -51.41
C LEU F 47 39.83 50.02 -49.96
N VAL F 48 38.55 49.78 -49.65
CA VAL F 48 38.12 49.62 -48.27
C VAL F 48 37.32 48.32 -48.14
N TYR F 49 37.68 47.49 -47.16
CA TYR F 49 36.94 46.28 -46.84
C TYR F 49 36.42 46.47 -45.42
N GLY F 50 35.15 46.17 -45.20
CA GLY F 50 34.59 46.31 -43.87
C GLY F 50 34.05 47.68 -43.55
N ALA F 51 33.94 48.55 -44.56
CA ALA F 51 33.47 49.94 -44.49
C ALA F 51 34.52 50.89 -43.91
N THR F 52 35.19 50.53 -42.80
CA THR F 52 36.11 51.44 -42.13
C THR F 52 37.52 50.88 -41.94
N ASN F 53 37.92 49.81 -42.64
CA ASN F 53 39.29 49.30 -42.58
C ASN F 53 40.02 49.49 -43.89
N LEU F 54 41.15 50.21 -43.84
CA LEU F 54 41.94 50.48 -45.04
C LEU F 54 42.47 49.16 -45.62
N ALA F 55 42.30 48.97 -46.92
CA ALA F 55 42.80 47.75 -47.54
C ALA F 55 44.33 47.78 -47.57
N ASP F 56 44.93 46.59 -47.46
CA ASP F 56 46.39 46.47 -47.47
C ASP F 56 46.97 46.94 -48.80
N GLY F 57 47.93 47.88 -48.71
CA GLY F 57 48.59 48.41 -49.88
C GLY F 57 47.99 49.67 -50.46
N VAL F 58 46.88 50.16 -49.92
CA VAL F 58 46.20 51.35 -50.42
C VAL F 58 46.73 52.58 -49.69
N PRO F 59 46.98 53.70 -50.37
CA PRO F 59 47.42 54.92 -49.67
C PRO F 59 46.45 55.35 -48.58
N SER F 60 47.02 55.88 -47.49
CA SER F 60 46.26 56.31 -46.32
C SER F 60 45.31 57.48 -46.60
N ARG F 61 45.45 58.16 -47.74
CA ARG F 61 44.53 59.26 -48.05
C ARG F 61 43.11 58.77 -48.32
N PHE F 62 42.91 57.48 -48.55
CA PHE F 62 41.58 56.91 -48.77
C PHE F 62 41.10 56.43 -47.40
N SER F 63 39.98 56.97 -46.92
CA SER F 63 39.47 56.60 -45.61
C SER F 63 37.96 56.45 -45.64
N GLY F 64 37.48 55.27 -45.25
CA GLY F 64 36.07 55.00 -45.23
C GLY F 64 35.44 55.38 -43.90
N SER F 65 34.15 55.68 -43.93
CA SER F 65 33.39 55.99 -42.73
C SER F 65 31.94 55.63 -43.02
N GLY F 66 31.14 55.54 -41.96
CA GLY F 66 29.72 55.30 -42.12
C GLY F 66 29.20 54.21 -41.21
N SER F 67 27.88 54.13 -41.16
CA SER F 67 27.19 53.16 -40.33
C SER F 67 25.75 53.07 -40.81
N GLY F 68 25.05 52.06 -40.31
CA GLY F 68 23.62 51.98 -40.56
C GLY F 68 23.34 51.82 -42.03
N THR F 69 22.62 52.79 -42.57
CA THR F 69 22.20 52.83 -43.96
C THR F 69 22.94 53.88 -44.78
N GLN F 70 23.98 54.51 -44.23
CA GLN F 70 24.74 55.54 -44.95
C GLN F 70 26.24 55.34 -44.76
N TYR F 71 26.95 55.16 -45.89
CA TYR F 71 28.38 54.91 -45.88
C TYR F 71 29.04 55.87 -46.87
N SER F 72 30.27 56.27 -46.58
CA SER F 72 30.98 57.16 -47.49
C SER F 72 32.47 56.87 -47.48
N LEU F 73 33.11 57.25 -48.58
CA LEU F 73 34.55 57.18 -48.79
C LEU F 73 35.06 58.61 -48.93
N LYS F 74 36.00 59.01 -48.08
CA LYS F 74 36.62 60.33 -48.14
C LYS F 74 38.02 60.17 -48.72
N ILE F 75 38.32 60.97 -49.74
CA ILE F 75 39.62 60.96 -50.39
C ILE F 75 40.25 62.33 -50.15
N ASN F 76 41.26 62.37 -49.29
CA ASN F 76 41.94 63.61 -48.93
C ASN F 76 43.05 63.83 -49.94
N ASN F 77 43.37 65.10 -50.20
CA ASN F 77 44.52 65.47 -51.06
C ASN F 77 44.48 64.70 -52.37
N LEU F 78 43.33 64.78 -53.06
CA LEU F 78 43.11 64.01 -54.27
C LEU F 78 44.20 64.29 -55.31
N GLN F 79 44.76 63.22 -55.87
CA GLN F 79 45.82 63.29 -56.87
C GLN F 79 45.30 62.91 -58.24
N SER F 80 46.17 63.08 -59.25
CA SER F 80 45.81 62.77 -60.63
C SER F 80 45.53 61.28 -60.82
N GLU F 81 46.26 60.43 -60.10
CA GLU F 81 46.11 58.97 -60.23
C GLU F 81 44.81 58.45 -59.65
N ASP F 82 44.06 59.25 -58.90
CA ASP F 82 42.84 58.80 -58.24
C ASP F 82 41.59 59.03 -59.06
N PHE F 83 41.69 59.63 -60.25
CA PHE F 83 40.50 59.87 -61.06
C PHE F 83 40.09 58.55 -61.72
N GLY F 84 38.78 58.31 -61.75
CA GLY F 84 38.26 57.06 -62.27
C GLY F 84 36.92 56.77 -61.64
N SER F 85 36.46 55.53 -61.79
CA SER F 85 35.14 55.17 -61.27
C SER F 85 35.29 54.52 -59.91
N TYR F 86 34.32 54.77 -59.03
CA TYR F 86 34.28 54.19 -57.69
C TYR F 86 32.97 53.45 -57.50
N TYR F 87 33.06 52.28 -56.84
CA TYR F 87 31.91 51.40 -56.66
C TYR F 87 31.82 50.89 -55.23
N CYS F 88 30.59 50.66 -54.77
CA CYS F 88 30.31 50.16 -53.42
C CYS F 88 29.51 48.87 -53.53
N GLN F 89 29.86 47.87 -52.71
CA GLN F 89 29.16 46.58 -52.74
C GLN F 89 28.76 46.11 -51.34
N HIS F 90 27.48 45.78 -51.17
CA HIS F 90 26.95 45.23 -49.92
C HIS F 90 27.20 43.72 -49.84
N PHE F 91 27.90 43.27 -48.80
CA PHE F 91 28.11 41.85 -48.55
C PHE F 91 27.07 41.25 -47.60
N TRP F 92 26.06 42.04 -47.20
CA TRP F 92 25.06 41.58 -46.23
C TRP F 92 24.24 40.40 -46.73
N ASP F 93 23.75 40.47 -47.96
CA ASP F 93 22.85 39.44 -48.49
C ASP F 93 23.10 39.26 -49.97
N ALA F 94 22.74 38.06 -50.46
CA ALA F 94 23.06 37.66 -51.82
C ALA F 94 21.84 37.89 -52.72
N PRO F 95 21.98 38.63 -53.83
CA PRO F 95 23.20 38.84 -54.61
C PRO F 95 23.96 40.06 -54.11
N TYR F 96 25.27 39.95 -53.99
CA TYR F 96 26.13 41.03 -53.51
C TYR F 96 26.16 42.13 -54.59
N THR F 97 25.06 42.88 -54.61
CA THR F 97 24.83 43.93 -55.61
C THR F 97 25.89 45.02 -55.50
N PHE F 98 26.25 45.57 -56.66
CA PHE F 98 27.27 46.61 -56.80
C PHE F 98 26.59 47.92 -57.11
N GLY F 99 26.96 48.97 -56.38
CA GLY F 99 26.33 50.26 -56.56
C GLY F 99 26.64 50.79 -57.95
N GLY F 100 25.66 51.48 -58.55
CA GLY F 100 25.75 52.00 -59.92
C GLY F 100 27.09 52.62 -60.31
N GLY F 101 27.77 53.21 -59.33
CA GLY F 101 29.10 53.76 -59.48
C GLY F 101 29.09 55.25 -59.70
N THR F 102 30.17 55.90 -59.29
CA THR F 102 30.34 57.33 -59.49
C THR F 102 31.63 57.55 -60.27
N LYS F 103 31.68 58.61 -61.07
CA LYS F 103 32.86 58.95 -61.87
C LYS F 103 33.51 60.19 -61.29
N LEU F 104 34.76 60.07 -60.86
CA LEU F 104 35.51 61.18 -60.29
C LEU F 104 36.51 61.67 -61.35
N GLU F 105 36.32 62.92 -61.79
CA GLU F 105 37.16 63.55 -62.80
C GLU F 105 37.67 64.90 -62.32
N ASN G 3 -17.98 -41.08 25.68
CA ASN G 3 -18.65 -41.60 24.49
C ASN G 3 -18.41 -40.71 23.28
N LEU G 4 -18.45 -39.39 23.49
CA LEU G 4 -18.32 -38.42 22.42
C LEU G 4 -16.94 -37.77 22.45
N TRP G 5 -16.45 -37.42 21.26
CA TRP G 5 -15.14 -36.83 21.04
C TRP G 5 -15.31 -35.54 20.26
N VAL G 6 -14.36 -34.62 20.45
CA VAL G 6 -14.37 -33.35 19.73
C VAL G 6 -13.94 -33.57 18.29
N THR G 7 -14.77 -33.13 17.34
CA THR G 7 -14.47 -33.16 15.91
C THR G 7 -14.44 -31.74 15.40
N VAL G 8 -13.40 -31.40 14.64
CA VAL G 8 -13.17 -30.06 14.14
C VAL G 8 -13.64 -29.98 12.69
N TYR G 9 -14.44 -28.96 12.38
CA TYR G 9 -14.98 -28.70 11.06
C TYR G 9 -14.50 -27.34 10.59
N TYR G 10 -14.11 -27.26 9.32
CA TYR G 10 -13.68 -26.01 8.70
C TYR G 10 -14.57 -25.82 7.48
N GLY G 11 -15.15 -24.62 7.38
CA GLY G 11 -16.10 -24.31 6.34
C GLY G 11 -17.51 -24.24 6.92
N VAL G 12 -17.62 -24.02 8.22
CA VAL G 12 -18.90 -23.96 8.96
C VAL G 12 -19.68 -22.71 8.56
N PRO G 13 -21.01 -22.83 8.22
CA PRO G 13 -21.81 -21.68 7.76
C PRO G 13 -22.25 -20.75 8.90
N VAL G 14 -21.29 -20.12 9.57
CA VAL G 14 -21.59 -19.17 10.63
C VAL G 14 -20.83 -17.87 10.37
N TRP G 15 -21.31 -16.82 11.02
CA TRP G 15 -20.70 -15.50 10.86
C TRP G 15 -20.94 -14.68 12.11
N LYS G 16 -20.17 -13.60 12.22
CA LYS G 16 -20.29 -12.64 13.31
C LYS G 16 -20.30 -11.22 12.75
N ASP G 17 -20.94 -10.31 13.48
CA ASP G 17 -20.97 -8.92 13.05
C ASP G 17 -19.55 -8.39 12.95
N ALA G 18 -19.27 -7.62 11.90
CA ALA G 18 -17.93 -7.09 11.72
C ALA G 18 -17.97 -5.81 10.90
N GLU G 19 -16.93 -4.99 11.09
CA GLU G 19 -16.71 -3.76 10.34
C GLU G 19 -15.43 -3.95 9.53
N THR G 20 -15.55 -3.84 8.21
CA THR G 20 -14.39 -3.97 7.32
C THR G 20 -14.47 -2.92 6.23
N THR G 21 -13.40 -2.84 5.45
CA THR G 21 -13.35 -1.93 4.31
C THR G 21 -13.99 -2.60 3.10
N LEU G 22 -14.94 -1.90 2.48
CA LEU G 22 -15.60 -2.36 1.28
C LEU G 22 -14.94 -1.69 0.08
N PHE G 23 -15.09 -2.31 -1.10
CA PHE G 23 -14.57 -1.72 -2.32
C PHE G 23 -15.75 -1.46 -3.24
N CYS G 24 -15.57 -0.55 -4.20
CA CYS G 24 -16.64 -0.23 -5.13
C CYS G 24 -16.45 -0.87 -6.49
N ALA G 25 -17.58 -1.11 -7.15
CA ALA G 25 -17.68 -1.54 -8.53
C ALA G 25 -18.63 -0.58 -9.22
N SER G 26 -18.38 -0.31 -10.50
CA SER G 26 -19.27 0.55 -11.25
C SER G 26 -19.09 0.29 -12.74
N ASP G 27 -20.04 0.80 -13.53
CA ASP G 27 -19.99 0.66 -14.98
C ASP G 27 -20.77 1.80 -15.63
N HIS G 36 -16.08 13.73 -18.73
CA HIS G 36 -15.84 13.07 -17.46
C HIS G 36 -17.00 13.32 -16.50
N ASN G 37 -16.88 12.74 -15.30
CA ASN G 37 -17.89 12.82 -14.25
C ASN G 37 -17.17 12.94 -12.91
N VAL G 38 -17.81 13.67 -11.98
CA VAL G 38 -17.21 13.90 -10.67
C VAL G 38 -17.04 12.58 -9.93
N TRP G 39 -17.91 11.61 -10.20
CA TRP G 39 -17.78 10.26 -9.69
C TRP G 39 -17.29 9.49 -10.92
N ALA G 40 -16.47 8.46 -10.72
CA ALA G 40 -15.90 7.81 -11.88
C ALA G 40 -15.65 6.33 -11.66
N THR G 41 -15.53 5.62 -12.80
CA THR G 41 -15.32 4.19 -12.82
C THR G 41 -13.85 3.80 -12.67
N HIS G 42 -12.91 4.72 -12.91
CA HIS G 42 -11.51 4.32 -12.77
C HIS G 42 -11.14 4.09 -11.31
N ALA G 43 -11.94 4.62 -10.38
CA ALA G 43 -11.69 4.43 -8.96
C ALA G 43 -12.26 3.11 -8.46
N CYS G 44 -13.02 2.39 -9.31
CA CYS G 44 -13.74 1.18 -8.93
C CYS G 44 -13.34 0.08 -9.90
N VAL G 45 -13.82 -1.13 -9.64
CA VAL G 45 -13.58 -2.28 -10.50
C VAL G 45 -14.80 -2.50 -11.40
N PRO G 46 -14.69 -3.31 -12.45
CA PRO G 46 -15.90 -3.63 -13.24
C PRO G 46 -16.90 -4.40 -12.39
N THR G 47 -18.18 -4.25 -12.75
CA THR G 47 -19.23 -4.96 -12.05
C THR G 47 -19.38 -6.37 -12.63
N ASP G 48 -20.08 -7.22 -11.88
CA ASP G 48 -20.39 -8.56 -12.34
C ASP G 48 -21.68 -8.49 -13.17
N PRO G 49 -21.66 -8.81 -14.47
CA PRO G 49 -22.90 -8.76 -15.25
C PRO G 49 -24.00 -9.69 -14.75
N ASN G 50 -23.67 -10.73 -13.99
CA ASN G 50 -24.66 -11.68 -13.48
C ASN G 50 -24.41 -11.98 -12.00
N PRO G 51 -24.67 -11.01 -11.12
CA PRO G 51 -24.39 -11.22 -9.70
C PRO G 51 -25.37 -12.23 -9.14
N GLN G 52 -24.96 -12.93 -8.08
CA GLN G 52 -25.82 -13.91 -7.45
C GLN G 52 -26.38 -13.40 -6.13
N GLU G 53 -27.51 -13.98 -5.76
CA GLU G 53 -28.17 -13.76 -4.49
C GLU G 53 -28.64 -15.14 -4.02
N ILE G 54 -28.27 -15.53 -2.81
CA ILE G 54 -28.62 -16.84 -2.27
C ILE G 54 -29.58 -16.66 -1.10
N HIS G 55 -30.81 -17.12 -1.26
CA HIS G 55 -31.81 -16.98 -0.21
C HIS G 55 -31.50 -17.95 0.93
N LEU G 56 -31.58 -17.47 2.17
CA LEU G 56 -31.35 -18.32 3.34
C LEU G 56 -32.72 -18.71 3.89
N GLU G 57 -33.13 -19.94 3.61
CA GLU G 57 -34.52 -20.34 3.85
C GLU G 57 -34.94 -20.24 5.31
N ASN G 58 -34.04 -20.57 6.25
CA ASN G 58 -34.37 -20.56 7.68
C ASN G 58 -33.44 -19.67 8.51
N VAL G 59 -32.97 -18.55 7.97
CA VAL G 59 -32.07 -17.65 8.69
C VAL G 59 -32.81 -16.35 8.97
N THR G 60 -32.87 -15.98 10.26
CA THR G 60 -33.45 -14.74 10.73
C THR G 60 -32.32 -13.96 11.40
N GLU G 61 -32.04 -12.75 10.91
CA GLU G 61 -30.94 -11.95 11.47
C GLU G 61 -31.45 -10.61 11.95
N GLU G 62 -30.77 -10.05 12.96
CA GLU G 62 -31.12 -8.73 13.48
C GLU G 62 -30.33 -7.66 12.76
N PHE G 63 -31.06 -6.67 12.23
CA PHE G 63 -30.53 -5.55 11.49
C PHE G 63 -30.75 -4.26 12.29
N ASN G 64 -29.86 -3.30 12.09
CA ASN G 64 -30.01 -1.99 12.71
C ASN G 64 -29.40 -0.95 11.76
N MET G 65 -30.25 -0.25 11.00
CA MET G 65 -29.75 0.69 10.00
C MET G 65 -29.05 1.89 10.62
N TRP G 66 -29.26 2.14 11.91
CA TRP G 66 -28.71 3.31 12.58
C TRP G 66 -27.30 3.07 13.10
N LYS G 67 -26.82 1.82 13.06
CA LYS G 67 -25.51 1.42 13.54
C LYS G 67 -24.74 0.73 12.42
N ASN G 68 -25.16 0.95 11.18
CA ASN G 68 -24.63 0.30 9.99
C ASN G 68 -23.42 1.09 9.52
N ASN G 69 -22.24 0.49 9.62
CA ASN G 69 -20.99 1.18 9.31
C ASN G 69 -20.77 1.36 7.82
N MET G 70 -21.66 0.83 6.97
CA MET G 70 -21.53 1.02 5.53
C MET G 70 -21.82 2.47 5.16
N VAL G 71 -22.61 3.17 6.00
CA VAL G 71 -22.98 4.54 5.72
C VAL G 71 -21.78 5.46 5.93
N GLU G 72 -21.02 5.20 7.00
CA GLU G 72 -19.85 6.03 7.28
C GLU G 72 -18.80 5.87 6.18
N GLN G 73 -18.64 4.65 5.66
CA GLN G 73 -17.69 4.45 4.58
C GLN G 73 -18.20 5.09 3.31
N MET G 74 -19.50 4.99 3.02
CA MET G 74 -20.02 5.61 1.81
C MET G 74 -19.82 7.12 1.87
N HIS G 75 -20.04 7.70 3.05
CA HIS G 75 -19.87 9.14 3.24
C HIS G 75 -18.42 9.55 3.00
N GLU G 76 -17.49 8.82 3.61
CA GLU G 76 -16.07 9.15 3.44
C GLU G 76 -15.64 8.99 1.98
N ASP G 77 -16.12 7.92 1.32
CA ASP G 77 -15.71 7.69 -0.06
C ASP G 77 -16.26 8.75 -0.99
N ILE G 78 -17.50 9.19 -0.76
CA ILE G 78 -18.09 10.22 -1.61
C ILE G 78 -17.35 11.54 -1.42
N ILE G 79 -17.04 11.91 -0.18
CA ILE G 79 -16.31 13.16 0.04
C ILE G 79 -14.93 13.07 -0.61
N SER G 80 -14.25 11.94 -0.45
CA SER G 80 -12.92 11.80 -1.04
C SER G 80 -12.98 11.90 -2.56
N LEU G 81 -13.99 11.29 -3.19
CA LEU G 81 -14.09 11.40 -4.64
C LEU G 81 -14.37 12.84 -5.04
N TRP G 82 -15.24 13.52 -4.29
CA TRP G 82 -15.56 14.91 -4.58
C TRP G 82 -14.30 15.78 -4.55
N ASP G 83 -13.51 15.63 -3.49
CA ASP G 83 -12.31 16.45 -3.36
C ASP G 83 -11.28 16.09 -4.41
N GLN G 84 -11.13 14.80 -4.73
CA GLN G 84 -10.16 14.41 -5.74
C GLN G 84 -10.52 15.00 -7.09
N SER G 85 -11.82 15.06 -7.40
CA SER G 85 -12.27 15.59 -8.69
C SER G 85 -12.04 17.10 -8.82
N LEU G 86 -11.75 17.82 -7.72
CA LEU G 86 -11.48 19.25 -7.78
C LEU G 86 -9.99 19.57 -7.69
N LYS G 87 -9.11 18.57 -7.66
CA LYS G 87 -7.68 18.88 -7.56
C LYS G 87 -7.13 19.42 -8.88
N PRO G 88 -7.32 18.77 -10.04
CA PRO G 88 -6.76 19.31 -11.29
C PRO G 88 -7.65 20.39 -11.93
N CYS G 89 -7.92 21.46 -11.18
CA CYS G 89 -8.86 22.49 -11.60
C CYS G 89 -8.29 23.84 -11.21
N VAL G 90 -9.01 24.91 -11.53
CA VAL G 90 -8.49 26.28 -11.40
C VAL G 90 -8.85 26.87 -10.04
N LYS G 91 -7.83 27.39 -9.36
CA LYS G 91 -7.98 28.05 -8.06
C LYS G 91 -8.30 29.52 -8.31
N LEU G 92 -9.47 29.98 -7.86
CA LEU G 92 -9.89 31.35 -8.15
C LEU G 92 -9.47 32.36 -7.07
N THR G 93 -8.17 32.39 -6.76
CA THR G 93 -7.67 33.37 -5.80
C THR G 93 -7.65 34.78 -6.41
N PRO G 94 -7.44 34.97 -7.72
CA PRO G 94 -7.55 36.33 -8.28
C PRO G 94 -8.92 36.98 -8.17
N LEU G 95 -9.97 36.24 -7.82
CA LEU G 95 -11.32 36.81 -7.72
C LEU G 95 -11.69 37.39 -6.37
N CYS G 96 -10.84 37.30 -5.35
CA CYS G 96 -11.17 37.90 -4.07
C CYS G 96 -10.71 39.35 -4.14
N VAL G 97 -11.48 40.14 -4.89
CA VAL G 97 -11.21 41.53 -5.20
C VAL G 97 -12.46 42.34 -4.89
N THR G 98 -12.31 43.66 -4.87
CA THR G 98 -13.46 44.53 -4.68
C THR G 98 -14.24 44.57 -6.00
N LEU G 99 -15.54 44.37 -5.92
CA LEU G 99 -16.44 44.40 -7.06
C LEU G 99 -17.24 45.67 -7.00
N GLN G 100 -17.52 46.27 -8.15
CA GLN G 100 -18.39 47.46 -8.26
C GLN G 100 -19.64 47.05 -8.99
N CYS G 101 -20.74 46.88 -8.25
CA CYS G 101 -21.95 46.26 -8.76
C CYS G 101 -23.09 47.26 -8.86
N THR G 102 -23.97 46.99 -9.83
CA THR G 102 -25.26 47.65 -10.01
C THR G 102 -26.32 46.57 -10.27
N ASN G 103 -27.58 46.97 -10.30
CA ASN G 103 -28.66 46.02 -10.56
C ASN G 103 -28.76 45.75 -12.06
N TYR G 104 -28.76 44.47 -12.44
CA TYR G 104 -28.79 44.10 -13.85
C TYR G 104 -30.06 44.56 -14.56
N THR G 105 -31.23 44.27 -13.99
CA THR G 105 -32.52 44.68 -14.55
C THR G 105 -33.37 45.33 -13.46
N PRO G 106 -33.09 46.59 -13.11
CA PRO G 106 -33.73 47.19 -11.94
C PRO G 106 -35.23 47.41 -12.09
N ASN G 107 -35.77 47.32 -13.31
CA ASN G 107 -37.18 47.59 -13.57
C ASN G 107 -38.08 46.36 -13.53
N LEU G 108 -37.60 45.23 -13.02
CA LEU G 108 -38.44 44.06 -12.90
C LEU G 108 -39.37 44.23 -11.71
N THR G 109 -40.56 43.64 -11.83
CA THR G 109 -41.52 43.57 -10.72
C THR G 109 -41.74 42.13 -10.25
N SER G 110 -40.97 41.19 -10.78
CA SER G 110 -41.08 39.79 -10.43
C SER G 110 -40.26 39.51 -9.17
N MET G 111 -40.31 38.26 -8.70
CA MET G 111 -39.57 37.86 -7.51
C MET G 111 -38.06 37.93 -7.67
N MET G 112 -37.53 38.22 -8.86
CA MET G 112 -36.10 38.40 -9.05
C MET G 112 -35.64 39.85 -8.94
N ARG G 113 -36.51 40.78 -8.53
CA ARG G 113 -36.01 42.14 -8.35
C ARG G 113 -34.97 42.10 -7.22
N GLY G 114 -33.81 42.67 -7.49
CA GLY G 114 -32.72 42.71 -6.55
C GLY G 114 -31.74 41.58 -6.71
N GLU G 115 -32.09 40.57 -7.51
CA GLU G 115 -31.26 39.40 -7.80
C GLU G 115 -30.68 39.55 -9.19
N LEU G 116 -29.41 39.13 -9.34
CA LEU G 116 -28.60 39.26 -10.55
C LEU G 116 -28.05 40.67 -10.62
N LYS G 117 -26.81 40.84 -10.16
CA LYS G 117 -26.12 42.12 -10.16
C LYS G 117 -25.05 42.09 -11.23
N ASN G 118 -24.87 43.23 -11.88
CA ASN G 118 -23.89 43.47 -12.93
C ASN G 118 -22.66 44.08 -12.26
N CYS G 119 -21.66 43.25 -12.02
CA CYS G 119 -20.48 43.59 -11.23
C CYS G 119 -19.26 43.70 -12.13
N SER G 120 -18.50 44.77 -11.93
CA SER G 120 -17.25 44.99 -12.65
C SER G 120 -16.08 44.80 -11.69
N PHE G 121 -14.96 44.34 -12.24
CA PHE G 121 -13.75 44.17 -11.43
C PHE G 121 -12.50 44.14 -12.31
N ASN G 122 -11.36 44.37 -11.68
CA ASN G 122 -10.05 44.31 -12.33
C ASN G 122 -9.46 42.92 -12.11
N MET G 123 -9.53 42.08 -13.13
CA MET G 123 -9.08 40.70 -13.08
C MET G 123 -7.66 40.58 -13.63
N THR G 124 -6.95 39.55 -13.17
CA THR G 124 -5.61 39.29 -13.66
C THR G 124 -5.70 38.66 -15.04
N THR G 125 -4.56 38.59 -15.73
CA THR G 125 -4.52 37.98 -17.05
C THR G 125 -3.25 37.15 -17.17
N GLU G 126 -2.95 36.75 -18.40
CA GLU G 126 -1.82 35.84 -18.64
C GLU G 126 -0.51 36.46 -18.18
N LEU G 127 -0.32 37.75 -18.43
CA LEU G 127 0.91 38.44 -18.03
C LEU G 127 0.71 39.15 -16.71
N ARG G 128 1.73 39.11 -15.86
CA ARG G 128 1.65 39.72 -14.53
C ARG G 128 1.65 41.24 -14.56
N ASP G 129 1.98 41.86 -15.69
CA ASP G 129 2.04 43.32 -15.78
C ASP G 129 0.70 43.95 -16.12
N LYS G 130 -0.22 43.19 -16.70
CA LYS G 130 -1.46 43.72 -17.26
C LYS G 130 -2.66 43.34 -16.40
N LYS G 131 -3.72 44.14 -16.52
CA LYS G 131 -5.00 43.88 -15.88
C LYS G 131 -6.10 43.96 -16.94
N GLN G 132 -7.18 43.21 -16.71
CA GLN G 132 -8.31 43.13 -17.60
C GLN G 132 -9.57 43.57 -16.87
N LYS G 133 -10.31 44.52 -17.43
CA LYS G 133 -11.57 44.91 -16.80
C LYS G 133 -12.62 43.91 -17.25
N VAL G 134 -13.31 43.33 -16.28
CA VAL G 134 -14.28 42.28 -16.53
C VAL G 134 -15.62 42.69 -15.95
N TYR G 135 -16.69 42.46 -16.73
CA TYR G 135 -18.06 42.65 -16.26
C TYR G 135 -18.71 41.27 -16.28
N SER G 136 -19.43 40.95 -15.20
CA SER G 136 -20.11 39.66 -15.12
C SER G 136 -21.34 39.80 -14.26
N LEU G 137 -22.23 38.82 -14.37
CA LEU G 137 -23.44 38.79 -13.55
C LEU G 137 -23.25 37.80 -12.41
N PHE G 138 -23.63 38.22 -11.20
CA PHE G 138 -23.57 37.36 -10.03
C PHE G 138 -24.93 37.34 -9.35
N TYR G 139 -25.25 36.23 -8.71
CA TYR G 139 -26.48 36.16 -7.95
C TYR G 139 -26.31 36.93 -6.64
N ARG G 140 -27.42 37.46 -6.12
CA ARG G 140 -27.35 38.23 -4.89
C ARG G 140 -26.78 37.39 -3.75
N LEU G 141 -27.12 36.10 -3.71
CA LEU G 141 -26.70 35.25 -2.59
C LEU G 141 -25.20 34.99 -2.58
N ASP G 142 -24.49 35.25 -3.67
CA ASP G 142 -23.07 35.01 -3.77
C ASP G 142 -22.23 36.25 -3.50
N VAL G 143 -22.84 37.42 -3.35
CA VAL G 143 -22.14 38.69 -3.26
C VAL G 143 -22.56 39.38 -1.95
N VAL G 144 -21.56 39.77 -1.15
CA VAL G 144 -21.76 40.42 0.16
C VAL G 144 -21.36 41.89 0.05
N GLN G 145 -22.21 42.78 0.52
CA GLN G 145 -21.92 44.21 0.50
C GLN G 145 -20.92 44.56 1.60
N ILE G 146 -19.88 45.31 1.24
CA ILE G 146 -18.86 45.73 2.19
C ILE G 146 -18.88 47.23 2.49
N ASN G 147 -19.24 48.07 1.52
CA ASN G 147 -19.24 49.53 1.68
C ASN G 147 -17.81 50.03 1.86
N ASN G 158 -22.37 52.88 -8.53
CA ASN G 158 -22.09 51.48 -8.21
C ASN G 158 -21.72 51.36 -6.74
N LYS G 159 -21.98 50.20 -6.13
CA LYS G 159 -21.61 49.95 -4.74
C LYS G 159 -20.53 48.87 -4.68
N GLU G 160 -19.71 48.94 -3.61
CA GLU G 160 -18.63 47.98 -3.42
C GLU G 160 -19.09 46.71 -2.71
N TYR G 161 -18.79 45.57 -3.31
CA TYR G 161 -19.13 44.24 -2.84
C TYR G 161 -17.90 43.33 -2.88
N ARG G 162 -17.98 42.21 -2.16
CA ARG G 162 -16.96 41.17 -2.19
C ARG G 162 -17.66 39.84 -2.39
N LEU G 163 -16.92 38.83 -2.84
CA LEU G 163 -17.51 37.50 -2.91
C LEU G 163 -17.68 36.96 -1.49
N ILE G 164 -18.76 36.21 -1.30
CA ILE G 164 -19.11 35.69 0.03
C ILE G 164 -18.00 34.82 0.63
N ASN G 165 -17.17 34.18 -0.20
CA ASN G 165 -16.12 33.32 0.36
C ASN G 165 -14.94 34.07 0.94
N CYS G 166 -14.75 35.35 0.63
CA CYS G 166 -13.54 36.04 1.08
C CYS G 166 -13.46 36.11 2.59
N ASN G 167 -14.61 36.03 3.25
CA ASN G 167 -14.70 36.09 4.70
C ASN G 167 -14.18 34.83 5.38
N THR G 168 -14.33 33.66 4.75
CA THR G 168 -13.95 32.38 5.38
C THR G 168 -13.13 31.41 4.56
N SER G 169 -13.16 31.44 3.22
CA SER G 169 -12.53 30.35 2.49
C SER G 169 -12.11 30.74 1.08
N ALA G 170 -11.23 29.91 0.52
CA ALA G 170 -10.82 30.00 -0.87
C ALA G 170 -11.78 29.20 -1.74
N ILE G 171 -11.88 29.60 -3.01
CA ILE G 171 -12.70 28.96 -4.02
C ILE G 171 -11.86 28.25 -5.06
N THR G 172 -12.26 27.02 -5.38
CA THR G 172 -11.71 26.25 -6.48
C THR G 172 -12.81 26.22 -7.54
N GLN G 173 -12.46 26.55 -8.79
CA GLN G 173 -13.45 26.49 -9.87
C GLN G 173 -13.56 25.06 -10.37
N ALA G 174 -14.76 24.49 -10.30
CA ALA G 174 -14.93 23.11 -10.72
C ALA G 174 -14.61 23.02 -12.21
N CYS G 175 -14.01 21.93 -12.62
CA CYS G 175 -13.67 21.75 -14.03
C CYS G 175 -14.95 21.65 -14.87
N PRO G 176 -15.11 22.46 -15.93
CA PRO G 176 -16.37 22.47 -16.69
C PRO G 176 -16.64 21.19 -17.45
N LYS G 177 -15.66 20.32 -17.62
CA LYS G 177 -15.78 19.07 -18.36
C LYS G 177 -16.07 17.88 -17.48
N VAL G 178 -16.27 18.07 -16.18
CA VAL G 178 -16.52 17.00 -15.24
C VAL G 178 -17.99 17.10 -14.83
N SER G 179 -18.76 16.07 -15.20
CA SER G 179 -20.18 16.00 -14.92
C SER G 179 -20.47 15.76 -13.45
N PHE G 180 -21.61 16.30 -13.00
CA PHE G 180 -22.10 16.10 -11.63
C PHE G 180 -23.28 15.13 -11.59
N GLU G 181 -23.51 14.35 -12.66
CA GLU G 181 -24.63 13.42 -12.69
C GLU G 181 -24.31 12.17 -11.86
N PRO G 182 -25.13 11.81 -10.87
CA PRO G 182 -24.85 10.59 -10.09
C PRO G 182 -24.72 9.33 -10.93
N ILE G 183 -23.70 8.55 -10.64
CA ILE G 183 -23.44 7.26 -11.29
C ILE G 183 -23.64 6.18 -10.23
N PRO G 184 -24.48 5.16 -10.47
CA PRO G 184 -24.68 4.11 -9.45
C PRO G 184 -23.37 3.45 -9.05
N ILE G 185 -23.17 3.33 -7.73
CA ILE G 185 -21.98 2.71 -7.15
C ILE G 185 -22.44 1.44 -6.43
N HIS G 186 -21.77 0.33 -6.73
CA HIS G 186 -22.07 -0.96 -6.11
C HIS G 186 -21.00 -1.22 -5.06
N TYR G 187 -21.39 -1.42 -3.80
CA TYR G 187 -20.42 -1.73 -2.75
C TYR G 187 -20.30 -3.24 -2.57
N CYS G 188 -19.06 -3.73 -2.63
CA CYS G 188 -18.73 -5.14 -2.60
C CYS G 188 -17.85 -5.43 -1.40
N ALA G 189 -18.11 -6.58 -0.76
CA ALA G 189 -17.34 -7.03 0.39
C ALA G 189 -16.03 -7.71 -0.03
N PRO G 190 -14.97 -7.59 0.76
CA PRO G 190 -13.76 -8.36 0.49
C PRO G 190 -13.96 -9.83 0.81
N ALA G 191 -13.09 -10.67 0.25
CA ALA G 191 -13.16 -12.11 0.52
C ALA G 191 -13.07 -12.36 2.02
N GLY G 192 -13.89 -13.29 2.48
CA GLY G 192 -13.98 -13.64 3.89
C GLY G 192 -15.17 -12.99 4.58
N PHE G 193 -15.83 -12.04 3.91
CA PHE G 193 -16.98 -11.30 4.39
C PHE G 193 -18.12 -11.50 3.39
N ALA G 194 -19.34 -11.25 3.86
CA ALA G 194 -20.52 -11.36 3.02
C ALA G 194 -21.50 -10.26 3.40
N ILE G 195 -22.38 -9.89 2.46
CA ILE G 195 -23.38 -8.87 2.72
C ILE G 195 -24.74 -9.58 2.78
N LEU G 196 -25.47 -9.36 3.86
CA LEU G 196 -26.78 -9.96 4.05
C LEU G 196 -27.83 -8.92 3.70
N LYS G 197 -28.86 -9.33 2.95
CA LYS G 197 -29.96 -8.46 2.54
C LYS G 197 -31.24 -8.91 3.24
N CYS G 198 -31.94 -7.95 3.84
CA CYS G 198 -33.16 -8.23 4.60
C CYS G 198 -34.24 -8.89 3.75
N LYS G 199 -34.56 -8.31 2.59
CA LYS G 199 -35.60 -8.74 1.65
C LYS G 199 -37.01 -8.71 2.24
N ASP G 200 -37.22 -8.13 3.41
CA ASP G 200 -38.56 -8.01 3.93
C ASP G 200 -39.21 -6.78 3.28
N LYS G 201 -40.54 -6.74 3.29
CA LYS G 201 -41.29 -5.65 2.69
C LYS G 201 -41.79 -4.61 3.69
N LYS G 202 -41.89 -4.97 4.97
CA LYS G 202 -42.37 -4.06 6.02
C LYS G 202 -41.26 -3.73 7.03
N PHE G 203 -40.01 -3.97 6.68
CA PHE G 203 -38.91 -3.73 7.60
C PHE G 203 -38.71 -2.25 7.84
N ASN G 204 -38.67 -1.86 9.12
CA ASN G 204 -38.60 -0.47 9.54
C ASN G 204 -37.19 0.02 9.81
N GLY G 205 -36.17 -0.76 9.45
CA GLY G 205 -34.79 -0.40 9.65
C GLY G 205 -34.12 -1.02 10.85
N THR G 206 -34.88 -1.56 11.80
CA THR G 206 -34.34 -2.20 12.98
C THR G 206 -35.05 -3.52 13.21
N GLY G 207 -34.47 -4.35 14.06
CA GLY G 207 -35.07 -5.62 14.43
C GLY G 207 -34.78 -6.76 13.47
N PRO G 208 -35.39 -7.92 13.73
CA PRO G 208 -35.12 -9.10 12.91
C PRO G 208 -35.73 -9.04 11.51
N CYS G 209 -35.04 -9.69 10.59
CA CYS G 209 -35.49 -9.94 9.21
C CYS G 209 -35.53 -11.46 9.04
N PRO G 210 -36.71 -12.07 8.88
CA PRO G 210 -36.79 -13.53 8.73
C PRO G 210 -36.53 -14.05 7.32
N SER G 211 -36.19 -13.19 6.35
CA SER G 211 -36.00 -13.58 4.95
C SER G 211 -34.65 -13.14 4.42
N VAL G 212 -33.59 -13.38 5.19
CA VAL G 212 -32.27 -12.89 4.86
C VAL G 212 -31.69 -13.67 3.68
N SER G 213 -31.06 -12.95 2.75
CA SER G 213 -30.34 -13.55 1.63
C SER G 213 -28.90 -13.05 1.66
N THR G 214 -28.00 -13.80 1.04
CA THR G 214 -26.59 -13.43 0.96
C THR G 214 -26.25 -12.93 -0.43
N VAL G 215 -25.58 -11.77 -0.49
CA VAL G 215 -25.11 -11.17 -1.72
C VAL G 215 -23.63 -10.84 -1.56
N GLN G 216 -22.96 -10.68 -2.70
CA GLN G 216 -21.58 -10.25 -2.78
C GLN G 216 -21.46 -8.74 -2.84
N CYS G 217 -22.37 -8.10 -3.59
CA CYS G 217 -22.36 -6.66 -3.81
C CYS G 217 -23.77 -6.12 -3.65
N THR G 218 -23.86 -4.85 -3.24
CA THR G 218 -25.14 -4.17 -3.14
C THR G 218 -25.61 -3.75 -4.54
N HIS G 219 -26.85 -3.28 -4.61
CA HIS G 219 -27.37 -2.77 -5.87
C HIS G 219 -26.72 -1.42 -6.15
N GLY G 220 -26.99 -0.86 -7.32
CA GLY G 220 -26.35 0.41 -7.62
C GLY G 220 -27.10 1.50 -6.91
N ILE G 221 -26.40 2.25 -6.07
CA ILE G 221 -26.95 3.35 -5.29
C ILE G 221 -26.44 4.64 -5.92
N LYS G 222 -27.35 5.50 -6.33
CA LYS G 222 -26.93 6.74 -6.95
C LYS G 222 -26.51 7.73 -5.86
N PRO G 223 -25.33 8.36 -5.97
CA PRO G 223 -24.95 9.34 -4.94
C PRO G 223 -25.68 10.67 -5.14
N VAL G 224 -26.99 10.66 -4.95
CA VAL G 224 -27.79 11.87 -5.11
C VAL G 224 -27.66 12.70 -3.84
N VAL G 225 -27.32 13.97 -4.02
CA VAL G 225 -27.14 14.90 -2.91
C VAL G 225 -28.34 15.83 -2.87
N SER G 226 -29.08 15.80 -1.76
CA SER G 226 -30.25 16.65 -1.62
C SER G 226 -30.60 16.78 -0.15
N THR G 227 -31.47 17.75 0.16
CA THR G 227 -32.01 17.94 1.50
C THR G 227 -33.53 17.93 1.48
N GLN G 228 -34.11 17.66 2.64
CA GLN G 228 -35.57 17.66 2.86
C GLN G 228 -36.29 16.59 2.05
N LEU G 229 -36.20 16.68 0.72
CA LEU G 229 -36.79 15.73 -0.19
C LEU G 229 -35.69 14.88 -0.82
N LEU G 230 -35.89 13.57 -0.81
CA LEU G 230 -34.96 12.62 -1.40
C LEU G 230 -35.42 12.37 -2.83
N LEU G 231 -34.55 12.69 -3.79
CA LEU G 231 -34.88 12.55 -5.20
C LEU G 231 -34.24 11.27 -5.74
N ASN G 232 -34.97 10.59 -6.62
CA ASN G 232 -34.50 9.35 -7.24
C ASN G 232 -34.22 8.29 -6.18
N GLY G 233 -33.79 7.11 -6.60
CA GLY G 233 -33.57 6.00 -5.68
C GLY G 233 -34.76 5.07 -5.60
N SER G 234 -34.68 4.14 -4.65
CA SER G 234 -35.70 3.09 -4.58
C SER G 234 -36.94 3.55 -3.81
N LEU G 235 -38.04 2.83 -4.07
CA LEU G 235 -39.33 3.03 -3.44
C LEU G 235 -39.74 1.84 -2.59
N ALA G 236 -40.62 2.11 -1.62
CA ALA G 236 -41.20 1.05 -0.83
C ALA G 236 -42.10 0.21 -1.73
N GLU G 237 -42.21 -1.09 -1.44
CA GLU G 237 -43.01 -1.94 -2.31
C GLU G 237 -44.48 -2.03 -1.94
N GLU G 238 -44.85 -1.97 -0.65
CA GLU G 238 -46.25 -2.14 -0.25
C GLU G 238 -46.89 -0.90 0.37
N GLU G 239 -46.16 -0.13 1.16
CA GLU G 239 -46.74 1.01 1.86
C GLU G 239 -45.63 1.99 2.20
N VAL G 240 -46.04 3.19 2.60
CA VAL G 240 -45.08 4.18 3.05
C VAL G 240 -44.48 3.67 4.37
N ILE G 241 -43.16 3.69 4.48
CA ILE G 241 -42.48 3.20 5.67
C ILE G 241 -41.85 4.36 6.42
N ILE G 242 -42.20 4.47 7.71
CA ILE G 242 -41.71 5.52 8.61
C ILE G 242 -40.57 4.91 9.41
N ARG G 243 -39.34 5.41 9.23
CA ARG G 243 -38.16 4.88 9.90
C ARG G 243 -37.54 5.95 10.78
N SER G 244 -37.27 5.62 12.05
CA SER G 244 -36.66 6.56 12.96
C SER G 244 -35.85 5.79 13.98
N GLU G 245 -34.76 6.42 14.44
CA GLU G 245 -33.96 5.82 15.50
C GLU G 245 -34.77 5.65 16.79
N ASN G 246 -35.67 6.60 17.10
CA ASN G 246 -36.43 6.55 18.34
C ASN G 246 -37.94 6.79 18.22
N ILE G 247 -38.38 7.62 17.26
CA ILE G 247 -39.77 8.09 17.14
C ILE G 247 -40.14 9.04 18.27
N THR G 248 -40.01 8.60 19.54
CA THR G 248 -40.42 9.45 20.65
C THR G 248 -39.39 10.54 20.97
N ASN G 249 -38.15 10.40 20.52
CA ASN G 249 -37.14 11.43 20.72
C ASN G 249 -37.24 12.42 19.57
N ASN G 250 -37.66 13.64 19.86
CA ASN G 250 -37.90 14.62 18.81
C ASN G 250 -36.61 15.21 18.25
N ALA G 251 -35.44 14.83 18.78
CA ALA G 251 -34.16 15.30 18.27
C ALA G 251 -33.65 14.46 17.10
N LYS G 252 -34.33 13.36 16.77
CA LYS G 252 -33.93 12.45 15.70
C LYS G 252 -34.72 12.77 14.44
N ASN G 253 -34.15 12.43 13.29
CA ASN G 253 -34.84 12.61 12.03
C ASN G 253 -35.72 11.39 11.75
N ILE G 254 -36.80 11.63 11.02
CA ILE G 254 -37.71 10.59 10.54
C ILE G 254 -37.56 10.50 9.04
N LEU G 255 -37.23 9.31 8.55
CA LEU G 255 -37.05 9.06 7.13
C LEU G 255 -38.30 8.35 6.62
N VAL G 256 -39.00 8.98 5.70
CA VAL G 256 -40.26 8.48 5.17
C VAL G 256 -39.97 7.96 3.77
N GLN G 257 -40.16 6.67 3.55
CA GLN G 257 -39.94 6.06 2.24
C GLN G 257 -41.29 5.87 1.58
N LEU G 258 -41.47 6.47 0.42
CA LEU G 258 -42.75 6.44 -0.29
C LEU G 258 -42.85 5.17 -1.12
N ASN G 259 -44.08 4.72 -1.36
CA ASN G 259 -44.31 3.56 -2.21
C ASN G 259 -44.68 3.94 -3.64
N THR G 260 -44.75 5.24 -3.95
CA THR G 260 -45.02 5.74 -5.28
C THR G 260 -44.11 6.95 -5.45
N PRO G 261 -43.58 7.20 -6.64
CA PRO G 261 -42.79 8.42 -6.83
C PRO G 261 -43.71 9.60 -6.99
N VAL G 262 -43.23 10.79 -6.61
CA VAL G 262 -43.93 12.02 -6.96
C VAL G 262 -43.01 12.77 -7.92
N GLN G 263 -43.51 13.08 -9.11
CA GLN G 263 -42.65 13.71 -10.10
C GLN G 263 -42.52 15.20 -9.79
N ILE G 264 -41.28 15.70 -9.88
CA ILE G 264 -40.98 17.12 -9.71
C ILE G 264 -40.24 17.61 -10.96
N ASN G 265 -40.77 18.65 -11.59
CA ASN G 265 -40.22 19.23 -12.82
C ASN G 265 -39.57 20.56 -12.50
N CYS G 266 -38.23 20.64 -12.58
CA CYS G 266 -37.48 21.83 -12.21
C CYS G 266 -36.87 22.45 -13.45
N THR G 267 -36.85 23.79 -13.49
CA THR G 267 -36.29 24.52 -14.61
C THR G 267 -35.56 25.78 -14.18
N ARG G 268 -34.61 26.16 -15.05
CA ARG G 268 -33.80 27.38 -14.99
C ARG G 268 -34.05 28.05 -16.34
N PRO G 269 -35.13 28.83 -16.45
CA PRO G 269 -35.58 29.34 -17.76
C PRO G 269 -34.67 30.35 -18.44
N ASN G 270 -33.71 30.95 -17.75
CA ASN G 270 -32.89 31.99 -18.37
C ASN G 270 -31.87 31.43 -19.35
N ASN G 271 -31.84 32.00 -20.55
CA ASN G 271 -30.93 31.64 -21.64
C ASN G 271 -29.62 32.39 -21.43
N ASN G 272 -28.80 31.85 -20.53
CA ASN G 272 -27.55 32.50 -20.15
C ASN G 272 -26.49 32.35 -21.23
N THR G 273 -25.81 33.45 -21.54
CA THR G 273 -24.69 33.47 -22.47
C THR G 273 -23.45 33.52 -21.60
N VAL G 274 -22.61 32.50 -21.74
CA VAL G 274 -21.41 32.28 -20.93
C VAL G 274 -20.17 32.72 -21.70
N LYS G 275 -19.33 33.51 -21.05
CA LYS G 275 -18.09 34.02 -21.60
C LYS G 275 -16.95 33.40 -20.80
N SER G 276 -15.76 33.38 -21.40
CA SER G 276 -14.58 32.80 -20.75
C SER G 276 -13.38 33.72 -20.98
N ILE G 277 -12.67 34.02 -19.90
CA ILE G 277 -11.47 34.85 -19.93
C ILE G 277 -10.31 34.10 -19.29
N ARG G 278 -9.11 34.34 -19.83
CA ARG G 278 -7.91 33.72 -19.29
C ARG G 278 -7.39 34.56 -18.13
N ILE G 279 -7.14 33.91 -16.99
CA ILE G 279 -6.72 34.59 -15.77
C ILE G 279 -5.30 34.22 -15.37
N GLY G 280 -4.60 33.43 -16.18
CA GLY G 280 -3.25 33.04 -15.87
C GLY G 280 -2.66 32.15 -16.93
N PRO G 281 -1.40 31.74 -16.75
CA PRO G 281 -0.72 30.93 -17.77
C PRO G 281 -1.25 29.51 -17.83
N GLY G 282 -2.35 29.31 -18.58
CA GLY G 282 -2.99 28.01 -18.68
C GLY G 282 -4.24 27.83 -17.85
N GLN G 283 -4.80 28.91 -17.32
CA GLN G 283 -6.00 28.88 -16.50
C GLN G 283 -7.02 29.85 -17.09
N ALA G 284 -8.30 29.49 -16.98
CA ALA G 284 -9.37 30.35 -17.49
C ALA G 284 -10.54 30.32 -16.53
N PHE G 285 -11.23 31.45 -16.46
CA PHE G 285 -12.41 31.66 -15.63
C PHE G 285 -13.67 31.77 -16.48
N TYR G 286 -14.72 31.06 -16.07
CA TYR G 286 -16.00 31.07 -16.76
C TYR G 286 -17.00 31.87 -15.95
N TYR G 287 -17.79 32.69 -16.64
CA TYR G 287 -18.79 33.53 -16.00
C TYR G 287 -19.94 33.77 -16.96
N THR G 288 -21.07 34.17 -16.38
CA THR G 288 -22.23 34.50 -17.19
C THR G 288 -21.97 35.88 -17.79
N GLY G 289 -22.05 35.95 -19.11
CA GLY G 289 -21.79 37.18 -19.82
C GLY G 289 -23.04 38.02 -19.88
N ASP G 290 -24.12 37.41 -20.36
CA ASP G 290 -25.39 38.12 -20.47
C ASP G 290 -26.51 37.10 -20.45
N ILE G 291 -27.75 37.59 -20.51
CA ILE G 291 -28.92 36.72 -20.56
C ILE G 291 -29.72 37.16 -21.78
N ILE G 292 -30.05 36.20 -22.65
CA ILE G 292 -30.81 36.48 -23.86
C ILE G 292 -32.29 36.36 -23.53
N GLY G 293 -33.06 37.38 -23.88
CA GLY G 293 -34.48 37.36 -23.63
C GLY G 293 -34.86 37.85 -22.25
N ASP G 294 -36.08 37.48 -21.85
CA ASP G 294 -36.63 37.94 -20.58
C ASP G 294 -35.92 37.23 -19.43
N ILE G 295 -35.95 37.87 -18.26
CA ILE G 295 -35.36 37.31 -17.05
C ILE G 295 -36.48 36.66 -16.26
N ARG G 296 -36.34 35.35 -16.03
CA ARG G 296 -37.36 34.56 -15.35
C ARG G 296 -36.71 33.82 -14.18
N MET G 297 -37.53 33.47 -13.19
CA MET G 297 -37.06 32.77 -12.00
C MET G 297 -37.09 31.26 -12.16
N ALA G 298 -36.05 30.61 -11.63
CA ALA G 298 -35.99 29.15 -11.63
C ALA G 298 -37.06 28.63 -10.68
N HIS G 299 -37.67 27.50 -11.02
CA HIS G 299 -38.72 26.97 -10.15
C HIS G 299 -38.93 25.48 -10.39
N CYS G 300 -39.66 24.85 -9.46
CA CYS G 300 -40.04 23.45 -9.58
C CYS G 300 -41.54 23.27 -9.45
N ASN G 301 -42.11 22.35 -10.24
CA ASN G 301 -43.53 22.05 -10.20
C ASN G 301 -43.78 20.65 -9.64
N VAL G 302 -44.71 20.57 -8.68
CA VAL G 302 -45.23 19.33 -8.11
C VAL G 302 -46.75 19.40 -8.21
N SER G 303 -47.40 18.35 -8.69
CA SER G 303 -48.85 18.46 -8.80
C SER G 303 -49.53 18.41 -7.43
N LYS G 304 -50.68 19.08 -7.32
CA LYS G 304 -51.43 19.09 -6.06
C LYS G 304 -52.06 17.76 -5.72
N ALA G 305 -52.64 17.05 -6.71
CA ALA G 305 -53.31 15.81 -6.38
C ALA G 305 -52.35 14.75 -5.90
N THR G 306 -51.19 14.64 -6.56
CA THR G 306 -50.24 13.59 -6.18
C THR G 306 -49.66 13.89 -4.80
N TRP G 307 -49.28 15.16 -4.57
CA TRP G 307 -48.70 15.54 -3.29
C TRP G 307 -49.73 15.36 -2.16
N ASN G 308 -50.98 15.73 -2.41
CA ASN G 308 -52.01 15.59 -1.38
C ASN G 308 -52.25 14.12 -1.05
N GLU G 309 -52.22 13.24 -2.05
CA GLU G 309 -52.34 11.82 -1.79
C GLU G 309 -51.13 11.31 -1.00
N THR G 310 -49.95 11.80 -1.36
CA THR G 310 -48.72 11.39 -0.69
C THR G 310 -48.78 11.78 0.78
N LEU G 311 -49.20 13.01 1.07
CA LEU G 311 -49.27 13.42 2.46
C LEU G 311 -50.35 12.64 3.19
N GLY G 312 -51.47 12.34 2.53
CA GLY G 312 -52.50 11.57 3.20
C GLY G 312 -51.97 10.22 3.65
N LYS G 313 -51.17 9.58 2.78
CA LYS G 313 -50.56 8.29 3.13
C LYS G 313 -49.55 8.44 4.27
N VAL G 314 -48.76 9.52 4.24
CA VAL G 314 -47.77 9.74 5.30
C VAL G 314 -48.47 9.95 6.62
N VAL G 315 -49.55 10.72 6.64
CA VAL G 315 -50.29 10.95 7.88
C VAL G 315 -50.88 9.64 8.37
N LYS G 316 -51.46 8.86 7.47
CA LYS G 316 -52.02 7.57 7.85
C LYS G 316 -50.97 6.70 8.55
N GLN G 317 -49.73 6.73 8.06
CA GLN G 317 -48.70 5.93 8.70
C GLN G 317 -48.19 6.57 9.99
N LEU G 318 -48.13 7.90 10.05
CA LEU G 318 -47.69 8.56 11.28
C LEU G 318 -48.65 8.31 12.42
N ARG G 319 -49.95 8.20 12.12
CA ARG G 319 -50.94 7.93 13.16
C ARG G 319 -50.78 6.56 13.80
N LYS G 320 -49.95 5.68 13.25
CA LYS G 320 -49.71 4.37 13.83
C LYS G 320 -48.66 4.41 14.94
N HIS G 321 -47.94 5.52 15.08
CA HIS G 321 -46.89 5.69 16.09
C HIS G 321 -47.30 6.66 17.18
N PHE G 322 -48.05 7.69 16.81
CA PHE G 322 -48.51 8.74 17.71
C PHE G 322 -49.99 8.58 18.05
N GLY G 323 -50.61 7.49 17.58
CA GLY G 323 -52.00 7.19 17.86
C GLY G 323 -52.96 7.87 16.90
N ASN G 324 -54.19 7.36 16.92
CA ASN G 324 -55.30 7.91 16.15
C ASN G 324 -56.01 8.98 16.96
N ASN G 325 -56.77 9.83 16.26
CA ASN G 325 -57.43 11.00 16.85
C ASN G 325 -56.39 12.01 17.35
N THR G 326 -55.21 11.98 16.73
CA THR G 326 -54.13 12.92 16.96
C THR G 326 -54.01 13.74 15.69
N ILE G 327 -53.93 15.05 15.84
CA ILE G 327 -53.88 15.94 14.68
C ILE G 327 -52.43 16.01 14.20
N ILE G 328 -52.22 15.78 12.91
CA ILE G 328 -50.89 15.82 12.31
C ILE G 328 -50.80 17.08 11.46
N ARG G 329 -49.90 17.98 11.83
CA ARG G 329 -49.72 19.25 11.15
C ARG G 329 -48.37 19.30 10.45
N PHE G 330 -48.36 19.71 9.19
CA PHE G 330 -47.12 19.95 8.49
C PHE G 330 -46.91 21.46 8.44
N ALA G 331 -45.64 21.86 8.50
CA ALA G 331 -45.26 23.26 8.48
C ALA G 331 -43.92 23.41 7.79
N GLN G 332 -43.64 24.63 7.33
CA GLN G 332 -42.38 24.92 6.70
C GLN G 332 -41.23 24.87 7.71
N SER G 333 -40.02 24.73 7.19
CA SER G 333 -38.84 24.72 8.04
C SER G 333 -38.68 26.09 8.69
N SER G 334 -37.85 26.16 9.73
CA SER G 334 -37.70 27.41 10.48
C SER G 334 -36.38 28.13 10.17
N GLY G 335 -35.38 28.05 11.05
CA GLY G 335 -34.14 28.77 10.87
C GLY G 335 -33.02 27.93 10.29
N GLY G 336 -31.85 28.54 10.22
CA GLY G 336 -30.65 27.93 9.69
C GLY G 336 -30.30 28.43 8.29
N ASP G 337 -29.22 27.86 7.78
CA ASP G 337 -28.68 28.20 6.47
C ASP G 337 -29.62 27.66 5.38
N LEU G 338 -29.49 28.21 4.17
CA LEU G 338 -30.32 27.75 3.06
C LEU G 338 -30.14 26.26 2.81
N GLU G 339 -28.96 25.71 3.14
CA GLU G 339 -28.73 24.29 2.94
C GLU G 339 -29.73 23.44 3.69
N VAL G 340 -30.25 23.92 4.83
CA VAL G 340 -31.21 23.15 5.62
C VAL G 340 -32.62 23.73 5.61
N THR G 341 -32.79 25.02 5.29
CA THR G 341 -34.12 25.61 5.26
C THR G 341 -34.83 25.43 3.93
N THR G 342 -34.09 25.14 2.86
CA THR G 342 -34.63 24.92 1.53
C THR G 342 -34.29 23.52 1.05
N HIS G 343 -34.89 23.15 -0.09
CA HIS G 343 -34.63 21.89 -0.77
C HIS G 343 -33.47 22.14 -1.71
N SER G 344 -32.29 21.64 -1.33
CA SER G 344 -31.08 21.83 -2.09
C SER G 344 -30.90 20.65 -3.03
N PHE G 345 -30.56 20.92 -4.30
CA PHE G 345 -30.25 19.83 -5.20
C PHE G 345 -29.48 20.33 -6.41
N ASN G 346 -28.81 19.40 -7.10
CA ASN G 346 -28.11 19.68 -8.35
C ASN G 346 -28.97 19.27 -9.55
N CYS G 347 -29.38 20.27 -10.33
CA CYS G 347 -30.23 20.12 -11.52
C CYS G 347 -29.42 20.49 -12.75
N GLY G 348 -28.87 19.49 -13.44
CA GLY G 348 -28.14 19.77 -14.65
C GLY G 348 -26.85 20.52 -14.44
N GLY G 349 -26.28 20.46 -13.26
CA GLY G 349 -25.08 21.19 -12.93
C GLY G 349 -25.31 22.46 -12.14
N GLU G 350 -26.55 22.95 -12.06
CA GLU G 350 -26.87 24.15 -11.28
C GLU G 350 -27.36 23.71 -9.90
N PHE G 351 -27.13 24.54 -8.90
CA PHE G 351 -27.53 24.25 -7.53
C PHE G 351 -28.78 25.04 -7.16
N PHE G 352 -29.91 24.33 -7.05
CA PHE G 352 -31.20 24.92 -6.76
C PHE G 352 -31.45 24.84 -5.26
N TYR G 353 -32.07 25.90 -4.73
CA TYR G 353 -32.50 26.00 -3.33
C TYR G 353 -33.98 26.40 -3.32
N CYS G 354 -34.85 25.39 -3.37
CA CYS G 354 -36.28 25.57 -3.56
C CYS G 354 -36.97 25.79 -2.22
N ASN G 355 -37.86 26.78 -2.16
CA ASN G 355 -38.49 27.20 -0.91
C ASN G 355 -39.21 26.06 -0.18
N THR G 356 -40.06 25.32 -0.90
CA THR G 356 -40.88 24.22 -0.38
C THR G 356 -41.98 24.61 0.61
N SER G 357 -42.14 25.89 0.98
CA SER G 357 -43.16 26.19 1.98
C SER G 357 -44.58 26.05 1.43
N GLY G 358 -44.74 25.81 0.14
CA GLY G 358 -46.01 25.46 -0.45
C GLY G 358 -46.32 23.99 -0.37
N LEU G 359 -45.32 23.16 -0.06
CA LEU G 359 -45.48 21.72 0.03
C LEU G 359 -45.78 21.25 1.44
N PHE G 360 -45.38 22.02 2.46
CA PHE G 360 -45.48 21.61 3.85
C PHE G 360 -46.19 22.72 4.62
N ASN G 361 -47.51 22.77 4.47
CA ASN G 361 -48.38 23.61 5.27
C ASN G 361 -49.76 22.98 5.23
N SER G 362 -50.23 22.47 6.37
CA SER G 362 -51.52 21.77 6.40
C SER G 362 -51.76 21.25 7.80
N THR G 363 -53.03 21.03 8.13
CA THR G 363 -53.38 20.35 9.37
C THR G 363 -54.35 19.24 9.02
N TRP G 364 -54.01 18.02 9.43
CA TRP G 364 -54.77 16.80 9.20
C TRP G 364 -55.49 16.42 10.49
N ILE G 365 -56.82 16.53 10.49
CA ILE G 365 -57.64 16.26 11.66
C ILE G 365 -58.50 15.04 11.33
N SER G 366 -58.43 14.03 12.20
CA SER G 366 -59.16 12.76 12.09
C SER G 366 -60.53 12.82 11.40
N ASN G 379 -51.87 21.48 -14.77
CA ASN G 379 -53.01 20.87 -14.11
C ASN G 379 -52.94 21.06 -12.59
N ASP G 380 -53.25 22.27 -12.15
CA ASP G 380 -53.27 22.63 -10.73
C ASP G 380 -51.97 22.25 -10.04
N SER G 381 -50.86 22.70 -10.63
CA SER G 381 -49.54 22.44 -10.05
C SER G 381 -49.23 23.40 -8.90
N ILE G 382 -48.24 23.01 -8.11
CA ILE G 382 -47.66 23.81 -7.03
C ILE G 382 -46.29 24.21 -7.54
N THR G 383 -46.05 25.51 -7.65
CA THR G 383 -44.79 26.04 -8.13
C THR G 383 -43.99 26.50 -6.92
N LEU G 384 -42.76 25.98 -6.81
CA LEU G 384 -41.86 26.31 -5.74
C LEU G 384 -40.78 27.25 -6.26
N PRO G 385 -40.65 28.48 -5.74
CA PRO G 385 -39.55 29.34 -6.17
C PRO G 385 -38.23 28.71 -5.76
N CYS G 386 -37.22 28.85 -6.61
CA CYS G 386 -35.90 28.32 -6.30
C CYS G 386 -34.84 29.38 -6.54
N ARG G 387 -33.89 29.48 -5.62
CA ARG G 387 -32.76 30.37 -5.74
C ARG G 387 -31.57 29.57 -6.24
N ILE G 388 -30.65 30.23 -6.95
CA ILE G 388 -29.46 29.58 -7.47
C ILE G 388 -28.23 30.29 -6.92
N LYS G 389 -27.24 29.49 -6.53
CA LYS G 389 -25.97 29.97 -6.01
C LYS G 389 -24.85 29.37 -6.85
N GLN G 390 -23.78 30.14 -7.03
CA GLN G 390 -22.58 29.66 -7.70
C GLN G 390 -21.47 29.26 -6.74
N ILE G 391 -21.45 29.79 -5.52
CA ILE G 391 -20.42 29.47 -4.53
C ILE G 391 -21.03 28.46 -3.56
N ILE G 392 -20.50 27.24 -3.61
CA ILE G 392 -21.05 26.09 -2.89
C ILE G 392 -20.08 25.68 -1.80
N ASN G 393 -20.60 25.49 -0.59
CA ASN G 393 -19.82 25.02 0.56
C ASN G 393 -20.49 23.69 0.94
N MET G 394 -20.03 22.63 0.31
CA MET G 394 -20.69 21.33 0.37
C MET G 394 -20.11 20.45 1.48
N TRP G 395 -20.96 19.56 1.98
CA TRP G 395 -20.67 18.56 3.02
C TRP G 395 -20.46 19.21 4.39
N GLN G 396 -21.14 20.32 4.65
CA GLN G 396 -21.07 21.00 5.95
C GLN G 396 -19.62 21.26 6.38
N ARG G 397 -18.85 21.90 5.50
CA ARG G 397 -17.45 22.21 5.77
C ARG G 397 -17.18 23.69 5.57
N ILE G 398 -16.14 24.16 6.25
CA ILE G 398 -15.66 25.54 6.15
C ILE G 398 -14.21 25.51 5.71
N GLY G 399 -13.87 26.35 4.73
CA GLY G 399 -12.52 26.47 4.21
C GLY G 399 -12.29 25.93 2.82
N GLN G 400 -13.21 25.14 2.27
CA GLN G 400 -13.10 24.57 0.94
C GLN G 400 -14.33 24.92 0.11
N ALA G 401 -14.30 26.03 -0.64
CA ALA G 401 -15.46 26.45 -1.41
C ALA G 401 -15.26 26.08 -2.87
N MET G 402 -16.38 25.83 -3.55
CA MET G 402 -16.40 25.53 -4.98
C MET G 402 -17.20 26.58 -5.73
N TYR G 403 -16.73 26.92 -6.93
CA TYR G 403 -17.47 27.79 -7.85
C TYR G 403 -18.02 26.92 -8.97
N ALA G 404 -19.32 27.00 -9.19
CA ALA G 404 -19.97 26.21 -10.23
C ALA G 404 -20.02 27.07 -11.50
N PRO G 405 -19.33 26.72 -12.58
CA PRO G 405 -19.39 27.55 -13.78
C PRO G 405 -20.83 27.60 -14.29
N PRO G 406 -21.22 28.70 -14.93
CA PRO G 406 -22.57 28.74 -15.50
C PRO G 406 -22.63 27.82 -16.71
N ILE G 407 -23.83 27.30 -16.97
CA ILE G 407 -24.10 26.44 -18.10
C ILE G 407 -24.93 27.18 -19.15
N GLN G 408 -24.43 27.17 -20.38
CA GLN G 408 -25.06 27.85 -21.51
C GLN G 408 -26.47 27.34 -21.77
N GLY G 409 -27.41 28.27 -21.93
CA GLY G 409 -28.79 27.93 -22.25
C GLY G 409 -29.69 27.67 -21.05
N VAL G 410 -30.82 27.03 -21.37
CA VAL G 410 -31.93 26.79 -20.45
C VAL G 410 -31.81 25.38 -19.90
N ILE G 411 -31.99 25.23 -18.59
CA ILE G 411 -31.85 23.95 -17.91
C ILE G 411 -33.21 23.43 -17.48
N ARG G 412 -33.47 22.15 -17.76
CA ARG G 412 -34.67 21.48 -17.30
C ARG G 412 -34.29 20.09 -16.82
N CYS G 413 -34.89 19.66 -15.70
CA CYS G 413 -34.69 18.31 -15.20
C CYS G 413 -36.01 17.84 -14.58
N VAL G 414 -36.24 16.53 -14.68
CA VAL G 414 -37.41 15.88 -14.10
C VAL G 414 -36.91 14.78 -13.18
N SER G 415 -37.32 14.82 -11.90
CA SER G 415 -36.88 13.85 -10.92
C SER G 415 -38.08 13.20 -10.24
N ASN G 416 -37.81 12.06 -9.61
CA ASN G 416 -38.80 11.38 -8.78
C ASN G 416 -38.49 11.70 -7.32
N ILE G 417 -39.52 12.03 -6.56
CA ILE G 417 -39.43 12.17 -5.11
C ILE G 417 -39.74 10.80 -4.55
N THR G 418 -38.77 10.21 -3.85
CA THR G 418 -38.87 8.86 -3.34
C THR G 418 -39.00 8.81 -1.82
N GLY G 419 -38.63 9.88 -1.12
CA GLY G 419 -38.76 9.90 0.32
C GLY G 419 -38.56 11.30 0.87
N LEU G 420 -38.91 11.44 2.13
CA LEU G 420 -38.85 12.71 2.85
C LEU G 420 -38.03 12.57 4.12
N ILE G 421 -37.40 13.67 4.53
CA ILE G 421 -36.76 13.78 5.85
C ILE G 421 -37.59 14.77 6.64
N LEU G 422 -38.20 14.30 7.74
CA LEU G 422 -39.03 15.12 8.61
C LEU G 422 -38.44 15.17 10.00
N THR G 423 -38.73 16.26 10.72
CA THR G 423 -38.40 16.39 12.13
C THR G 423 -39.70 16.74 12.85
N ARG G 424 -39.82 16.31 14.09
CA ARG G 424 -40.99 16.60 14.91
C ARG G 424 -40.72 17.78 15.81
N ASP G 425 -41.66 18.72 15.88
CA ASP G 425 -41.51 19.91 16.69
C ASP G 425 -41.64 19.56 18.18
N SER G 431 -49.63 17.59 24.10
CA SER G 431 -50.83 18.23 23.62
C SER G 431 -51.58 17.28 22.66
N THR G 432 -52.41 17.84 21.78
CA THR G 432 -53.20 17.05 20.85
C THR G 432 -52.71 17.11 19.41
N THR G 433 -51.84 18.07 19.07
CA THR G 433 -51.37 18.27 17.70
C THR G 433 -49.85 18.18 17.67
N GLU G 434 -49.35 17.34 16.76
CA GLU G 434 -47.93 17.19 16.50
C GLU G 434 -47.61 17.95 15.21
N THR G 435 -46.51 18.69 15.20
CA THR G 435 -46.09 19.45 14.03
C THR G 435 -44.79 18.90 13.47
N PHE G 436 -44.80 18.60 12.17
CA PHE G 436 -43.66 18.05 11.46
C PHE G 436 -43.13 19.09 10.48
N ARG G 437 -41.81 19.25 10.42
CA ARG G 437 -41.16 20.21 9.55
C ARG G 437 -40.09 19.53 8.71
N PRO G 438 -39.77 20.06 7.52
CA PRO G 438 -38.64 19.54 6.77
C PRO G 438 -37.33 19.69 7.52
N GLY G 439 -36.46 18.68 7.39
CA GLY G 439 -35.14 18.70 7.99
C GLY G 439 -34.13 18.26 6.95
N GLY G 440 -32.89 17.98 7.38
CA GLY G 440 -31.85 17.55 6.47
C GLY G 440 -30.57 18.32 6.69
N GLY G 441 -29.64 18.14 5.76
CA GLY G 441 -28.33 18.75 5.77
C GLY G 441 -27.21 17.80 6.13
N ASP G 442 -27.53 16.71 6.81
CA ASP G 442 -26.55 15.68 7.14
C ASP G 442 -26.69 14.63 6.06
N MET G 443 -25.73 14.59 5.14
CA MET G 443 -25.87 13.74 3.96
C MET G 443 -25.90 12.27 4.31
N ARG G 444 -25.47 11.88 5.51
CA ARG G 444 -25.50 10.47 5.87
C ARG G 444 -26.94 9.97 5.92
N ASP G 445 -27.91 10.85 6.15
CA ASP G 445 -29.30 10.42 6.19
C ASP G 445 -29.88 10.25 4.80
N ASN G 446 -29.13 10.64 3.75
CA ASN G 446 -29.58 10.44 2.38
C ASN G 446 -29.07 9.11 1.84
N TRP G 447 -28.18 8.46 2.58
CA TRP G 447 -27.54 7.21 2.26
C TRP G 447 -27.99 6.13 3.21
N ARG G 448 -28.33 6.51 4.44
CA ARG G 448 -28.93 5.59 5.41
C ARG G 448 -30.44 5.59 5.15
N SER G 449 -30.76 5.18 3.93
CA SER G 449 -32.10 5.12 3.33
C SER G 449 -32.14 4.13 2.16
N GLU G 450 -30.96 3.73 1.67
CA GLU G 450 -30.72 2.70 0.68
C GLU G 450 -29.93 1.61 1.35
N LEU G 451 -28.88 1.99 2.08
CA LEU G 451 -28.04 1.06 2.84
C LEU G 451 -28.67 0.84 4.21
N TYR G 452 -29.88 0.28 4.19
CA TYR G 452 -30.63 -0.03 5.40
C TYR G 452 -31.02 -1.48 5.43
N LYS G 453 -31.02 -2.14 4.27
CA LYS G 453 -31.39 -3.53 4.12
C LYS G 453 -30.16 -4.41 4.07
N TYR G 454 -28.96 -3.82 4.12
CA TYR G 454 -27.70 -4.54 4.00
C TYR G 454 -26.91 -4.49 5.30
N LYS G 455 -26.30 -5.63 5.63
CA LYS G 455 -25.44 -5.79 6.79
C LYS G 455 -24.19 -6.51 6.33
N VAL G 456 -23.03 -6.15 6.88
CA VAL G 456 -21.77 -6.82 6.56
C VAL G 456 -21.42 -7.75 7.70
N VAL G 457 -21.14 -9.02 7.37
CA VAL G 457 -20.77 -10.01 8.38
C VAL G 457 -19.48 -10.71 7.98
N LYS G 458 -18.70 -11.10 8.99
CA LYS G 458 -17.46 -11.83 8.84
C LYS G 458 -17.75 -13.31 8.97
N ILE G 459 -17.17 -14.10 8.07
CA ILE G 459 -17.36 -15.55 8.06
C ILE G 459 -16.36 -16.18 9.03
N GLU G 460 -16.85 -17.10 9.85
CA GLU G 460 -16.05 -17.81 10.86
C GLU G 460 -16.12 -19.29 10.52
N PRO G 461 -15.31 -19.75 9.54
CA PRO G 461 -15.48 -21.11 9.00
C PRO G 461 -15.05 -22.23 9.93
N LEU G 462 -14.36 -21.94 11.02
CA LEU G 462 -13.82 -22.97 11.90
C LEU G 462 -14.71 -23.14 13.13
N GLY G 463 -14.99 -24.39 13.48
CA GLY G 463 -15.77 -24.70 14.67
C GLY G 463 -15.61 -26.15 15.03
N VAL G 464 -16.18 -26.51 16.19
CA VAL G 464 -16.06 -27.86 16.73
C VAL G 464 -17.44 -28.38 17.11
N ALA G 465 -17.56 -29.70 17.20
CA ALA G 465 -18.80 -30.30 17.65
C ALA G 465 -18.54 -31.72 18.13
N PRO G 466 -19.34 -32.24 19.07
CA PRO G 466 -19.16 -33.64 19.47
C PRO G 466 -19.67 -34.62 18.43
N THR G 467 -18.90 -35.70 18.24
CA THR G 467 -19.29 -36.82 17.38
C THR G 467 -18.77 -38.07 18.06
N ARG G 468 -19.06 -39.25 17.50
CA ARG G 468 -18.50 -40.48 18.05
C ARG G 468 -17.21 -40.87 17.35
N CYS G 469 -16.63 -39.98 16.54
CA CYS G 469 -15.44 -40.28 15.77
C CYS G 469 -14.18 -40.04 16.58
N LYS G 470 -13.39 -41.09 16.77
CA LYS G 470 -12.15 -41.04 17.54
C LYS G 470 -10.96 -41.19 16.62
N ARG G 471 -9.93 -40.36 16.82
CA ARG G 471 -8.70 -40.48 16.03
C ARG G 471 -8.06 -41.84 16.33
N ARG G 472 -7.63 -42.53 15.26
CA ARG G 472 -7.09 -43.88 15.39
C ARG G 472 -5.95 -43.99 16.40
N VAL G 473 -4.99 -43.08 16.34
CA VAL G 473 -3.80 -43.11 17.21
C VAL G 473 -3.18 -44.50 17.27
N GLU H 1 -45.08 -50.15 11.48
CA GLU H 1 -45.31 -49.61 10.11
C GLU H 1 -44.15 -49.91 9.14
N VAL H 2 -43.03 -50.39 9.68
CA VAL H 2 -41.87 -50.70 8.86
C VAL H 2 -42.08 -52.06 8.21
N GLN H 3 -41.98 -52.10 6.87
CA GLN H 3 -42.15 -53.32 6.10
C GLN H 3 -40.90 -53.57 5.27
N LEU H 4 -40.29 -54.74 5.46
CA LEU H 4 -39.11 -55.19 4.73
C LEU H 4 -39.51 -56.49 4.06
N VAL H 5 -39.56 -56.51 2.73
CA VAL H 5 -40.03 -57.70 1.99
C VAL H 5 -38.93 -58.18 1.06
N GLU H 6 -38.43 -59.39 1.33
CA GLU H 6 -37.40 -60.04 0.53
C GLU H 6 -37.98 -60.70 -0.71
N THR H 7 -37.29 -60.60 -1.82
CA THR H 7 -37.62 -61.30 -3.05
C THR H 7 -36.35 -61.92 -3.61
N GLY H 8 -36.53 -62.86 -4.53
CA GLY H 8 -35.40 -63.51 -5.18
C GLY H 8 -35.76 -64.94 -5.50
N GLY H 9 -34.77 -65.65 -6.06
CA GLY H 9 -34.96 -67.02 -6.47
C GLY H 9 -34.83 -68.00 -5.32
N GLY H 10 -35.11 -69.28 -5.64
CA GLY H 10 -35.06 -70.36 -4.68
C GLY H 10 -33.92 -71.34 -4.83
N LEU H 11 -34.17 -72.45 -5.52
CA LEU H 11 -33.19 -73.52 -5.68
C LEU H 11 -32.35 -73.32 -6.93
N VAL H 12 -31.03 -73.39 -6.76
CA VAL H 12 -30.05 -73.36 -7.84
C VAL H 12 -29.09 -74.53 -7.67
N GLN H 13 -28.37 -74.82 -8.74
CA GLN H 13 -27.36 -75.86 -8.70
C GLN H 13 -26.03 -75.30 -8.20
N PRO H 14 -25.15 -76.13 -7.62
CA PRO H 14 -23.83 -75.65 -7.21
C PRO H 14 -23.09 -74.98 -8.37
N GLY H 15 -22.45 -73.84 -8.07
CA GLY H 15 -21.72 -73.08 -9.07
C GLY H 15 -22.49 -71.97 -9.73
N GLY H 16 -23.78 -71.83 -9.44
CA GLY H 16 -24.62 -70.80 -10.02
C GLY H 16 -24.55 -69.51 -9.25
N SER H 17 -25.54 -68.65 -9.46
CA SER H 17 -25.59 -67.36 -8.80
C SER H 17 -27.04 -66.95 -8.61
N LEU H 18 -27.25 -66.08 -7.62
CA LEU H 18 -28.57 -65.54 -7.33
C LEU H 18 -28.47 -64.10 -6.88
N LYS H 19 -29.43 -63.27 -7.31
CA LYS H 19 -29.55 -61.91 -6.82
C LYS H 19 -30.84 -61.80 -6.03
N LEU H 20 -30.72 -61.51 -4.75
CA LEU H 20 -31.81 -61.34 -3.82
C LEU H 20 -32.00 -59.84 -3.67
N SER H 21 -33.21 -59.42 -3.31
CA SER H 21 -33.44 -58.01 -3.08
C SER H 21 -34.43 -57.82 -1.94
N CYS H 22 -34.47 -56.60 -1.42
CA CYS H 22 -35.34 -56.24 -0.31
C CYS H 22 -35.98 -54.89 -0.56
N ARG H 23 -37.32 -54.86 -0.54
CA ARG H 23 -38.10 -53.65 -0.66
C ARG H 23 -38.42 -53.15 0.75
N ALA H 24 -38.11 -51.88 1.02
CA ALA H 24 -38.33 -51.29 2.33
C ALA H 24 -39.37 -50.18 2.25
N SER H 25 -40.19 -50.08 3.29
CA SER H 25 -41.14 -48.98 3.40
C SER H 25 -41.46 -48.72 4.87
N GLY H 26 -42.04 -47.56 5.14
CA GLY H 26 -42.47 -47.19 6.48
C GLY H 26 -41.46 -46.38 7.27
N TYR H 27 -40.30 -46.06 6.70
CA TYR H 27 -39.27 -45.30 7.37
C TYR H 27 -38.41 -44.68 6.27
N THR H 28 -37.55 -43.75 6.65
CA THR H 28 -36.64 -43.18 5.66
C THR H 28 -35.51 -44.18 5.45
N PHE H 29 -35.45 -44.72 4.22
CA PHE H 29 -34.48 -45.78 3.91
C PHE H 29 -33.04 -45.28 4.09
N SER H 30 -32.76 -44.09 3.56
CA SER H 30 -31.42 -43.52 3.58
C SER H 30 -30.93 -43.14 4.98
N SER H 31 -31.78 -43.18 6.00
CA SER H 31 -31.37 -42.81 7.35
C SER H 31 -30.82 -43.97 8.18
N PHE H 32 -30.92 -45.21 7.70
CA PHE H 32 -30.50 -46.38 8.49
C PHE H 32 -29.53 -47.25 7.70
N ALA H 33 -28.63 -47.88 8.44
CA ALA H 33 -27.78 -48.93 7.88
C ALA H 33 -28.61 -50.18 7.69
N MET H 34 -28.22 -51.01 6.72
CA MET H 34 -28.94 -52.23 6.43
C MET H 34 -27.98 -53.42 6.40
N SER H 35 -28.51 -54.59 6.69
CA SER H 35 -27.71 -55.80 6.72
C SER H 35 -28.52 -57.03 6.30
N TRP H 36 -27.80 -58.11 6.01
CA TRP H 36 -28.39 -59.41 5.74
C TRP H 36 -27.88 -60.41 6.76
N VAL H 37 -28.82 -61.21 7.27
CA VAL H 37 -28.56 -62.26 8.26
C VAL H 37 -29.18 -63.56 7.74
N ARG H 38 -28.51 -64.70 7.93
CA ARG H 38 -29.08 -65.96 7.45
C ARG H 38 -29.18 -66.98 8.57
N GLN H 39 -30.15 -67.89 8.41
CA GLN H 39 -30.39 -69.00 9.33
C GLN H 39 -30.50 -70.31 8.57
N ALA H 40 -29.57 -71.23 8.78
CA ALA H 40 -29.67 -72.51 8.12
C ALA H 40 -30.92 -73.21 8.67
N PRO H 41 -31.60 -74.07 7.88
CA PRO H 41 -32.83 -74.71 8.39
C PRO H 41 -32.73 -75.35 9.77
N GLY H 42 -31.59 -75.93 10.14
CA GLY H 42 -31.41 -76.55 11.44
C GLY H 42 -30.52 -75.83 12.42
N LYS H 43 -30.13 -74.58 12.15
CA LYS H 43 -29.17 -73.83 12.96
C LYS H 43 -29.81 -72.53 13.46
N GLY H 44 -28.99 -71.74 14.15
CA GLY H 44 -29.37 -70.44 14.67
C GLY H 44 -29.09 -69.38 13.63
N LEU H 45 -29.00 -68.13 14.10
CA LEU H 45 -28.83 -67.02 13.17
C LEU H 45 -27.34 -66.75 12.96
N GLU H 46 -27.00 -66.38 11.72
CA GLU H 46 -25.64 -65.99 11.35
C GLU H 46 -25.68 -64.68 10.58
N TRP H 47 -24.84 -63.73 10.98
CA TRP H 47 -24.74 -62.47 10.23
C TRP H 47 -23.97 -62.75 8.95
N VAL H 48 -24.41 -62.18 7.83
CA VAL H 48 -23.76 -62.38 6.54
C VAL H 48 -23.11 -61.10 6.03
N SER H 49 -23.84 -59.99 5.99
CA SER H 49 -23.27 -58.78 5.40
C SER H 49 -23.89 -57.54 6.00
N LEU H 50 -23.15 -56.43 5.90
CA LEU H 50 -23.58 -55.13 6.40
C LEU H 50 -23.20 -54.03 5.42
N ILE H 51 -24.13 -53.12 5.14
CA ILE H 51 -23.92 -51.95 4.30
C ILE H 51 -24.38 -50.73 5.07
N ASN H 52 -23.64 -49.63 4.98
CA ASN H 52 -24.02 -48.43 5.71
C ASN H 52 -25.14 -47.68 4.99
N ASP H 53 -25.60 -46.59 5.61
CA ASP H 53 -26.74 -45.86 5.09
C ASP H 53 -26.49 -45.22 3.73
N ARG H 54 -25.24 -44.89 3.40
CA ARG H 54 -24.92 -44.29 2.11
C ARG H 54 -24.44 -45.29 1.06
N GLY H 55 -24.28 -46.56 1.41
CA GLY H 55 -23.85 -47.55 0.45
C GLY H 55 -22.37 -47.59 0.16
N GLY H 56 -21.58 -46.70 0.77
CA GLY H 56 -20.15 -46.65 0.46
C GLY H 56 -19.30 -47.70 1.14
N LEU H 57 -19.72 -48.19 2.30
CA LEU H 57 -18.93 -49.12 3.09
C LEU H 57 -19.69 -50.43 3.25
N THR H 58 -19.04 -51.54 2.90
CA THR H 58 -19.63 -52.87 3.02
C THR H 58 -18.70 -53.76 3.82
N PHE H 59 -19.30 -54.67 4.59
CA PHE H 59 -18.55 -55.62 5.41
C PHE H 59 -19.18 -57.00 5.23
N TYR H 60 -18.35 -58.03 5.29
CA TYR H 60 -18.80 -59.41 5.10
C TYR H 60 -18.13 -60.32 6.12
N VAL H 61 -18.76 -61.47 6.37
CA VAL H 61 -18.08 -62.55 7.10
C VAL H 61 -17.06 -63.16 6.15
N ASP H 62 -15.93 -63.61 6.71
CA ASP H 62 -14.86 -64.18 5.90
C ASP H 62 -15.36 -65.30 4.99
N SER H 63 -16.33 -66.10 5.45
CA SER H 63 -16.78 -67.23 4.65
C SER H 63 -17.46 -66.82 3.35
N VAL H 64 -17.86 -65.55 3.20
CA VAL H 64 -18.48 -65.06 1.97
C VAL H 64 -17.78 -63.84 1.40
N LYS H 65 -16.64 -63.43 1.98
CA LYS H 65 -16.06 -62.13 1.68
C LYS H 65 -15.73 -61.98 0.20
N GLY H 66 -15.28 -63.05 -0.44
CA GLY H 66 -14.94 -63.02 -1.85
C GLY H 66 -16.02 -63.52 -2.78
N ARG H 67 -17.23 -63.79 -2.28
CA ARG H 67 -18.30 -64.39 -3.08
C ARG H 67 -19.57 -63.56 -3.13
N PHE H 68 -19.91 -62.81 -2.09
CA PHE H 68 -21.16 -62.05 -2.02
C PHE H 68 -20.89 -60.57 -2.21
N THR H 69 -21.79 -59.89 -2.93
CA THR H 69 -21.76 -58.44 -3.11
C THR H 69 -23.06 -57.84 -2.57
N ILE H 70 -22.96 -56.84 -1.71
CA ILE H 70 -24.12 -56.16 -1.14
C ILE H 70 -24.16 -54.75 -1.71
N SER H 71 -25.36 -54.31 -2.12
CA SER H 71 -25.51 -52.96 -2.65
C SER H 71 -26.89 -52.45 -2.28
N ARG H 72 -27.06 -51.13 -2.37
CA ARG H 72 -28.34 -50.51 -2.09
C ARG H 72 -28.56 -49.32 -3.02
N ASP H 73 -29.83 -49.01 -3.24
CA ASP H 73 -30.25 -47.86 -4.03
C ASP H 73 -31.22 -47.10 -3.15
N ASN H 74 -30.78 -45.92 -2.68
CA ASN H 74 -31.56 -45.13 -1.74
C ASN H 74 -32.69 -44.36 -2.42
N SER H 75 -32.72 -44.30 -3.75
CA SER H 75 -33.80 -43.60 -4.43
C SER H 75 -34.95 -44.56 -4.70
N LYS H 76 -34.63 -45.85 -4.83
CA LYS H 76 -35.59 -46.91 -5.08
C LYS H 76 -35.99 -47.60 -3.79
N ASN H 77 -35.38 -47.23 -2.65
CA ASN H 77 -35.62 -47.88 -1.38
C ASN H 77 -35.44 -49.38 -1.52
N THR H 78 -34.38 -49.78 -2.24
CA THR H 78 -34.15 -51.20 -2.52
C THR H 78 -32.73 -51.64 -2.19
N LEU H 79 -32.63 -52.79 -1.54
CA LEU H 79 -31.36 -53.46 -1.31
C LEU H 79 -31.22 -54.62 -2.27
N SER H 80 -29.98 -55.01 -2.54
CA SER H 80 -29.77 -56.27 -3.24
C SER H 80 -28.49 -56.93 -2.73
N LEU H 81 -28.49 -58.26 -2.81
CA LEU H 81 -27.36 -59.11 -2.45
C LEU H 81 -27.16 -60.10 -3.58
N GLN H 82 -26.00 -60.05 -4.23
CA GLN H 82 -25.70 -60.95 -5.34
C GLN H 82 -24.68 -61.98 -4.85
N MET H 83 -25.09 -63.24 -4.87
CA MET H 83 -24.28 -64.34 -4.39
C MET H 83 -23.76 -65.12 -5.58
N HIS H 84 -22.45 -65.37 -5.59
CA HIS H 84 -21.78 -66.19 -6.59
C HIS H 84 -21.31 -67.50 -5.97
N SER H 85 -21.07 -68.47 -6.85
CA SER H 85 -20.58 -69.82 -6.53
C SER H 85 -21.67 -70.69 -5.91
N LEU H 86 -22.35 -70.20 -4.87
CA LEU H 86 -23.46 -70.91 -4.26
C LEU H 86 -23.05 -72.29 -3.79
N ARG H 87 -22.49 -72.37 -2.58
CA ARG H 87 -22.02 -73.62 -2.01
C ARG H 87 -23.13 -74.30 -1.23
N ASP H 88 -22.95 -75.60 -0.97
CA ASP H 88 -23.94 -76.35 -0.21
C ASP H 88 -24.17 -75.74 1.16
N GLY H 89 -23.12 -75.17 1.76
CA GLY H 89 -23.24 -74.59 3.08
C GLY H 89 -23.99 -73.27 3.13
N ASP H 90 -24.38 -72.73 1.98
CA ASP H 90 -25.11 -71.47 1.90
C ASP H 90 -26.63 -71.65 1.92
N THR H 91 -27.14 -72.87 2.07
CA THR H 91 -28.59 -73.06 2.15
C THR H 91 -29.07 -72.46 3.46
N ALA H 92 -30.01 -71.52 3.38
CA ALA H 92 -30.50 -70.85 4.57
C ALA H 92 -31.65 -69.94 4.20
N VAL H 93 -32.40 -69.52 5.21
CA VAL H 93 -33.36 -68.44 5.05
C VAL H 93 -32.58 -67.15 5.29
N TYR H 94 -32.64 -66.25 4.31
CA TYR H 94 -31.97 -64.96 4.37
C TYR H 94 -32.98 -63.89 4.78
N TYR H 95 -32.60 -63.06 5.73
CA TYR H 95 -33.43 -61.99 6.25
C TYR H 95 -32.78 -60.64 5.98
N CYS H 96 -33.63 -59.70 5.60
CA CYS H 96 -33.31 -58.29 5.42
C CYS H 96 -33.51 -57.61 6.76
N ALA H 97 -32.51 -56.87 7.25
CA ALA H 97 -32.68 -56.18 8.52
C ALA H 97 -32.13 -54.77 8.50
N THR H 98 -32.82 -53.92 9.27
CA THR H 98 -32.46 -52.52 9.45
C THR H 98 -31.80 -52.38 10.81
N GLY H 99 -30.57 -51.86 10.83
CA GLY H 99 -29.74 -51.68 12.00
C GLY H 99 -28.35 -52.23 11.74
N GLY H 100 -27.59 -52.36 12.83
CA GLY H 100 -26.23 -52.86 12.76
C GLY H 100 -25.13 -51.84 12.62
N MET H 101 -25.43 -50.58 12.35
CA MET H 101 -24.38 -49.59 12.18
C MET H 101 -25.00 -48.20 12.26
N SER H 102 -24.16 -47.20 12.49
CA SER H 102 -24.58 -45.81 12.51
C SER H 102 -23.51 -45.01 11.76
N SER H 103 -23.61 -43.67 11.78
CA SER H 103 -22.77 -42.83 10.91
C SER H 103 -22.06 -41.72 11.67
N ALA H 104 -21.54 -41.99 12.87
CA ALA H 104 -20.78 -41.02 13.67
C ALA H 104 -21.59 -39.86 14.24
N LEU H 105 -22.50 -39.28 13.46
CA LEU H 105 -23.30 -38.13 13.87
C LEU H 105 -24.65 -38.55 14.44
N GLN H 106 -24.92 -39.86 14.46
CA GLN H 106 -26.13 -40.49 14.95
C GLN H 106 -25.71 -41.33 16.16
N SER H 107 -26.68 -41.68 17.00
CA SER H 107 -26.32 -42.51 18.13
C SER H 107 -25.98 -43.93 17.66
N SER H 108 -25.28 -44.65 18.54
CA SER H 108 -24.82 -45.99 18.22
C SER H 108 -25.97 -46.97 18.08
N LYS H 109 -25.78 -47.94 17.18
CA LYS H 109 -26.70 -49.06 17.03
C LYS H 109 -26.00 -50.30 17.55
N TYR H 110 -25.24 -51.03 16.72
CA TYR H 110 -24.58 -52.27 17.11
C TYR H 110 -25.61 -53.33 17.49
N TYR H 111 -26.80 -53.22 16.92
CA TYR H 111 -27.86 -54.20 17.05
C TYR H 111 -28.69 -54.15 15.78
N PHE H 112 -29.43 -55.21 15.54
CA PHE H 112 -30.34 -55.28 14.41
C PHE H 112 -31.69 -54.86 14.96
N ASP H 113 -32.40 -53.99 14.25
CA ASP H 113 -33.67 -53.46 14.76
C ASP H 113 -34.88 -54.08 14.07
N PHE H 114 -35.11 -53.76 12.80
CA PHE H 114 -36.28 -54.28 12.08
C PHE H 114 -35.87 -55.47 11.25
N TRP H 115 -36.69 -56.53 11.26
CA TRP H 115 -36.43 -57.74 10.50
C TRP H 115 -37.52 -57.95 9.45
N GLY H 116 -37.12 -58.47 8.28
CA GLY H 116 -38.07 -58.78 7.23
C GLY H 116 -38.70 -60.15 7.36
N GLN H 117 -39.52 -60.49 6.35
CA GLN H 117 -40.25 -61.76 6.35
C GLN H 117 -39.32 -62.95 6.21
N GLY H 118 -38.29 -62.81 5.40
CA GLY H 118 -37.30 -63.84 5.12
C GLY H 118 -37.61 -64.59 3.84
N ALA H 119 -36.56 -65.10 3.19
CA ALA H 119 -36.70 -65.87 1.96
C ALA H 119 -35.72 -67.04 1.99
N LEU H 120 -36.18 -68.22 1.58
CA LEU H 120 -35.36 -69.42 1.64
C LEU H 120 -34.59 -69.64 0.35
N VAL H 121 -33.27 -69.78 0.47
CA VAL H 121 -32.36 -70.05 -0.64
C VAL H 121 -31.77 -71.43 -0.39
N THR H 122 -31.83 -72.29 -1.41
CA THR H 122 -31.31 -73.65 -1.34
C THR H 122 -30.34 -73.90 -2.48
N VAL H 123 -29.46 -74.88 -2.27
CA VAL H 123 -28.48 -75.28 -3.26
C VAL H 123 -28.51 -76.81 -3.35
N ALA I 1 -18.55 -68.53 17.99
CA ALA I 1 -19.94 -68.47 18.39
C ALA I 1 -20.06 -68.30 19.91
N LEU I 2 -21.23 -67.86 20.36
CA LEU I 2 -21.52 -67.73 21.77
C LEU I 2 -22.25 -68.98 22.25
N THR I 3 -22.08 -69.29 23.53
CA THR I 3 -22.70 -70.48 24.13
C THR I 3 -23.93 -70.08 24.96
N GLN I 4 -25.04 -70.77 24.70
CA GLN I 4 -26.31 -70.61 25.39
C GLN I 4 -26.80 -72.00 25.77
N PRO I 5 -27.62 -72.13 26.82
CA PRO I 5 -28.24 -73.43 27.08
C PRO I 5 -29.11 -73.83 25.92
N PRO I 6 -29.23 -75.13 25.64
CA PRO I 6 -30.17 -75.54 24.58
C PRO I 6 -31.63 -75.44 24.96
N SER I 7 -31.95 -75.39 26.25
CA SER I 7 -33.34 -75.40 26.68
C SER I 7 -33.48 -74.75 28.06
N VAL I 8 -34.56 -74.00 28.24
CA VAL I 8 -34.91 -73.35 29.49
C VAL I 8 -36.39 -73.65 29.72
N SER I 9 -36.78 -73.78 30.97
CA SER I 9 -38.19 -74.05 31.26
C SER I 9 -38.61 -73.52 32.62
N GLY I 10 -39.91 -73.43 32.80
CA GLY I 10 -40.51 -73.05 34.07
C GLY I 10 -42.01 -73.00 33.92
N SER I 11 -42.70 -72.80 35.07
CA SER I 11 -44.16 -72.75 35.10
C SER I 11 -44.66 -71.31 34.93
N PRO I 12 -45.89 -71.12 34.40
CA PRO I 12 -46.43 -69.76 34.29
C PRO I 12 -46.44 -69.04 35.62
N GLY I 13 -46.04 -67.77 35.61
CA GLY I 13 -45.97 -66.94 36.78
C GLY I 13 -44.60 -66.88 37.41
N GLN I 14 -43.72 -67.80 37.03
CA GLN I 14 -42.35 -67.88 37.52
C GLN I 14 -41.45 -67.07 36.60
N SER I 15 -40.27 -66.71 37.11
CA SER I 15 -39.27 -66.07 36.28
C SER I 15 -38.27 -67.12 35.80
N VAL I 16 -37.69 -66.87 34.63
CA VAL I 16 -36.63 -67.72 34.09
C VAL I 16 -35.51 -66.83 33.59
N THR I 17 -34.31 -67.42 33.47
CA THR I 17 -33.18 -66.73 32.87
C THR I 17 -32.56 -67.60 31.78
N ILE I 18 -32.03 -66.91 30.76
CA ILE I 18 -31.30 -67.51 29.65
C ILE I 18 -29.90 -66.91 29.67
N SER I 19 -28.88 -67.74 29.80
CA SER I 19 -27.52 -67.23 29.84
C SER I 19 -26.93 -67.16 28.43
N CYS I 20 -25.86 -66.38 28.32
CA CYS I 20 -25.08 -66.21 27.10
C CYS I 20 -23.64 -66.01 27.55
N THR I 21 -22.72 -66.82 27.03
CA THR I 21 -21.31 -66.69 27.41
C THR I 21 -20.44 -66.61 26.17
N GLY I 22 -19.30 -65.95 26.34
CA GLY I 22 -18.31 -65.79 25.28
C GLY I 22 -16.95 -65.62 25.90
N THR I 23 -16.13 -64.74 25.33
CA THR I 23 -14.79 -64.50 25.85
C THR I 23 -14.58 -63.01 26.11
N SER I 24 -13.40 -62.70 26.65
CA SER I 24 -13.04 -61.33 27.02
C SER I 24 -12.83 -60.40 25.84
N SER I 25 -12.64 -60.93 24.63
CA SER I 25 -12.43 -60.10 23.45
C SER I 25 -13.71 -59.69 22.74
N ASP I 26 -14.87 -60.25 23.08
CA ASP I 26 -16.11 -59.95 22.38
C ASP I 26 -17.25 -59.57 23.32
N ILE I 27 -17.88 -60.51 24.04
CA ILE I 27 -18.99 -60.15 24.91
C ILE I 27 -18.51 -59.34 26.11
N GLY I 28 -17.30 -59.62 26.61
CA GLY I 28 -16.75 -58.88 27.72
C GLY I 28 -16.12 -57.54 27.36
N SER I 29 -15.71 -57.36 26.11
CA SER I 29 -15.02 -56.14 25.70
C SER I 29 -15.95 -55.00 25.28
N TYR I 30 -17.14 -55.30 24.74
CA TYR I 30 -18.07 -54.23 24.34
C TYR I 30 -19.42 -54.49 24.99
N ASN I 31 -20.06 -53.42 25.45
CA ASN I 31 -21.39 -53.51 26.07
C ASN I 31 -22.50 -53.37 25.03
N TYR I 32 -22.52 -54.29 24.06
CA TYR I 32 -23.55 -54.31 23.01
C TYR I 32 -24.05 -55.75 22.88
N VAL I 33 -24.80 -56.23 23.86
CA VAL I 33 -25.29 -57.62 23.88
C VAL I 33 -26.80 -57.57 23.73
N SER I 34 -27.29 -57.88 22.53
CA SER I 34 -28.72 -57.82 22.25
C SER I 34 -29.33 -59.22 22.33
N TRP I 35 -30.67 -59.26 22.49
CA TRP I 35 -31.42 -60.51 22.50
C TRP I 35 -32.61 -60.44 21.55
N TYR I 36 -32.87 -61.58 20.87
CA TYR I 36 -33.98 -61.70 19.93
C TYR I 36 -34.87 -62.89 20.27
N GLN I 37 -36.18 -62.73 20.05
CA GLN I 37 -37.18 -63.78 20.25
C GLN I 37 -37.69 -64.22 18.88
N GLN I 38 -37.44 -65.48 18.52
CA GLN I 38 -37.86 -66.03 17.23
C GLN I 38 -38.96 -67.06 17.46
N HIS I 39 -40.20 -66.66 17.19
CA HIS I 39 -41.31 -67.59 17.33
C HIS I 39 -41.22 -68.59 16.18
N PRO I 40 -41.60 -69.85 16.40
CA PRO I 40 -41.52 -70.82 15.28
C PRO I 40 -42.30 -70.31 14.07
N GLY I 41 -41.67 -70.39 12.90
CA GLY I 41 -42.28 -69.98 11.66
C GLY I 41 -42.21 -68.49 11.39
N LYS I 42 -41.65 -67.69 12.30
CA LYS I 42 -41.58 -66.24 12.17
C LYS I 42 -40.14 -65.77 12.13
N ALA I 43 -39.95 -64.58 11.57
CA ALA I 43 -38.66 -63.92 11.59
C ALA I 43 -38.33 -63.46 13.02
N PRO I 44 -37.07 -63.41 13.42
CA PRO I 44 -36.74 -62.89 14.75
C PRO I 44 -37.14 -61.43 14.87
N LYS I 45 -37.53 -61.04 16.10
CA LYS I 45 -37.81 -59.65 16.42
C LYS I 45 -36.93 -59.23 17.59
N LEU I 46 -36.61 -57.95 17.64
CA LEU I 46 -35.76 -57.43 18.69
C LEU I 46 -36.49 -57.36 20.02
N MET I 47 -35.88 -57.94 21.05
CA MET I 47 -36.41 -57.91 22.41
C MET I 47 -35.57 -57.05 23.33
N ILE I 48 -34.25 -57.15 23.23
CA ILE I 48 -33.34 -56.35 24.05
C ILE I 48 -32.23 -55.83 23.14
N TYR I 49 -31.85 -54.57 23.35
CA TYR I 49 -30.72 -53.98 22.63
C TYR I 49 -29.90 -53.31 23.70
N ASP I 50 -28.61 -53.08 23.42
CA ASP I 50 -27.69 -52.56 24.44
C ASP I 50 -27.62 -53.66 25.50
N VAL I 51 -26.90 -53.46 26.60
CA VAL I 51 -26.90 -54.53 27.59
C VAL I 51 -28.21 -54.56 28.36
N THR I 52 -28.71 -53.38 28.77
CA THR I 52 -29.88 -53.29 29.63
C THR I 52 -31.09 -52.59 29.00
N GLN I 53 -31.04 -52.15 27.74
CA GLN I 53 -32.13 -51.37 27.19
C GLN I 53 -33.15 -52.25 26.47
N ARG I 54 -34.43 -51.81 26.53
CA ARG I 54 -35.55 -52.47 25.87
C ARG I 54 -36.12 -51.63 24.73
N PRO I 55 -36.48 -52.21 23.57
CA PRO I 55 -37.14 -51.41 22.53
C PRO I 55 -38.52 -50.95 22.98
N SER I 56 -38.97 -49.84 22.41
CA SER I 56 -40.32 -49.37 22.69
C SER I 56 -41.30 -50.39 22.12
N GLY I 57 -42.38 -50.64 22.85
CA GLY I 57 -43.40 -51.57 22.41
C GLY I 57 -43.24 -52.96 22.98
N VAL I 58 -42.10 -53.26 23.58
CA VAL I 58 -41.81 -54.55 24.19
C VAL I 58 -42.17 -54.48 25.67
N SER I 59 -42.86 -55.50 26.16
CA SER I 59 -43.29 -55.55 27.54
C SER I 59 -42.10 -55.52 28.49
N ASP I 60 -42.34 -54.95 29.68
CA ASP I 60 -41.31 -54.76 30.69
C ASP I 60 -40.99 -56.03 31.48
N ARG I 61 -41.54 -57.17 31.05
CA ARG I 61 -41.20 -58.46 31.64
C ARG I 61 -39.82 -58.93 31.21
N PHE I 62 -39.27 -58.37 30.13
CA PHE I 62 -37.99 -58.78 29.57
C PHE I 62 -36.92 -57.78 30.01
N SER I 63 -35.86 -58.28 30.64
CA SER I 63 -34.78 -57.44 31.14
C SER I 63 -33.49 -58.24 31.02
N GLY I 64 -32.36 -57.61 31.32
CA GLY I 64 -31.11 -58.34 31.21
C GLY I 64 -29.95 -57.57 31.78
N SER I 65 -28.80 -58.24 31.82
CA SER I 65 -27.60 -57.64 32.39
C SER I 65 -26.39 -58.44 31.95
N LYS I 66 -25.20 -57.91 32.26
CA LYS I 66 -23.96 -58.64 32.01
C LYS I 66 -23.02 -58.48 33.20
N SER I 67 -22.12 -59.44 33.32
CA SER I 67 -21.08 -59.42 34.32
C SER I 67 -19.90 -60.21 33.78
N GLY I 68 -18.69 -59.69 33.97
CA GLY I 68 -17.52 -60.42 33.53
C GLY I 68 -17.59 -60.62 32.03
N ASN I 69 -17.49 -61.88 31.62
CA ASN I 69 -17.52 -62.28 30.22
C ASN I 69 -18.81 -62.99 29.87
N THR I 70 -19.86 -62.81 30.68
CA THR I 70 -21.16 -63.43 30.45
C THR I 70 -22.27 -62.39 30.54
N ALA I 71 -23.45 -62.79 30.06
CA ALA I 71 -24.64 -61.94 30.10
C ALA I 71 -25.86 -62.84 30.20
N SER I 72 -26.97 -62.26 30.62
CA SER I 72 -28.20 -63.03 30.70
C SER I 72 -29.43 -62.17 30.45
N LEU I 73 -30.48 -62.86 30.00
CA LEU I 73 -31.81 -62.34 29.77
C LEU I 73 -32.71 -62.92 30.85
N THR I 74 -33.48 -62.07 31.52
CA THR I 74 -34.41 -62.50 32.55
C THR I 74 -35.82 -62.20 32.05
N ILE I 75 -36.68 -63.21 32.13
CA ILE I 75 -38.08 -63.10 31.75
C ILE I 75 -38.90 -63.30 33.02
N SER I 76 -39.47 -62.21 33.54
CA SER I 76 -40.26 -62.25 34.76
C SER I 76 -41.71 -62.46 34.38
N GLY I 77 -42.46 -63.14 35.24
CA GLY I 77 -43.88 -63.26 34.94
C GLY I 77 -44.14 -64.11 33.71
N LEU I 78 -43.42 -65.22 33.57
CA LEU I 78 -43.51 -66.07 32.39
C LEU I 78 -44.94 -66.42 32.05
N GLN I 79 -45.30 -66.26 30.77
CA GLN I 79 -46.62 -66.55 30.24
C GLN I 79 -46.60 -67.78 29.36
N ALA I 80 -47.78 -68.39 29.22
CA ALA I 80 -47.94 -69.56 28.36
C ALA I 80 -47.65 -69.26 26.89
N ASP I 81 -47.75 -68.01 26.47
CA ASP I 81 -47.55 -67.63 25.08
C ASP I 81 -46.10 -67.38 24.69
N ASP I 82 -45.16 -67.48 25.63
CA ASP I 82 -43.76 -67.20 25.32
C ASP I 82 -43.09 -68.47 24.76
N GLU I 83 -43.57 -68.87 23.58
CA GLU I 83 -43.08 -70.06 22.89
C GLU I 83 -42.18 -69.56 21.76
N ALA I 84 -40.87 -69.59 21.99
CA ALA I 84 -39.94 -69.05 21.02
C ALA I 84 -38.52 -69.53 21.32
N ASP I 85 -37.68 -69.45 20.30
CA ASP I 85 -36.24 -69.65 20.45
C ASP I 85 -35.58 -68.30 20.68
N TYR I 86 -34.90 -68.14 21.81
CA TYR I 86 -34.24 -66.89 22.15
C TYR I 86 -32.77 -66.97 21.78
N TYR I 87 -32.25 -65.92 21.16
CA TYR I 87 -30.87 -65.83 20.73
C TYR I 87 -30.22 -64.61 21.34
N CYS I 88 -28.94 -64.73 21.68
CA CYS I 88 -28.11 -63.61 22.09
C CYS I 88 -27.18 -63.29 20.93
N SER I 89 -26.78 -62.02 20.85
CA SER I 89 -25.76 -61.64 19.89
C SER I 89 -24.95 -60.50 20.46
N ALA I 90 -23.72 -60.37 19.98
CA ALA I 90 -22.90 -59.26 20.44
C ALA I 90 -21.95 -58.77 19.36
N TYR I 91 -21.63 -57.47 19.46
CA TYR I 91 -20.62 -56.85 18.63
C TYR I 91 -19.25 -57.38 19.04
N ALA I 92 -18.43 -57.78 18.07
CA ALA I 92 -17.10 -58.32 18.36
C ALA I 92 -15.96 -57.38 18.00
N GLY I 93 -16.03 -56.68 16.88
CA GLY I 93 -14.93 -55.81 16.49
C GLY I 93 -15.16 -55.25 15.09
N ARG I 94 -14.10 -54.65 14.56
CA ARG I 94 -14.14 -54.05 13.24
C ARG I 94 -13.80 -55.03 12.14
N GLN I 95 -13.35 -56.24 12.49
CA GLN I 95 -13.03 -57.31 11.56
C GLN I 95 -14.18 -58.30 11.50
N THR I 96 -14.59 -58.78 12.68
CA THR I 96 -15.74 -59.63 12.85
C THR I 96 -16.75 -58.72 13.53
N PHE I 97 -17.89 -58.48 12.89
CA PHE I 97 -18.85 -57.54 13.44
C PHE I 97 -19.80 -58.14 14.47
N TYR I 98 -20.52 -59.21 14.14
CA TYR I 98 -21.49 -59.76 15.08
C TYR I 98 -21.30 -61.25 15.23
N ILE I 99 -21.46 -61.71 16.46
CA ILE I 99 -21.41 -63.13 16.80
C ILE I 99 -22.73 -63.49 17.45
N PHE I 100 -23.36 -64.55 16.97
CA PHE I 100 -24.59 -65.08 17.54
C PHE I 100 -24.33 -66.38 18.28
N GLY I 101 -25.14 -66.65 19.29
CA GLY I 101 -25.15 -67.91 19.97
C GLY I 101 -26.19 -68.85 19.37
N GLY I 102 -26.33 -70.02 20.00
CA GLY I 102 -27.34 -70.96 19.56
C GLY I 102 -28.66 -70.57 20.16
N GLY I 103 -29.76 -71.09 19.62
CA GLY I 103 -31.05 -70.76 20.20
C GLY I 103 -31.33 -71.56 21.45
N THR I 104 -32.02 -70.93 22.39
CA THR I 104 -32.49 -71.56 23.61
C THR I 104 -34.00 -71.75 23.49
N ARG I 105 -34.45 -73.01 23.58
CA ARG I 105 -35.87 -73.30 23.44
C ARG I 105 -36.54 -73.07 24.79
N LEU I 106 -37.51 -72.17 24.84
CA LEU I 106 -38.25 -71.88 26.07
C LEU I 106 -39.52 -72.69 26.11
N THR I 107 -39.63 -73.57 27.10
CA THR I 107 -40.78 -74.44 27.32
C THR I 107 -41.51 -73.91 28.55
N VAL I 108 -42.81 -73.61 28.40
CA VAL I 108 -43.61 -73.08 29.49
C VAL I 108 -44.56 -74.19 29.92
N LEU I 109 -44.49 -74.56 31.20
CA LEU I 109 -45.23 -75.71 31.70
C LEU I 109 -46.68 -75.34 31.98
N LEU J 9 -26.65 -25.48 -3.11
CA LEU J 9 -27.35 -24.34 -2.54
C LEU J 9 -26.57 -23.04 -2.71
N GLY J 10 -25.24 -23.16 -2.74
CA GLY J 10 -24.36 -22.01 -2.87
C GLY J 10 -23.84 -21.55 -1.52
N PHE J 11 -23.01 -20.50 -1.60
CA PHE J 11 -22.34 -19.95 -0.42
C PHE J 11 -23.36 -19.54 0.65
N LEU J 12 -23.18 -20.08 1.86
CA LEU J 12 -24.06 -19.88 3.01
C LEU J 12 -25.48 -20.42 2.79
N GLY J 13 -25.72 -21.18 1.70
CA GLY J 13 -27.05 -21.69 1.46
C GLY J 13 -27.55 -22.62 2.55
N ALA J 14 -26.63 -23.34 3.20
CA ALA J 14 -26.94 -24.27 4.26
C ALA J 14 -27.00 -23.62 5.64
N ALA J 15 -26.84 -22.29 5.72
CA ALA J 15 -26.80 -21.61 7.01
C ALA J 15 -28.05 -21.88 7.84
N GLY J 16 -29.20 -22.03 7.20
CA GLY J 16 -30.42 -22.31 7.93
C GLY J 16 -30.72 -23.79 8.10
N SER J 17 -29.87 -24.66 7.57
CA SER J 17 -30.08 -26.10 7.61
C SER J 17 -29.49 -26.66 8.90
N THR J 18 -29.77 -27.92 9.17
CA THR J 18 -29.28 -28.50 10.40
C THR J 18 -27.78 -28.77 10.29
N MET J 19 -27.14 -28.99 11.44
CA MET J 19 -25.69 -29.21 11.46
C MET J 19 -25.31 -30.42 10.62
N GLY J 20 -26.14 -31.46 10.63
CA GLY J 20 -25.80 -32.66 9.87
C GLY J 20 -26.08 -32.56 8.40
N ALA J 21 -26.71 -31.47 7.97
CA ALA J 21 -26.98 -31.20 6.56
C ALA J 21 -25.93 -30.23 6.05
N ALA J 22 -25.64 -29.22 6.88
CA ALA J 22 -24.68 -28.18 6.53
C ALA J 22 -23.25 -28.72 6.51
N SER J 23 -23.00 -29.85 7.18
CA SER J 23 -21.67 -30.43 7.20
C SER J 23 -21.22 -30.97 5.85
N MET J 24 -22.14 -31.13 4.90
CA MET J 24 -21.84 -31.62 3.56
C MET J 24 -21.51 -30.52 2.55
N THR J 25 -21.50 -29.26 2.97
CA THR J 25 -21.24 -28.12 2.08
C THR J 25 -19.97 -27.36 2.46
N LEU J 26 -19.03 -28.02 3.13
CA LEU J 26 -17.83 -27.36 3.62
C LEU J 26 -16.94 -26.84 2.50
N THR J 27 -16.90 -27.52 1.36
CA THR J 27 -16.04 -27.06 0.26
C THR J 27 -16.61 -25.82 -0.40
N VAL J 28 -17.93 -25.68 -0.41
CA VAL J 28 -18.58 -24.54 -1.07
C VAL J 28 -18.14 -23.25 -0.40
N GLN J 29 -18.09 -23.26 0.92
CA GLN J 29 -17.71 -22.07 1.67
C GLN J 29 -16.21 -21.95 1.82
N ALA J 30 -15.49 -23.08 1.89
CA ALA J 30 -14.04 -23.00 2.00
C ALA J 30 -13.47 -22.31 0.78
N ARG J 31 -14.05 -22.57 -0.40
CA ARG J 31 -13.55 -21.95 -1.62
C ARG J 31 -13.85 -20.46 -1.71
N ASN J 32 -14.72 -19.93 -0.85
CA ASN J 32 -15.08 -18.51 -0.85
C ASN J 32 -14.38 -17.71 0.22
N LEU J 33 -13.36 -18.27 0.88
CA LEU J 33 -12.60 -17.53 1.87
C LEU J 33 -11.47 -16.74 1.24
N LEU J 34 -10.99 -17.19 0.08
CA LEU J 34 -9.94 -16.50 -0.68
C LEU J 34 -10.50 -15.72 -1.85
N SER J 35 -11.62 -16.16 -2.42
CA SER J 35 -12.22 -15.51 -3.59
C SER J 35 -13.19 -14.41 -3.15
N GLY J 61 -6.00 3.30 -3.13
CA GLY J 61 -6.69 2.15 -2.57
C GLY J 61 -5.89 1.44 -1.51
N ILE J 62 -5.28 2.21 -0.62
CA ILE J 62 -4.47 1.61 0.45
C ILE J 62 -5.36 0.85 1.42
N LYS J 63 -6.58 1.34 1.67
CA LYS J 63 -7.46 0.65 2.62
C LYS J 63 -7.92 -0.69 2.06
N GLN J 64 -8.11 -0.80 0.76
CA GLN J 64 -8.55 -2.08 0.19
C GLN J 64 -7.40 -3.06 0.18
N LEU J 65 -6.18 -2.58 -0.04
CA LEU J 65 -5.03 -3.46 0.00
C LEU J 65 -4.83 -3.96 1.42
N GLN J 66 -5.04 -3.08 2.41
CA GLN J 66 -4.92 -3.52 3.80
C GLN J 66 -5.97 -4.56 4.11
N ALA J 67 -7.18 -4.39 3.58
CA ALA J 67 -8.24 -5.37 3.80
C ALA J 67 -7.86 -6.71 3.19
N ARG J 68 -7.19 -6.70 2.04
CA ARG J 68 -6.80 -7.95 1.41
C ARG J 68 -5.70 -8.64 2.21
N VAL J 69 -4.76 -7.85 2.72
CA VAL J 69 -3.68 -8.42 3.53
C VAL J 69 -4.26 -9.00 4.81
N LEU J 70 -5.20 -8.30 5.43
CA LEU J 70 -5.81 -8.81 6.65
C LEU J 70 -6.57 -10.10 6.39
N ALA J 71 -7.30 -10.16 5.27
CA ALA J 71 -8.02 -11.39 4.95
C ALA J 71 -7.05 -12.55 4.79
N VAL J 72 -5.89 -12.30 4.19
CA VAL J 72 -4.89 -13.35 4.04
C VAL J 72 -4.37 -13.77 5.41
N GLU J 73 -4.10 -12.79 6.29
CA GLU J 73 -3.60 -13.11 7.61
C GLU J 73 -4.61 -13.94 8.39
N HIS J 74 -5.91 -13.64 8.26
CA HIS J 74 -6.91 -14.41 8.97
C HIS J 74 -6.97 -15.83 8.44
N TYR J 75 -6.88 -15.98 7.12
CA TYR J 75 -6.88 -17.31 6.52
C TYR J 75 -5.72 -18.13 7.06
N LEU J 76 -4.53 -17.53 7.05
CA LEU J 76 -3.34 -18.25 7.50
C LEU J 76 -3.41 -18.57 8.98
N ARG J 77 -4.00 -17.69 9.80
CA ARG J 77 -4.12 -18.01 11.22
C ARG J 77 -5.05 -19.19 11.44
N ASP J 78 -6.12 -19.30 10.66
CA ASP J 78 -7.00 -20.44 10.83
C ASP J 78 -6.31 -21.72 10.33
N GLN J 79 -5.53 -21.60 9.26
CA GLN J 79 -4.82 -22.78 8.77
C GLN J 79 -3.76 -23.20 9.77
N GLN J 80 -3.13 -22.23 10.44
CA GLN J 80 -2.12 -22.56 11.45
C GLN J 80 -2.77 -23.29 12.61
N LEU J 81 -3.97 -22.84 13.03
CA LEU J 81 -4.63 -23.54 14.12
C LEU J 81 -4.96 -24.96 13.71
N LEU J 82 -5.42 -25.15 12.47
CA LEU J 82 -5.73 -26.50 12.03
C LEU J 82 -4.47 -27.37 12.00
N GLY J 83 -3.35 -26.79 11.54
CA GLY J 83 -2.10 -27.54 11.49
C GLY J 83 -1.61 -27.95 12.86
N ILE J 84 -1.71 -27.04 13.85
CA ILE J 84 -1.24 -27.32 15.20
C ILE J 84 -2.02 -28.49 15.79
N TRP J 85 -3.32 -28.57 15.51
CA TRP J 85 -4.17 -29.63 16.02
C TRP J 85 -3.99 -30.95 15.29
N GLY J 86 -3.13 -31.00 14.28
CA GLY J 86 -2.91 -32.21 13.51
C GLY J 86 -3.86 -32.40 12.35
N CYS J 87 -4.52 -31.35 11.88
CA CYS J 87 -5.49 -31.40 10.79
C CYS J 87 -4.93 -30.54 9.65
N SER J 88 -4.27 -31.17 8.67
CA SER J 88 -3.65 -30.38 7.62
C SER J 88 -4.60 -30.25 6.43
N GLY J 89 -4.52 -31.17 5.46
CA GLY J 89 -5.40 -31.10 4.31
C GLY J 89 -6.74 -31.73 4.58
N LYS J 90 -7.44 -31.27 5.62
CA LYS J 90 -8.71 -31.85 6.03
C LYS J 90 -9.74 -30.77 6.33
N LEU J 91 -10.99 -31.06 5.96
CA LEU J 91 -12.12 -30.22 6.34
C LEU J 91 -12.86 -30.80 7.53
N ILE J 92 -12.81 -32.12 7.70
CA ILE J 92 -13.39 -32.81 8.83
C ILE J 92 -12.26 -33.66 9.38
N CYS J 93 -11.90 -33.44 10.65
CA CYS J 93 -10.85 -34.24 11.29
C CYS J 93 -11.30 -34.60 12.69
N CYS J 94 -10.99 -35.81 13.10
CA CYS J 94 -11.36 -36.35 14.39
C CYS J 94 -10.17 -36.22 15.34
N THR J 95 -10.45 -36.05 16.62
CA THR J 95 -9.41 -35.84 17.62
C THR J 95 -9.57 -36.83 18.76
N ASN J 96 -8.67 -36.72 19.75
CA ASN J 96 -8.65 -37.56 20.94
C ASN J 96 -9.06 -36.81 22.20
N VAL J 97 -9.72 -35.66 22.07
CA VAL J 97 -10.18 -34.91 23.24
C VAL J 97 -11.63 -35.32 23.51
N PRO J 98 -11.94 -35.88 24.68
CA PRO J 98 -13.33 -36.28 24.94
C PRO J 98 -14.19 -35.06 25.18
N TRP J 99 -15.49 -35.19 24.91
CA TRP J 99 -16.41 -34.11 25.20
C TRP J 99 -16.66 -34.15 26.71
N ASN J 100 -16.57 -33.00 27.37
CA ASN J 100 -16.64 -32.94 28.83
C ASN J 100 -18.07 -32.73 29.36
N SER J 101 -19.08 -32.81 28.52
CA SER J 101 -20.49 -32.70 28.89
C SER J 101 -20.88 -31.30 29.39
N SER J 102 -20.10 -30.70 30.29
CA SER J 102 -20.44 -29.36 30.77
C SER J 102 -20.45 -28.35 29.63
N TRP J 103 -19.67 -28.60 28.58
CA TRP J 103 -19.66 -27.73 27.43
C TRP J 103 -21.04 -27.72 26.77
N SER J 104 -21.67 -28.89 26.70
CA SER J 104 -23.00 -29.09 26.16
C SER J 104 -23.42 -30.52 26.47
N ASN J 105 -24.53 -30.70 27.18
CA ASN J 105 -24.97 -32.03 27.62
C ASN J 105 -26.12 -32.55 26.78
N ARG J 106 -26.20 -32.11 25.53
CA ARG J 106 -27.24 -32.51 24.60
C ARG J 106 -26.93 -33.86 23.95
N ASN J 107 -27.99 -34.52 23.50
CA ASN J 107 -27.88 -35.75 22.73
C ASN J 107 -27.40 -35.43 21.31
N LEU J 108 -26.77 -36.43 20.67
CA LEU J 108 -26.40 -36.25 19.27
C LEU J 108 -27.63 -36.03 18.40
N SER J 109 -28.73 -36.69 18.74
CA SER J 109 -29.98 -36.59 17.99
C SER J 109 -30.62 -35.21 18.05
N GLU J 110 -30.20 -34.33 18.95
CA GLU J 110 -30.74 -32.98 19.05
C GLU J 110 -29.71 -31.91 18.67
N ILE J 111 -28.52 -32.31 18.23
CA ILE J 111 -27.48 -31.38 17.80
C ILE J 111 -27.36 -31.44 16.28
N TRP J 112 -27.17 -32.63 15.74
CA TRP J 112 -26.93 -32.78 14.32
C TRP J 112 -28.23 -32.78 13.53
N ASP J 113 -29.33 -33.22 14.13
CA ASP J 113 -30.63 -33.28 13.47
C ASP J 113 -31.56 -32.12 13.79
N ASN J 114 -31.43 -31.46 14.95
CA ASN J 114 -32.38 -30.42 15.35
C ASN J 114 -31.70 -29.10 15.72
N MET J 115 -30.54 -28.79 15.16
CA MET J 115 -29.87 -27.54 15.50
C MET J 115 -29.06 -27.06 14.29
N THR J 116 -28.88 -25.74 14.19
CA THR J 116 -28.05 -25.14 13.17
C THR J 116 -26.67 -24.83 13.73
N TRP J 117 -25.73 -24.51 12.83
CA TRP J 117 -24.39 -24.17 13.30
C TRP J 117 -24.35 -22.82 14.01
N LEU J 118 -25.24 -21.88 13.65
CA LEU J 118 -25.25 -20.60 14.36
C LEU J 118 -25.69 -20.76 15.80
N GLN J 119 -26.69 -21.62 16.02
CA GLN J 119 -27.17 -21.85 17.37
C GLN J 119 -26.12 -22.57 18.19
N TRP J 120 -25.45 -23.55 17.58
CA TRP J 120 -24.40 -24.27 18.27
C TRP J 120 -23.25 -23.32 18.63
N ASP J 121 -22.84 -22.49 17.67
CA ASP J 121 -21.75 -21.55 17.92
C ASP J 121 -22.07 -20.64 19.09
N LYS J 122 -23.32 -20.18 19.18
CA LYS J 122 -23.70 -19.35 20.31
C LYS J 122 -23.68 -20.15 21.61
N GLU J 123 -24.20 -21.38 21.56
CA GLU J 123 -24.30 -22.22 22.75
C GLU J 123 -22.96 -22.48 23.44
N ILE J 124 -21.89 -22.69 22.67
CA ILE J 124 -20.57 -23.00 23.24
C ILE J 124 -19.56 -21.87 23.04
N SER J 125 -20.01 -20.64 22.80
CA SER J 125 -19.08 -19.54 22.56
C SER J 125 -18.17 -19.29 23.76
N ASN J 126 -18.60 -19.67 24.98
CA ASN J 126 -17.80 -19.47 26.18
C ASN J 126 -16.70 -20.52 26.37
N TYR J 127 -16.69 -21.61 25.57
CA TYR J 127 -15.77 -22.71 25.77
C TYR J 127 -14.76 -22.89 24.63
N THR J 128 -14.81 -22.05 23.59
CA THR J 128 -13.96 -22.30 22.44
C THR J 128 -12.49 -22.10 22.75
N GLN J 129 -12.15 -21.30 23.76
CA GLN J 129 -10.75 -21.11 24.10
C GLN J 129 -10.24 -22.20 25.03
N ILE J 130 -11.11 -23.07 25.53
CA ILE J 130 -10.69 -24.18 26.39
C ILE J 130 -10.42 -25.42 25.53
N ILE J 131 -11.36 -25.67 24.62
CA ILE J 131 -11.29 -26.85 23.76
C ILE J 131 -10.05 -26.76 22.89
N TYR J 132 -9.80 -25.57 22.32
CA TYR J 132 -8.65 -25.40 21.46
C TYR J 132 -7.37 -25.68 22.22
N GLY J 133 -7.30 -25.22 23.47
CA GLY J 133 -6.10 -25.48 24.24
C GLY J 133 -5.88 -26.96 24.46
N LEU J 134 -6.97 -27.69 24.73
CA LEU J 134 -6.84 -29.12 24.93
C LEU J 134 -6.40 -29.79 23.64
N LEU J 135 -6.90 -29.28 22.52
CA LEU J 135 -6.52 -29.88 21.24
C LEU J 135 -5.05 -29.70 20.99
N GLU J 136 -4.49 -28.53 21.34
CA GLU J 136 -3.08 -28.33 21.10
C GLU J 136 -2.26 -29.27 21.96
N GLU J 137 -2.70 -29.45 23.20
CA GLU J 137 -1.94 -30.31 24.10
C GLU J 137 -2.01 -31.74 23.62
N SER J 138 -3.18 -32.16 23.13
CA SER J 138 -3.31 -33.53 22.67
C SER J 138 -2.37 -33.80 21.51
N GLN J 139 -2.27 -32.87 20.57
CA GLN J 139 -1.37 -33.13 19.45
C GLN J 139 0.07 -33.16 19.91
N ASN J 140 0.41 -32.30 20.88
CA ASN J 140 1.79 -32.27 21.34
C ASN J 140 2.16 -33.62 21.93
N GLN J 141 1.24 -34.26 22.64
CA GLN J 141 1.59 -35.56 23.19
C GLN J 141 1.69 -36.60 22.09
N GLN J 142 0.75 -36.56 21.13
CA GLN J 142 0.76 -37.58 20.07
C GLN J 142 1.97 -37.45 19.18
N GLU J 143 2.36 -36.22 18.89
CA GLU J 143 3.51 -36.02 18.02
C GLU J 143 4.76 -36.57 18.66
N LYS J 144 4.92 -36.33 19.98
CA LYS J 144 6.10 -36.86 20.64
C LYS J 144 6.03 -38.38 20.69
N ASN J 145 4.83 -38.92 20.90
CA ASN J 145 4.69 -40.37 20.95
C ASN J 145 5.07 -40.97 19.61
N GLU J 146 4.72 -40.30 18.51
CA GLU J 146 5.07 -40.82 17.20
C GLU J 146 6.57 -40.89 17.05
N GLN J 147 7.27 -39.86 17.54
CA GLN J 147 8.72 -39.85 17.43
C GLN J 147 9.29 -41.04 18.18
N ASP J 148 8.75 -41.31 19.37
CA ASP J 148 9.29 -42.41 20.15
C ASP J 148 9.00 -43.74 19.47
N LEU J 149 7.85 -43.86 18.80
CA LEU J 149 7.58 -45.13 18.15
C LEU J 149 8.47 -45.35 16.93
N LEU J 150 9.10 -44.29 16.41
CA LEU J 150 9.98 -44.40 15.26
C LEU J 150 11.43 -44.60 15.64
N ALA J 151 11.73 -44.63 16.94
CA ALA J 151 13.08 -44.85 17.47
C ALA J 151 13.28 -46.27 17.97
N LEU J 152 12.29 -47.15 17.78
CA LEU J 152 12.42 -48.55 18.17
C LEU J 152 12.90 -49.34 16.95
N ASP J 153 14.08 -49.93 17.07
CA ASP J 153 14.69 -50.66 15.97
C ASP J 153 13.87 -51.89 15.60
N GLN K 1 -64.73 42.19 -26.28
CA GLN K 1 -65.49 43.43 -25.96
C GLN K 1 -66.15 43.30 -24.58
N VAL K 2 -65.33 43.47 -23.54
CA VAL K 2 -65.81 43.28 -22.17
C VAL K 2 -66.72 44.45 -21.81
N GLN K 3 -67.89 44.14 -21.26
CA GLN K 3 -68.88 45.13 -20.83
C GLN K 3 -69.20 44.87 -19.35
N LEU K 4 -68.45 45.51 -18.46
CA LEU K 4 -68.62 45.25 -17.04
C LEU K 4 -69.80 46.03 -16.50
N GLN K 5 -70.52 45.45 -15.54
CA GLN K 5 -71.64 46.12 -14.89
C GLN K 5 -71.72 45.70 -13.43
N GLU K 6 -71.65 46.67 -12.54
CA GLU K 6 -71.77 46.42 -11.10
C GLU K 6 -73.23 46.41 -10.69
N SER K 7 -73.52 45.65 -9.62
CA SER K 7 -74.81 45.72 -8.95
C SER K 7 -74.53 46.20 -7.52
N GLY K 8 -74.62 45.33 -6.52
CA GLY K 8 -74.24 45.71 -5.18
C GLY K 8 -75.15 46.77 -4.57
N PRO K 9 -76.37 46.38 -4.18
CA PRO K 9 -77.30 47.36 -3.61
C PRO K 9 -76.70 48.04 -2.39
N GLY K 10 -77.01 49.32 -2.23
CA GLY K 10 -76.51 50.14 -1.14
C GLY K 10 -77.48 50.22 0.02
N LEU K 11 -77.36 51.31 0.79
CA LEU K 11 -78.15 51.55 2.01
C LEU K 11 -77.80 50.52 3.09
N VAL K 12 -76.53 50.17 3.16
CA VAL K 12 -76.04 49.22 4.15
C VAL K 12 -75.93 49.93 5.49
N GLN K 13 -76.32 49.26 6.57
CA GLN K 13 -76.30 49.89 7.88
C GLN K 13 -74.90 49.81 8.50
N PRO K 14 -74.55 50.76 9.37
CA PRO K 14 -73.25 50.69 10.07
C PRO K 14 -73.04 49.36 10.78
N SER K 15 -71.79 48.88 10.75
CA SER K 15 -71.34 47.61 11.29
C SER K 15 -71.77 46.42 10.44
N GLY K 16 -72.37 46.64 9.27
CA GLY K 16 -72.74 45.57 8.37
C GLY K 16 -71.61 45.24 7.41
N THR K 17 -71.97 44.48 6.38
CA THR K 17 -71.01 44.03 5.36
C THR K 17 -71.55 44.35 3.98
N LEU K 18 -70.67 44.85 3.11
CA LEU K 18 -71.05 45.11 1.73
C LEU K 18 -70.91 43.83 0.93
N SER K 19 -71.73 43.71 -0.12
CA SER K 19 -71.58 42.63 -1.09
C SER K 19 -71.75 43.24 -2.47
N LEU K 20 -70.66 43.44 -3.19
CA LEU K 20 -70.68 44.13 -4.49
C LEU K 20 -70.19 43.14 -5.55
N THR K 21 -71.05 42.83 -6.52
CA THR K 21 -70.72 41.87 -7.57
C THR K 21 -70.63 42.57 -8.92
N CYS K 22 -69.55 42.30 -9.64
CA CYS K 22 -69.28 42.80 -10.98
C CYS K 22 -69.48 41.64 -11.94
N ALA K 23 -70.36 41.85 -12.91
CA ALA K 23 -70.61 40.87 -13.97
C ALA K 23 -69.66 41.14 -15.11
N VAL K 24 -69.22 40.07 -15.77
CA VAL K 24 -68.34 40.14 -16.94
C VAL K 24 -69.11 39.55 -18.11
N SER K 25 -69.14 40.29 -19.22
CA SER K 25 -69.83 39.81 -20.42
C SER K 25 -69.06 40.32 -21.63
N GLY K 26 -68.89 39.43 -22.61
CA GLY K 26 -68.15 39.69 -23.82
C GLY K 26 -66.80 38.97 -23.83
N ASP K 27 -66.44 38.33 -22.72
CA ASP K 27 -65.22 37.57 -22.57
C ASP K 27 -65.41 36.66 -21.37
N SER K 28 -64.41 35.84 -21.08
CA SER K 28 -64.37 35.01 -19.89
C SER K 28 -63.51 35.71 -18.85
N ILE K 29 -63.41 35.12 -17.66
CA ILE K 29 -62.54 35.63 -16.61
C ILE K 29 -61.25 34.82 -16.51
N SER K 30 -60.97 33.98 -17.50
CA SER K 30 -59.77 33.16 -17.55
C SER K 30 -58.70 33.77 -18.44
N SER K 31 -58.93 34.99 -18.93
CA SER K 31 -57.97 35.69 -19.78
C SER K 31 -56.85 36.28 -18.93
N ASN K 32 -55.83 36.80 -19.62
CA ASN K 32 -54.63 37.31 -18.97
C ASN K 32 -54.90 38.70 -18.39
N ASN K 33 -55.76 38.74 -17.37
CA ASN K 33 -56.17 39.99 -16.75
C ASN K 33 -56.41 39.77 -15.27
N TRP K 34 -56.19 40.82 -14.48
CA TRP K 34 -56.60 40.84 -13.08
C TRP K 34 -57.92 41.59 -12.99
N TRP K 35 -58.85 41.07 -12.18
CA TRP K 35 -60.13 41.74 -12.00
C TRP K 35 -59.92 42.64 -10.79
N THR K 36 -60.19 43.95 -10.94
CA THR K 36 -59.85 44.91 -9.90
C THR K 36 -61.05 45.73 -9.47
N TRP K 37 -61.01 46.16 -8.21
CA TRP K 37 -61.99 47.07 -7.64
C TRP K 37 -61.28 48.31 -7.12
N VAL K 38 -61.94 49.45 -7.29
CA VAL K 38 -61.50 50.75 -6.79
C VAL K 38 -62.68 51.45 -6.11
N ARG K 39 -62.36 52.49 -5.33
CA ARG K 39 -63.34 53.28 -4.60
C ARG K 39 -63.09 54.77 -4.82
N GLN K 40 -64.17 55.54 -4.99
CA GLN K 40 -64.08 56.99 -5.13
C GLN K 40 -65.10 57.69 -4.22
N PRO K 41 -64.72 58.13 -3.03
CA PRO K 41 -65.68 58.79 -2.13
C PRO K 41 -66.30 60.01 -2.78
N PRO K 42 -67.49 60.46 -2.33
CA PRO K 42 -68.15 61.59 -2.98
C PRO K 42 -67.43 62.92 -2.78
N GLY K 43 -66.44 63.21 -3.63
CA GLY K 43 -65.66 64.43 -3.55
C GLY K 43 -64.21 64.27 -3.16
N LYS K 44 -63.71 63.05 -3.06
CA LYS K 44 -62.33 62.71 -2.72
C LYS K 44 -61.68 62.09 -3.95
N GLY K 45 -60.39 61.79 -3.83
CA GLY K 45 -59.68 61.17 -4.93
C GLY K 45 -60.05 59.71 -5.05
N LEU K 46 -59.41 59.05 -6.00
CA LEU K 46 -59.73 57.67 -6.35
C LEU K 46 -58.82 56.72 -5.60
N GLU K 47 -59.42 55.78 -4.85
CA GLU K 47 -58.69 54.79 -4.06
C GLU K 47 -58.75 53.43 -4.73
N TRP K 48 -57.67 52.66 -4.57
CA TRP K 48 -57.62 51.27 -5.01
C TRP K 48 -58.09 50.35 -3.90
N ILE K 49 -58.94 49.38 -4.24
CA ILE K 49 -59.45 48.41 -3.26
C ILE K 49 -58.67 47.10 -3.33
N GLY K 50 -58.54 46.53 -4.52
CA GLY K 50 -57.88 45.24 -4.58
C GLY K 50 -58.04 44.57 -5.92
N GLU K 51 -57.33 43.45 -6.07
CA GLU K 51 -57.34 42.69 -7.31
C GLU K 51 -57.43 41.20 -7.00
N ILE K 52 -58.09 40.46 -7.89
CA ILE K 52 -58.16 39.00 -7.84
C ILE K 52 -57.87 38.45 -9.24
N TYR K 53 -57.07 37.37 -9.32
CA TYR K 53 -56.77 36.74 -10.59
C TYR K 53 -57.74 35.58 -10.80
N GLN K 54 -57.64 34.89 -11.95
CA GLN K 54 -58.57 33.80 -12.25
C GLN K 54 -58.34 32.58 -11.34
N SER K 55 -57.17 32.46 -10.74
CA SER K 55 -56.81 31.34 -9.89
C SER K 55 -57.21 31.54 -8.43
N GLY K 56 -57.73 32.71 -8.07
CA GLY K 56 -58.07 33.04 -6.71
C GLY K 56 -56.98 33.76 -5.96
N ILE K 57 -55.88 34.11 -6.62
CA ILE K 57 -54.81 34.88 -5.99
C ILE K 57 -55.34 36.30 -5.82
N THR K 58 -55.19 36.85 -4.62
CA THR K 58 -55.65 38.20 -4.35
C THR K 58 -54.57 39.12 -3.80
N LYS K 59 -54.83 40.41 -3.99
CA LYS K 59 -54.04 41.52 -3.47
C LYS K 59 -55.03 42.52 -2.90
N TYR K 60 -54.73 43.09 -1.73
CA TYR K 60 -55.60 44.06 -1.09
C TYR K 60 -54.81 45.28 -0.63
N ASN K 61 -55.51 46.39 -0.53
CA ASN K 61 -54.96 47.62 0.00
C ASN K 61 -54.79 47.46 1.52
N PRO K 62 -53.58 47.54 2.08
CA PRO K 62 -53.42 47.31 3.52
C PRO K 62 -54.28 48.18 4.42
N SER K 63 -54.81 49.31 3.93
CA SER K 63 -55.64 50.14 4.80
C SER K 63 -56.92 49.42 5.20
N LEU K 64 -57.40 48.49 4.37
CA LEU K 64 -58.60 47.71 4.68
C LEU K 64 -58.19 46.42 5.38
N LYS K 65 -57.57 46.58 6.54
CA LYS K 65 -56.97 45.45 7.24
C LYS K 65 -58.03 44.51 7.78
N SER K 66 -58.03 43.26 7.28
CA SER K 66 -58.99 42.22 7.66
C SER K 66 -60.44 42.67 7.48
N ARG K 67 -60.70 43.62 6.57
CA ARG K 67 -62.05 44.10 6.29
C ARG K 67 -62.60 43.68 4.95
N VAL K 68 -61.74 43.37 3.98
CA VAL K 68 -62.15 43.12 2.60
C VAL K 68 -61.67 41.75 2.14
N SER K 69 -62.52 41.09 1.36
CA SER K 69 -62.20 39.82 0.72
C SER K 69 -62.80 39.88 -0.68
N THR K 70 -62.18 39.15 -1.61
CA THR K 70 -62.62 39.10 -3.00
C THR K 70 -62.75 37.66 -3.44
N SER K 71 -63.70 37.41 -4.35
CA SER K 71 -63.89 36.08 -4.92
C SER K 71 -64.27 36.18 -6.38
N VAL K 72 -64.09 35.06 -7.10
CA VAL K 72 -64.49 34.92 -8.50
C VAL K 72 -65.35 33.67 -8.63
N ASP K 73 -66.16 33.64 -9.68
CA ASP K 73 -66.97 32.46 -10.02
C ASP K 73 -66.94 32.29 -11.53
N LYS K 74 -66.15 31.29 -11.96
CA LYS K 74 -65.91 30.99 -13.37
C LYS K 74 -67.15 30.49 -14.09
N SER K 75 -68.14 29.97 -13.36
CA SER K 75 -69.35 29.44 -14.00
C SER K 75 -70.34 30.54 -14.33
N LYS K 76 -70.12 31.74 -13.79
CA LYS K 76 -70.98 32.89 -13.94
C LYS K 76 -70.26 34.02 -14.64
N ASN K 77 -68.92 33.97 -14.71
CA ASN K 77 -68.10 35.08 -15.18
C ASN K 77 -68.38 36.29 -14.29
N GLN K 78 -68.39 36.04 -12.98
CA GLN K 78 -68.64 37.11 -12.02
C GLN K 78 -67.54 37.15 -10.97
N PHE K 79 -67.34 38.33 -10.39
CA PHE K 79 -66.43 38.46 -9.26
C PHE K 79 -67.03 39.47 -8.29
N SER K 80 -66.65 39.38 -7.01
CA SER K 80 -67.26 40.27 -6.03
C SER K 80 -66.37 40.55 -4.82
N LEU K 81 -66.72 41.66 -4.16
CA LEU K 81 -66.14 42.12 -2.89
C LEU K 81 -67.10 41.87 -1.75
N ARG K 82 -66.54 41.54 -0.58
CA ARG K 82 -67.27 41.42 0.68
C ARG K 82 -66.57 42.27 1.74
N LEU K 83 -66.92 43.56 1.82
CA LEU K 83 -66.25 44.49 2.72
C LEU K 83 -67.03 44.54 4.04
N SER K 84 -66.39 44.08 5.11
CA SER K 84 -67.02 43.99 6.43
C SER K 84 -66.84 45.26 7.26
N SER K 85 -67.63 45.33 8.34
CA SER K 85 -67.57 46.37 9.37
C SER K 85 -67.62 47.81 8.82
N VAL K 86 -68.60 48.08 7.96
CA VAL K 86 -68.68 49.44 7.41
C VAL K 86 -69.11 50.39 8.53
N THR K 87 -68.57 51.62 8.49
CA THR K 87 -68.88 52.64 9.48
C THR K 87 -69.61 53.78 8.78
N ALA K 88 -68.89 54.74 8.20
CA ALA K 88 -69.50 55.89 7.50
C ALA K 88 -68.57 56.44 6.43
N ALA K 89 -67.26 56.19 6.55
CA ALA K 89 -66.23 56.70 5.65
C ALA K 89 -66.18 55.92 4.34
N ASP K 90 -66.95 54.84 4.23
CA ASP K 90 -66.99 53.97 3.06
C ASP K 90 -68.04 54.39 2.05
N THR K 91 -68.77 55.47 2.27
CA THR K 91 -69.72 55.91 1.26
C THR K 91 -68.90 56.37 0.06
N ALA K 92 -69.19 55.79 -1.10
CA ALA K 92 -68.39 56.07 -2.28
C ALA K 92 -69.04 55.44 -3.49
N VAL K 93 -68.58 55.84 -4.67
CA VAL K 93 -68.91 55.10 -5.87
C VAL K 93 -67.83 54.04 -6.03
N TYR K 94 -68.25 52.79 -6.14
CA TYR K 94 -67.36 51.64 -6.31
C TYR K 94 -67.32 51.25 -7.78
N TYR K 95 -66.13 50.94 -8.29
CA TYR K 95 -66.01 50.56 -9.68
C TYR K 95 -65.21 49.26 -9.78
N CYS K 96 -65.57 48.45 -10.78
CA CYS K 96 -64.80 47.29 -11.19
C CYS K 96 -64.14 47.58 -12.53
N ALA K 97 -62.99 46.96 -12.76
CA ALA K 97 -62.29 47.15 -14.02
C ALA K 97 -61.45 45.93 -14.34
N ARG K 98 -61.08 45.83 -15.62
CA ARG K 98 -60.22 44.75 -16.13
C ARG K 98 -58.81 45.30 -16.23
N SER K 99 -57.93 44.89 -15.33
CA SER K 99 -56.57 45.39 -15.30
C SER K 99 -55.74 44.45 -16.18
N ALA K 100 -55.32 44.94 -17.33
CA ALA K 100 -54.66 44.08 -18.29
C ALA K 100 -53.20 43.91 -17.90
N ILE K 101 -52.67 42.71 -18.14
CA ILE K 101 -51.27 42.44 -17.92
C ILE K 101 -50.65 41.75 -19.12
N SER K 102 -49.33 41.89 -19.21
CA SER K 102 -48.50 41.18 -20.17
C SER K 102 -47.76 40.13 -19.36
N ILE K 103 -47.91 38.87 -19.75
CA ILE K 103 -47.33 37.74 -19.04
C ILE K 103 -46.19 37.18 -19.87
N PHE K 104 -45.01 37.07 -19.25
CA PHE K 104 -43.82 36.53 -19.87
C PHE K 104 -43.32 35.27 -19.19
N GLY K 105 -43.73 35.00 -17.95
CA GLY K 105 -43.32 33.82 -17.22
C GLY K 105 -44.45 33.23 -16.41
N VAL K 106 -44.16 32.79 -15.19
CA VAL K 106 -45.13 32.16 -14.32
C VAL K 106 -45.82 33.25 -13.49
N VAL K 107 -47.15 33.26 -13.51
CA VAL K 107 -47.92 34.29 -12.82
C VAL K 107 -47.70 34.24 -11.31
N VAL K 108 -47.61 33.04 -10.70
CA VAL K 108 -47.44 32.99 -9.26
C VAL K 108 -46.08 33.49 -8.80
N LEU K 109 -45.13 33.68 -9.71
CA LEU K 109 -43.81 34.20 -9.38
C LEU K 109 -43.70 35.68 -9.69
N GLY K 110 -44.80 36.31 -10.10
CA GLY K 110 -44.82 37.73 -10.41
C GLY K 110 -44.21 38.08 -11.74
N GLU K 111 -44.16 37.13 -12.67
CA GLU K 111 -43.52 37.33 -13.97
C GLU K 111 -44.53 37.91 -14.96
N TYR K 112 -44.95 39.13 -14.66
CA TYR K 112 -45.91 39.85 -15.49
C TYR K 112 -45.77 41.34 -15.19
N TYR K 113 -46.34 42.17 -16.06
CA TYR K 113 -46.39 43.61 -15.80
C TYR K 113 -47.75 44.14 -16.26
N TYR K 114 -48.15 45.28 -15.68
CA TYR K 114 -49.47 45.85 -15.93
C TYR K 114 -49.51 46.80 -17.12
N ASN K 115 -50.62 46.73 -17.87
CA ASN K 115 -50.87 47.59 -19.02
C ASN K 115 -52.03 48.56 -18.78
N GLY K 116 -52.41 48.82 -17.53
CA GLY K 116 -53.45 49.77 -17.22
C GLY K 116 -54.82 49.11 -17.07
N MET K 117 -55.69 49.80 -16.32
CA MET K 117 -57.05 49.33 -16.04
C MET K 117 -58.00 49.66 -17.20
N ASP K 118 -57.92 48.88 -18.26
CA ASP K 118 -58.80 49.10 -19.39
C ASP K 118 -60.24 48.65 -19.09
N VAL K 119 -61.18 49.17 -19.87
CA VAL K 119 -62.59 48.78 -19.84
C VAL K 119 -63.24 48.93 -18.45
N TRP K 120 -63.22 50.13 -17.89
CA TRP K 120 -63.93 50.37 -16.64
C TRP K 120 -65.43 50.16 -16.80
N GLY K 121 -66.08 49.74 -15.72
CA GLY K 121 -67.52 49.65 -15.68
C GLY K 121 -68.11 51.02 -15.40
N GLN K 122 -69.43 51.06 -15.19
CA GLN K 122 -70.08 52.34 -14.98
C GLN K 122 -70.08 52.79 -13.52
N GLY K 123 -69.96 51.87 -12.59
CA GLY K 123 -69.89 52.19 -11.18
C GLY K 123 -71.22 52.03 -10.46
N THR K 124 -71.13 51.69 -9.17
CA THR K 124 -72.31 51.51 -8.31
C THR K 124 -72.13 52.41 -7.09
N THR K 125 -73.15 53.22 -6.79
CA THR K 125 -73.06 54.12 -5.65
C THR K 125 -73.46 53.36 -4.40
N VAL K 126 -72.59 53.34 -3.39
CA VAL K 126 -72.83 52.64 -2.14
C VAL K 126 -72.78 53.66 -1.02
N THR K 127 -73.86 53.74 -0.25
CA THR K 127 -73.96 54.62 0.91
C THR K 127 -74.06 53.77 2.16
N VAL K 128 -73.72 54.38 3.29
CA VAL K 128 -73.74 53.71 4.59
C VAL K 128 -74.49 54.59 5.59
N ASP L 1 -45.19 52.64 2.14
CA ASP L 1 -45.94 52.79 0.87
C ASP L 1 -45.39 53.94 0.05
N ILE L 2 -45.54 53.85 -1.27
CA ILE L 2 -45.09 54.90 -2.18
C ILE L 2 -46.12 56.02 -2.16
N GLN L 3 -45.65 57.26 -2.17
CA GLN L 3 -46.51 58.44 -2.21
C GLN L 3 -46.48 59.06 -3.60
N MET L 4 -47.68 59.29 -4.16
CA MET L 4 -47.85 59.89 -5.46
C MET L 4 -48.41 61.30 -5.32
N THR L 5 -47.73 62.28 -5.92
CA THR L 5 -48.11 63.68 -5.83
C THR L 5 -48.37 64.17 -7.24
N GLN L 6 -49.50 64.83 -7.46
CA GLN L 6 -49.87 65.39 -8.75
C GLN L 6 -49.98 66.91 -8.66
N SER L 7 -49.35 67.62 -9.60
CA SER L 7 -49.38 69.07 -9.51
C SER L 7 -49.09 69.74 -10.85
N PRO L 8 -49.81 70.82 -11.24
CA PRO L 8 -50.56 71.81 -10.42
C PRO L 8 -51.87 71.26 -9.86
N ALA L 9 -52.41 71.80 -8.76
CA ALA L 9 -53.69 71.32 -8.26
C ALA L 9 -54.81 71.52 -9.27
N SER L 10 -54.78 72.61 -10.02
CA SER L 10 -55.79 72.90 -11.02
C SER L 10 -55.19 73.81 -12.09
N GLN L 11 -55.85 73.85 -13.25
CA GLN L 11 -55.47 74.74 -14.34
C GLN L 11 -56.71 75.40 -14.90
N SER L 12 -56.53 76.62 -15.43
CA SER L 12 -57.57 77.35 -16.15
C SER L 12 -56.96 77.80 -17.47
N VAL L 13 -57.32 77.12 -18.56
CA VAL L 13 -56.71 77.31 -19.87
C VAL L 13 -57.78 77.46 -20.93
N SER L 14 -57.36 77.94 -22.10
CA SER L 14 -58.21 78.11 -23.27
C SER L 14 -58.09 76.92 -24.21
N VAL L 15 -59.06 76.83 -25.13
CA VAL L 15 -59.04 75.80 -26.16
C VAL L 15 -57.94 76.11 -27.16
N GLY L 16 -57.13 75.10 -27.49
CA GLY L 16 -56.02 75.21 -28.42
C GLY L 16 -54.66 75.33 -27.76
N GLU L 17 -54.60 75.55 -26.46
CA GLU L 17 -53.34 75.64 -25.74
C GLU L 17 -52.82 74.26 -25.38
N THR L 18 -51.51 74.17 -25.18
CA THR L 18 -50.86 72.94 -24.76
C THR L 18 -50.64 73.00 -23.24
N VAL L 19 -51.01 71.92 -22.54
CA VAL L 19 -50.84 71.85 -21.10
C VAL L 19 -50.03 70.61 -20.71
N THR L 20 -49.40 70.68 -19.54
CA THR L 20 -48.65 69.55 -19.00
C THR L 20 -49.11 69.30 -17.56
N ILE L 21 -49.35 68.03 -17.23
CA ILE L 21 -49.71 67.58 -15.89
C ILE L 21 -48.54 66.71 -15.42
N THR L 22 -48.05 66.95 -14.20
CA THR L 22 -46.86 66.25 -13.72
C THR L 22 -47.10 65.48 -12.42
N CYS L 23 -46.69 64.21 -12.44
CA CYS L 23 -46.79 63.26 -11.34
C CYS L 23 -45.38 62.99 -10.80
N ARG L 24 -45.22 63.17 -9.50
CA ARG L 24 -43.94 62.98 -8.82
C ARG L 24 -44.12 61.85 -7.83
N VAL L 25 -43.14 60.94 -7.80
CA VAL L 25 -43.22 59.72 -7.01
C VAL L 25 -42.02 59.67 -6.07
N SER L 26 -42.24 59.20 -4.84
CA SER L 26 -41.16 59.13 -3.85
C SER L 26 -40.09 58.09 -4.17
N GLU L 27 -40.34 57.16 -5.09
CA GLU L 27 -39.40 56.12 -5.45
C GLU L 27 -39.36 55.98 -6.97
N ASN L 28 -38.22 55.53 -7.48
CA ASN L 28 -38.11 55.29 -8.91
C ASN L 28 -38.95 54.08 -9.28
N ILE L 29 -39.94 54.28 -10.15
CA ILE L 29 -40.89 53.23 -10.51
C ILE L 29 -40.67 52.70 -11.93
N TYR L 30 -39.56 53.08 -12.57
CA TYR L 30 -39.14 52.55 -13.86
C TYR L 30 -40.24 52.54 -14.92
N SER L 31 -40.97 53.65 -15.00
CA SER L 31 -42.06 53.86 -15.97
C SER L 31 -43.22 52.90 -15.81
N HIS L 32 -43.39 52.26 -14.65
CA HIS L 32 -44.59 51.45 -14.40
C HIS L 32 -45.71 52.35 -13.88
N LEU L 33 -46.13 53.30 -14.74
CA LEU L 33 -47.14 54.28 -14.38
C LEU L 33 -48.19 54.39 -15.47
N ALA L 34 -49.42 54.76 -15.09
CA ALA L 34 -50.52 54.90 -16.04
C ALA L 34 -51.32 56.16 -15.78
N TRP L 35 -51.82 56.76 -16.87
CA TRP L 35 -52.48 58.07 -16.87
C TRP L 35 -53.92 57.90 -17.31
N TYR L 36 -54.86 58.15 -16.38
CA TYR L 36 -56.30 58.01 -16.55
C TYR L 36 -56.97 59.37 -16.68
N GLN L 37 -58.08 59.41 -17.44
CA GLN L 37 -58.91 60.60 -17.61
C GLN L 37 -60.34 60.32 -17.11
N GLN L 38 -60.80 61.12 -16.15
CA GLN L 38 -62.14 61.01 -15.59
C GLN L 38 -62.96 62.21 -16.09
N LYS L 39 -63.89 61.94 -17.02
CA LYS L 39 -64.63 62.99 -17.72
C LYS L 39 -65.84 63.49 -16.94
N GLN L 40 -65.56 64.18 -15.83
CA GLN L 40 -66.58 64.89 -15.04
C GLN L 40 -67.77 64.02 -14.63
N GLY L 41 -67.51 62.90 -13.96
CA GLY L 41 -68.56 62.01 -13.50
C GLY L 41 -68.63 60.66 -14.21
N LYS L 42 -67.92 60.50 -15.32
CA LYS L 42 -67.86 59.25 -16.04
C LYS L 42 -66.74 58.40 -15.45
N SER L 43 -66.78 57.10 -15.71
CA SER L 43 -65.72 56.25 -15.21
C SER L 43 -64.39 56.67 -15.82
N PRO L 44 -63.28 56.64 -15.06
CA PRO L 44 -61.98 56.96 -15.64
C PRO L 44 -61.64 56.07 -16.83
N GLN L 45 -61.03 56.69 -17.85
CA GLN L 45 -60.58 55.99 -19.03
C GLN L 45 -59.06 56.09 -19.10
N LEU L 46 -58.45 55.08 -19.72
CA LEU L 46 -57.00 54.93 -19.74
C LEU L 46 -56.43 55.72 -20.90
N LEU L 47 -55.56 56.70 -20.63
CA LEU L 47 -54.91 57.41 -21.72
C LEU L 47 -53.52 56.86 -22.04
N VAL L 48 -52.67 56.68 -21.03
CA VAL L 48 -51.31 56.22 -21.26
C VAL L 48 -51.03 55.02 -20.36
N TYR L 49 -50.53 53.93 -20.94
CA TYR L 49 -50.09 52.76 -20.18
C TYR L 49 -48.60 52.63 -20.43
N GLY L 50 -47.83 52.41 -19.38
CA GLY L 50 -46.39 52.26 -19.54
C GLY L 50 -45.61 53.55 -19.51
N ALA L 51 -46.26 54.66 -19.14
CA ALA L 51 -45.73 56.03 -19.08
C ALA L 51 -45.59 56.68 -20.44
N THR L 52 -45.06 55.98 -21.45
CA THR L 52 -44.78 56.58 -22.75
C THR L 52 -45.43 55.85 -23.93
N ASN L 53 -46.40 54.97 -23.72
CA ASN L 53 -47.12 54.32 -24.82
C ASN L 53 -48.58 54.77 -24.89
N LEU L 54 -48.96 55.33 -26.04
CA LEU L 54 -50.33 55.81 -26.22
C LEU L 54 -51.31 54.65 -26.12
N ALA L 55 -52.37 54.81 -25.34
CA ALA L 55 -53.36 53.75 -25.22
C ALA L 55 -54.15 53.63 -26.53
N ASP L 56 -54.55 52.40 -26.84
CA ASP L 56 -55.31 52.13 -28.05
C ASP L 56 -56.65 52.87 -28.06
N GLY L 57 -56.89 53.65 -29.11
CA GLY L 57 -58.12 54.39 -29.26
C GLY L 57 -58.09 55.82 -28.75
N VAL L 58 -56.99 56.26 -28.16
CA VAL L 58 -56.86 57.60 -27.60
C VAL L 58 -56.29 58.54 -28.65
N PRO L 59 -56.81 59.77 -28.80
CA PRO L 59 -56.22 60.71 -29.77
C PRO L 59 -54.73 60.95 -29.52
N SER L 60 -54.00 61.11 -30.63
CA SER L 60 -52.55 61.30 -30.61
C SER L 60 -52.11 62.59 -29.93
N ARG L 61 -53.03 63.53 -29.65
CA ARG L 61 -52.64 64.76 -28.96
C ARG L 61 -52.24 64.51 -27.51
N PHE L 62 -52.57 63.35 -26.95
CA PHE L 62 -52.19 62.99 -25.59
C PHE L 62 -50.88 62.23 -25.69
N SER L 63 -49.81 62.74 -25.07
CA SER L 63 -48.51 62.09 -25.15
C SER L 63 -47.80 62.11 -23.81
N GLY L 64 -47.45 60.92 -23.32
CA GLY L 64 -46.76 60.81 -22.05
C GLY L 64 -45.26 60.90 -22.22
N SER L 65 -44.59 61.33 -21.15
CA SER L 65 -43.14 61.39 -21.12
C SER L 65 -42.73 61.27 -19.67
N GLY L 66 -41.44 60.99 -19.44
CA GLY L 66 -40.91 60.94 -18.09
C GLY L 66 -40.07 59.72 -17.84
N SER L 67 -39.39 59.76 -16.70
CA SER L 67 -38.50 58.69 -16.28
C SER L 67 -38.20 58.88 -14.81
N GLY L 68 -37.60 57.84 -14.21
CA GLY L 68 -37.12 57.98 -12.86
C GLY L 68 -38.27 58.24 -11.89
N THR L 69 -38.19 59.39 -11.24
CA THR L 69 -39.15 59.82 -10.24
C THR L 69 -40.04 60.96 -10.73
N GLN L 70 -39.97 61.32 -12.02
CA GLN L 70 -40.79 62.42 -12.55
C GLN L 70 -41.40 62.03 -13.88
N TYR L 71 -42.75 62.07 -13.94
CA TYR L 71 -43.50 61.68 -15.12
C TYR L 71 -44.50 62.79 -15.44
N SER L 72 -44.80 62.97 -16.72
CA SER L 72 -45.78 63.99 -17.10
C SER L 72 -46.56 63.56 -18.33
N LEU L 73 -47.74 64.15 -18.45
CA LEU L 73 -48.64 63.98 -19.58
C LEU L 73 -48.78 65.33 -20.27
N LYS L 74 -48.46 65.40 -21.56
CA LYS L 74 -48.58 66.62 -22.34
C LYS L 74 -49.80 66.48 -23.24
N ILE L 75 -50.67 67.48 -23.20
CA ILE L 75 -51.87 67.51 -24.02
C ILE L 75 -51.76 68.69 -24.97
N ASN L 76 -51.51 68.40 -26.25
CA ASN L 76 -51.33 69.43 -27.26
C ASN L 76 -52.71 69.79 -27.81
N ASN L 77 -52.87 71.04 -28.24
CA ASN L 77 -54.10 71.50 -28.90
C ASN L 77 -55.34 71.11 -28.10
N LEU L 78 -55.32 71.47 -26.82
CA LEU L 78 -56.39 71.07 -25.89
C LEU L 78 -57.76 71.50 -26.41
N GLN L 79 -58.70 70.56 -26.40
CA GLN L 79 -60.06 70.77 -26.87
C GLN L 79 -61.04 70.83 -25.70
N SER L 80 -62.29 71.16 -26.03
CA SER L 80 -63.34 71.25 -25.01
C SER L 80 -63.62 69.90 -24.36
N GLU L 81 -63.53 68.82 -25.14
CA GLU L 81 -63.82 67.47 -24.64
C GLU L 81 -62.76 66.95 -23.66
N ASP L 82 -61.61 67.60 -23.55
CA ASP L 82 -60.53 67.12 -22.71
C ASP L 82 -60.56 67.69 -21.29
N PHE L 83 -61.51 68.56 -20.97
CA PHE L 83 -61.57 69.12 -19.62
C PHE L 83 -62.15 68.07 -18.67
N GLY L 84 -61.57 67.98 -17.49
CA GLY L 84 -61.97 66.97 -16.53
C GLY L 84 -60.81 66.66 -15.60
N SER L 85 -60.93 65.56 -14.86
CA SER L 85 -59.89 65.21 -13.90
C SER L 85 -58.92 64.22 -14.52
N TYR L 86 -57.65 64.33 -14.13
CA TYR L 86 -56.60 63.44 -14.59
C TYR L 86 -55.91 62.81 -13.40
N TYR L 87 -55.59 61.51 -13.53
CA TYR L 87 -55.02 60.73 -12.43
C TYR L 87 -53.85 59.89 -12.90
N CYS L 88 -52.89 59.66 -12.00
CA CYS L 88 -51.69 58.87 -12.28
C CYS L 88 -51.61 57.74 -11.26
N GLN L 89 -51.26 56.53 -11.72
CA GLN L 89 -51.16 55.37 -10.83
C GLN L 89 -49.87 54.60 -11.02
N HIS L 90 -49.13 54.38 -9.93
CA HIS L 90 -47.90 53.57 -9.94
C HIS L 90 -48.22 52.07 -9.86
N PHE L 91 -47.77 51.30 -10.85
CA PHE L 91 -47.92 49.85 -10.84
C PHE L 91 -46.69 49.14 -10.23
N TRP L 92 -45.72 49.90 -9.73
CA TRP L 92 -44.47 49.31 -9.23
C TRP L 92 -44.70 48.39 -8.03
N ASP L 93 -45.49 48.82 -7.05
CA ASP L 93 -45.66 48.07 -5.82
C ASP L 93 -47.07 48.25 -5.31
N ALA L 94 -47.52 47.26 -4.52
CA ALA L 94 -48.90 47.20 -4.07
C ALA L 94 -49.03 47.77 -2.66
N PRO L 95 -49.90 48.75 -2.43
CA PRO L 95 -51.14 49.04 -3.16
C PRO L 95 -50.87 50.00 -4.30
N TYR L 96 -51.45 49.72 -5.47
CA TYR L 96 -51.29 50.55 -6.66
C TYR L 96 -52.01 51.88 -6.43
N THR L 97 -51.36 52.73 -5.64
CA THR L 97 -51.90 54.01 -5.21
C THR L 97 -52.16 54.92 -6.40
N PHE L 98 -53.22 55.72 -6.30
CA PHE L 98 -53.65 56.64 -7.33
C PHE L 98 -53.36 58.06 -6.89
N GLY L 99 -52.74 58.84 -7.77
CA GLY L 99 -52.36 60.18 -7.41
C GLY L 99 -53.60 61.03 -7.16
N GLY L 100 -53.49 61.94 -6.19
CA GLY L 100 -54.61 62.78 -5.76
C GLY L 100 -55.49 63.34 -6.86
N GLY L 101 -54.91 63.58 -8.02
CA GLY L 101 -55.61 64.02 -9.21
C GLY L 101 -55.53 65.51 -9.43
N THR L 102 -55.61 65.91 -10.69
CA THR L 102 -55.62 67.33 -11.05
C THR L 102 -56.87 67.60 -11.85
N LYS L 103 -57.38 68.82 -11.76
CA LYS L 103 -58.60 69.24 -12.47
C LYS L 103 -58.22 70.21 -13.57
N LEU L 104 -58.50 69.86 -14.82
CA LEU L 104 -58.20 70.69 -15.97
C LEU L 104 -59.50 71.34 -16.44
N GLU L 105 -59.56 72.67 -16.35
CA GLU L 105 -60.73 73.45 -16.74
C GLU L 105 -60.34 74.57 -17.69
N ASN M 3 23.58 -44.24 12.51
CA ASN M 3 22.81 -44.37 13.73
C ASN M 3 21.83 -43.22 13.91
N LEU M 4 22.25 -42.01 13.56
CA LEU M 4 21.45 -40.81 13.72
C LEU M 4 20.91 -40.33 12.39
N TRP M 5 19.71 -39.75 12.43
CA TRP M 5 18.98 -39.26 11.28
C TRP M 5 18.61 -37.80 11.50
N VAL M 6 18.47 -37.06 10.40
CA VAL M 6 18.09 -35.65 10.47
C VAL M 6 16.61 -35.54 10.82
N THR M 7 16.29 -34.78 11.88
CA THR M 7 14.93 -34.48 12.28
C THR M 7 14.73 -32.98 12.18
N VAL M 8 13.62 -32.57 11.56
CA VAL M 8 13.32 -31.17 11.31
C VAL M 8 12.33 -30.67 12.36
N TYR M 9 12.65 -29.54 12.96
CA TYR M 9 11.85 -28.89 13.99
C TYR M 9 11.44 -27.51 13.50
N TYR M 10 10.19 -27.14 13.74
CA TYR M 10 9.65 -25.83 13.38
C TYR M 10 9.11 -25.23 14.67
N GLY M 11 9.51 -24.00 14.95
CA GLY M 11 9.16 -23.33 16.19
C GLY M 11 10.37 -23.27 17.12
N VAL M 12 11.57 -23.38 16.57
CA VAL M 12 12.84 -23.38 17.31
C VAL M 12 13.12 -22.00 17.90
N PRO M 13 13.47 -21.89 19.22
CA PRO M 13 13.68 -20.59 19.87
C PRO M 13 15.03 -19.95 19.53
N VAL M 14 15.23 -19.61 18.25
CA VAL M 14 16.44 -18.94 17.81
C VAL M 14 16.08 -17.71 17.00
N TRP M 15 17.04 -16.81 16.89
CA TRP M 15 16.83 -15.56 16.16
C TRP M 15 18.17 -15.08 15.61
N LYS M 16 18.06 -14.14 14.66
CA LYS M 16 19.21 -13.49 14.05
C LYS M 16 18.99 -11.98 14.01
N ASP M 17 20.08 -11.24 14.03
CA ASP M 17 19.99 -9.79 13.96
C ASP M 17 19.29 -9.39 12.66
N ALA M 18 18.38 -8.41 12.74
CA ALA M 18 17.66 -7.99 11.55
C ALA M 18 17.20 -6.55 11.69
N GLU M 19 16.99 -5.92 10.53
CA GLU M 19 16.46 -4.57 10.41
C GLU M 19 15.10 -4.67 9.73
N THR M 20 14.05 -4.22 10.42
CA THR M 20 12.70 -4.22 9.86
C THR M 20 12.00 -2.92 10.20
N THR M 21 10.81 -2.75 9.63
CA THR M 21 9.99 -1.59 9.92
C THR M 21 9.16 -1.85 11.17
N LEU M 22 9.23 -0.93 12.12
CA LEU M 22 8.45 -1.00 13.35
C LEU M 22 7.23 -0.11 13.19
N PHE M 23 6.20 -0.38 13.98
CA PHE M 23 5.00 0.45 13.98
C PHE M 23 4.85 1.05 15.36
N CYS M 24 4.11 2.16 15.45
CA CYS M 24 3.91 2.82 16.73
C CYS M 24 2.54 2.53 17.34
N ALA M 25 2.52 2.59 18.66
CA ALA M 25 1.32 2.55 19.48
C ALA M 25 1.37 3.74 20.41
N SER M 26 0.21 4.31 20.72
CA SER M 26 0.16 5.42 21.66
C SER M 26 -1.23 5.53 22.24
N ASP M 27 -1.34 6.33 23.30
CA ASP M 27 -2.61 6.56 23.97
C ASP M 27 -2.58 7.90 24.70
N HIS M 36 -5.47 19.68 19.51
CA HIS M 36 -4.63 18.70 18.86
C HIS M 36 -3.19 18.80 19.36
N ASN M 37 -2.34 17.93 18.83
CA ASN M 37 -0.93 17.84 19.20
C ASN M 37 -0.12 17.53 17.95
N VAL M 38 1.11 18.06 17.89
CA VAL M 38 1.97 17.88 16.72
C VAL M 38 2.28 16.40 16.52
N TRP M 39 2.32 15.63 17.61
CA TRP M 39 2.43 14.19 17.55
C TRP M 39 1.02 13.71 17.86
N ALA M 40 0.61 12.59 17.29
CA ALA M 40 -0.79 12.20 17.47
C ALA M 40 -0.98 10.70 17.47
N THR M 41 -2.12 10.30 18.05
CA THR M 41 -2.50 8.92 18.19
C THR M 41 -3.18 8.35 16.95
N HIS M 42 -3.68 9.20 16.04
CA HIS M 42 -4.34 8.64 14.87
C HIS M 42 -3.33 8.00 13.91
N ALA M 43 -2.04 8.35 14.06
CA ALA M 43 -0.99 7.77 13.23
C ALA M 43 -0.52 6.43 13.79
N CYS M 44 -0.98 6.04 14.97
CA CYS M 44 -0.52 4.85 15.69
C CYS M 44 -1.74 4.01 16.03
N VAL M 45 -1.48 2.82 16.58
CA VAL M 45 -2.53 1.92 17.02
C VAL M 45 -2.73 2.07 18.53
N PRO M 46 -3.82 1.55 19.10
CA PRO M 46 -3.94 1.57 20.57
C PRO M 46 -2.86 0.71 21.22
N THR M 47 -2.49 1.08 22.43
CA THR M 47 -1.50 0.33 23.19
C THR M 47 -2.16 -0.86 23.88
N ASP M 48 -1.32 -1.80 24.31
CA ASP M 48 -1.79 -2.94 25.10
C ASP M 48 -1.84 -2.52 26.56
N PRO M 49 -3.02 -2.49 27.21
CA PRO M 49 -3.05 -2.12 28.63
C PRO M 49 -2.23 -3.02 29.55
N ASN M 50 -1.93 -4.25 29.14
CA ASN M 50 -1.18 -5.20 29.96
C ASN M 50 -0.10 -5.89 29.13
N PRO M 51 0.94 -5.16 28.75
CA PRO M 51 1.97 -5.76 27.88
C PRO M 51 2.77 -6.77 28.69
N GLN M 52 3.33 -7.76 28.01
CA GLN M 52 4.13 -8.78 28.66
C GLN M 52 5.61 -8.57 28.42
N GLU M 53 6.40 -9.11 29.35
CA GLU M 53 7.85 -9.16 29.29
C GLU M 53 8.23 -10.55 29.77
N ILE M 54 9.02 -11.28 28.98
CA ILE M 54 9.42 -12.64 29.32
C ILE M 54 10.91 -12.67 29.56
N HIS M 55 11.31 -12.95 30.80
CA HIS M 55 12.73 -12.99 31.14
C HIS M 55 13.37 -14.24 30.56
N LEU M 56 14.55 -14.10 29.95
CA LEU M 56 15.27 -15.24 29.39
C LEU M 56 16.35 -15.61 30.40
N GLU M 57 16.11 -16.67 31.16
CA GLU M 57 16.93 -16.98 32.33
C GLU M 57 18.40 -17.22 31.99
N ASN M 58 18.70 -17.87 30.86
CA ASN M 58 20.07 -18.20 30.47
C ASN M 58 20.48 -17.65 29.11
N VAL M 59 19.98 -16.49 28.71
CA VAL M 59 20.30 -15.90 27.40
C VAL M 59 21.13 -14.65 27.62
N THR M 60 22.31 -14.62 27.01
CA THR M 60 23.22 -13.49 27.01
C THR M 60 23.37 -13.03 25.57
N GLU M 61 23.03 -11.77 25.28
CA GLU M 61 23.09 -11.27 23.91
C GLU M 61 23.99 -10.04 23.83
N GLU M 62 24.60 -9.84 22.67
CA GLU M 62 25.45 -8.67 22.45
C GLU M 62 24.63 -7.53 21.87
N PHE M 63 24.72 -6.37 22.52
CA PHE M 63 24.02 -5.16 22.16
C PHE M 63 25.03 -4.11 21.71
N ASN M 64 24.59 -3.22 20.82
CA ASN M 64 25.42 -2.11 20.38
C ASN M 64 24.49 -0.93 20.07
N MET M 65 24.39 0.03 21.01
CA MET M 65 23.46 1.14 20.84
C MET M 65 23.85 2.06 19.69
N TRP M 66 25.09 1.99 19.21
CA TRP M 66 25.58 2.88 18.18
C TRP M 66 25.28 2.37 16.78
N LYS M 67 24.80 1.13 16.65
CA LYS M 67 24.47 0.49 15.39
C LYS M 67 23.02 0.03 15.40
N ASN M 68 22.21 0.61 16.29
CA ASN M 68 20.82 0.24 16.52
C ASN M 68 19.96 1.00 15.52
N ASN M 69 19.35 0.27 14.58
CA ASN M 69 18.59 0.89 13.51
C ASN M 69 17.24 1.42 13.97
N MET M 70 16.87 1.22 15.24
CA MET M 70 15.63 1.76 15.76
C MET M 70 15.71 3.29 15.86
N VAL M 71 16.92 3.82 16.01
CA VAL M 71 17.12 5.24 16.15
C VAL M 71 16.86 5.95 14.82
N GLU M 72 17.34 5.35 13.73
CA GLU M 72 17.13 5.95 12.41
C GLU M 72 15.66 5.97 12.06
N GLN M 73 14.92 4.91 12.42
CA GLN M 73 13.49 4.91 12.15
C GLN M 73 12.77 5.91 13.03
N MET M 74 13.17 6.01 14.30
CA MET M 74 12.51 6.98 15.18
C MET M 74 12.72 8.39 14.66
N HIS M 75 13.93 8.67 14.16
CA HIS M 75 14.27 9.98 13.62
C HIS M 75 13.41 10.29 12.41
N GLU M 76 13.34 9.34 11.46
CA GLU M 76 12.54 9.55 10.27
C GLU M 76 11.06 9.73 10.61
N ASP M 77 10.55 8.92 11.54
CA ASP M 77 9.13 9.02 11.89
C ASP M 77 8.81 10.34 12.55
N ILE M 78 9.70 10.82 13.43
CA ILE M 78 9.45 12.09 14.10
C ILE M 78 9.47 13.24 13.09
N ILE M 79 10.44 13.23 12.16
CA ILE M 79 10.47 14.31 11.18
C ILE M 79 9.23 14.25 10.30
N SER M 80 8.82 13.05 9.89
CA SER M 80 7.63 12.93 9.04
C SER M 80 6.39 13.42 9.77
N LEU M 81 6.25 13.11 11.07
CA LEU M 81 5.09 13.60 11.80
C LEU M 81 5.14 15.12 11.91
N TRP M 82 6.33 15.67 12.16
CA TRP M 82 6.49 17.11 12.28
C TRP M 82 6.04 17.80 10.99
N ASP M 83 6.52 17.30 9.85
CA ASP M 83 6.18 17.94 8.59
C ASP M 83 4.70 17.76 8.26
N GLN M 84 4.13 16.58 8.57
CA GLN M 84 2.71 16.37 8.28
C GLN M 84 1.85 17.32 9.09
N SER M 85 2.25 17.60 10.33
CA SER M 85 1.48 18.48 11.18
C SER M 85 1.51 19.94 10.73
N LEU M 86 2.42 20.32 9.83
CA LEU M 86 2.49 21.68 9.30
C LEU M 86 1.88 21.81 7.92
N LYS M 87 1.29 20.76 7.36
CA LYS M 87 0.72 20.88 6.02
C LYS M 87 -0.58 21.68 6.03
N PRO M 88 -1.58 21.38 6.88
CA PRO M 88 -2.83 22.16 6.85
C PRO M 88 -2.74 23.45 7.68
N CYS M 89 -1.78 24.31 7.33
CA CYS M 89 -1.49 25.51 8.12
C CYS M 89 -1.21 26.65 7.14
N VAL M 90 -0.93 27.84 7.69
CA VAL M 90 -0.85 29.06 6.88
C VAL M 90 0.59 29.32 6.44
N LYS M 91 0.76 29.54 5.14
CA LYS M 91 2.05 29.85 4.52
C LYS M 91 2.26 31.36 4.60
N LEU M 92 3.30 31.80 5.29
CA LEU M 92 3.51 33.24 5.48
C LEU M 92 4.38 33.88 4.41
N THR M 93 4.01 33.69 3.14
CA THR M 93 4.75 34.34 2.06
C THR M 93 4.47 35.85 2.02
N PRO M 94 3.28 36.35 2.40
CA PRO M 94 3.09 37.81 2.45
C PRO M 94 3.99 38.55 3.45
N LEU M 95 4.68 37.86 4.34
CA LEU M 95 5.53 38.51 5.34
C LEU M 95 6.97 38.76 4.91
N CYS M 96 7.39 38.33 3.72
CA CYS M 96 8.76 38.61 3.30
C CYS M 96 8.70 39.97 2.61
N VAL M 97 8.61 41.00 3.46
CA VAL M 97 8.44 42.39 3.06
C VAL M 97 9.47 43.22 3.83
N THR M 98 9.65 44.46 3.39
CA THR M 98 10.53 45.37 4.11
C THR M 98 9.80 45.82 5.38
N LEU M 99 10.49 45.75 6.51
CA LEU M 99 9.98 46.16 7.80
C LEU M 99 10.65 47.45 8.19
N GLN M 100 9.92 48.36 8.83
CA GLN M 100 10.47 49.61 9.36
C GLN M 100 10.41 49.54 10.88
N CYS M 101 11.56 49.30 11.51
CA CYS M 101 11.61 48.96 12.93
C CYS M 101 12.28 50.06 13.75
N THR M 102 11.84 50.14 15.00
CA THR M 102 12.45 50.96 16.05
C THR M 102 12.57 50.09 17.30
N ASN M 103 13.24 50.62 18.33
CA ASN M 103 13.38 49.88 19.58
C ASN M 103 12.12 50.02 20.42
N TYR M 104 11.58 48.88 20.87
CA TYR M 104 10.32 48.90 21.62
C TYR M 104 10.44 49.65 22.94
N THR M 105 11.46 49.34 23.75
CA THR M 105 11.71 50.02 25.03
C THR M 105 13.17 50.45 25.12
N PRO M 106 13.53 51.55 24.45
CA PRO M 106 14.96 51.89 24.33
C PRO M 106 15.62 52.28 25.64
N ASN M 107 14.84 52.57 26.69
CA ASN M 107 15.36 53.04 27.96
C ASN M 107 15.63 51.95 28.98
N LEU M 108 15.62 50.67 28.57
CA LEU M 108 15.95 49.61 29.50
C LEU M 108 17.45 49.56 29.72
N THR M 109 17.85 49.15 30.92
CA THR M 109 19.25 48.89 31.26
C THR M 109 19.50 47.41 31.53
N SER M 110 18.50 46.56 31.31
CA SER M 110 18.61 45.14 31.56
C SER M 110 19.22 44.47 30.34
N MET M 111 19.43 43.15 30.42
CA MET M 111 20.00 42.38 29.32
C MET M 111 19.13 42.33 28.08
N MET M 112 17.90 42.86 28.11
CA MET M 112 17.05 42.93 26.93
C MET M 112 17.17 44.26 26.17
N ARG M 113 18.11 45.13 26.52
CA ARG M 113 18.26 46.33 25.71
C ARG M 113 18.69 45.90 24.32
N GLY M 114 17.97 46.40 23.32
CA GLY M 114 18.25 46.09 21.94
C GLY M 114 17.41 44.94 21.42
N GLU M 115 16.74 44.21 22.31
CA GLU M 115 15.88 43.08 21.97
C GLU M 115 14.43 43.52 22.08
N LEU M 116 13.60 43.02 21.15
CA LEU M 116 12.19 43.37 20.98
C LEU M 116 12.11 44.69 20.23
N LYS M 117 11.90 44.61 18.93
CA LYS M 117 11.78 45.77 18.06
C LYS M 117 10.33 45.91 17.63
N ASN M 118 9.89 47.16 17.54
CA ASN M 118 8.55 47.55 17.11
C ASN M 118 8.62 47.84 15.62
N CYS M 119 8.18 46.88 14.83
CA CYS M 119 8.32 46.88 13.38
C CYS M 119 6.97 47.09 12.71
N SER M 120 6.93 47.99 11.74
CA SER M 120 5.74 48.26 10.95
C SER M 120 5.93 47.71 9.55
N PHE M 121 4.84 47.29 8.92
CA PHE M 121 4.88 46.79 7.55
C PHE M 121 3.51 46.86 6.90
N ASN M 122 3.51 46.81 5.56
CA ASN M 122 2.30 46.78 4.75
C ASN M 122 1.95 45.33 4.45
N MET M 123 0.97 44.79 5.16
CA MET M 123 0.55 43.40 5.04
C MET M 123 -0.65 43.29 4.11
N THR M 124 -0.79 42.11 3.51
CA THR M 124 -1.92 41.85 2.64
C THR M 124 -3.17 41.61 3.49
N THR M 125 -4.33 41.60 2.84
CA THR M 125 -5.57 41.35 3.54
C THR M 125 -6.45 40.46 2.69
N GLU M 126 -7.72 40.36 3.08
CA GLU M 126 -8.64 39.43 2.41
C GLU M 126 -8.80 39.77 0.94
N LEU M 127 -8.88 41.06 0.61
CA LEU M 127 -9.04 41.49 -0.78
C LEU M 127 -7.68 41.86 -1.36
N ARG M 128 -7.48 41.49 -2.63
CA ARG M 128 -6.21 41.74 -3.31
C ARG M 128 -5.96 43.21 -3.62
N ASP M 129 -6.98 44.06 -3.51
CA ASP M 129 -6.83 45.47 -3.84
C ASP M 129 -6.35 46.31 -2.66
N LYS M 130 -6.50 45.83 -1.44
CA LYS M 130 -6.27 46.60 -0.24
C LYS M 130 -5.01 46.14 0.48
N LYS M 131 -4.45 47.05 1.28
CA LYS M 131 -3.31 46.77 2.15
C LYS M 131 -3.66 47.23 3.56
N GLN M 132 -3.04 46.56 4.53
CA GLN M 132 -3.24 46.83 5.95
C GLN M 132 -1.93 47.19 6.60
N LYS M 133 -1.87 48.33 7.29
CA LYS M 133 -0.63 48.67 7.98
C LYS M 133 -0.67 47.94 9.32
N VAL M 134 0.39 47.20 9.60
CA VAL M 134 0.49 46.35 10.78
C VAL M 134 1.72 46.74 11.58
N TYR M 135 1.56 46.82 12.89
CA TYR M 135 2.66 47.03 13.82
C TYR M 135 2.74 45.78 14.68
N SER M 136 3.95 45.26 14.87
CA SER M 136 4.14 44.07 15.70
C SER M 136 5.51 44.11 16.33
N LEU M 137 5.68 43.29 17.36
CA LEU M 137 6.98 43.18 18.03
C LEU M 137 7.68 41.91 17.56
N PHE M 138 8.97 42.03 17.23
CA PHE M 138 9.78 40.90 16.83
C PHE M 138 11.04 40.85 17.69
N TYR M 139 11.55 39.65 17.91
CA TYR M 139 12.80 39.51 18.63
C TYR M 139 13.95 39.89 17.72
N ARG M 140 15.03 40.39 18.31
CA ARG M 140 16.19 40.80 17.51
C ARG M 140 16.73 39.63 16.68
N LEU M 141 16.70 38.42 17.24
CA LEU M 141 17.29 37.28 16.55
C LEU M 141 16.52 36.86 15.30
N ASP M 142 15.27 37.32 15.15
CA ASP M 142 14.44 36.98 14.01
C ASP M 142 14.47 38.01 12.89
N VAL M 143 15.10 39.16 13.11
CA VAL M 143 15.05 40.28 12.18
C VAL M 143 16.49 40.65 11.79
N VAL M 144 16.74 40.71 10.48
CA VAL M 144 18.06 41.02 9.91
C VAL M 144 18.03 42.41 9.29
N GLN M 145 19.02 43.25 9.63
CA GLN M 145 19.09 44.59 9.06
C GLN M 145 19.59 44.54 7.62
N ILE M 146 18.91 45.25 6.74
CA ILE M 146 19.27 45.30 5.32
C ILE M 146 19.80 46.66 4.88
N ASN M 147 19.31 47.76 5.46
CA ASN M 147 19.69 49.12 5.07
C ASN M 147 19.22 49.40 3.64
N ASN M 158 13.18 55.30 11.74
CA ASN M 158 13.06 53.85 11.67
C ASN M 158 14.11 53.31 10.70
N LYS M 159 14.54 52.06 10.89
CA LYS M 159 15.50 51.43 9.98
C LYS M 159 14.83 50.26 9.25
N GLU M 160 15.33 49.97 8.05
CA GLU M 160 14.79 48.89 7.23
C GLU M 160 15.40 47.53 7.57
N TYR M 161 14.53 46.56 7.84
CA TYR M 161 14.87 45.19 8.20
C TYR M 161 14.07 44.21 7.36
N ARG M 162 14.53 42.95 7.34
CA ARG M 162 13.80 41.85 6.70
C ARG M 162 13.76 40.70 7.68
N LEU M 163 12.82 39.77 7.47
CA LEU M 163 12.83 38.57 8.29
C LEU M 163 14.03 37.71 7.91
N ILE M 164 14.60 37.05 8.92
CA ILE M 164 15.80 36.24 8.71
C ILE M 164 15.61 35.14 7.67
N ASN M 165 14.38 34.65 7.47
CA ASN M 165 14.18 33.57 6.50
C ASN M 165 14.22 34.02 5.05
N CYS M 166 14.08 35.31 4.76
CA CYS M 166 13.97 35.73 3.36
C CYS M 166 15.24 35.40 2.58
N ASN M 167 16.35 35.27 3.28
CA ASN M 167 17.64 34.96 2.67
C ASN M 167 17.73 33.52 2.18
N THR M 168 17.07 32.58 2.86
CA THR M 168 17.20 31.15 2.52
C THR M 168 15.91 30.34 2.40
N SER M 169 14.81 30.72 3.04
CA SER M 169 13.67 29.80 3.07
C SER M 169 12.34 30.49 3.27
N ALA M 170 11.28 29.75 2.95
CA ALA M 170 9.92 30.16 3.23
C ALA M 170 9.52 29.71 4.62
N ILE M 171 8.55 30.43 5.21
CA ILE M 171 8.00 30.16 6.52
C ILE M 171 6.56 29.67 6.43
N THR M 172 6.27 28.61 7.18
CA THR M 172 4.93 28.09 7.39
C THR M 172 4.57 28.45 8.83
N GLN M 173 3.41 29.05 9.04
CA GLN M 173 2.97 29.37 10.39
C GLN M 173 2.34 28.15 11.03
N ALA M 174 2.91 27.71 12.15
CA ALA M 174 2.38 26.51 12.80
C ALA M 174 0.95 26.78 13.24
N CYS M 175 0.11 25.77 13.13
CA CYS M 175 -1.27 25.93 13.53
C CYS M 175 -1.37 26.17 15.04
N PRO M 176 -2.05 27.25 15.49
CA PRO M 176 -2.06 27.58 16.93
C PRO M 176 -2.81 26.58 17.79
N LYS M 177 -3.58 25.68 17.20
CA LYS M 177 -4.37 24.69 17.93
C LYS M 177 -3.69 23.34 18.01
N VAL M 178 -2.45 23.21 17.56
CA VAL M 178 -1.72 21.96 17.56
C VAL M 178 -0.62 22.11 18.62
N SER M 179 -0.73 21.30 19.67
CA SER M 179 0.20 21.30 20.79
C SER M 179 1.56 20.72 20.41
N PHE M 180 2.61 21.24 21.07
CA PHE M 180 3.97 20.74 20.90
C PHE M 180 4.43 19.92 22.12
N GLU M 181 3.50 19.48 22.97
CA GLU M 181 3.87 18.71 24.15
C GLU M 181 4.19 17.26 23.76
N PRO M 182 5.38 16.73 24.08
CA PRO M 182 5.69 15.33 23.74
C PRO M 182 4.70 14.32 24.30
N ILE M 183 4.28 13.40 23.45
CA ILE M 183 3.39 12.30 23.80
C ILE M 183 4.19 11.01 23.73
N PRO M 184 4.24 10.18 24.79
CA PRO M 184 5.02 8.93 24.70
C PRO M 184 4.59 8.05 23.54
N ILE M 185 5.58 7.58 22.79
CA ILE M 185 5.38 6.71 21.63
C ILE M 185 5.99 5.35 21.96
N HIS M 186 5.22 4.29 21.77
CA HIS M 186 5.67 2.92 22.01
C HIS M 186 5.97 2.29 20.67
N TYR M 187 7.20 1.81 20.47
CA TYR M 187 7.56 1.15 19.22
C TYR M 187 7.38 -0.36 19.35
N CYS M 188 6.63 -0.94 18.42
CA CYS M 188 6.24 -2.34 18.43
C CYS M 188 6.78 -3.02 17.17
N ALA M 189 7.24 -4.26 17.35
CA ALA M 189 7.76 -5.07 16.26
C ALA M 189 6.63 -5.75 15.48
N PRO M 190 6.80 -5.95 14.17
CA PRO M 190 5.82 -6.74 13.42
C PRO M 190 5.94 -8.22 13.76
N ALA M 191 4.88 -8.97 13.46
CA ALA M 191 4.89 -10.41 13.70
C ALA M 191 6.08 -11.05 12.99
N GLY M 192 6.73 -11.98 13.68
CA GLY M 192 7.89 -12.66 13.19
C GLY M 192 9.18 -12.10 13.74
N PHE M 193 9.11 -10.94 14.42
CA PHE M 193 10.21 -10.24 15.03
C PHE M 193 9.92 -10.06 16.51
N ALA M 194 10.97 -9.81 17.29
CA ALA M 194 10.82 -9.59 18.72
C ALA M 194 11.82 -8.52 19.15
N ILE M 195 11.53 -7.83 20.26
CA ILE M 195 12.43 -6.82 20.79
C ILE M 195 13.02 -7.37 22.07
N LEU M 196 14.35 -7.37 22.15
CA LEU M 196 15.05 -7.86 23.33
C LEU M 196 15.47 -6.66 24.17
N LYS M 197 15.27 -6.75 25.48
CA LYS M 197 15.64 -5.71 26.44
C LYS M 197 16.78 -6.18 27.31
N CYS M 198 17.81 -5.34 27.44
CA CYS M 198 19.02 -5.69 28.19
C CYS M 198 18.71 -5.99 29.66
N LYS M 199 18.00 -5.10 30.33
CA LYS M 199 17.64 -5.16 31.76
C LYS M 199 18.85 -5.14 32.70
N ASP M 200 20.04 -4.87 32.21
CA ASP M 200 21.19 -4.74 33.11
C ASP M 200 21.17 -3.33 33.69
N LYS M 201 21.85 -3.16 34.83
CA LYS M 201 21.90 -1.87 35.51
C LYS M 201 23.18 -1.09 35.24
N LYS M 202 24.26 -1.75 34.81
CA LYS M 202 25.54 -1.09 34.55
C LYS M 202 25.91 -1.15 33.07
N PHE M 203 24.94 -1.42 32.20
CA PHE M 203 25.21 -1.55 30.77
C PHE M 203 25.58 -0.20 30.17
N ASN M 204 26.71 -0.16 29.47
CA ASN M 204 27.27 1.06 28.92
C ASN M 204 26.89 1.31 27.47
N GLY M 205 25.93 0.54 26.92
CA GLY M 205 25.48 0.70 25.56
C GLY M 205 26.07 -0.28 24.56
N THR M 206 27.15 -0.96 24.90
CA THR M 206 27.77 -1.94 24.02
C THR M 206 28.09 -3.19 24.82
N GLY M 207 28.38 -4.27 24.11
CA GLY M 207 28.76 -5.51 24.74
C GLY M 207 27.61 -6.40 25.18
N PRO M 208 27.94 -7.52 25.82
CA PRO M 208 26.90 -8.47 26.24
C PRO M 208 26.02 -7.99 27.39
N CYS M 209 24.77 -8.44 27.35
CA CYS M 209 23.80 -8.28 28.43
C CYS M 209 23.40 -9.69 28.88
N PRO M 210 23.75 -10.11 30.10
CA PRO M 210 23.40 -11.47 30.55
C PRO M 210 21.99 -11.63 31.10
N SER M 211 21.14 -10.59 31.05
CA SER M 211 19.79 -10.62 31.63
C SER M 211 18.74 -10.20 30.62
N VAL M 212 18.84 -10.74 29.40
CA VAL M 212 17.97 -10.32 28.30
C VAL M 212 16.55 -10.82 28.53
N SER M 213 15.57 -9.96 28.26
CA SER M 213 14.16 -10.31 28.29
C SER M 213 13.56 -9.99 26.92
N THR M 214 12.44 -10.65 26.59
CA THR M 214 11.73 -10.42 25.34
C THR M 214 10.48 -9.61 25.58
N VAL M 215 10.30 -8.55 24.78
CA VAL M 215 9.12 -7.70 24.81
C VAL M 215 8.57 -7.58 23.39
N GLN M 216 7.30 -7.20 23.32
CA GLN M 216 6.61 -6.91 22.06
C GLN M 216 6.77 -5.45 21.67
N CYS M 217 6.70 -4.55 22.65
CA CYS M 217 6.76 -3.12 22.44
C CYS M 217 7.69 -2.49 23.45
N THR M 218 8.31 -1.37 23.07
CA THR M 218 9.15 -0.60 23.98
C THR M 218 8.28 0.20 24.94
N HIS M 219 8.92 0.81 25.94
CA HIS M 219 8.19 1.67 26.86
C HIS M 219 7.87 2.97 26.13
N GLY M 220 7.10 3.85 26.78
CA GLY M 220 6.77 5.07 26.10
C GLY M 220 7.93 6.02 26.19
N ILE M 221 8.41 6.45 25.02
CA ILE M 221 9.55 7.36 24.90
C ILE M 221 8.99 8.70 24.48
N LYS M 222 9.24 9.73 25.27
CA LYS M 222 8.72 11.04 24.92
C LYS M 222 9.60 11.67 23.85
N PRO M 223 9.03 12.18 22.73
CA PRO M 223 9.90 12.81 21.73
C PRO M 223 10.32 14.22 22.15
N VAL M 224 11.13 14.29 23.20
CA VAL M 224 11.60 15.58 23.70
C VAL M 224 12.76 16.03 22.82
N VAL M 225 12.67 17.26 22.34
CA VAL M 225 13.68 17.86 21.47
C VAL M 225 14.48 18.86 22.28
N SER M 226 15.79 18.62 22.42
CA SER M 226 16.64 19.52 23.19
C SER M 226 18.08 19.31 22.76
N THR M 227 18.95 20.24 23.16
CA THR M 227 20.39 20.13 22.96
C THR M 227 21.13 20.29 24.28
N GLN M 228 22.37 19.79 24.31
CA GLN M 228 23.26 19.88 25.47
C GLN M 228 22.75 19.14 26.68
N LEU M 229 21.60 19.56 27.21
CA LEU M 229 20.95 18.94 28.34
C LEU M 229 19.73 18.17 27.87
N LEU M 230 19.61 16.93 28.32
CA LEU M 230 18.46 16.08 28.00
C LEU M 230 17.44 16.26 29.10
N LEU M 231 16.25 16.73 28.73
CA LEU M 231 15.19 16.99 29.69
C LEU M 231 14.20 15.83 29.66
N ASN M 232 13.69 15.48 30.85
CA ASN M 232 12.71 14.40 31.00
C ASN M 232 13.29 13.08 30.50
N GLY M 233 12.51 12.01 30.57
CA GLY M 233 12.99 10.68 30.21
C GLY M 233 13.49 9.89 31.40
N SER M 234 14.09 8.74 31.10
CA SER M 234 14.47 7.82 32.16
C SER M 234 15.82 8.19 32.77
N LEU M 235 16.03 7.68 33.99
CA LEU M 235 17.24 7.84 34.78
C LEU M 235 17.96 6.52 34.99
N ALA M 236 19.26 6.62 35.24
CA ALA M 236 20.05 5.45 35.60
C ALA M 236 19.58 4.98 36.98
N GLU M 237 19.66 3.67 37.22
CA GLU M 237 19.17 3.16 38.50
C GLU M 237 20.21 3.12 39.61
N GLU M 238 21.49 2.89 39.31
CA GLU M 238 22.50 2.76 40.37
C GLU M 238 23.56 3.86 40.37
N GLU M 239 24.00 4.32 39.21
CA GLU M 239 25.09 5.30 39.14
C GLU M 239 24.99 6.04 37.82
N VAL M 240 25.75 7.13 37.72
CA VAL M 240 25.82 7.87 36.47
C VAL M 240 26.54 6.98 35.47
N ILE M 241 25.99 6.82 34.27
CA ILE M 241 26.58 5.97 33.24
C ILE M 241 27.11 6.83 32.10
N ILE M 242 28.39 6.65 31.79
CA ILE M 242 29.09 7.37 30.72
C ILE M 242 29.09 6.46 29.49
N ARG M 243 28.41 6.86 28.42
CA ARG M 243 28.30 6.06 27.21
C ARG M 243 28.94 6.79 26.04
N SER M 244 29.81 6.12 25.31
CA SER M 244 30.45 6.72 24.14
C SER M 244 30.78 5.64 23.13
N GLU M 245 30.72 6.01 21.85
CA GLU M 245 31.13 5.08 20.81
C GLU M 245 32.59 4.66 20.95
N ASN M 246 33.47 5.59 21.37
CA ASN M 246 34.89 5.29 21.46
C ASN M 246 35.58 5.71 22.76
N ILE M 247 35.14 6.80 23.41
CA ILE M 247 35.82 7.43 24.56
C ILE M 247 37.13 8.09 24.14
N THR M 248 38.05 7.33 23.55
CA THR M 248 39.34 7.90 23.20
C THR M 248 39.30 8.76 21.94
N ASN M 249 38.28 8.61 21.10
CA ASN M 249 38.12 9.44 19.91
C ASN M 249 37.37 10.70 20.32
N ASN M 250 38.04 11.85 20.29
CA ASN M 250 37.43 13.08 20.77
C ASN M 250 36.42 13.66 19.79
N ALA M 251 36.23 13.04 18.62
CA ALA M 251 35.23 13.48 17.65
C ALA M 251 33.84 12.93 17.94
N LYS M 252 33.71 12.03 18.91
CA LYS M 252 32.43 11.39 19.25
C LYS M 252 31.82 12.11 20.45
N ASN M 253 30.50 12.02 20.56
CA ASN M 253 29.81 12.58 21.70
C ASN M 253 29.79 11.57 22.84
N ILE M 254 29.75 12.11 24.07
CA ILE M 254 29.63 11.33 25.29
C ILE M 254 28.25 11.62 25.87
N LEU M 255 27.46 10.56 26.07
CA LEU M 255 26.12 10.67 26.63
C LEU M 255 26.19 10.24 28.09
N VAL M 256 25.87 11.17 28.99
CA VAL M 256 25.96 10.95 30.42
C VAL M 256 24.54 10.79 30.93
N GLN M 257 24.22 9.62 31.48
CA GLN M 257 22.90 9.35 32.02
C GLN M 257 22.97 9.47 33.53
N LEU M 258 22.19 10.38 34.10
CA LEU M 258 22.22 10.66 35.52
C LEU M 258 21.34 9.67 36.26
N ASN M 259 21.67 9.42 37.54
CA ASN M 259 20.86 8.55 38.38
C ASN M 259 19.90 9.32 39.27
N THR M 260 19.90 10.65 39.19
CA THR M 260 18.99 11.50 39.93
C THR M 260 18.61 12.63 38.97
N PRO M 261 17.37 13.12 39.00
CA PRO M 261 17.03 14.25 38.14
C PRO M 261 17.57 15.52 38.76
N VAL M 262 17.86 16.52 37.92
CA VAL M 262 18.12 17.87 38.40
C VAL M 262 16.98 18.74 37.91
N GLN M 263 16.27 19.40 38.81
CA GLN M 263 15.12 20.17 38.39
C GLN M 263 15.56 21.50 37.81
N ILE M 264 14.96 21.88 36.69
CA ILE M 264 15.21 23.17 36.05
C ILE M 264 13.87 23.88 35.88
N ASN M 265 13.78 25.11 36.40
CA ASN M 265 12.56 25.92 36.36
C ASN M 265 12.73 27.05 35.37
N CYS M 266 12.01 27.01 34.24
CA CYS M 266 12.17 27.97 33.16
C CYS M 266 10.91 28.83 33.08
N THR M 267 11.11 30.13 32.79
CA THR M 267 10.00 31.06 32.67
C THR M 267 10.21 32.09 31.56
N ARG M 268 9.08 32.57 31.06
CA ARG M 268 8.94 33.65 30.08
C ARG M 268 8.04 34.67 30.76
N PRO M 269 8.62 35.56 31.58
CA PRO M 269 7.82 36.43 32.46
C PRO M 269 6.97 37.49 31.78
N ASN M 270 7.17 37.78 30.50
CA ASN M 270 6.41 38.86 29.87
C ASN M 270 4.97 38.47 29.55
N ASN M 271 4.05 39.33 29.97
CA ASN M 271 2.61 39.17 29.76
C ASN M 271 2.26 39.69 28.37
N ASN M 272 2.52 38.86 27.36
CA ASN M 272 2.34 39.26 25.97
C ASN M 272 0.86 39.28 25.59
N THR M 273 0.45 40.35 24.91
CA THR M 273 -0.89 40.50 24.38
C THR M 273 -0.76 40.19 22.90
N VAL M 274 -1.48 39.16 22.46
CA VAL M 274 -1.43 38.62 21.10
C VAL M 274 -2.63 39.11 20.29
N LYS M 275 -2.35 39.62 19.10
CA LYS M 275 -3.35 40.12 18.16
C LYS M 275 -3.35 39.20 16.95
N SER M 276 -4.46 39.21 16.21
CA SER M 276 -4.60 38.37 15.02
C SER M 276 -5.23 39.19 13.90
N ILE M 277 -4.62 39.12 12.72
CA ILE M 277 -5.09 39.80 11.53
C ILE M 277 -5.26 38.80 10.40
N ARG M 278 -6.27 39.05 9.57
CA ARG M 278 -6.53 38.19 8.42
C ARG M 278 -5.65 38.64 7.26
N ILE M 279 -4.93 37.70 6.66
CA ILE M 279 -3.98 37.99 5.58
C ILE M 279 -4.41 37.39 4.25
N GLY M 280 -5.58 36.77 4.19
CA GLY M 280 -6.07 36.17 2.96
C GLY M 280 -7.43 35.53 3.14
N PRO M 281 -7.96 34.96 2.07
CA PRO M 281 -9.31 34.38 2.14
C PRO M 281 -9.34 33.09 2.93
N GLY M 282 -9.47 33.19 4.25
CA GLY M 282 -9.46 32.04 5.13
C GLY M 282 -8.16 31.78 5.87
N GLN M 283 -7.25 32.74 5.87
CA GLN M 283 -5.96 32.63 6.53
C GLN M 283 -5.78 33.81 7.47
N ALA M 284 -5.12 33.57 8.60
CA ALA M 284 -4.85 34.63 9.56
C ALA M 284 -3.46 34.48 10.15
N PHE M 285 -2.86 35.62 10.45
CA PHE M 285 -1.53 35.72 11.04
C PHE M 285 -1.61 36.18 12.48
N TYR M 286 -0.86 35.51 13.36
CA TYR M 286 -0.80 35.82 14.78
C TYR M 286 0.53 36.48 15.10
N TYR M 287 0.48 37.53 15.92
CA TYR M 287 1.66 38.27 16.30
C TYR M 287 1.47 38.87 17.68
N THR M 288 2.59 39.22 18.30
CA THR M 288 2.54 39.87 19.59
C THR M 288 2.13 41.32 19.36
N GLY M 289 1.07 41.74 20.02
CA GLY M 289 0.55 43.07 19.86
C GLY M 289 1.28 44.03 20.78
N ASP M 290 1.30 43.67 22.05
CA ASP M 290 1.96 44.52 23.05
C ASP M 290 2.36 43.65 24.22
N ILE M 291 3.02 44.26 25.21
CA ILE M 291 3.41 43.55 26.43
C ILE M 291 2.86 44.37 27.58
N ILE M 292 2.11 43.71 28.47
CA ILE M 292 1.51 44.37 29.62
C ILE M 292 2.51 44.32 30.78
N GLY M 293 2.77 45.48 31.38
CA GLY M 293 3.69 45.54 32.50
C GLY M 293 5.14 45.69 32.07
N ASP M 294 6.02 45.36 33.01
CA ASP M 294 7.45 45.52 32.81
C ASP M 294 7.95 44.48 31.81
N ILE M 295 9.07 44.79 31.16
CA ILE M 295 9.70 43.88 30.22
C ILE M 295 10.82 43.16 30.96
N ARG M 296 10.73 41.84 31.02
CA ARG M 296 11.66 41.00 31.75
C ARG M 296 12.20 39.92 30.81
N MET M 297 13.39 39.42 31.13
CA MET M 297 14.05 38.39 30.34
C MET M 297 13.65 36.98 30.76
N ALA M 298 13.47 36.11 29.76
CA ALA M 298 13.19 34.71 30.03
C ALA M 298 14.44 34.07 30.62
N HIS M 299 14.26 33.13 31.55
CA HIS M 299 15.43 32.52 32.17
C HIS M 299 15.07 31.16 32.78
N CYS M 300 16.11 30.39 33.11
CA CYS M 300 15.95 29.12 33.80
C CYS M 300 16.78 29.06 35.07
N ASN M 301 16.23 28.45 36.12
CA ASN M 301 16.93 28.29 37.39
C ASN M 301 17.29 26.83 37.66
N VAL M 302 18.55 26.60 38.03
CA VAL M 302 19.07 25.31 38.48
C VAL M 302 19.75 25.56 39.81
N SER M 303 19.50 24.74 40.83
CA SER M 303 20.14 25.03 42.10
C SER M 303 21.64 24.70 42.06
N LYS M 304 22.42 25.44 42.86
CA LYS M 304 23.86 25.20 42.92
C LYS M 304 24.23 23.89 43.59
N ALA M 305 23.56 23.53 44.70
CA ALA M 305 23.96 22.31 45.40
C ALA M 305 23.69 21.07 44.57
N THR M 306 22.55 21.02 43.90
CA THR M 306 22.21 19.82 43.13
C THR M 306 23.14 19.69 41.94
N TRP M 307 23.37 20.81 41.24
CA TRP M 307 24.24 20.78 40.07
C TRP M 307 25.67 20.43 40.46
N ASN M 308 26.15 20.98 41.57
CA ASN M 308 27.51 20.68 42.01
C ASN M 308 27.66 19.21 42.39
N GLU M 309 26.64 18.62 43.01
CA GLU M 309 26.68 17.19 43.30
C GLU M 309 26.64 16.38 42.02
N THR M 310 25.83 16.82 41.05
CA THR M 310 25.73 16.13 39.77
C THR M 310 27.07 16.13 39.05
N LEU M 311 27.74 17.28 39.02
CA LEU M 311 29.03 17.33 38.36
C LEU M 311 30.04 16.49 39.11
N GLY M 312 30.00 16.50 40.45
CA GLY M 312 30.94 15.68 41.19
C GLY M 312 30.82 14.22 40.83
N LYS M 313 29.58 13.75 40.67
CA LYS M 313 29.34 12.36 40.26
C LYS M 313 29.83 12.10 38.84
N VAL M 314 29.60 13.07 37.94
CA VAL M 314 30.05 12.90 36.55
C VAL M 314 31.56 12.83 36.50
N VAL M 315 32.24 13.67 37.26
CA VAL M 315 33.70 13.66 37.26
C VAL M 315 34.19 12.33 37.82
N LYS M 316 33.57 11.87 38.92
CA LYS M 316 33.95 10.59 39.50
C LYS M 316 33.88 9.47 38.46
N GLN M 317 32.84 9.50 37.61
CA GLN M 317 32.73 8.46 36.60
C GLN M 317 33.68 8.69 35.43
N LEU M 318 33.94 9.94 35.06
CA LEU M 318 34.87 10.22 33.98
C LEU M 318 36.28 9.77 34.33
N ARG M 319 36.65 9.88 35.61
CA ARG M 319 37.98 9.45 36.05
C ARG M 319 38.20 7.95 35.91
N LYS M 320 37.16 7.17 35.64
CA LYS M 320 37.31 5.73 35.44
C LYS M 320 37.74 5.38 34.01
N HIS M 321 37.69 6.33 33.08
CA HIS M 321 38.05 6.13 31.69
C HIS M 321 39.35 6.82 31.33
N PHE M 322 39.60 7.98 31.93
CA PHE M 322 40.76 8.81 31.68
C PHE M 322 41.77 8.71 32.83
N GLY M 323 41.50 7.86 33.81
CA GLY M 323 42.37 7.63 34.94
C GLY M 323 42.15 8.63 36.07
N ASN M 324 42.70 8.27 37.23
CA ASN M 324 42.68 9.11 38.42
C ASN M 324 43.93 10.01 38.42
N ASN M 325 43.85 11.08 39.21
CA ASN M 325 44.88 12.11 39.25
C ASN M 325 44.96 12.85 37.92
N THR M 326 43.85 12.86 37.19
CA THR M 326 43.67 13.59 35.95
C THR M 326 42.67 14.70 36.26
N ILE M 327 42.99 15.91 35.84
CA ILE M 327 42.14 17.06 36.14
C ILE M 327 41.03 17.10 35.10
N ILE M 328 39.78 17.19 35.56
CA ILE M 328 38.61 17.25 34.69
C ILE M 328 38.07 18.67 34.73
N ARG M 329 38.09 19.35 33.58
CA ARG M 329 37.64 20.73 33.47
C ARG M 329 36.39 20.81 32.63
N PHE M 330 35.39 21.53 33.11
CA PHE M 330 34.21 21.82 32.30
C PHE M 330 34.32 23.26 31.82
N ALA M 331 33.82 23.49 30.62
CA ALA M 331 33.85 24.81 30.00
C ALA M 331 32.63 24.99 29.12
N GLN M 332 32.31 26.25 28.84
CA GLN M 332 31.18 26.56 27.98
C GLN M 332 31.47 26.14 26.54
N SER M 333 30.40 26.01 25.77
CA SER M 333 30.53 25.66 24.36
C SER M 333 31.24 26.79 23.63
N SER M 334 31.72 26.50 22.41
CA SER M 334 32.50 27.50 21.67
C SER M 334 31.72 28.13 20.53
N GLY M 335 31.95 27.72 19.27
CA GLY M 335 31.30 28.33 18.14
C GLY M 335 30.11 27.56 17.62
N GLY M 336 29.56 28.05 16.51
CA GLY M 336 28.40 27.48 15.86
C GLY M 336 27.14 28.28 16.10
N ASP M 337 26.06 27.75 15.52
CA ASP M 337 24.73 28.37 15.60
C ASP M 337 24.18 28.23 17.02
N LEU M 338 23.19 29.05 17.35
CA LEU M 338 22.58 28.98 18.67
C LEU M 338 22.01 27.60 18.95
N GLU M 339 21.62 26.86 17.91
CA GLU M 339 21.08 25.53 18.11
C GLU M 339 22.07 24.62 18.82
N VAL M 340 23.38 24.84 18.64
CA VAL M 340 24.40 23.99 19.25
C VAL M 340 25.20 24.70 20.34
N THR M 341 25.23 26.04 20.36
CA THR M 341 25.98 26.75 21.39
C THR M 341 25.16 26.99 22.66
N THR M 342 23.84 26.92 22.57
CA THR M 342 22.94 27.10 23.70
C THR M 342 22.12 25.84 23.93
N HIS M 343 21.39 25.85 25.05
CA HIS M 343 20.47 24.79 25.41
C HIS M 343 19.12 25.15 24.80
N SER M 344 18.77 24.45 23.73
CA SER M 344 17.55 24.71 22.98
C SER M 344 16.46 23.80 23.52
N PHE M 345 15.27 24.35 23.75
CA PHE M 345 14.15 23.50 24.14
C PHE M 345 12.82 24.22 23.93
N ASN M 346 11.75 23.43 23.87
CA ASN M 346 10.38 23.95 23.78
C ASN M 346 9.74 23.96 25.16
N CYS M 347 9.45 25.16 25.66
CA CYS M 347 8.83 25.41 26.98
C CYS M 347 7.44 26.01 26.76
N GLY M 348 6.42 25.16 26.83
CA GLY M 348 5.07 25.67 26.69
C GLY M 348 4.74 26.21 25.34
N GLY M 349 5.44 25.78 24.29
CA GLY M 349 5.25 26.27 22.96
C GLY M 349 6.27 27.31 22.53
N GLU M 350 7.03 27.89 23.46
CA GLU M 350 8.06 28.87 23.09
C GLU M 350 9.40 28.15 23.00
N PHE M 351 10.28 28.66 22.14
CA PHE M 351 11.58 28.07 21.92
C PHE M 351 12.66 28.86 22.65
N PHE M 352 13.20 28.27 23.72
CA PHE M 352 14.20 28.89 24.58
C PHE M 352 15.58 28.46 24.12
N TYR M 353 16.53 29.40 24.18
CA TYR M 353 17.94 29.18 23.87
C TYR M 353 18.76 29.71 25.06
N CYS M 354 18.97 28.84 26.05
CA CYS M 354 19.57 29.21 27.32
C CYS M 354 21.09 29.14 27.25
N ASN M 355 21.75 30.18 27.78
CA ASN M 355 23.20 30.32 27.65
C ASN M 355 23.97 29.11 28.18
N THR M 356 23.66 28.67 29.40
CA THR M 356 24.32 27.56 30.12
C THR M 356 25.77 27.80 30.52
N SER M 357 26.38 28.95 30.20
CA SER M 357 27.80 29.08 30.56
C SER M 357 28.02 29.24 32.05
N GLY M 358 26.96 29.36 32.85
CA GLY M 358 27.04 29.30 34.29
C GLY M 358 27.00 27.90 34.84
N LEU M 359 26.62 26.92 34.01
CA LEU M 359 26.52 25.53 34.42
C LEU M 359 27.78 24.75 34.12
N PHE M 360 28.59 25.18 33.14
CA PHE M 360 29.75 24.44 32.68
C PHE M 360 30.96 25.38 32.70
N ASN M 361 31.48 25.60 33.90
CA ASN M 361 32.76 26.29 34.08
C ASN M 361 33.30 25.84 35.43
N SER M 362 34.41 25.11 35.42
CA SER M 362 34.95 24.56 36.67
C SER M 362 36.17 23.72 36.34
N THR M 363 37.05 23.56 37.34
CA THR M 363 38.15 22.62 37.20
C THR M 363 38.14 21.74 38.45
N TRP M 364 38.11 20.42 38.21
CA TRP M 364 38.08 19.40 39.25
C TRP M 364 39.47 18.77 39.35
N ILE M 365 40.14 19.01 40.47
CA ILE M 365 41.51 18.53 40.69
C ILE M 365 41.44 17.54 41.85
N SER M 366 41.97 16.33 41.61
CA SER M 366 42.02 15.22 42.56
C SER M 366 42.13 15.60 44.04
N ASN M 379 17.11 29.78 46.79
CA ASN M 379 18.13 29.14 47.60
C ASN M 379 19.41 28.93 46.80
N ASP M 380 20.16 30.01 46.60
CA ASP M 380 21.44 29.99 45.90
C ASP M 380 21.31 29.31 44.54
N SER M 381 20.33 29.78 43.75
CA SER M 381 20.12 29.25 42.41
C SER M 381 21.11 29.84 41.41
N ILE M 382 21.23 29.16 40.27
CA ILE M 382 21.98 29.59 39.11
C ILE M 382 20.94 29.96 38.08
N THR M 383 20.96 31.22 37.64
CA THR M 383 20.01 31.72 36.65
C THR M 383 20.71 31.77 35.31
N LEU M 384 20.10 31.12 34.32
CA LEU M 384 20.63 31.06 32.96
C LEU M 384 19.81 31.99 32.08
N PRO M 385 20.40 33.02 31.47
CA PRO M 385 19.63 33.85 30.53
C PRO M 385 19.22 33.00 29.35
N CYS M 386 18.02 33.25 28.83
CA CYS M 386 17.52 32.52 27.67
C CYS M 386 16.97 33.50 26.65
N ARG M 387 17.30 33.25 25.38
CA ARG M 387 16.79 34.02 24.26
C ARG M 387 15.63 33.26 23.64
N ILE M 388 14.69 33.99 23.04
CA ILE M 388 13.53 33.38 22.40
C ILE M 388 13.51 33.79 20.94
N LYS M 389 13.22 32.81 20.08
CA LYS M 389 13.10 33.01 18.64
C LYS M 389 11.72 32.53 18.19
N GLN M 390 11.17 33.22 17.19
CA GLN M 390 9.93 32.80 16.56
C GLN M 390 10.11 32.06 15.25
N ILE M 391 11.23 32.25 14.56
CA ILE M 391 11.51 31.58 13.28
C ILE M 391 12.45 30.42 13.58
N ILE M 392 11.94 29.21 13.41
CA ILE M 392 12.61 27.97 13.81
C ILE M 392 12.98 27.20 12.55
N ASN M 393 14.24 26.75 12.48
CA ASN M 393 14.75 25.92 11.39
C ASN M 393 15.17 24.63 12.08
N MET M 394 14.22 23.71 12.19
CA MET M 394 14.36 22.52 13.01
C MET M 394 14.88 21.33 12.20
N TRP M 395 15.56 20.43 12.90
CA TRP M 395 16.12 19.18 12.37
C TRP M 395 17.30 19.42 11.43
N GLN M 396 18.05 20.49 11.64
CA GLN M 396 19.24 20.80 10.84
C GLN M 396 18.93 20.80 9.35
N ARG M 397 17.91 21.56 8.95
CA ARG M 397 17.49 21.63 7.55
C ARG M 397 17.45 23.08 7.09
N ILE M 398 17.58 23.25 5.78
CA ILE M 398 17.51 24.55 5.12
C ILE M 398 16.39 24.49 4.08
N GLY M 399 15.54 25.51 4.06
CA GLY M 399 14.46 25.63 3.11
C GLY M 399 13.06 25.44 3.67
N GLN M 400 12.92 24.92 4.88
CA GLN M 400 11.63 24.70 5.53
C GLN M 400 11.61 25.38 6.90
N ALA M 401 11.14 26.64 6.97
CA ALA M 401 11.15 27.36 8.23
C ALA M 401 9.75 27.36 8.82
N MET M 402 9.67 27.42 10.15
CA MET M 402 8.43 27.50 10.88
C MET M 402 8.37 28.78 11.69
N TYR M 403 7.18 29.37 11.76
CA TYR M 403 6.91 30.51 12.64
C TYR M 403 6.08 30.03 13.81
N ALA M 404 6.57 30.29 15.02
CA ALA M 404 5.86 29.88 16.23
C ALA M 404 4.97 31.04 16.68
N PRO M 405 3.64 30.90 16.66
CA PRO M 405 2.80 32.02 17.10
C PRO M 405 3.09 32.35 18.54
N PRO M 406 2.94 33.61 18.94
CA PRO M 406 3.13 33.93 20.36
C PRO M 406 1.98 33.37 21.16
N ILE M 407 2.27 33.06 22.43
CA ILE M 407 1.28 32.55 23.38
C ILE M 407 0.95 33.62 24.41
N GLN M 408 -0.35 33.88 24.55
CA GLN M 408 -0.88 34.89 25.45
C GLN M 408 -0.49 34.61 26.90
N GLY M 409 0.01 35.64 27.58
CA GLY M 409 0.37 35.53 28.99
C GLY M 409 1.79 35.07 29.29
N VAL M 410 1.97 34.66 30.54
CA VAL M 410 3.27 34.31 31.11
C VAL M 410 3.42 32.79 31.07
N ILE M 411 4.60 32.33 30.65
CA ILE M 411 4.89 30.91 30.49
C ILE M 411 5.84 30.44 31.58
N ARG M 412 5.50 29.31 32.19
CA ARG M 412 6.38 28.67 33.17
C ARG M 412 6.36 27.17 32.92
N CYS M 413 7.53 26.53 33.01
CA CYS M 413 7.62 25.08 32.90
C CYS M 413 8.71 24.60 33.85
N VAL M 414 8.52 23.40 34.38
CA VAL M 414 9.49 22.74 35.25
C VAL M 414 9.83 21.40 34.64
N SER M 415 11.12 21.15 34.41
CA SER M 415 11.57 19.92 33.77
C SER M 415 12.62 19.24 34.63
N ASN M 416 12.83 17.96 34.36
CA ASN M 416 13.90 17.19 34.97
C ASN M 416 15.04 17.09 33.97
N ILE M 417 16.26 17.32 34.43
CA ILE M 417 17.47 17.07 33.65
C ILE M 417 17.87 15.64 33.96
N THR M 418 17.86 14.79 32.93
CA THR M 418 18.12 13.37 33.08
C THR M 418 19.46 12.94 32.49
N GLY M 419 20.06 13.76 31.62
CA GLY M 419 21.35 13.41 31.05
C GLY M 419 21.95 14.60 30.34
N LEU M 420 23.24 14.44 30.03
CA LEU M 420 24.03 15.47 29.37
C LEU M 420 24.68 14.93 28.10
N ILE M 421 24.91 15.81 27.13
CA ILE M 421 25.73 15.50 25.95
C ILE M 421 26.98 16.33 26.08
N LEU M 422 28.14 15.66 26.19
CA LEU M 422 29.43 16.32 26.34
C LEU M 422 30.33 15.94 25.18
N THR M 423 31.27 16.83 24.85
CA THR M 423 32.33 16.56 23.91
C THR M 423 33.65 16.84 24.61
N ARG M 424 34.69 16.12 24.23
CA ARG M 424 36.02 16.31 24.81
C ARG M 424 36.85 17.18 23.89
N ASP M 425 37.54 18.16 24.47
CA ASP M 425 38.37 19.08 23.71
C ASP M 425 39.63 18.37 23.21
N SER M 431 48.30 15.77 27.77
CA SER M 431 48.60 16.63 28.91
C SER M 431 48.00 16.05 30.19
N THR M 432 47.76 16.89 31.19
CA THR M 432 47.22 16.46 32.47
C THR M 432 45.77 16.84 32.70
N THR M 433 45.22 17.76 31.90
CA THR M 433 43.86 18.26 32.08
C THR M 433 43.06 18.02 30.82
N GLU M 434 41.88 17.40 30.98
CA GLU M 434 40.93 17.18 29.91
C GLU M 434 39.82 18.21 30.07
N THR M 435 39.38 18.81 28.96
CA THR M 435 38.31 19.80 28.99
C THR M 435 37.10 19.28 28.24
N PHE M 436 35.95 19.33 28.90
CA PHE M 436 34.67 18.87 28.38
C PHE M 436 33.76 20.07 28.15
N ARG M 437 33.08 20.09 27.00
CA ARG M 437 32.18 21.18 26.64
C ARG M 437 30.81 20.63 26.25
N PRO M 438 29.74 21.42 26.42
CA PRO M 438 28.44 20.99 25.89
C PRO M 438 28.46 20.81 24.39
N GLY M 439 27.74 19.78 23.92
CA GLY M 439 27.59 19.51 22.51
C GLY M 439 26.13 19.25 22.20
N GLY M 440 25.82 18.75 21.00
CA GLY M 440 24.46 18.46 20.62
C GLY M 440 24.15 19.01 19.26
N GLY M 441 22.85 18.98 18.93
CA GLY M 441 22.32 19.44 17.67
C GLY M 441 21.91 18.32 16.74
N ASP M 442 22.44 17.12 16.93
CA ASP M 442 22.06 15.95 16.16
C ASP M 442 21.02 15.23 17.01
N MET M 443 19.75 15.34 16.61
CA MET M 443 18.68 14.83 17.47
C MET M 443 18.74 13.33 17.65
N ARG M 444 19.47 12.61 16.80
CA ARG M 444 19.54 11.17 16.97
C ARG M 444 20.20 10.82 18.29
N ASP M 445 21.05 11.70 18.82
CA ASP M 445 21.70 11.42 20.09
C ASP M 445 20.77 11.68 21.27
N ASN M 446 19.58 12.25 21.04
CA ASN M 446 18.61 12.46 22.10
C ASN M 446 17.67 11.27 22.20
N TRP M 447 17.75 10.36 21.23
CA TRP M 447 16.92 9.17 21.10
C TRP M 447 17.76 7.94 21.28
N ARG M 448 19.05 8.02 20.92
CA ARG M 448 20.00 6.95 21.19
C ARG M 448 20.54 7.17 22.61
N SER M 449 19.59 7.12 23.54
CA SER M 449 19.74 7.36 24.97
C SER M 449 18.60 6.72 25.76
N GLU M 450 17.52 6.34 25.07
CA GLU M 450 16.38 5.58 25.54
C GLU M 450 16.37 4.27 24.78
N LEU M 451 16.53 4.35 23.46
CA LEU M 451 16.59 3.17 22.59
C LEU M 451 18.03 2.66 22.54
N TYR M 452 18.53 2.26 23.71
CA TYR M 452 19.86 1.73 23.87
C TYR M 452 19.83 0.36 24.51
N LYS M 453 18.73 0.03 25.17
CA LYS M 453 18.55 -1.23 25.87
C LYS M 453 17.74 -2.19 25.02
N TYR M 454 17.27 -1.76 23.84
CA TYR M 454 16.43 -2.55 22.97
C TYR M 454 17.14 -2.92 21.69
N LYS M 455 16.93 -4.16 21.26
CA LYS M 455 17.45 -4.70 20.02
C LYS M 455 16.31 -5.40 19.30
N VAL M 456 16.25 -5.31 17.97
CA VAL M 456 15.24 -6.00 17.18
C VAL M 456 15.87 -7.24 16.56
N VAL M 457 15.24 -8.39 16.75
CA VAL M 457 15.73 -9.65 16.17
C VAL M 457 14.62 -10.34 15.39
N LYS M 458 15.03 -11.06 14.34
CA LYS M 458 14.15 -11.85 13.50
C LYS M 458 14.13 -13.28 14.01
N ILE M 459 12.95 -13.87 14.09
CA ILE M 459 12.78 -15.23 14.57
C ILE M 459 12.99 -16.19 13.41
N GLU M 460 13.78 -17.24 13.65
CA GLU M 460 14.11 -18.27 12.65
C GLU M 460 13.59 -19.60 13.18
N PRO M 461 12.29 -19.86 13.04
CA PRO M 461 11.67 -21.01 13.73
C PRO M 461 12.05 -22.37 13.18
N LEU M 462 12.69 -22.45 12.02
CA LEU M 462 12.99 -23.72 11.37
C LEU M 462 14.44 -24.11 11.60
N GLY M 463 14.66 -25.37 11.95
CA GLY M 463 16.00 -25.89 12.15
C GLY M 463 15.98 -27.40 12.16
N VAL M 464 17.17 -27.98 12.18
CA VAL M 464 17.34 -29.44 12.12
C VAL M 464 18.26 -29.89 13.24
N ALA M 465 18.16 -31.16 13.59
CA ALA M 465 19.07 -31.73 14.58
C ALA M 465 19.09 -33.25 14.45
N PRO M 466 20.19 -33.90 14.81
CA PRO M 466 20.21 -35.38 14.78
C PRO M 466 19.40 -36.00 15.90
N THR M 467 18.66 -37.06 15.56
CA THR M 467 17.94 -37.87 16.54
C THR M 467 18.04 -39.30 16.05
N ARG M 468 17.51 -40.26 16.81
CA ARG M 468 17.47 -41.64 16.34
C ARG M 468 16.16 -41.97 15.64
N CYS M 469 15.34 -40.97 15.33
CA CYS M 469 14.04 -41.17 14.73
C CYS M 469 14.15 -41.29 13.22
N LYS M 470 13.73 -42.42 12.67
CA LYS M 470 13.77 -42.71 11.24
C LYS M 470 12.37 -42.73 10.67
N ARG M 471 12.17 -42.10 9.52
CA ARG M 471 10.87 -42.13 8.85
C ARG M 471 10.56 -43.58 8.45
N ARG M 472 9.33 -44.01 8.72
CA ARG M 472 8.92 -45.40 8.49
C ARG M 472 9.19 -45.88 7.07
N VAL M 473 8.83 -45.09 6.07
CA VAL M 473 8.97 -45.46 4.65
C VAL M 473 8.46 -46.88 4.40
N GLU N 1 23.46 -46.51 44.33
CA GLU N 1 22.52 -45.61 45.06
C GLU N 1 21.07 -45.76 44.56
N VAL N 2 20.87 -46.47 43.46
CA VAL N 2 19.54 -46.68 42.91
C VAL N 2 18.86 -47.80 43.68
N GLN N 3 17.67 -47.51 44.21
CA GLN N 3 16.90 -48.46 44.98
C GLN N 3 15.53 -48.61 44.34
N LEU N 4 15.17 -49.84 43.99
CA LEU N 4 13.89 -50.21 43.41
C LEU N 4 13.29 -51.25 44.34
N VAL N 5 12.18 -50.92 45.00
CA VAL N 5 11.58 -51.82 45.99
C VAL N 5 10.15 -52.16 45.59
N GLU N 6 9.92 -53.43 45.30
CA GLU N 6 8.62 -53.96 44.91
C GLU N 6 7.74 -54.22 46.14
N THR N 7 6.46 -53.90 46.02
CA THR N 7 5.47 -54.23 47.03
C THR N 7 4.24 -54.81 46.33
N GLY N 8 3.39 -55.45 47.11
CA GLY N 8 2.18 -56.02 46.58
C GLY N 8 1.81 -57.28 47.35
N GLY N 9 0.73 -57.92 46.91
CA GLY N 9 0.24 -59.11 47.56
C GLY N 9 0.98 -60.36 47.14
N GLY N 10 0.61 -61.47 47.79
CA GLY N 10 1.23 -62.77 47.54
C GLY N 10 0.35 -63.79 46.83
N LEU N 11 -0.31 -64.65 47.61
CA LEU N 11 -1.11 -65.74 47.08
C LEU N 11 -2.56 -65.31 46.88
N VAL N 12 -3.09 -65.56 45.68
CA VAL N 12 -4.49 -65.34 45.35
C VAL N 12 -5.02 -66.61 44.69
N GLN N 13 -6.35 -66.69 44.62
CA GLN N 13 -6.99 -67.81 43.96
C GLN N 13 -7.13 -67.53 42.46
N PRO N 14 -7.22 -68.57 41.62
CA PRO N 14 -7.46 -68.35 40.19
C PRO N 14 -8.69 -67.49 39.94
N GLY N 15 -8.57 -66.53 39.02
CA GLY N 15 -9.64 -65.62 38.68
C GLY N 15 -9.62 -64.31 39.41
N GLY N 16 -8.71 -64.11 40.36
CA GLY N 16 -8.61 -62.89 41.12
C GLY N 16 -7.75 -61.86 40.42
N SER N 17 -7.29 -60.87 41.19
CA SER N 17 -6.49 -59.79 40.64
C SER N 17 -5.52 -59.30 41.71
N LEU N 18 -4.42 -58.70 41.25
CA LEU N 18 -3.42 -58.12 42.14
C LEU N 18 -2.84 -56.86 41.53
N LYS N 19 -2.59 -55.86 42.37
CA LYS N 19 -1.87 -54.67 41.97
C LYS N 19 -0.53 -54.63 42.69
N LEU N 20 0.55 -54.69 41.92
CA LEU N 20 1.92 -54.66 42.40
C LEU N 20 2.39 -53.24 42.17
N SER N 21 3.37 -52.80 42.96
CA SER N 21 3.94 -51.48 42.74
C SER N 21 5.42 -51.49 43.03
N CYS N 22 6.10 -50.45 42.54
CA CYS N 22 7.54 -50.31 42.71
C CYS N 22 7.88 -48.88 43.09
N ARG N 23 8.57 -48.72 44.22
CA ARG N 23 9.07 -47.44 44.68
C ARG N 23 10.51 -47.29 44.20
N ALA N 24 10.81 -46.18 43.54
CA ALA N 24 12.14 -45.93 42.99
C ALA N 24 12.78 -44.74 43.69
N SER N 25 14.09 -44.82 43.89
CA SER N 25 14.86 -43.69 44.43
C SER N 25 16.30 -43.80 43.96
N GLY N 26 17.03 -42.69 44.08
CA GLY N 26 18.44 -42.64 43.75
C GLY N 26 18.75 -42.16 42.35
N TYR N 27 17.74 -41.83 41.55
CA TYR N 27 17.93 -41.38 40.18
C TYR N 27 16.68 -40.59 39.82
N THR N 28 16.73 -39.88 38.70
CA THR N 28 15.54 -39.17 38.26
C THR N 28 14.62 -40.20 37.60
N PHE N 29 13.46 -40.40 38.22
CA PHE N 29 12.53 -41.44 37.77
C PHE N 29 12.05 -41.15 36.35
N SER N 30 11.66 -39.90 36.09
CA SER N 30 11.11 -39.49 34.79
C SER N 30 12.12 -39.54 33.65
N SER N 31 13.41 -39.76 33.91
CA SER N 31 14.41 -39.80 32.85
C SER N 31 14.63 -41.18 32.25
N PHE N 32 14.07 -42.24 32.82
CA PHE N 32 14.32 -43.61 32.36
C PHE N 32 13.01 -44.34 32.07
N ALA N 33 13.07 -45.23 31.10
CA ALA N 33 11.99 -46.17 30.85
C ALA N 33 12.02 -47.25 31.92
N MET N 34 10.87 -47.83 32.21
CA MET N 34 10.77 -48.86 33.23
C MET N 34 10.06 -50.09 32.68
N SER N 35 10.35 -51.24 33.25
CA SER N 35 9.77 -52.49 32.81
C SER N 35 9.61 -53.47 33.96
N TRP N 36 8.82 -54.51 33.71
CA TRP N 36 8.64 -55.63 34.63
C TRP N 36 9.09 -56.90 33.93
N VAL N 37 9.86 -57.71 34.68
CA VAL N 37 10.38 -59.00 34.23
C VAL N 37 10.01 -60.05 35.28
N ARG N 38 9.65 -61.26 34.87
CA ARG N 38 9.29 -62.29 35.85
C ARG N 38 10.12 -63.55 35.64
N GLN N 39 10.31 -64.28 36.74
CA GLN N 39 11.02 -65.56 36.77
C GLN N 39 10.20 -66.62 37.50
N ALA N 40 9.75 -67.65 36.79
CA ALA N 40 9.01 -68.70 37.46
C ALA N 40 9.99 -69.38 38.43
N PRO N 41 9.51 -69.93 39.56
CA PRO N 41 10.44 -70.56 40.54
C PRO N 41 11.45 -71.54 39.95
N GLY N 42 11.09 -72.30 38.92
CA GLY N 42 11.99 -73.26 38.30
C GLY N 42 12.51 -72.91 36.93
N LYS N 43 12.30 -71.68 36.45
CA LYS N 43 12.65 -71.26 35.09
C LYS N 43 13.63 -70.09 35.12
N GLY N 44 13.93 -69.59 33.92
CA GLY N 44 14.80 -68.43 33.74
C GLY N 44 13.96 -67.18 33.74
N LEU N 45 14.52 -66.11 33.18
CA LEU N 45 13.85 -64.82 33.22
C LEU N 45 12.97 -64.65 31.99
N GLU N 46 11.81 -64.01 32.18
CA GLU N 46 10.90 -63.68 31.09
C GLU N 46 10.48 -62.22 31.20
N TRP N 47 10.56 -61.49 30.10
CA TRP N 47 10.10 -60.11 30.08
C TRP N 47 8.58 -60.12 30.06
N VAL N 48 7.95 -59.24 30.84
CA VAL N 48 6.50 -59.16 30.92
C VAL N 48 5.96 -57.87 30.32
N SER N 49 6.50 -56.72 30.73
CA SER N 49 5.92 -55.47 30.25
C SER N 49 6.96 -54.36 30.23
N LEU N 50 6.69 -53.34 29.41
CA LEU N 50 7.57 -52.18 29.26
C LEU N 50 6.73 -50.91 29.14
N ILE N 51 7.12 -49.87 29.87
CA ILE N 51 6.50 -48.55 29.84
C ILE N 51 7.61 -47.53 29.62
N ASN N 52 7.34 -46.53 28.77
CA ASN N 52 8.36 -45.52 28.50
C ASN N 52 8.44 -44.50 29.64
N ASP N 53 9.38 -43.57 29.51
CA ASP N 53 9.65 -42.61 30.58
C ASP N 53 8.47 -41.68 30.85
N ARG N 54 7.62 -41.40 29.85
CA ARG N 54 6.48 -40.52 30.05
C ARG N 54 5.18 -41.27 30.34
N GLY N 55 5.18 -42.59 30.31
CA GLY N 55 3.97 -43.34 30.60
C GLY N 55 2.98 -43.45 29.46
N GLY N 56 3.26 -42.84 28.30
CA GLY N 56 2.29 -42.86 27.22
C GLY N 56 2.26 -44.12 26.40
N LEU N 57 3.37 -44.85 26.32
CA LEU N 57 3.49 -46.03 25.49
C LEU N 57 3.77 -47.26 26.35
N THR N 58 2.95 -48.30 26.19
CA THR N 58 3.11 -49.54 26.93
C THR N 58 3.17 -50.70 25.95
N PHE N 59 3.97 -51.71 26.30
CA PHE N 59 4.12 -52.91 25.49
C PHE N 59 4.05 -54.13 26.42
N TYR N 60 3.49 -55.22 25.90
CA TYR N 60 3.33 -56.45 26.66
C TYR N 60 3.69 -57.66 25.83
N VAL N 61 4.02 -58.76 26.50
CA VAL N 61 4.11 -60.05 25.81
C VAL N 61 2.68 -60.50 25.50
N ASP N 62 2.52 -61.19 24.37
CA ASP N 62 1.19 -61.64 23.95
C ASP N 62 0.48 -62.43 25.04
N SER N 63 1.21 -63.22 25.82
CA SER N 63 0.56 -64.06 26.84
C SER N 63 -0.13 -63.25 27.94
N VAL N 64 0.15 -61.95 28.07
CA VAL N 64 -0.48 -61.10 29.07
C VAL N 64 -1.10 -59.85 28.46
N LYS N 65 -1.10 -59.73 27.12
CA LYS N 65 -1.42 -58.46 26.48
C LYS N 65 -2.82 -57.97 26.85
N GLY N 66 -3.78 -58.88 26.99
CA GLY N 66 -5.13 -58.51 27.34
C GLY N 66 -5.48 -58.64 28.81
N ARG N 67 -4.49 -58.91 29.67
CA ARG N 67 -4.73 -59.17 31.09
C ARG N 67 -4.00 -58.23 32.04
N PHE N 68 -2.82 -57.74 31.68
CA PHE N 68 -2.01 -56.90 32.56
C PHE N 68 -2.05 -55.46 32.09
N THR N 69 -2.09 -54.53 33.05
CA THR N 69 -1.99 -53.09 32.80
C THR N 69 -0.79 -52.52 33.55
N ILE N 70 0.06 -51.79 32.84
CA ILE N 70 1.25 -51.17 33.43
C ILE N 70 1.03 -49.66 33.42
N SER N 71 1.35 -49.01 34.53
CA SER N 71 1.22 -47.56 34.63
C SER N 71 2.32 -47.03 35.53
N ARG N 72 2.54 -45.71 35.44
CA ARG N 72 3.53 -45.06 36.28
C ARG N 72 3.07 -43.66 36.63
N ASP N 73 3.56 -43.17 37.76
CA ASP N 73 3.30 -41.82 38.24
C ASP N 73 4.67 -41.21 38.50
N ASN N 74 5.06 -40.25 37.65
CA ASN N 74 6.38 -39.65 37.72
C ASN N 74 6.51 -38.62 38.83
N SER N 75 5.40 -38.22 39.46
CA SER N 75 5.48 -37.26 40.56
C SER N 75 5.66 -37.99 41.88
N LYS N 76 5.16 -39.23 41.94
CA LYS N 76 5.25 -40.08 43.11
C LYS N 76 6.42 -41.04 43.02
N ASN N 77 7.15 -41.04 41.88
CA ASN N 77 8.24 -41.97 41.64
C ASN N 77 7.76 -43.40 41.86
N THR N 78 6.55 -43.70 41.37
CA THR N 78 5.94 -45.01 41.62
C THR N 78 5.45 -45.67 40.35
N LEU N 79 5.75 -46.95 40.20
CA LEU N 79 5.19 -47.79 39.15
C LEU N 79 4.11 -48.67 39.72
N SER N 80 3.19 -49.10 38.86
CA SER N 80 2.26 -50.15 39.27
C SER N 80 1.95 -51.04 38.08
N LEU N 81 1.65 -52.30 38.40
CA LEU N 81 1.24 -53.33 37.45
C LEU N 81 0.01 -54.01 38.01
N GLN N 82 -1.12 -53.91 37.31
CA GLN N 82 -2.37 -54.52 37.76
C GLN N 82 -2.63 -55.74 36.88
N MET N 83 -2.67 -56.90 37.50
CA MET N 83 -2.86 -58.17 36.83
C MET N 83 -4.27 -58.66 37.10
N HIS N 84 -4.97 -59.04 36.03
CA HIS N 84 -6.30 -59.64 36.09
C HIS N 84 -6.24 -61.10 35.69
N SER N 85 -7.27 -61.83 36.10
CA SER N 85 -7.49 -63.26 35.83
C SER N 85 -6.57 -64.15 36.66
N LEU N 86 -5.26 -63.87 36.66
CA LEU N 86 -4.30 -64.60 37.50
C LEU N 86 -4.36 -66.09 37.21
N ARG N 87 -3.62 -66.54 36.20
CA ARG N 87 -3.60 -67.93 35.80
C ARG N 87 -2.49 -68.67 36.55
N ASP N 88 -2.59 -70.00 36.54
CA ASP N 88 -1.59 -70.82 37.21
C ASP N 88 -0.20 -70.56 36.63
N GLY N 89 -0.11 -70.28 35.34
CA GLY N 89 1.17 -70.05 34.70
C GLY N 89 1.82 -68.72 35.04
N ASP N 90 1.13 -67.86 35.80
CA ASP N 90 1.65 -66.56 36.19
C ASP N 90 2.40 -66.58 37.52
N THR N 91 2.55 -67.74 38.16
CA THR N 91 3.32 -67.80 39.40
C THR N 91 4.78 -67.51 39.09
N ALA N 92 5.33 -66.49 39.73
CA ALA N 92 6.71 -66.10 39.45
C ALA N 92 7.13 -65.01 40.43
N VAL N 93 8.43 -64.79 40.51
CA VAL N 93 8.96 -63.62 41.18
C VAL N 93 9.01 -62.51 40.12
N TYR N 94 8.35 -61.39 40.42
CA TYR N 94 8.30 -60.24 39.54
C TYR N 94 9.34 -59.22 39.99
N TYR N 95 10.11 -58.70 39.03
CA TYR N 95 11.14 -57.72 39.30
C TYR N 95 10.82 -56.43 38.55
N CYS N 96 11.09 -55.34 39.26
CA CYS N 96 11.03 -53.97 38.76
C CYS N 96 12.39 -53.64 38.17
N ALA N 97 12.43 -53.15 36.93
CA ALA N 97 13.71 -52.80 36.33
C ALA N 97 13.67 -51.50 35.58
N THR N 98 14.81 -50.81 35.62
CA THR N 98 15.03 -49.55 34.93
C THR N 98 15.89 -49.84 33.70
N GLY N 99 15.39 -49.47 32.53
CA GLY N 99 15.98 -49.69 31.23
C GLY N 99 14.98 -50.28 30.27
N GLY N 100 15.49 -50.77 29.15
CA GLY N 100 14.67 -51.38 28.12
C GLY N 100 14.19 -50.47 27.01
N MET N 101 14.34 -49.16 27.13
CA MET N 101 13.84 -48.27 26.07
C MET N 101 14.46 -46.90 26.27
N SER N 102 14.41 -46.08 25.23
CA SER N 102 14.87 -44.71 25.28
C SER N 102 13.85 -43.85 24.53
N SER N 103 14.14 -42.56 24.33
CA SER N 103 13.14 -41.62 23.81
C SER N 103 13.61 -40.82 22.62
N ALA N 104 14.34 -41.44 21.68
CA ALA N 104 14.80 -40.80 20.44
C ALA N 104 15.89 -39.74 20.62
N LEU N 105 15.78 -38.90 21.64
CA LEU N 105 16.73 -37.82 21.89
C LEU N 105 17.81 -38.23 22.88
N GLN N 106 17.73 -39.46 23.40
CA GLN N 106 18.65 -40.07 24.33
C GLN N 106 19.32 -41.23 23.62
N SER N 107 20.46 -41.69 24.12
CA SER N 107 21.09 -42.81 23.47
C SER N 107 20.27 -44.09 23.70
N SER N 108 20.54 -45.08 22.85
CA SER N 108 19.80 -46.33 22.89
C SER N 108 20.09 -47.12 24.17
N LYS N 109 19.06 -47.84 24.62
CA LYS N 109 19.20 -48.78 25.72
C LYS N 109 19.08 -50.17 25.15
N TYR N 110 17.87 -50.74 25.03
CA TYR N 110 17.66 -52.10 24.55
C TYR N 110 18.30 -53.11 25.50
N TYR N 111 18.42 -52.73 26.77
CA TYR N 111 18.89 -53.61 27.83
C TYR N 111 18.24 -53.14 29.12
N PHE N 112 18.21 -54.02 30.10
CA PHE N 112 17.70 -53.70 31.41
C PHE N 112 18.92 -53.31 32.22
N ASP N 113 18.82 -52.21 32.98
CA ASP N 113 19.98 -51.70 33.73
C ASP N 113 19.89 -51.99 35.21
N PHE N 114 18.98 -51.34 35.93
CA PHE N 114 18.86 -51.53 37.38
C PHE N 114 17.74 -52.51 37.66
N TRP N 115 17.98 -53.43 38.60
CA TRP N 115 16.99 -54.43 39.00
C TRP N 115 16.61 -54.24 40.46
N GLY N 116 15.33 -54.48 40.77
CA GLY N 116 14.85 -54.42 42.13
C GLY N 116 15.04 -55.70 42.91
N GLN N 117 14.54 -55.68 44.15
CA GLN N 117 14.68 -56.82 45.06
C GLN N 117 13.88 -58.03 44.58
N GLY N 118 12.70 -57.79 44.03
CA GLY N 118 11.79 -58.81 43.54
C GLY N 118 10.73 -59.17 44.56
N ALA N 119 9.57 -59.59 44.07
CA ALA N 119 8.46 -60.01 44.92
C ALA N 119 7.80 -61.23 44.31
N LEU N 120 7.47 -62.21 45.15
CA LEU N 120 6.90 -63.47 44.67
C LEU N 120 5.38 -63.43 44.66
N VAL N 121 4.79 -63.72 43.49
CA VAL N 121 3.36 -63.79 43.29
C VAL N 121 3.03 -65.25 42.96
N THR N 122 2.05 -65.80 43.67
CA THR N 122 1.61 -67.17 43.49
C THR N 122 0.11 -67.22 43.23
N VAL N 123 -0.32 -68.30 42.59
CA VAL N 123 -1.73 -68.54 42.29
C VAL N 123 -2.05 -69.98 42.69
N ALA O 1 12.54 -68.57 22.48
CA ALA O 1 13.59 -68.47 23.48
C ALA O 1 14.96 -68.69 22.85
N LEU O 2 16.00 -68.26 23.55
CA LEU O 2 17.38 -68.47 23.12
C LEU O 2 17.92 -69.72 23.80
N THR O 3 18.87 -70.37 23.14
CA THR O 3 19.48 -71.60 23.64
C THR O 3 20.86 -71.30 24.23
N GLN O 4 21.09 -71.79 25.44
CA GLN O 4 22.33 -71.68 26.19
C GLN O 4 22.66 -73.06 26.74
N PRO O 5 23.93 -73.37 26.99
CA PRO O 5 24.23 -74.63 27.68
C PRO O 5 23.62 -74.62 29.05
N PRO O 6 23.21 -75.78 29.58
CA PRO O 6 22.70 -75.81 30.95
C PRO O 6 23.78 -75.67 32.01
N SER O 7 25.05 -75.91 31.68
CA SER O 7 26.10 -75.89 32.68
C SER O 7 27.44 -75.61 32.02
N VAL O 8 28.26 -74.82 32.71
CA VAL O 8 29.63 -74.49 32.29
C VAL O 8 30.50 -74.68 33.52
N SER O 9 31.74 -75.09 33.32
CA SER O 9 32.63 -75.27 34.45
C SER O 9 34.09 -75.08 34.06
N GLY O 10 34.92 -74.90 35.08
CA GLY O 10 36.36 -74.80 34.93
C GLY O 10 36.99 -74.57 36.29
N SER O 11 38.34 -74.60 36.31
CA SER O 11 39.10 -74.41 37.53
C SER O 11 39.46 -72.93 37.73
N PRO O 12 39.66 -72.48 38.98
CA PRO O 12 40.07 -71.10 39.21
C PRO O 12 41.34 -70.75 38.45
N GLY O 13 41.34 -69.57 37.85
CA GLY O 13 42.45 -69.07 37.06
C GLY O 13 42.31 -69.32 35.57
N GLN O 14 41.39 -70.20 35.19
CA GLN O 14 41.11 -70.54 33.81
C GLN O 14 40.02 -69.62 33.28
N SER O 15 39.93 -69.53 31.96
CA SER O 15 38.83 -68.80 31.33
C SER O 15 37.75 -69.79 30.93
N VAL O 16 36.50 -69.31 30.91
CA VAL O 16 35.36 -70.09 30.43
C VAL O 16 34.54 -69.23 29.50
N THR O 17 33.74 -69.88 28.66
CA THR O 17 32.79 -69.18 27.82
C THR O 17 31.40 -69.79 27.97
N ILE O 18 30.39 -68.93 27.84
CA ILE O 18 28.98 -69.29 27.84
C ILE O 18 28.40 -68.86 26.50
N SER O 19 27.85 -69.80 25.75
CA SER O 19 27.30 -69.46 24.45
C SER O 19 25.82 -69.09 24.58
N CYS O 20 25.33 -68.42 23.54
CA CYS O 20 23.94 -68.02 23.39
C CYS O 20 23.64 -68.09 21.91
N THR O 21 22.59 -68.83 21.51
CA THR O 21 22.23 -68.95 20.12
C THR O 21 20.76 -68.64 19.91
N GLY O 22 20.46 -68.17 18.72
CA GLY O 22 19.09 -67.84 18.32
C GLY O 22 18.97 -67.98 16.83
N THR O 23 18.23 -67.07 16.19
CA THR O 23 18.04 -67.11 14.74
C THR O 23 18.41 -65.77 14.13
N SER O 24 18.33 -65.73 12.79
CA SER O 24 18.72 -64.55 12.01
C SER O 24 17.77 -63.38 12.17
N SER O 25 16.55 -63.59 12.68
CA SER O 25 15.60 -62.51 12.87
C SER O 25 15.70 -61.80 14.22
N ASP O 26 16.48 -62.31 15.18
CA ASP O 26 16.56 -61.71 16.51
C ASP O 26 17.99 -61.47 16.96
N ILE O 27 18.74 -62.50 17.37
CA ILE O 27 20.10 -62.26 17.85
C ILE O 27 21.02 -61.84 16.71
N GLY O 28 20.79 -62.36 15.51
CA GLY O 28 21.58 -61.99 14.35
C GLY O 28 21.21 -60.68 13.70
N SER O 29 19.96 -60.23 13.87
CA SER O 29 19.50 -59.03 13.21
C SER O 29 19.80 -57.73 13.95
N TYR O 30 19.89 -57.74 15.30
CA TYR O 30 20.19 -56.53 16.04
C TYR O 30 21.38 -56.80 16.96
N ASN O 31 22.27 -55.82 17.07
CA ASN O 31 23.44 -55.93 17.95
C ASN O 31 23.15 -55.42 19.36
N TYR O 32 22.15 -56.05 20.02
CA TYR O 32 21.79 -55.70 21.40
C TYR O 32 21.67 -56.99 22.19
N VAL O 33 22.80 -57.63 22.50
CA VAL O 33 22.81 -58.91 23.20
C VAL O 33 23.44 -58.68 24.56
N SER O 34 22.62 -58.61 25.61
CA SER O 34 23.11 -58.33 26.95
C SER O 34 23.24 -59.63 27.74
N TRP O 35 24.03 -59.58 28.82
CA TRP O 35 24.20 -60.70 29.74
C TRP O 35 23.99 -60.27 31.19
N TYR O 36 23.35 -61.16 31.98
CA TYR O 36 23.08 -60.92 33.39
C TYR O 36 23.61 -62.06 34.25
N GLN O 37 24.10 -61.72 35.45
CA GLN O 37 24.60 -62.67 36.44
C GLN O 37 23.61 -62.69 37.61
N GLN O 38 22.94 -63.84 37.82
CA GLN O 38 21.97 -63.98 38.90
C GLN O 38 22.54 -64.92 39.97
N HIS O 39 23.00 -64.33 41.08
CA HIS O 39 23.51 -65.15 42.17
C HIS O 39 22.31 -65.82 42.84
N PRO O 40 22.45 -67.05 43.34
CA PRO O 40 21.30 -67.70 44.00
C PRO O 40 20.75 -66.82 45.12
N GLY O 41 19.43 -66.66 45.12
CA GLY O 41 18.76 -65.88 46.13
C GLY O 41 18.75 -64.39 45.88
N LYS O 42 19.39 -63.91 44.80
CA LYS O 42 19.49 -62.50 44.49
C LYS O 42 18.83 -62.18 43.15
N ALA O 43 18.45 -60.91 43.00
CA ALA O 43 17.95 -60.42 41.73
C ALA O 43 19.09 -60.38 40.70
N PRO O 44 18.79 -60.57 39.41
CA PRO O 44 19.85 -60.44 38.40
C PRO O 44 20.42 -59.03 38.37
N LYS O 45 21.71 -58.93 38.07
CA LYS O 45 22.38 -57.66 37.86
C LYS O 45 22.99 -57.64 36.47
N LEU O 46 23.11 -56.45 35.90
CA LEU O 46 23.66 -56.32 34.56
C LEU O 46 25.18 -56.52 34.56
N MET O 47 25.64 -57.40 33.68
CA MET O 47 27.06 -57.68 33.50
C MET O 47 27.57 -57.17 32.18
N ILE O 48 26.82 -57.37 31.10
CA ILE O 48 27.20 -56.91 29.77
C ILE O 48 25.97 -56.29 29.13
N TYR O 49 26.17 -55.18 28.43
CA TYR O 49 25.10 -54.53 27.67
C TYR O 49 25.71 -54.25 26.31
N ASP O 50 24.87 -54.09 25.29
CA ASP O 50 25.37 -53.95 23.92
C ASP O 50 26.04 -55.29 23.60
N VAL O 51 26.65 -55.45 22.43
CA VAL O 51 27.30 -56.74 22.20
C VAL O 51 28.60 -56.83 22.99
N THR O 52 29.41 -55.76 22.97
CA THR O 52 30.74 -55.77 23.56
C THR O 52 30.93 -54.81 24.74
N GLN O 53 29.92 -54.07 25.18
CA GLN O 53 30.14 -53.06 26.22
C GLN O 53 29.88 -53.62 27.61
N ARG O 54 30.63 -53.08 28.59
CA ARG O 54 30.53 -53.43 30.00
C ARG O 54 29.97 -52.27 30.83
N PRO O 55 29.08 -52.49 31.80
CA PRO O 55 28.67 -51.39 32.68
C PRO O 55 29.82 -50.92 33.55
N SER O 56 29.75 -49.65 33.96
CA SER O 56 30.74 -49.14 34.90
C SER O 56 30.56 -49.87 36.23
N GLY O 57 31.68 -50.19 36.87
CA GLY O 57 31.67 -50.86 38.16
C GLY O 57 31.82 -52.36 38.06
N VAL O 58 31.72 -52.92 36.86
CA VAL O 58 31.86 -54.35 36.61
C VAL O 58 33.31 -54.62 36.22
N SER O 59 33.89 -55.67 36.81
CA SER O 59 35.27 -56.03 36.56
C SER O 59 35.49 -56.36 35.09
N ASP O 60 36.71 -56.09 34.62
CA ASP O 60 37.09 -56.28 33.22
C ASP O 60 37.37 -57.74 32.87
N ARG O 61 37.09 -58.67 33.78
CA ARG O 61 37.19 -60.09 33.49
C ARG O 61 36.05 -60.58 32.61
N PHE O 62 34.96 -59.82 32.51
CA PHE O 62 33.77 -60.20 31.74
C PHE O 62 33.80 -59.46 30.42
N SER O 63 33.72 -60.21 29.32
CA SER O 63 33.73 -59.64 27.97
C SER O 63 32.85 -60.51 27.09
N GLY O 64 32.66 -60.10 25.85
CA GLY O 64 31.82 -60.90 24.99
C GLY O 64 31.85 -60.43 23.56
N SER O 65 31.19 -61.20 22.70
CA SER O 65 31.19 -60.89 21.26
C SER O 65 30.06 -61.67 20.60
N LYS O 66 29.83 -61.37 19.32
CA LYS O 66 28.87 -62.13 18.53
C LYS O 66 29.44 -62.38 17.14
N SER O 67 28.92 -63.43 16.52
CA SER O 67 29.26 -63.78 15.14
C SER O 67 28.07 -64.52 14.56
N GLY O 68 27.72 -64.19 13.31
CA GLY O 68 26.63 -64.89 12.67
C GLY O 68 25.36 -64.69 13.47
N ASN O 69 24.74 -65.81 13.84
CA ASN O 69 23.50 -65.83 14.60
C ASN O 69 23.73 -66.29 16.03
N THR O 70 24.97 -66.21 16.52
CA THR O 70 25.30 -66.62 17.88
C THR O 70 26.11 -65.52 18.56
N ALA O 71 26.24 -65.67 19.88
CA ALA O 71 27.00 -64.74 20.70
C ALA O 71 27.55 -65.50 21.90
N SER O 72 28.56 -64.94 22.54
CA SER O 72 29.10 -65.58 23.73
C SER O 72 29.66 -64.56 24.71
N LEU O 73 29.67 -65.00 25.97
CA LEU O 73 30.24 -64.30 27.11
C LEU O 73 31.50 -65.04 27.51
N THR O 74 32.60 -64.32 27.68
CA THR O 74 33.87 -64.91 28.11
C THR O 74 34.21 -64.35 29.48
N ILE O 75 34.53 -65.25 30.41
CA ILE O 75 34.91 -64.90 31.77
C ILE O 75 36.36 -65.34 31.92
N SER O 76 37.28 -64.37 31.94
CA SER O 76 38.70 -64.64 32.06
C SER O 76 39.07 -64.59 33.54
N GLY O 77 40.06 -65.39 33.93
CA GLY O 77 40.50 -65.29 35.31
C GLY O 77 39.42 -65.75 36.29
N LEU O 78 38.75 -66.86 35.98
CA LEU O 78 37.64 -67.36 36.78
C LEU O 78 38.01 -67.46 38.25
N GLN O 79 37.13 -66.94 39.10
CA GLN O 79 37.30 -66.94 40.55
C GLN O 79 36.33 -67.90 41.20
N ALA O 80 36.68 -68.33 42.42
CA ALA O 80 35.83 -69.22 43.21
C ALA O 80 34.49 -68.58 43.57
N ASP O 81 34.41 -67.26 43.57
CA ASP O 81 33.19 -66.56 43.97
C ASP O 81 32.19 -66.36 42.85
N ASP O 82 32.48 -66.80 41.63
CA ASP O 82 31.58 -66.59 40.50
C ASP O 82 30.54 -67.73 40.46
N GLU O 83 29.72 -67.76 41.51
CA GLU O 83 28.67 -68.78 41.66
C GLU O 83 27.35 -68.10 41.29
N ALA O 84 26.89 -68.32 40.06
CA ALA O 84 25.70 -67.65 39.59
C ALA O 84 25.16 -68.34 38.35
N ASP O 85 23.89 -68.08 38.07
CA ASP O 85 23.27 -68.46 36.81
C ASP O 85 23.36 -67.29 35.85
N TYR O 86 24.01 -67.50 34.71
CA TYR O 86 24.18 -66.45 33.71
C TYR O 86 23.12 -66.59 32.63
N TYR O 87 22.53 -65.47 32.25
CA TYR O 87 21.49 -65.42 31.23
C TYR O 87 21.90 -64.46 30.12
N CYS O 88 21.52 -64.81 28.89
CA CYS O 88 21.65 -63.92 27.75
C CYS O 88 20.27 -63.41 27.41
N SER O 89 20.22 -62.21 26.83
CA SER O 89 18.95 -61.70 26.31
C SER O 89 19.24 -60.84 25.11
N ALA O 90 18.23 -60.71 24.24
CA ALA O 90 18.41 -59.85 23.09
C ALA O 90 17.11 -59.19 22.67
N TYR O 91 17.26 -58.01 22.06
CA TYR O 91 16.15 -57.30 21.44
C TYR O 91 15.73 -58.05 20.19
N ALA O 92 14.43 -58.27 20.02
CA ALA O 92 13.92 -59.00 18.85
C ALA O 92 13.21 -58.13 17.83
N GLY O 93 12.41 -57.16 18.27
CA GLY O 93 11.69 -56.33 17.32
C GLY O 93 10.71 -55.41 18.02
N ARG O 94 9.83 -54.81 17.23
CA ARG O 94 8.84 -53.88 17.75
C ARG O 94 7.56 -54.58 18.17
N GLN O 95 7.44 -55.88 17.89
CA GLN O 95 6.28 -56.69 18.27
C GLN O 95 6.65 -57.52 19.50
N THR O 96 7.76 -58.23 19.42
CA THR O 96 8.34 -58.98 20.52
C THR O 96 9.58 -58.17 20.88
N PHE O 97 9.64 -57.66 22.09
CA PHE O 97 10.75 -56.80 22.46
C PHE O 97 11.99 -57.55 22.93
N TYR O 98 11.89 -58.41 23.94
CA TYR O 98 13.07 -59.09 24.45
C TYR O 98 12.84 -60.58 24.54
N ILE O 99 13.89 -61.32 24.22
CA ILE O 99 13.90 -62.78 24.32
C ILE O 99 15.05 -63.15 25.23
N PHE O 100 14.77 -63.99 26.23
CA PHE O 100 15.78 -64.51 27.14
C PHE O 100 16.04 -65.99 26.86
N GLY O 101 17.26 -66.42 27.14
CA GLY O 101 17.62 -67.81 27.11
C GLY O 101 17.48 -68.44 28.49
N GLY O 102 17.86 -69.71 28.57
CA GLY O 102 17.83 -70.40 29.84
C GLY O 102 19.07 -70.05 30.63
N GLY O 103 19.08 -70.29 31.94
CA GLY O 103 20.26 -69.99 32.70
C GLY O 103 21.33 -71.06 32.54
N THR O 104 22.58 -70.62 32.56
CA THR O 104 23.74 -71.49 32.54
C THR O 104 24.35 -71.50 33.93
N ARG O 105 24.43 -72.67 34.55
CA ARG O 105 24.97 -72.77 35.89
C ARG O 105 26.50 -72.84 35.81
N LEU O 106 27.18 -71.88 36.42
CA LEU O 106 28.64 -71.85 36.42
C LEU O 106 29.17 -72.51 37.68
N THR O 107 29.92 -73.60 37.50
CA THR O 107 30.52 -74.37 38.58
C THR O 107 32.02 -74.10 38.53
N VAL O 108 32.59 -73.64 39.64
CA VAL O 108 34.01 -73.34 39.72
C VAL O 108 34.66 -74.41 40.58
N LEU O 109 35.64 -75.10 40.02
CA LEU O 109 36.24 -76.26 40.65
C LEU O 109 37.26 -75.83 41.71
N LEU P 9 6.20 -20.93 29.87
CA LEU P 9 7.25 -19.91 29.97
C LEU P 9 6.92 -18.70 29.09
N GLY P 10 6.22 -18.94 27.99
CA GLY P 10 5.88 -17.89 27.04
C GLY P 10 6.84 -17.85 25.86
N PHE P 11 6.55 -16.91 24.96
CA PHE P 11 7.30 -16.75 23.73
C PHE P 11 8.79 -16.54 24.02
N LEU P 12 9.63 -17.39 23.43
CA LEU P 12 11.08 -17.40 23.61
C LEU P 12 11.50 -17.72 25.05
N GLY P 13 10.58 -18.14 25.92
CA GLY P 13 10.95 -18.43 27.29
C GLY P 13 11.95 -19.55 27.42
N ALA P 14 11.93 -20.50 26.49
CA ALA P 14 12.82 -21.64 26.47
C ALA P 14 14.13 -21.37 25.73
N ALA P 15 14.36 -20.13 25.27
CA ALA P 15 15.55 -19.81 24.50
C ALA P 15 16.83 -20.16 25.24
N GLY P 16 16.83 -20.02 26.57
CA GLY P 16 18.02 -20.35 27.34
C GLY P 16 18.04 -21.78 27.85
N SER P 17 17.02 -22.57 27.54
CA SER P 17 16.90 -23.94 28.02
C SER P 17 17.61 -24.87 27.04
N THR P 18 17.76 -26.13 27.42
CA THR P 18 18.45 -27.06 26.56
C THR P 18 17.56 -27.44 25.37
N MET P 19 18.18 -28.01 24.34
CA MET P 19 17.43 -28.38 23.14
C MET P 19 16.32 -29.36 23.46
N GLY P 20 16.56 -30.28 24.39
CA GLY P 20 15.55 -31.27 24.71
C GLY P 20 14.44 -30.76 25.60
N ALA P 21 14.59 -29.54 26.11
CA ALA P 21 13.58 -28.89 26.92
C ALA P 21 12.79 -27.93 26.06
N ALA P 22 13.52 -27.21 25.21
CA ALA P 22 12.92 -26.22 24.32
C ALA P 22 12.11 -26.88 23.21
N SER P 23 12.35 -28.16 22.93
CA SER P 23 11.61 -28.86 21.90
C SER P 23 10.14 -29.08 22.26
N MET P 24 9.76 -28.89 23.52
CA MET P 24 8.39 -29.05 23.99
C MET P 24 7.56 -27.76 23.93
N THR P 25 8.12 -26.66 23.45
CA THR P 25 7.45 -25.36 23.40
C THR P 25 7.27 -24.86 21.97
N LEU P 26 7.26 -25.77 20.99
CA LEU P 26 7.19 -25.38 19.59
C LEU P 26 5.88 -24.68 19.23
N THR P 27 4.76 -25.05 19.87
CA THR P 27 3.50 -24.41 19.53
C THR P 27 3.42 -22.99 20.06
N VAL P 28 4.11 -22.71 21.17
CA VAL P 28 4.07 -21.39 21.79
C VAL P 28 4.64 -20.36 20.81
N GLN P 29 5.74 -20.72 20.17
CA GLN P 29 6.40 -19.81 19.24
C GLN P 29 5.80 -19.89 17.85
N ALA P 30 5.30 -21.07 17.45
CA ALA P 30 4.68 -21.17 16.13
C ALA P 30 3.47 -20.25 16.05
N ARG P 31 2.73 -20.13 17.16
CA ARG P 31 1.54 -19.27 17.16
C ARG P 31 1.88 -17.78 17.13
N ASN P 32 3.14 -17.41 17.37
CA ASN P 32 3.56 -16.01 17.38
C ASN P 32 4.26 -15.59 16.09
N LEU P 33 4.22 -16.40 15.05
CA LEU P 33 4.81 -16.03 13.77
C LEU P 33 3.85 -15.22 12.92
N LEU P 34 2.54 -15.40 13.13
CA LEU P 34 1.50 -14.65 12.44
C LEU P 34 0.93 -13.54 13.30
N SER P 35 0.92 -13.70 14.62
CA SER P 35 0.34 -12.72 15.52
C SER P 35 1.39 -11.67 15.92
N GLY P 61 0.92 4.60 5.90
CA GLY P 61 1.53 3.42 6.48
C GLY P 61 1.91 2.38 5.46
N ILE P 62 2.49 2.83 4.34
CA ILE P 62 2.89 1.89 3.29
C ILE P 62 4.03 1.00 3.77
N LYS P 63 4.94 1.53 4.60
CA LYS P 63 6.06 0.72 5.08
C LYS P 63 5.59 -0.39 6.01
N GLN P 64 4.55 -0.13 6.80
CA GLN P 64 4.07 -1.17 7.72
C GLN P 64 3.31 -2.22 6.95
N LEU P 65 2.60 -1.83 5.89
CA LEU P 65 1.91 -2.81 5.08
C LEU P 65 2.93 -3.68 4.36
N GLN P 66 4.02 -3.06 3.89
CA GLN P 66 5.06 -3.85 3.24
C GLN P 66 5.68 -4.83 4.23
N ALA P 67 5.86 -4.40 5.48
CA ALA P 67 6.40 -5.29 6.49
C ALA P 67 5.46 -6.47 6.74
N ARG P 68 4.15 -6.23 6.70
CA ARG P 68 3.20 -7.30 6.92
C ARG P 68 3.21 -8.28 5.75
N VAL P 69 3.31 -7.75 4.53
CA VAL P 69 3.36 -8.63 3.36
C VAL P 69 4.64 -9.45 3.39
N LEU P 70 5.75 -8.84 3.76
CA LEU P 70 7.01 -9.58 3.83
C LEU P 70 6.94 -10.67 4.89
N ALA P 71 6.34 -10.37 6.05
CA ALA P 71 6.21 -11.39 7.08
C ALA P 71 5.39 -12.57 6.58
N VAL P 72 4.33 -12.29 5.80
CA VAL P 72 3.53 -13.36 5.23
C VAL P 72 4.36 -14.17 4.24
N GLU P 73 5.14 -13.49 3.40
CA GLU P 73 5.97 -14.19 2.42
C GLU P 73 6.99 -15.09 3.11
N HIS P 74 7.57 -14.63 4.22
CA HIS P 74 8.55 -15.45 4.92
C HIS P 74 7.87 -16.68 5.52
N TYR P 75 6.68 -16.48 6.09
CA TYR P 75 5.94 -17.61 6.66
C TYR P 75 5.67 -18.65 5.58
N LEU P 76 5.18 -18.19 4.43
CA LEU P 76 4.84 -19.12 3.36
C LEU P 76 6.08 -19.81 2.81
N ARG P 77 7.22 -19.12 2.75
CA ARG P 77 8.43 -19.77 2.26
C ARG P 77 8.87 -20.88 3.20
N ASP P 78 8.73 -20.66 4.52
CA ASP P 78 9.10 -21.71 5.44
C ASP P 78 8.12 -22.88 5.36
N GLN P 79 6.84 -22.58 5.16
CA GLN P 79 5.87 -23.65 5.03
C GLN P 79 6.10 -24.42 3.74
N GLN P 80 6.53 -23.73 2.68
CA GLN P 80 6.83 -24.41 1.42
C GLN P 80 8.01 -25.34 1.60
N LEU P 81 9.04 -24.90 2.34
CA LEU P 81 10.18 -25.79 2.56
C LEU P 81 9.75 -27.01 3.34
N LEU P 82 8.89 -26.82 4.35
CA LEU P 82 8.43 -27.97 5.11
C LEU P 82 7.63 -28.93 4.24
N GLY P 83 6.79 -28.37 3.36
CA GLY P 83 6.00 -29.21 2.46
C GLY P 83 6.84 -30.00 1.49
N ILE P 84 7.88 -29.38 0.93
CA ILE P 84 8.75 -30.04 -0.03
C ILE P 84 9.42 -31.24 0.62
N TRP P 85 9.83 -31.11 1.88
CA TRP P 85 10.50 -32.17 2.61
C TRP P 85 9.55 -33.27 3.07
N GLY P 86 8.26 -33.15 2.82
CA GLY P 86 7.28 -34.13 3.24
C GLY P 86 6.73 -33.92 4.63
N CYS P 87 6.85 -32.72 5.18
CA CYS P 87 6.41 -32.39 6.52
C CYS P 87 5.31 -31.33 6.40
N SER P 88 4.04 -31.74 6.41
CA SER P 88 2.98 -30.78 6.19
C SER P 88 2.46 -30.24 7.53
N GLY P 89 1.44 -30.88 8.11
CA GLY P 89 0.91 -30.43 9.38
C GLY P 89 1.71 -30.97 10.54
N LYS P 90 3.02 -30.72 10.57
CA LYS P 90 3.89 -31.26 11.60
C LYS P 90 4.85 -30.19 12.12
N LEU P 91 5.12 -30.24 13.42
CA LEU P 91 6.15 -29.42 14.04
C LEU P 91 7.42 -30.20 14.25
N ILE P 92 7.30 -31.52 14.42
CA ILE P 92 8.44 -32.42 14.54
C ILE P 92 8.19 -33.50 13.49
N CYS P 93 9.12 -33.65 12.56
CA CYS P 93 9.01 -34.69 11.53
C CYS P 93 10.36 -35.35 11.34
N CYS P 94 10.34 -36.66 11.16
CA CYS P 94 11.53 -37.46 10.99
C CYS P 94 11.75 -37.71 9.51
N THR P 95 13.03 -37.84 9.12
CA THR P 95 13.39 -38.01 7.72
C THR P 95 14.26 -39.25 7.54
N ASN P 96 14.65 -39.48 6.29
CA ASN P 96 15.52 -40.60 5.90
C ASN P 96 16.92 -40.16 5.51
N VAL P 97 17.35 -38.96 5.89
CA VAL P 97 18.70 -38.49 5.59
C VAL P 97 19.58 -38.81 6.80
N PRO P 98 20.63 -39.62 6.65
CA PRO P 98 21.47 -39.93 7.80
C PRO P 98 22.32 -38.72 8.17
N TRP P 99 22.72 -38.65 9.44
CA TRP P 99 23.62 -37.59 9.86
C TRP P 99 25.01 -37.99 9.39
N ASN P 100 25.73 -37.07 8.77
CA ASN P 100 27.02 -37.38 8.14
C ASN P 100 28.21 -37.17 9.07
N SER P 101 27.99 -36.92 10.36
CA SER P 101 29.04 -36.77 11.37
C SER P 101 29.89 -35.51 11.18
N SER P 102 30.37 -35.25 9.95
CA SER P 102 31.18 -34.06 9.74
C SER P 102 30.40 -32.79 10.05
N TRP P 103 29.08 -32.84 9.92
CA TRP P 103 28.24 -31.70 10.26
C TRP P 103 28.37 -31.38 11.75
N SER P 104 28.42 -32.42 12.57
CA SER P 104 28.60 -32.34 14.01
C SER P 104 28.81 -33.74 14.54
N ASN P 105 29.95 -33.99 15.20
CA ASN P 105 30.31 -35.33 15.66
C ASN P 105 30.07 -35.50 17.15
N ARG P 106 29.13 -34.75 17.71
CA ARG P 106 28.79 -34.78 19.11
C ARG P 106 27.85 -35.94 19.44
N ASN P 107 27.88 -36.35 20.71
CA ASN P 107 26.95 -37.35 21.22
C ASN P 107 25.56 -36.72 21.41
N LEU P 108 24.54 -37.58 21.38
CA LEU P 108 23.19 -37.08 21.66
C LEU P 108 23.11 -36.52 23.08
N SER P 109 23.84 -37.13 24.01
CA SER P 109 23.84 -36.71 25.41
C SER P 109 24.44 -35.33 25.64
N GLU P 110 25.16 -34.77 24.66
CA GLU P 110 25.74 -33.44 24.79
C GLU P 110 25.11 -32.42 23.85
N ILE P 111 24.06 -32.81 23.11
CA ILE P 111 23.33 -31.91 22.22
C ILE P 111 21.97 -31.59 22.83
N TRP P 112 21.21 -32.62 23.17
CA TRP P 112 19.86 -32.42 23.65
C TRP P 112 19.84 -32.07 25.14
N ASP P 113 20.82 -32.54 25.90
CA ASP P 113 20.89 -32.30 27.33
C ASP P 113 21.83 -31.17 27.74
N ASN P 114 22.87 -30.85 26.95
CA ASN P 114 23.87 -29.86 27.35
C ASN P 114 24.08 -28.75 26.32
N MET P 115 23.07 -28.44 25.50
CA MET P 115 23.25 -27.39 24.51
C MET P 115 21.90 -26.69 24.26
N THR P 116 21.96 -25.42 23.87
CA THR P 116 20.78 -24.66 23.50
C THR P 116 20.62 -24.65 21.98
N TRP P 117 19.44 -24.21 21.52
CA TRP P 117 19.24 -24.15 20.08
C TRP P 117 20.05 -23.04 19.42
N LEU P 118 20.36 -21.95 20.14
CA LEU P 118 21.18 -20.91 19.55
C LEU P 118 22.60 -21.39 19.30
N GLN P 119 23.15 -22.16 20.24
CA GLN P 119 24.48 -22.68 20.09
C GLN P 119 24.52 -23.70 18.96
N TRP P 120 23.50 -24.55 18.88
CA TRP P 120 23.44 -25.52 17.80
C TRP P 120 23.34 -24.83 16.45
N ASP P 121 22.46 -23.82 16.36
CA ASP P 121 22.29 -23.09 15.11
C ASP P 121 23.61 -22.49 14.64
N LYS P 122 24.38 -21.94 15.58
CA LYS P 122 25.69 -21.40 15.21
C LYS P 122 26.64 -22.51 14.77
N GLU P 123 26.64 -23.63 15.49
CA GLU P 123 27.55 -24.73 15.21
C GLU P 123 27.42 -25.29 13.80
N ILE P 124 26.20 -25.40 13.28
CA ILE P 124 25.97 -25.98 11.95
C ILE P 124 25.50 -24.95 10.93
N SER P 125 25.74 -23.66 11.17
CA SER P 125 25.26 -22.64 10.23
C SER P 125 25.86 -22.80 8.84
N ASN P 126 27.04 -23.44 8.73
CA ASN P 126 27.69 -23.64 7.45
C ASN P 126 27.13 -24.81 6.64
N TYR P 127 26.26 -25.65 7.23
CA TYR P 127 25.77 -26.86 6.58
C TYR P 127 24.27 -26.84 6.29
N THR P 128 23.56 -25.75 6.63
CA THR P 128 22.12 -25.78 6.49
C THR P 128 21.68 -25.82 5.03
N GLN P 129 22.51 -25.35 4.10
CA GLN P 129 22.13 -25.40 2.70
C GLN P 129 22.47 -26.74 2.06
N ILE P 130 23.18 -27.62 2.76
CA ILE P 130 23.49 -28.94 2.26
C ILE P 130 22.43 -29.94 2.69
N ILE P 131 22.08 -29.86 3.96
CA ILE P 131 21.10 -30.77 4.56
C ILE P 131 19.77 -30.58 3.88
N TYR P 132 19.37 -29.32 3.66
CA TYR P 132 18.08 -29.06 3.04
C TYR P 132 18.05 -29.65 1.65
N GLY P 133 19.15 -29.54 0.90
CA GLY P 133 19.16 -30.11 -0.43
C GLY P 133 18.98 -31.61 -0.39
N LEU P 134 19.63 -32.27 0.57
CA LEU P 134 19.48 -33.71 0.69
C LEU P 134 18.05 -34.06 1.04
N LEU P 135 17.43 -33.23 1.88
CA LEU P 135 16.06 -33.52 2.28
C LEU P 135 15.14 -33.44 1.07
N GLU P 136 15.36 -32.46 0.19
CA GLU P 136 14.49 -32.35 -0.96
C GLU P 136 14.64 -33.56 -1.86
N GLU P 137 15.89 -34.01 -2.02
CA GLU P 137 16.12 -35.14 -2.90
C GLU P 137 15.49 -36.39 -2.31
N SER P 138 15.59 -36.54 -0.98
CA SER P 138 15.03 -37.72 -0.36
C SER P 138 13.53 -37.78 -0.58
N GLN P 139 12.84 -36.65 -0.43
CA GLN P 139 11.39 -36.70 -0.63
C GLN P 139 11.07 -37.00 -2.08
N ASN P 140 11.87 -36.46 -3.01
CA ASN P 140 11.57 -36.69 -4.41
C ASN P 140 11.65 -38.18 -4.71
N GLN P 141 12.60 -38.89 -4.10
CA GLN P 141 12.67 -40.31 -4.37
C GLN P 141 11.51 -41.04 -3.73
N GLN P 142 11.16 -40.66 -2.49
CA GLN P 142 10.09 -41.36 -1.78
C GLN P 142 8.75 -41.13 -2.45
N GLU P 143 8.52 -39.91 -2.92
CA GLU P 143 7.24 -39.62 -3.54
C GLU P 143 7.07 -40.44 -4.80
N LYS P 144 8.14 -40.56 -5.59
CA LYS P 144 8.03 -41.37 -6.80
C LYS P 144 7.84 -42.83 -6.43
N ASN P 145 8.52 -43.28 -5.38
CA ASN P 145 8.37 -44.67 -4.97
C ASN P 145 6.94 -44.94 -4.55
N GLU P 146 6.30 -43.98 -3.88
CA GLU P 146 4.93 -44.18 -3.46
C GLU P 146 4.03 -44.35 -4.68
N GLN P 147 4.27 -43.57 -5.73
CA GLN P 147 3.46 -43.68 -6.93
C GLN P 147 3.62 -45.08 -7.50
N ASP P 148 4.84 -45.59 -7.54
CA ASP P 148 5.05 -46.90 -8.12
C ASP P 148 4.38 -47.98 -7.28
N LEU P 149 4.37 -47.80 -5.95
CA LEU P 149 3.72 -48.82 -5.13
C LEU P 149 2.21 -48.81 -5.29
N LEU P 150 1.65 -47.72 -5.82
CA LEU P 150 0.21 -47.62 -6.02
C LEU P 150 -0.23 -48.06 -7.41
N ALA P 151 0.71 -48.45 -8.26
CA ALA P 151 0.45 -48.94 -9.61
C ALA P 151 0.53 -50.46 -9.71
N LEU P 152 0.70 -51.15 -8.59
CA LEU P 152 0.72 -52.61 -8.57
C LEU P 152 -0.68 -53.10 -8.26
N ASP P 153 -1.27 -53.82 -9.20
CA ASP P 153 -2.64 -54.30 -9.06
C ASP P 153 -2.76 -55.30 -7.92
N GLN Q 1 17.38 53.98 58.69
CA GLN Q 1 18.25 55.16 58.94
C GLN Q 1 19.72 54.75 58.89
N VAL Q 2 20.23 54.56 57.68
CA VAL Q 2 21.60 54.07 57.50
C VAL Q 2 22.57 55.19 57.85
N GLN Q 3 23.56 54.87 58.67
CA GLN Q 3 24.60 55.81 59.11
C GLN Q 3 25.96 55.22 58.77
N LEU Q 4 26.46 55.53 57.58
CA LEU Q 4 27.71 54.92 57.12
C LEU Q 4 28.89 55.66 57.72
N GLN Q 5 29.95 54.92 58.02
CA GLN Q 5 31.19 55.52 58.54
C GLN Q 5 32.38 54.74 58.02
N GLU Q 6 33.29 55.44 57.34
CA GLU Q 6 34.52 54.84 56.84
C GLU Q 6 35.60 54.87 57.90
N SER Q 7 36.51 53.90 57.82
CA SER Q 7 37.74 53.93 58.61
C SER Q 7 38.90 53.99 57.61
N GLY Q 8 39.64 52.90 57.41
CA GLY Q 8 40.65 52.88 56.38
C GLY Q 8 41.81 53.83 56.66
N PRO Q 9 42.68 53.49 57.61
CA PRO Q 9 43.80 54.37 57.92
C PRO Q 9 44.66 54.65 56.70
N GLY Q 10 45.17 55.87 56.62
CA GLY Q 10 46.00 56.32 55.51
C GLY Q 10 47.48 56.20 55.79
N LEU Q 11 48.25 57.04 55.10
CA LEU Q 11 49.72 57.03 55.16
C LEU Q 11 50.28 55.73 54.60
N VAL Q 12 49.66 55.24 53.54
CA VAL Q 12 50.09 54.02 52.86
C VAL Q 12 51.29 54.35 51.99
N GLN Q 13 52.28 53.46 51.99
CA GLN Q 13 53.49 53.74 51.23
C GLN Q 13 53.32 53.35 49.75
N PRO Q 14 54.04 54.00 48.84
CA PRO Q 14 53.97 53.62 47.42
C PRO Q 14 54.24 52.14 47.20
N SER Q 15 53.50 51.56 46.25
CA SER Q 15 53.51 50.15 45.88
C SER Q 15 52.80 49.27 46.90
N GLY Q 16 52.15 49.84 47.90
CA GLY Q 16 51.39 49.09 48.86
C GLY Q 16 49.95 48.91 48.41
N THR Q 17 49.11 48.47 49.36
CA THR Q 17 47.70 48.21 49.10
C THR Q 17 46.85 48.93 50.13
N LEU Q 18 45.75 49.54 49.68
CA LEU Q 18 44.82 50.19 50.58
C LEU Q 18 43.84 49.15 51.12
N SER Q 19 43.35 49.39 52.32
CA SER Q 19 42.26 48.59 52.87
C SER Q 19 41.28 49.56 53.53
N LEU Q 20 40.15 49.82 52.87
CA LEU Q 20 39.18 50.82 53.35
C LEU Q 20 37.88 50.09 53.62
N THR Q 21 37.42 50.13 54.87
CA THR Q 21 36.20 49.45 55.29
C THR Q 21 35.13 50.46 55.68
N CYS Q 22 33.93 50.27 55.14
CA CYS Q 22 32.75 51.08 55.43
C CYS Q 22 31.83 50.23 56.29
N ALA Q 23 31.47 50.77 57.44
CA ALA Q 23 30.53 50.13 58.36
C ALA Q 23 29.13 50.58 58.01
N VAL Q 24 28.16 49.68 58.17
CA VAL Q 24 26.76 49.96 57.94
C VAL Q 24 26.04 49.78 59.27
N SER Q 25 25.24 50.78 59.65
CA SER Q 25 24.48 50.70 60.89
C SER Q 25 23.16 51.42 60.67
N GLY Q 26 22.10 50.80 61.18
CA GLY Q 26 20.73 51.28 61.04
C GLY Q 26 19.94 50.46 60.05
N ASP Q 27 20.59 49.53 59.36
CA ASP Q 27 19.96 48.63 58.41
C ASP Q 27 20.93 47.46 58.21
N SER Q 28 20.52 46.50 57.39
CA SER Q 28 21.37 45.39 56.99
C SER Q 28 21.95 45.70 55.61
N ILE Q 29 22.80 44.82 55.12
CA ILE Q 29 23.35 44.95 53.77
C ILE Q 29 22.65 44.01 52.79
N SER Q 30 21.52 43.43 53.19
CA SER Q 30 20.74 42.54 52.35
C SER Q 30 19.55 43.24 51.71
N SER Q 31 19.46 44.57 51.87
CA SER Q 31 18.39 45.36 51.29
C SER Q 31 18.64 45.59 49.81
N ASN Q 32 17.66 46.16 49.13
CA ASN Q 32 17.70 46.36 47.69
C ASN Q 32 18.57 47.57 47.35
N ASN Q 33 19.86 47.43 47.61
CA ASN Q 33 20.81 48.52 47.41
C ASN Q 33 22.15 47.95 46.99
N TRP Q 34 22.90 48.73 46.21
CA TRP Q 34 24.29 48.43 45.91
C TRP Q 34 25.16 49.26 46.84
N TRP Q 35 26.22 48.66 47.38
CA TRP Q 35 27.12 49.38 48.24
C TRP Q 35 28.21 49.91 47.32
N THR Q 36 28.45 51.23 47.33
CA THR Q 36 29.32 51.85 46.35
C THR Q 36 30.43 52.66 47.01
N TRP Q 37 31.56 52.74 46.30
CA TRP Q 37 32.68 53.56 46.68
C TRP Q 37 32.99 54.55 45.56
N VAL Q 38 33.37 55.76 45.96
CA VAL Q 38 33.80 56.83 45.08
C VAL Q 38 35.09 57.45 45.64
N ARG Q 39 35.78 58.21 44.78
CA ARG Q 39 37.03 58.88 45.10
C ARG Q 39 36.98 60.34 44.66
N GLN Q 40 37.50 61.24 45.50
CA GLN Q 40 37.61 62.66 45.18
C GLN Q 40 39.00 63.20 45.49
N PRO Q 41 39.90 63.28 44.51
CA PRO Q 41 41.26 63.77 44.78
C PRO Q 41 41.23 65.18 45.34
N PRO Q 42 42.28 65.62 46.06
CA PRO Q 42 42.25 66.94 46.69
C PRO Q 42 42.30 68.09 45.69
N GLY Q 43 41.14 68.49 45.17
CA GLY Q 43 41.03 69.56 44.19
C GLY Q 43 40.61 69.15 42.80
N LYS Q 44 40.23 67.90 42.60
CA LYS Q 44 39.77 67.35 41.33
C LYS Q 44 38.29 67.01 41.47
N GLY Q 45 37.70 66.55 40.37
CA GLY Q 45 36.31 66.17 40.40
C GLY Q 45 36.13 64.84 41.08
N LEU Q 46 34.89 64.38 41.12
CA LEU Q 46 34.51 63.18 41.86
C LEU Q 46 34.53 61.98 40.93
N GLU Q 47 35.30 60.94 41.30
CA GLU Q 47 35.43 59.72 40.53
C GLU Q 47 34.65 58.59 41.17
N TRP Q 48 34.12 57.69 40.34
CA TRP Q 48 33.47 56.47 40.79
C TRP Q 48 34.50 55.34 40.89
N ILE Q 49 34.46 54.59 41.99
CA ILE Q 49 35.37 53.45 42.19
C ILE Q 49 34.70 52.14 41.83
N GLY Q 50 33.52 51.88 42.39
CA GLY Q 50 32.91 50.59 42.13
C GLY Q 50 31.74 50.31 43.03
N GLU Q 51 31.06 49.20 42.73
CA GLU Q 51 29.88 48.79 43.48
C GLU Q 51 29.93 47.29 43.74
N ILE Q 52 29.37 46.87 44.88
CA ILE Q 52 29.19 45.46 45.22
C ILE Q 52 27.76 45.27 45.74
N TYR Q 53 27.12 44.17 45.32
CA TYR Q 53 25.76 43.87 45.78
C TYR Q 53 25.87 42.90 46.97
N GLN Q 54 24.73 42.53 47.56
CA GLN Q 54 24.75 41.65 48.73
C GLN Q 54 25.20 40.23 48.40
N SER Q 55 25.10 39.84 47.13
CA SER Q 55 25.44 38.50 46.66
C SER Q 55 26.91 38.36 46.29
N GLY Q 56 27.68 39.44 46.32
CA GLY Q 56 29.07 39.44 45.91
C GLY Q 56 29.29 39.83 44.47
N ILE Q 57 28.24 40.22 43.76
CA ILE Q 57 28.38 40.69 42.38
C ILE Q 57 29.03 42.06 42.45
N THR Q 58 30.07 42.27 41.65
CA THR Q 58 30.77 43.55 41.64
C THR Q 58 30.85 44.17 40.25
N LYS Q 59 31.05 45.49 40.28
CA LYS Q 59 31.30 46.34 39.13
C LYS Q 59 32.45 47.25 39.49
N TYR Q 60 33.38 47.46 38.56
CA TYR Q 60 34.53 48.32 38.81
C TYR Q 60 34.74 49.30 37.66
N ASN Q 61 35.37 50.41 37.98
CA ASN Q 61 35.76 51.39 36.99
C ASN Q 61 36.94 50.83 36.18
N PRO Q 62 36.82 50.64 34.86
CA PRO Q 62 37.93 50.03 34.10
C PRO Q 62 39.28 50.72 34.25
N SER Q 63 39.32 51.98 34.67
CA SER Q 63 40.61 52.64 34.82
C SER Q 63 41.47 51.98 35.89
N LEU Q 64 40.84 51.35 36.88
CA LEU Q 64 41.56 50.65 37.95
C LEU Q 64 41.72 49.18 37.55
N LYS Q 65 42.43 48.97 36.45
CA LYS Q 65 42.53 47.65 35.84
C LYS Q 65 43.36 46.71 36.72
N SER Q 66 42.71 45.64 37.21
CA SER Q 66 43.32 44.65 38.09
C SER Q 66 43.98 45.27 39.33
N ARG Q 67 43.50 46.44 39.76
CA ARG Q 67 44.03 47.11 40.94
C ARG Q 67 43.09 47.11 42.14
N VAL Q 68 41.78 46.98 41.91
CA VAL Q 68 40.77 47.14 42.95
C VAL Q 68 39.90 45.89 43.04
N SER Q 69 39.54 45.54 44.28
CA SER Q 69 38.62 44.46 44.58
C SER Q 69 37.74 44.94 45.72
N THR Q 70 36.51 44.41 45.77
CA THR Q 70 35.55 44.77 46.80
C THR Q 70 34.99 43.51 47.43
N SER Q 71 34.65 43.61 48.72
CA SER Q 71 34.03 42.49 49.44
C SER Q 71 32.99 43.01 50.43
N VAL Q 72 32.10 42.10 50.85
CA VAL Q 72 31.09 42.37 51.85
C VAL Q 72 31.18 41.29 52.93
N ASP Q 73 30.69 41.61 54.12
CA ASP Q 73 30.60 40.66 55.22
C ASP Q 73 29.27 40.88 55.93
N LYS Q 74 28.34 39.95 55.67
CA LYS Q 74 26.96 40.00 56.18
C LYS Q 74 26.89 39.84 57.69
N SER Q 75 27.91 39.25 58.32
CA SER Q 75 27.88 39.03 59.76
C SER Q 75 28.29 40.27 60.53
N LYS Q 76 28.85 41.26 59.83
CA LYS Q 76 29.35 42.49 60.40
C LYS Q 76 28.59 43.69 59.85
N ASN Q 77 27.85 43.52 58.73
CA ASN Q 77 27.24 44.62 58.01
C ASN Q 77 28.35 45.58 57.58
N GLN Q 78 29.42 45.01 57.04
CA GLN Q 78 30.55 45.81 56.58
C GLN Q 78 30.89 45.46 55.14
N PHE Q 79 31.49 46.43 54.44
CA PHE Q 79 32.02 46.17 53.11
C PHE Q 79 33.33 46.95 52.97
N SER Q 80 34.20 46.49 52.06
CA SER Q 80 35.49 47.15 51.94
C SER Q 80 36.13 47.02 50.57
N LEU Q 81 37.06 47.95 50.31
CA LEU Q 81 37.92 48.00 49.14
C LEU Q 81 39.34 47.57 49.49
N ARG Q 82 39.98 46.89 48.53
CA ARG Q 82 41.40 46.53 48.61
C ARG Q 82 42.09 47.00 47.33
N LEU Q 83 42.57 48.25 47.32
CA LEU Q 83 43.16 48.84 46.13
C LEU Q 83 44.67 48.63 46.18
N SER Q 84 45.19 47.85 45.23
CA SER Q 84 46.60 47.48 45.18
C SER Q 84 47.44 48.47 44.38
N SER Q 85 48.76 48.34 44.54
CA SER Q 85 49.78 49.07 43.79
C SER Q 85 49.59 50.59 43.77
N VAL Q 86 49.40 51.19 44.95
CA VAL Q 86 49.22 52.63 44.99
C VAL Q 86 50.55 53.30 44.62
N THR Q 87 50.45 54.44 43.91
CA THR Q 87 51.63 55.19 43.51
C THR Q 87 51.60 56.54 44.21
N ALA Q 88 50.92 57.54 43.66
CA ALA Q 88 50.84 58.89 44.24
C ALA Q 88 49.55 59.60 43.82
N ALA Q 89 48.95 59.20 42.69
CA ALA Q 89 47.77 59.82 42.12
C ALA Q 89 46.50 59.40 42.85
N ASP Q 90 46.61 58.46 43.80
CA ASP Q 90 45.48 57.94 44.55
C ASP Q 90 45.21 58.71 45.83
N THR Q 91 45.95 59.77 46.13
CA THR Q 91 45.65 60.55 47.31
C THR Q 91 44.30 61.21 47.06
N ALA Q 92 43.36 60.99 47.97
CA ALA Q 92 42.01 61.48 47.76
C ALA Q 92 41.19 61.25 49.02
N VAL Q 93 40.03 61.90 49.08
CA VAL Q 93 39.05 61.53 50.09
C VAL Q 93 38.19 60.44 49.45
N TYR Q 94 38.08 59.31 50.14
CA TYR Q 94 37.30 58.16 49.70
C TYR Q 94 35.97 58.16 50.43
N TYR Q 95 34.88 57.87 49.70
CA TYR Q 95 33.56 57.85 50.32
C TYR Q 95 32.86 56.55 49.97
N CYS Q 96 32.06 56.07 50.91
CA CYS Q 96 31.12 54.98 50.68
C CYS Q 96 29.70 55.54 50.67
N ALA Q 97 28.82 54.88 49.93
CA ALA Q 97 27.43 55.32 49.86
C ALA Q 97 26.52 54.14 49.56
N ARG Q 98 25.25 54.34 49.84
CA ARG Q 98 24.20 53.35 49.58
C ARG Q 98 23.49 53.76 48.30
N SER Q 99 23.76 53.04 47.21
CA SER Q 99 23.18 53.37 45.91
C SER Q 99 21.87 52.61 45.81
N ALA Q 100 20.76 53.34 45.88
CA ALA Q 100 19.47 52.69 45.94
C ALA Q 100 19.04 52.27 44.54
N ILE Q 101 18.37 51.13 44.45
CA ILE Q 101 17.80 50.67 43.20
C ILE Q 101 16.36 50.26 43.38
N SER Q 102 15.65 50.27 42.25
CA SER Q 102 14.29 49.76 42.13
C SER Q 102 14.42 48.46 41.35
N ILE Q 103 13.95 47.36 41.93
CA ILE Q 103 14.07 46.04 41.34
C ILE Q 103 12.70 45.60 40.86
N PHE Q 104 12.62 45.21 39.59
CA PHE Q 104 11.39 44.73 38.97
C PHE Q 104 11.50 43.29 38.50
N GLY Q 105 12.71 42.76 38.34
CA GLY Q 105 12.92 41.39 37.91
C GLY Q 105 14.07 40.73 38.63
N VAL Q 106 14.87 39.97 37.91
CA VAL Q 106 16.00 39.23 38.49
C VAL Q 106 17.23 40.14 38.45
N VAL Q 107 17.88 40.29 39.61
CA VAL Q 107 19.04 41.18 39.74
C VAL Q 107 20.20 40.72 38.85
N VAL Q 108 20.46 39.40 38.76
CA VAL Q 108 21.60 38.96 37.95
C VAL Q 108 21.39 39.18 36.47
N LEU Q 109 20.17 39.50 36.03
CA LEU Q 109 19.88 39.78 34.63
C LEU Q 109 19.82 41.28 34.36
N GLY Q 110 20.14 42.10 35.36
CA GLY Q 110 20.13 43.54 35.20
C GLY Q 110 18.76 44.16 35.22
N GLU Q 111 17.78 43.48 35.82
CA GLU Q 111 16.39 43.94 35.81
C GLU Q 111 16.16 44.86 37.02
N TYR Q 112 16.84 46.00 36.98
CA TYR Q 112 16.73 47.01 38.03
C TYR Q 112 17.19 48.34 37.45
N TYR Q 113 16.87 49.42 38.16
CA TYR Q 113 17.37 50.75 37.78
C TYR Q 113 17.76 51.51 39.04
N TYR Q 114 18.64 52.50 38.87
CA TYR Q 114 19.20 53.24 39.99
C TYR Q 114 18.37 54.47 40.37
N ASN Q 115 18.27 54.71 41.69
CA ASN Q 115 17.57 55.86 42.25
C ASN Q 115 18.52 56.85 42.94
N GLY Q 116 19.81 56.82 42.62
CA GLY Q 116 20.77 57.75 43.17
C GLY Q 116 21.47 57.22 44.42
N MET Q 117 22.66 57.78 44.68
CA MET Q 117 23.49 57.40 45.82
C MET Q 117 23.04 58.11 47.10
N ASP Q 118 21.96 57.63 47.69
CA ASP Q 118 21.47 58.23 48.92
C ASP Q 118 22.37 57.86 50.11
N VAL Q 119 22.26 58.65 51.18
CA VAL Q 119 22.94 58.42 52.46
C VAL Q 119 24.46 58.27 52.35
N TRP Q 120 25.13 59.27 51.80
CA TRP Q 120 26.59 59.25 51.79
C TRP Q 120 27.17 59.26 53.21
N GLY Q 121 28.33 58.64 53.36
CA GLY Q 121 29.08 58.69 54.59
C GLY Q 121 29.85 59.99 54.67
N GLN Q 122 30.69 60.11 55.70
CA GLN Q 122 31.42 61.35 55.89
C GLN Q 122 32.74 61.41 55.13
N GLY Q 123 33.31 60.27 54.78
CA GLY Q 123 34.53 60.21 54.00
C GLY Q 123 35.77 60.00 54.85
N THR Q 124 36.76 59.33 54.27
CA THR Q 124 38.04 59.06 54.91
C THR Q 124 39.15 59.60 54.01
N THR Q 125 40.06 60.40 54.56
CA THR Q 125 41.13 60.96 53.76
C THR Q 125 42.26 59.95 53.70
N VAL Q 126 42.67 59.58 52.48
CA VAL Q 126 43.74 58.60 52.27
C VAL Q 126 44.85 59.29 51.48
N THR Q 127 46.05 59.28 52.04
CA THR Q 127 47.24 59.84 51.40
C THR Q 127 48.21 58.71 51.09
N VAL Q 128 49.10 58.97 50.15
CA VAL Q 128 50.10 57.99 49.72
C VAL Q 128 51.47 58.66 49.71
N ASP R 1 33.59 54.66 26.51
CA ASP R 1 32.89 55.21 27.71
C ASP R 1 32.13 56.47 27.37
N ILE R 2 31.07 56.74 28.13
CA ILE R 2 30.26 57.93 27.92
C ILE R 2 30.99 59.11 28.57
N GLN R 3 30.96 60.26 27.89
CA GLN R 3 31.56 61.49 28.39
C GLN R 3 30.48 62.44 28.89
N MET R 4 30.64 62.93 30.11
CA MET R 4 29.72 63.86 30.75
C MET R 4 30.37 65.23 30.84
N THR R 5 29.69 66.26 30.33
CA THR R 5 30.21 67.62 30.31
C THR R 5 29.21 68.48 31.09
N GLN R 6 29.72 69.29 32.01
CA GLN R 6 28.89 70.20 32.80
C GLN R 6 29.30 71.64 32.53
N SER R 7 28.31 72.51 32.27
CA SER R 7 28.66 73.88 31.94
C SER R 7 27.50 74.84 32.16
N PRO R 8 27.71 76.05 32.72
CA PRO R 8 28.95 76.87 32.78
C PRO R 8 29.99 76.33 33.76
N ALA R 9 31.29 76.62 33.60
CA ALA R 9 32.26 76.16 34.58
C ALA R 9 32.00 76.73 35.97
N SER R 10 31.53 77.97 36.05
CA SER R 10 31.24 78.61 37.32
C SER R 10 30.20 79.70 37.10
N GLN R 11 29.54 80.11 38.19
CA GLN R 11 28.59 81.20 38.18
C GLN R 11 28.84 82.11 39.37
N SER R 12 28.52 83.40 39.19
CA SER R 12 28.56 84.39 40.27
C SER R 12 27.21 85.10 40.24
N VAL R 13 26.35 84.77 41.21
CA VAL R 13 24.97 85.23 41.24
C VAL R 13 24.62 85.75 42.62
N SER R 14 23.51 86.47 42.69
CA SER R 14 22.97 87.03 43.93
C SER R 14 21.89 86.12 44.52
N VAL R 15 21.59 86.36 45.78
CA VAL R 15 20.53 85.64 46.47
C VAL R 15 19.18 86.09 45.92
N GLY R 16 18.32 85.11 45.60
CA GLY R 16 17.00 85.35 45.05
C GLY R 16 16.90 85.15 43.55
N GLU R 17 18.02 85.02 42.84
CA GLU R 17 18.01 84.80 41.41
C GLU R 17 17.81 83.32 41.11
N THR R 18 17.31 83.05 39.90
CA THR R 18 17.14 81.69 39.41
C THR R 18 18.32 81.34 38.51
N VAL R 19 18.91 80.15 38.74
CA VAL R 19 20.04 79.69 37.94
C VAL R 19 19.75 78.33 37.34
N THR R 20 20.43 78.02 36.23
CA THR R 20 20.33 76.72 35.58
C THR R 20 21.73 76.15 35.37
N ILE R 21 21.90 74.88 35.70
CA ILE R 21 23.14 74.13 35.48
C ILE R 21 22.81 73.06 34.46
N THR R 22 23.64 72.92 33.42
CA THR R 22 23.33 72.00 32.32
C THR R 22 24.42 70.95 32.10
N CYS R 23 23.97 69.70 32.03
CA CYS R 23 24.80 68.50 31.80
C CYS R 23 24.50 67.96 30.41
N ARG R 24 25.55 67.78 29.62
CA ARG R 24 25.46 67.29 28.26
C ARG R 24 26.20 65.97 28.19
N VAL R 25 25.57 64.99 27.54
CA VAL R 25 26.07 63.62 27.51
C VAL R 25 26.25 63.21 26.04
N SER R 26 27.32 62.46 25.78
CA SER R 26 27.61 62.03 24.41
C SER R 26 26.64 61.00 23.86
N GLU R 27 25.82 60.36 24.70
CA GLU R 27 24.85 59.37 24.28
C GLU R 27 23.52 59.62 24.97
N ASN R 28 22.44 59.20 24.33
CA ASN R 28 21.13 59.33 24.94
C ASN R 28 21.03 58.35 26.10
N ILE R 29 20.82 58.86 27.31
CA ILE R 29 20.80 58.05 28.53
C ILE R 29 19.39 57.88 29.09
N TYR R 30 18.36 58.30 28.36
CA TYR R 30 16.95 58.08 28.71
C TYR R 30 16.61 58.47 30.15
N SER R 31 17.10 59.63 30.57
CA SER R 31 16.86 60.18 31.90
C SER R 31 17.41 59.34 33.04
N HIS R 32 18.37 58.45 32.79
CA HIS R 32 19.04 57.73 33.88
C HIS R 32 20.19 58.57 34.42
N LEU R 33 19.84 59.75 34.97
CA LEU R 33 20.82 60.71 35.46
C LEU R 33 20.43 61.20 36.85
N ALA R 34 21.44 61.58 37.64
CA ALA R 34 21.21 62.07 38.99
C ALA R 34 22.05 63.30 39.29
N TRP R 35 21.47 64.21 40.09
CA TRP R 35 22.03 65.54 40.38
C TRP R 35 22.36 65.64 41.86
N TYR R 36 23.65 65.73 42.18
CA TYR R 36 24.21 65.78 43.52
C TYR R 36 24.66 67.20 43.88
N GLN R 37 24.57 67.54 45.17
CA GLN R 37 25.07 68.81 45.71
C GLN R 37 26.14 68.57 46.77
N GLN R 38 27.33 69.14 46.54
CA GLN R 38 28.46 69.03 47.47
C GLN R 38 28.65 70.39 48.15
N LYS R 39 28.28 70.46 49.43
CA LYS R 39 28.23 71.73 50.16
C LYS R 39 29.59 72.13 50.74
N GLN R 40 30.51 72.48 49.83
CA GLN R 40 31.81 73.06 50.19
C GLN R 40 32.61 72.25 51.23
N GLY R 41 32.85 70.97 50.93
CA GLY R 41 33.60 70.10 51.82
C GLY R 41 32.81 68.99 52.48
N LYS R 42 31.49 69.06 52.42
CA LYS R 42 30.62 68.03 52.98
C LYS R 42 30.42 66.95 51.93
N SER R 43 29.99 65.78 52.36
CA SER R 43 29.73 64.72 51.40
C SER R 43 28.63 65.15 50.44
N PRO R 44 28.71 64.80 49.16
CA PRO R 44 27.62 65.13 48.23
C PRO R 44 26.29 64.54 48.68
N GLN R 45 25.23 65.34 48.49
CA GLN R 45 23.87 64.93 48.80
C GLN R 45 23.08 64.89 47.50
N LEU R 46 22.08 64.02 47.48
CA LEU R 46 21.31 63.73 46.27
C LEU R 46 20.16 64.73 46.15
N LEU R 47 20.14 65.50 45.06
CA LEU R 47 19.00 66.40 44.86
C LEU R 47 17.96 65.82 43.93
N VAL R 48 18.36 65.30 42.76
CA VAL R 48 17.40 64.77 41.80
C VAL R 48 17.82 63.36 41.41
N TYR R 49 16.88 62.41 41.48
CA TYR R 49 17.11 61.05 41.00
C TYR R 49 16.13 60.83 39.86
N GLY R 50 16.60 60.27 38.76
CA GLY R 50 15.71 60.02 37.63
C GLY R 50 15.57 61.17 36.67
N ALA R 51 16.40 62.21 36.81
CA ALA R 51 16.44 63.45 36.03
C ALA R 51 15.32 64.42 36.41
N THR R 52 14.07 63.95 36.55
CA THR R 52 12.94 64.84 36.80
C THR R 52 12.12 64.50 38.05
N ASN R 53 12.65 63.70 38.98
CA ASN R 53 11.96 63.43 40.25
C ASN R 53 12.70 64.04 41.44
N LEU R 54 12.03 64.91 42.18
CA LEU R 54 12.63 65.56 43.33
C LEU R 54 13.00 64.52 44.39
N ALA R 55 14.22 64.58 44.89
CA ALA R 55 14.63 63.63 45.93
C ALA R 55 13.89 63.93 47.23
N ASP R 56 13.61 62.88 47.99
CA ASP R 56 12.91 63.01 49.26
C ASP R 56 13.71 63.86 50.25
N GLY R 57 13.07 64.91 50.78
CA GLY R 57 13.69 65.79 51.75
C GLY R 57 14.35 67.02 51.18
N VAL R 58 14.39 67.18 49.86
CA VAL R 58 15.04 68.31 49.20
C VAL R 58 14.02 69.43 48.99
N PRO R 59 14.37 70.69 49.24
CA PRO R 59 13.42 71.79 48.97
C PRO R 59 12.92 71.80 47.53
N SER R 60 11.65 72.17 47.38
CA SER R 60 10.97 72.20 46.08
C SER R 60 11.56 73.21 45.10
N ARG R 61 12.41 74.14 45.56
CA ARG R 61 13.02 75.10 44.66
C ARG R 61 14.01 74.44 43.70
N PHE R 62 14.45 73.22 43.97
CA PHE R 62 15.36 72.49 43.08
C PHE R 62 14.48 71.64 42.17
N SER R 63 14.56 71.86 40.86
CA SER R 63 13.72 71.13 39.91
C SER R 63 14.52 70.73 38.69
N GLY R 64 14.54 69.43 38.41
CA GLY R 64 15.27 68.92 37.26
C GLY R 64 14.38 68.89 36.02
N SER R 65 15.02 68.96 34.86
CA SER R 65 14.34 68.86 33.58
C SER R 65 15.34 68.33 32.59
N GLY R 66 14.85 67.87 31.44
CA GLY R 66 15.73 67.42 30.37
C GLY R 66 15.31 66.09 29.79
N SER R 67 15.94 65.77 28.66
CA SER R 67 15.67 64.54 27.95
C SER R 67 16.80 64.31 26.97
N GLY R 68 16.82 63.10 26.41
CA GLY R 68 17.76 62.83 25.34
C GLY R 68 19.19 62.95 25.81
N THR R 69 19.91 63.87 25.20
CA THR R 69 21.31 64.14 25.48
C THR R 69 21.54 65.45 26.22
N GLN R 70 20.48 66.12 26.67
CA GLN R 70 20.63 67.39 27.39
C GLN R 70 19.73 67.42 28.62
N TYR R 71 20.36 67.62 29.79
CA TYR R 71 19.67 67.63 31.07
C TYR R 71 20.09 68.88 31.83
N SER R 72 19.18 69.42 32.65
CA SER R 72 19.53 70.59 33.44
C SER R 72 18.80 70.57 34.77
N LEU R 73 19.39 71.29 35.73
CA LEU R 73 18.85 71.52 37.06
C LEU R 73 18.57 73.01 37.20
N LYS R 74 17.33 73.37 37.50
CA LYS R 74 16.94 74.77 37.70
C LYS R 74 16.77 74.98 39.19
N ILE R 75 17.40 76.02 39.71
CA ILE R 75 17.32 76.39 41.12
C ILE R 75 16.65 77.75 41.20
N ASN R 76 15.39 77.78 41.64
CA ASN R 76 14.63 79.01 41.73
C ASN R 76 14.91 79.64 43.08
N ASN R 77 14.84 80.97 43.15
CA ASN R 77 14.98 81.71 44.42
C ASN R 77 16.21 81.25 45.19
N LEU R 78 17.36 81.27 44.52
CA LEU R 78 18.60 80.76 45.09
C LEU R 78 18.92 81.44 46.42
N GLN R 79 19.23 80.64 47.43
CA GLN R 79 19.55 81.10 48.77
C GLN R 79 21.04 80.95 49.06
N SER R 80 21.44 81.48 50.22
CA SER R 80 22.85 81.41 50.63
C SER R 80 23.30 79.98 50.87
N GLU R 81 22.41 79.13 51.37
CA GLU R 81 22.74 77.73 51.68
C GLU R 81 22.95 76.88 50.44
N ASP R 82 22.59 77.36 49.26
CA ASP R 82 22.68 76.57 48.05
C ASP R 82 23.99 76.75 47.29
N PHE R 83 24.90 77.59 47.77
CA PHE R 83 26.17 77.80 47.08
C PHE R 83 27.08 76.60 47.37
N GLY R 84 27.77 76.14 46.34
CA GLY R 84 28.61 74.97 46.46
C GLY R 84 28.77 74.32 45.10
N SER R 85 29.27 73.08 45.10
CA SER R 85 29.51 72.39 43.85
C SER R 85 28.31 71.50 43.51
N TYR R 86 28.04 71.37 42.21
CA TYR R 86 26.96 70.53 41.71
C TYR R 86 27.51 69.54 40.70
N TYR R 87 27.03 68.29 40.76
CA TYR R 87 27.54 67.21 39.94
C TYR R 87 26.40 66.40 39.34
N CYS R 88 26.64 65.85 38.14
CA CYS R 88 25.67 65.04 37.41
C CYS R 88 26.30 63.68 37.12
N GLN R 89 25.52 62.60 37.29
CA GLN R 89 26.03 61.25 37.04
C GLN R 89 25.08 60.42 36.19
N HIS R 90 25.60 59.85 35.10
CA HIS R 90 24.85 58.95 34.21
C HIS R 90 24.81 57.53 34.78
N PHE R 91 23.61 57.00 35.01
CA PHE R 91 23.45 55.61 35.44
C PHE R 91 23.21 54.65 34.28
N TRP R 92 23.28 55.14 33.04
CA TRP R 92 22.98 54.32 31.85
C TRP R 92 23.95 53.16 31.70
N ASP R 93 25.26 53.40 31.83
CA ASP R 93 26.25 52.37 31.57
C ASP R 93 27.43 52.55 32.52
N ALA R 94 28.15 51.45 32.75
CA ALA R 94 29.20 51.41 33.76
C ALA R 94 30.56 51.62 33.07
N PRO R 95 31.37 52.59 33.51
CA PRO R 95 31.42 53.18 34.85
C PRO R 95 30.49 54.37 34.95
N TYR R 96 29.73 54.47 36.03
CA TYR R 96 28.79 55.55 36.28
C TYR R 96 29.58 56.85 36.49
N THR R 97 30.08 57.38 35.38
CA THR R 97 30.93 58.57 35.38
C THR R 97 30.20 59.77 35.96
N PHE R 98 30.96 60.62 36.65
CA PHE R 98 30.46 61.82 37.30
C PHE R 98 30.94 63.03 36.54
N GLY R 99 30.01 63.95 36.24
CA GLY R 99 30.36 65.11 35.46
C GLY R 99 31.34 65.98 36.23
N GLY R 100 32.28 66.60 35.49
CA GLY R 100 33.35 67.41 36.07
C GLY R 100 32.96 68.32 37.21
N GLY R 101 31.72 68.79 37.19
CA GLY R 101 31.13 69.59 38.25
C GLY R 101 31.17 71.07 37.96
N THR R 102 30.21 71.79 38.52
CA THR R 102 30.15 73.24 38.40
C THR R 102 30.15 73.85 39.79
N LYS R 103 30.70 75.05 39.91
CA LYS R 103 30.77 75.75 41.20
C LYS R 103 29.82 76.94 41.17
N LEU R 104 28.83 76.94 42.06
CA LEU R 104 27.86 78.02 42.15
C LEU R 104 28.22 78.89 43.35
N GLU R 105 28.56 80.15 43.07
CA GLU R 105 28.94 81.12 44.10
C GLU R 105 28.14 82.41 43.95
#